data_1Q10
#
_entry.id   1Q10
#
_entity_poly.entity_id   1
_entity_poly.type   'polypeptide(L)'
_entity_poly.pdbx_seq_one_letter_code
;MQYKVILNGKTLKGETTTEAVDAATAEKVVKQFFNDNGVDGEWTYDDATKTFTVTE
;
_entity_poly.pdbx_strand_id   A,B
#
# COMPACT_ATOMS: atom_id res chain seq x y z
N MET A 1 15.22 11.67 4.51
CA MET A 1 15.57 10.26 4.79
C MET A 1 14.57 9.30 4.16
N GLN A 2 14.95 8.04 4.04
CA GLN A 2 14.08 7.02 3.46
C GLN A 2 13.50 6.13 4.55
N TYR A 3 12.23 5.77 4.42
CA TYR A 3 11.58 4.92 5.40
C TYR A 3 10.93 3.71 4.74
N LYS A 4 10.94 2.59 5.45
CA LYS A 4 10.36 1.36 4.93
C LYS A 4 8.99 1.11 5.56
N VAL A 5 7.94 1.29 4.77
CA VAL A 5 6.58 1.09 5.26
C VAL A 5 6.08 -0.31 4.94
N ILE A 6 5.52 -0.96 5.96
CA ILE A 6 4.99 -2.31 5.79
C ILE A 6 3.47 -2.30 5.81
N LEU A 7 2.88 -2.73 4.71
CA LEU A 7 1.43 -2.79 4.60
C LEU A 7 0.94 -4.20 4.91
N ASN A 8 0.81 -4.48 6.21
CA ASN A 8 0.40 -5.79 6.68
C ASN A 8 -1.11 -5.88 6.92
N GLY A 9 -1.79 -6.62 6.06
CA GLY A 9 -3.23 -6.79 6.21
C GLY A 9 -3.60 -8.25 6.42
N LYS A 10 -4.88 -8.55 6.30
CA LYS A 10 -5.35 -9.92 6.47
C LYS A 10 -5.26 -10.67 5.14
N THR A 11 -5.94 -10.14 4.14
CA THR A 11 -5.94 -10.73 2.81
C THR A 11 -4.88 -10.08 1.93
N LEU A 12 -4.23 -9.05 2.46
CA LEU A 12 -3.20 -8.35 1.71
C LEU A 12 -1.98 -8.08 2.58
N LYS A 13 -0.81 -8.30 1.99
CA LYS A 13 0.46 -8.08 2.69
C LYS A 13 1.52 -7.58 1.72
N GLY A 14 2.41 -6.70 2.17
CA GLY A 14 3.44 -6.19 1.29
C GLY A 14 4.41 -5.26 1.99
N GLU A 15 5.28 -4.63 1.21
CA GLU A 15 6.28 -3.70 1.73
C GLU A 15 6.45 -2.53 0.78
N THR A 16 6.57 -1.33 1.34
CA THR A 16 6.74 -0.12 0.54
C THR A 16 7.74 0.83 1.18
N THR A 17 8.16 1.86 0.44
CA THR A 17 9.13 2.83 0.94
C THR A 17 8.85 4.26 0.47
N THR A 18 8.64 5.16 1.43
CA THR A 18 8.39 6.57 1.15
C THR A 18 9.60 7.40 1.58
N GLU A 19 9.87 8.48 0.86
CA GLU A 19 11.01 9.34 1.19
C GLU A 19 10.53 10.66 1.77
N ALA A 20 10.93 10.96 3.01
CA ALA A 20 10.52 12.20 3.65
C ALA A 20 11.56 12.70 4.63
N VAL A 21 11.63 14.03 4.77
CA VAL A 21 12.59 14.68 5.65
C VAL A 21 12.60 14.06 7.06
N ASP A 22 11.49 13.46 7.45
CA ASP A 22 11.39 12.83 8.76
C ASP A 22 10.31 11.75 8.78
N ALA A 23 10.22 11.04 9.91
CA ALA A 23 9.23 9.97 10.05
C ALA A 23 7.82 10.50 9.87
N ALA A 24 7.54 11.65 10.46
CA ALA A 24 6.22 12.25 10.34
C ALA A 24 5.91 12.58 8.90
N THR A 25 6.80 13.35 8.26
CA THR A 25 6.64 13.71 6.87
C THR A 25 6.38 12.43 6.07
N ALA A 26 7.19 11.41 6.34
CA ALA A 26 7.02 10.12 5.68
C ALA A 26 5.62 9.60 5.95
N GLU A 27 5.27 9.53 7.24
CA GLU A 27 3.94 9.07 7.65
C GLU A 27 2.85 9.84 6.90
N LYS A 28 3.02 11.15 6.83
CA LYS A 28 2.06 12.01 6.13
C LYS A 28 2.07 11.71 4.64
N VAL A 29 3.27 11.68 4.06
CA VAL A 29 3.41 11.38 2.64
C VAL A 29 2.71 10.07 2.32
N VAL A 30 2.89 9.09 3.20
CA VAL A 30 2.26 7.79 3.03
C VAL A 30 0.74 7.95 3.07
N LYS A 31 0.26 8.69 4.07
CA LYS A 31 -1.18 8.93 4.21
C LYS A 31 -1.76 9.45 2.90
N GLN A 32 -1.04 10.36 2.26
CA GLN A 32 -1.48 10.92 0.99
C GLN A 32 -1.58 9.79 -0.04
N PHE A 33 -0.61 8.88 0.04
CA PHE A 33 -0.56 7.73 -0.86
C PHE A 33 -1.87 6.96 -0.82
N PHE A 34 -2.21 6.47 0.37
CA PHE A 34 -3.44 5.71 0.59
C PHE A 34 -4.65 6.64 0.46
N ASN A 35 -4.53 7.84 1.01
CA ASN A 35 -5.60 8.82 0.92
C ASN A 35 -6.05 8.97 -0.52
N ASP A 36 -5.08 8.93 -1.42
CA ASP A 36 -5.34 9.06 -2.86
C ASP A 36 -5.51 7.71 -3.55
N ASN A 37 -4.94 6.65 -2.97
CA ASN A 37 -5.08 5.32 -3.57
C ASN A 37 -6.43 4.74 -3.20
N GLY A 38 -6.76 4.86 -1.91
CA GLY A 38 -8.01 4.37 -1.36
C GLY A 38 -9.01 3.84 -2.35
N VAL A 39 -10.17 4.48 -2.40
CA VAL A 39 -11.27 4.02 -3.25
C VAL A 39 -11.47 4.82 -4.55
N ASP A 40 -10.69 5.87 -4.78
CA ASP A 40 -10.85 6.64 -6.00
C ASP A 40 -9.54 6.77 -6.78
N GLY A 41 -8.57 5.91 -6.46
CA GLY A 41 -7.29 5.97 -7.15
C GLY A 41 -7.31 5.36 -8.53
N GLU A 42 -6.26 5.61 -9.31
CA GLU A 42 -6.16 5.08 -10.67
C GLU A 42 -5.35 3.78 -10.67
N TRP A 43 -6.05 2.66 -10.71
CA TRP A 43 -5.42 1.36 -10.67
C TRP A 43 -5.31 0.74 -12.07
N THR A 44 -4.07 0.46 -12.49
CA THR A 44 -3.83 -0.16 -13.78
C THR A 44 -3.47 -1.63 -13.58
N TYR A 45 -4.00 -2.51 -14.42
CA TYR A 45 -3.74 -3.94 -14.29
C TYR A 45 -2.88 -4.46 -15.43
N ASP A 46 -1.97 -5.38 -15.09
CA ASP A 46 -1.09 -5.99 -16.08
C ASP A 46 -1.23 -7.51 -16.06
N ASP A 47 -2.26 -8.02 -16.73
CA ASP A 47 -2.53 -9.45 -16.78
C ASP A 47 -1.26 -10.26 -17.10
N ALA A 48 -0.42 -9.71 -17.97
CA ALA A 48 0.82 -10.38 -18.38
C ALA A 48 1.62 -10.88 -17.18
N THR A 49 1.52 -10.16 -16.06
CA THR A 49 2.24 -10.55 -14.85
C THR A 49 1.30 -10.64 -13.64
N LYS A 50 -0.01 -10.65 -13.90
CA LYS A 50 -0.99 -10.72 -12.82
C LYS A 50 -0.67 -9.70 -11.73
N THR A 51 -0.17 -8.54 -12.16
CA THR A 51 0.21 -7.49 -11.22
C THR A 51 -0.53 -6.19 -11.49
N PHE A 52 -0.89 -5.49 -10.42
CA PHE A 52 -1.59 -4.21 -10.52
C PHE A 52 -0.65 -3.08 -10.12
N THR A 53 -0.74 -1.94 -10.80
CA THR A 53 0.12 -0.81 -10.49
C THR A 53 -0.67 0.43 -10.10
N VAL A 54 -0.73 0.69 -8.79
CA VAL A 54 -1.43 1.84 -8.27
C VAL A 54 -0.54 3.07 -8.38
N THR A 55 -0.89 3.98 -9.28
CA THR A 55 -0.08 5.17 -9.49
C THR A 55 -0.71 6.41 -8.86
N GLU A 56 0.00 6.99 -7.90
CA GLU A 56 -0.47 8.19 -7.21
C GLU A 56 -0.80 9.29 -8.20
N MET B 1 -6.39 -17.66 -5.99
CA MET B 1 -5.03 -17.40 -6.55
C MET B 1 -4.37 -16.20 -5.86
N GLN B 2 -3.06 -16.09 -6.02
CA GLN B 2 -2.31 -14.99 -5.42
C GLN B 2 -1.94 -13.96 -6.48
N TYR B 3 -2.02 -12.68 -6.12
CA TYR B 3 -1.70 -11.61 -7.05
C TYR B 3 -0.66 -10.66 -6.45
N LYS B 4 0.20 -10.14 -7.30
CA LYS B 4 1.24 -9.21 -6.87
C LYS B 4 0.85 -7.78 -7.20
N VAL B 5 0.50 -7.01 -6.17
CA VAL B 5 0.10 -5.62 -6.38
C VAL B 5 1.28 -4.67 -6.17
N ILE B 6 1.45 -3.76 -7.12
CA ILE B 6 2.53 -2.79 -7.04
C ILE B 6 1.99 -1.39 -6.72
N LEU B 7 2.43 -0.86 -5.59
CA LEU B 7 2.00 0.47 -5.17
C LEU B 7 3.04 1.50 -5.58
N ASN B 8 2.97 1.92 -6.83
CA ASN B 8 3.92 2.87 -7.40
C ASN B 8 3.42 4.31 -7.31
N GLY B 9 4.05 5.09 -6.44
CA GLY B 9 3.68 6.48 -6.28
C GLY B 9 4.83 7.41 -6.63
N LYS B 10 4.69 8.68 -6.27
CA LYS B 10 5.73 9.66 -6.53
C LYS B 10 6.75 9.66 -5.40
N THR B 11 6.26 9.92 -4.19
CA THR B 11 7.09 9.95 -3.00
C THR B 11 7.06 8.60 -2.29
N LEU B 12 6.23 7.70 -2.80
CA LEU B 12 6.12 6.38 -2.19
C LEU B 12 6.09 5.28 -3.26
N LYS B 13 6.84 4.21 -3.00
CA LYS B 13 6.91 3.09 -3.92
C LYS B 13 7.05 1.78 -3.14
N GLY B 14 6.45 0.71 -3.65
CA GLY B 14 6.54 -0.56 -2.96
C GLY B 14 5.86 -1.69 -3.71
N GLU B 15 5.78 -2.86 -3.05
CA GLU B 15 5.15 -4.04 -3.63
C GLU B 15 4.36 -4.80 -2.58
N THR B 16 3.18 -5.27 -2.97
CA THR B 16 2.31 -6.01 -2.05
C THR B 16 1.65 -7.20 -2.75
N THR B 17 1.02 -8.08 -1.97
CA THR B 17 0.37 -9.26 -2.52
C THR B 17 -0.93 -9.63 -1.80
N THR B 18 -2.04 -9.63 -2.53
CA THR B 18 -3.34 -9.98 -1.99
C THR B 18 -3.78 -11.34 -2.55
N GLU B 19 -4.50 -12.11 -1.75
CA GLU B 19 -4.96 -13.42 -2.20
C GLU B 19 -6.47 -13.41 -2.44
N ALA B 20 -6.88 -13.70 -3.68
CA ALA B 20 -8.29 -13.71 -4.02
C ALA B 20 -8.61 -14.71 -5.13
N VAL B 21 -9.82 -15.24 -5.08
CA VAL B 21 -10.28 -16.24 -6.05
C VAL B 21 -10.03 -15.80 -7.49
N ASP B 22 -9.96 -14.50 -7.70
CA ASP B 22 -9.71 -13.97 -9.04
C ASP B 22 -9.11 -12.57 -8.99
N ALA B 23 -8.75 -12.04 -10.15
CA ALA B 23 -8.15 -10.70 -10.23
C ALA B 23 -9.08 -9.65 -9.66
N ALA B 24 -10.35 -9.74 -9.99
CA ALA B 24 -11.33 -8.79 -9.49
C ALA B 24 -11.42 -8.87 -7.98
N THR B 25 -11.67 -10.06 -7.46
CA THR B 25 -11.72 -10.26 -6.02
C THR B 25 -10.48 -9.66 -5.39
N ALA B 26 -9.32 -9.96 -5.98
CA ALA B 26 -8.07 -9.42 -5.51
C ALA B 26 -8.14 -7.89 -5.54
N GLU B 27 -8.49 -7.35 -6.70
CA GLU B 27 -8.61 -5.90 -6.87
C GLU B 27 -9.52 -5.32 -5.79
N LYS B 28 -10.65 -5.99 -5.56
CA LYS B 28 -11.60 -5.56 -4.55
C LYS B 28 -10.98 -5.67 -3.16
N VAL B 29 -10.42 -6.83 -2.87
CA VAL B 29 -9.78 -7.07 -1.58
C VAL B 29 -8.75 -5.98 -1.31
N VAL B 30 -7.99 -5.63 -2.35
CA VAL B 30 -7.00 -4.58 -2.24
C VAL B 30 -7.68 -3.25 -1.92
N LYS B 31 -8.74 -2.94 -2.66
CA LYS B 31 -9.48 -1.71 -2.44
C LYS B 31 -9.86 -1.58 -0.97
N GLN B 32 -10.31 -2.68 -0.38
CA GLN B 32 -10.68 -2.68 1.03
C GLN B 32 -9.46 -2.33 1.87
N PHE B 33 -8.31 -2.84 1.45
CA PHE B 33 -7.04 -2.59 2.13
C PHE B 33 -6.81 -1.08 2.26
N PHE B 34 -6.74 -0.40 1.12
CA PHE B 34 -6.53 1.03 1.08
C PHE B 34 -7.75 1.77 1.60
N ASN B 35 -8.93 1.27 1.24
CA ASN B 35 -10.18 1.86 1.70
C ASN B 35 -10.16 1.99 3.22
N ASP B 36 -9.57 1.00 3.86
CA ASP B 36 -9.46 0.96 5.32
C ASP B 36 -8.14 1.52 5.82
N ASN B 37 -7.10 1.50 4.98
CA ASN B 37 -5.81 2.04 5.39
C ASN B 37 -5.83 3.56 5.24
N GLY B 38 -6.33 4.01 4.09
CA GLY B 38 -6.45 5.41 3.76
C GLY B 38 -6.08 6.38 4.87
N VAL B 39 -7.06 7.19 5.28
CA VAL B 39 -6.83 8.23 6.27
C VAL B 39 -7.33 7.91 7.68
N ASP B 40 -7.97 6.76 7.88
CA ASP B 40 -8.46 6.44 9.23
C ASP B 40 -7.95 5.06 9.70
N GLY B 41 -6.91 4.56 9.04
CA GLY B 41 -6.36 3.27 9.41
C GLY B 41 -5.50 3.31 10.66
N GLU B 42 -5.19 2.15 11.21
CA GLU B 42 -4.37 2.04 12.42
C GLU B 42 -2.91 1.80 12.04
N TRP B 43 -2.12 2.88 12.07
CA TRP B 43 -0.71 2.79 11.70
C TRP B 43 0.20 2.72 12.92
N THR B 44 0.97 1.63 13.00
CA THR B 44 1.91 1.46 14.10
C THR B 44 3.32 1.72 13.60
N TYR B 45 4.14 2.42 14.40
CA TYR B 45 5.49 2.75 13.99
C TYR B 45 6.54 2.00 14.82
N ASP B 46 7.60 1.57 14.16
CA ASP B 46 8.68 0.85 14.81
C ASP B 46 10.02 1.57 14.59
N ASP B 47 10.28 2.59 15.39
CA ASP B 47 11.51 3.37 15.28
C ASP B 47 12.74 2.48 15.19
N ALA B 48 12.73 1.38 15.92
CA ALA B 48 13.86 0.45 15.93
C ALA B 48 14.32 0.09 14.52
N THR B 49 13.38 0.08 13.58
CA THR B 49 13.71 -0.25 12.19
C THR B 49 13.20 0.82 11.23
N LYS B 50 12.82 1.98 11.75
CA LYS B 50 12.31 3.07 10.93
C LYS B 50 11.24 2.55 9.97
N THR B 51 10.45 1.58 10.44
CA THR B 51 9.41 0.98 9.61
C THR B 51 8.03 1.11 10.25
N PHE B 52 7.03 1.34 9.40
CA PHE B 52 5.64 1.46 9.84
C PHE B 52 4.85 0.23 9.42
N THR B 53 3.94 -0.22 10.27
CA THR B 53 3.13 -1.39 9.94
C THR B 53 1.64 -1.08 9.94
N VAL B 54 1.10 -0.93 8.74
CA VAL B 54 -0.32 -0.65 8.57
C VAL B 54 -1.10 -1.96 8.65
N THR B 55 -1.85 -2.12 9.73
CA THR B 55 -2.61 -3.35 9.94
C THR B 55 -4.09 -3.16 9.66
N GLU B 56 -4.59 -3.88 8.66
CA GLU B 56 -6.00 -3.80 8.28
C GLU B 56 -6.90 -4.07 9.49
N MET A 1 15.28 11.41 4.47
CA MET A 1 15.72 10.02 4.71
C MET A 1 14.74 9.01 4.12
N GLN A 2 15.17 7.76 4.01
CA GLN A 2 14.35 6.71 3.45
C GLN A 2 13.65 5.91 4.55
N TYR A 3 12.35 5.70 4.40
CA TYR A 3 11.57 4.95 5.38
C TYR A 3 10.85 3.80 4.70
N LYS A 4 10.80 2.65 5.38
CA LYS A 4 10.15 1.47 4.83
C LYS A 4 8.81 1.22 5.52
N VAL A 5 7.73 1.40 4.77
CA VAL A 5 6.39 1.19 5.32
C VAL A 5 5.88 -0.20 4.96
N ILE A 6 5.28 -0.86 5.94
CA ILE A 6 4.75 -2.20 5.76
C ILE A 6 3.23 -2.18 5.79
N LEU A 7 2.62 -2.73 4.74
CA LEU A 7 1.17 -2.76 4.64
C LEU A 7 0.65 -4.17 4.95
N ASN A 8 0.34 -4.41 6.21
CA ASN A 8 -0.14 -5.72 6.66
C ASN A 8 -1.66 -5.76 6.80
N GLY A 9 -2.32 -6.43 5.87
CA GLY A 9 -3.76 -6.54 5.92
C GLY A 9 -4.21 -7.96 6.21
N LYS A 10 -5.51 -8.19 6.10
CA LYS A 10 -6.07 -9.52 6.34
C LYS A 10 -5.79 -10.43 5.15
N THR A 11 -6.22 -10.01 3.97
CA THR A 11 -6.05 -10.78 2.76
C THR A 11 -4.99 -10.16 1.86
N LEU A 12 -4.31 -9.13 2.36
CA LEU A 12 -3.29 -8.46 1.60
C LEU A 12 -2.07 -8.13 2.45
N LYS A 13 -0.89 -8.34 1.88
CA LYS A 13 0.36 -8.07 2.59
C LYS A 13 1.42 -7.55 1.62
N GLY A 14 2.26 -6.64 2.09
CA GLY A 14 3.29 -6.10 1.22
C GLY A 14 4.26 -5.17 1.95
N GLU A 15 5.19 -4.59 1.18
CA GLU A 15 6.17 -3.67 1.74
C GLU A 15 6.37 -2.48 0.80
N THR A 16 6.48 -1.29 1.38
CA THR A 16 6.66 -0.08 0.61
C THR A 16 7.70 0.84 1.27
N THR A 17 8.14 1.85 0.51
CA THR A 17 9.15 2.78 1.03
C THR A 17 8.92 4.21 0.55
N THR A 18 8.78 5.13 1.49
CA THR A 18 8.58 6.54 1.18
C THR A 18 9.85 7.34 1.49
N GLU A 19 10.16 8.30 0.63
CA GLU A 19 11.33 9.15 0.81
C GLU A 19 10.91 10.49 1.41
N ALA A 20 11.26 10.71 2.69
CA ALA A 20 10.88 11.96 3.34
C ALA A 20 11.97 12.45 4.29
N VAL A 21 12.06 13.77 4.43
CA VAL A 21 13.06 14.40 5.28
C VAL A 21 13.08 13.79 6.69
N ASP A 22 11.95 13.25 7.11
CA ASP A 22 11.86 12.63 8.44
C ASP A 22 10.71 11.63 8.51
N ALA A 23 10.60 10.96 9.65
CA ALA A 23 9.54 9.96 9.85
C ALA A 23 8.16 10.56 9.66
N ALA A 24 7.96 11.76 10.18
CA ALA A 24 6.68 12.43 10.06
C ALA A 24 6.37 12.70 8.59
N THR A 25 7.29 13.37 7.90
CA THR A 25 7.11 13.64 6.48
C THR A 25 6.79 12.35 5.75
N ALA A 26 7.56 11.30 6.06
CA ALA A 26 7.32 10.00 5.45
C ALA A 26 5.91 9.55 5.81
N GLU A 27 5.62 9.51 7.10
CA GLU A 27 4.32 9.13 7.60
C GLU A 27 3.22 9.88 6.85
N LYS A 28 3.38 11.20 6.75
CA LYS A 28 2.42 12.04 6.06
C LYS A 28 2.29 11.62 4.60
N VAL A 29 3.44 11.37 3.97
CA VAL A 29 3.47 10.95 2.58
C VAL A 29 2.58 9.73 2.38
N VAL A 30 2.64 8.81 3.33
CA VAL A 30 1.83 7.60 3.25
C VAL A 30 0.35 7.98 3.26
N LYS A 31 -0.04 8.86 4.19
CA LYS A 31 -1.42 9.31 4.27
C LYS A 31 -1.93 9.75 2.91
N GLN A 32 -1.17 10.60 2.24
CA GLN A 32 -1.57 11.08 0.92
C GLN A 32 -1.60 9.90 -0.06
N PHE A 33 -0.61 9.03 0.09
CA PHE A 33 -0.49 7.84 -0.75
C PHE A 33 -1.79 7.03 -0.72
N PHE A 34 -2.21 6.63 0.48
CA PHE A 34 -3.44 5.85 0.65
C PHE A 34 -4.67 6.73 0.51
N ASN A 35 -4.61 7.94 1.02
CA ASN A 35 -5.73 8.86 0.91
C ASN A 35 -6.19 8.95 -0.54
N ASP A 36 -5.22 8.92 -1.45
CA ASP A 36 -5.49 9.00 -2.88
C ASP A 36 -5.60 7.63 -3.55
N ASN A 37 -4.97 6.61 -2.97
CA ASN A 37 -5.07 5.26 -3.54
C ASN A 37 -6.41 4.65 -3.16
N GLY A 38 -6.74 4.78 -1.87
CA GLY A 38 -7.98 4.28 -1.33
C GLY A 38 -8.93 3.63 -2.31
N VAL A 39 -10.13 4.19 -2.41
CA VAL A 39 -11.19 3.64 -3.25
C VAL A 39 -11.11 4.01 -4.73
N ASP A 40 -11.07 5.30 -5.04
CA ASP A 40 -11.06 5.72 -6.45
C ASP A 40 -9.65 5.98 -6.99
N GLY A 41 -8.66 5.29 -6.46
CA GLY A 41 -7.30 5.49 -6.94
C GLY A 41 -7.12 5.02 -8.37
N GLU A 42 -6.28 5.72 -9.13
CA GLU A 42 -6.02 5.36 -10.52
C GLU A 42 -5.12 4.13 -10.61
N TRP A 43 -5.73 2.96 -10.75
CA TRP A 43 -4.98 1.71 -10.81
C TRP A 43 -4.96 1.11 -12.22
N THR A 44 -3.77 0.73 -12.68
CA THR A 44 -3.62 0.09 -13.98
C THR A 44 -3.33 -1.39 -13.76
N TYR A 45 -3.93 -2.25 -14.57
CA TYR A 45 -3.72 -3.69 -14.41
C TYR A 45 -2.93 -4.28 -15.58
N ASP A 46 -2.02 -5.19 -15.26
CA ASP A 46 -1.21 -5.85 -16.27
C ASP A 46 -1.37 -7.37 -16.17
N ASP A 47 -2.44 -7.89 -16.76
CA ASP A 47 -2.71 -9.32 -16.73
C ASP A 47 -1.48 -10.14 -17.12
N ALA A 48 -0.71 -9.61 -18.07
CA ALA A 48 0.48 -10.29 -18.55
C ALA A 48 1.43 -10.64 -17.39
N THR A 49 1.43 -9.80 -16.36
CA THR A 49 2.30 -10.04 -15.20
C THR A 49 1.49 -10.28 -13.93
N LYS A 50 0.17 -10.45 -14.08
CA LYS A 50 -0.69 -10.70 -12.92
C LYS A 50 -0.41 -9.69 -11.80
N THR A 51 -0.11 -8.46 -12.19
CA THR A 51 0.20 -7.42 -11.21
C THR A 51 -0.56 -6.12 -11.49
N PHE A 52 -0.92 -5.43 -10.42
CA PHE A 52 -1.63 -4.16 -10.52
C PHE A 52 -0.69 -3.03 -10.09
N THR A 53 -0.81 -1.87 -10.71
CA THR A 53 0.04 -0.74 -10.34
C THR A 53 -0.78 0.47 -9.92
N VAL A 54 -0.86 0.68 -8.61
CA VAL A 54 -1.60 1.80 -8.05
C VAL A 54 -0.73 3.05 -8.06
N THR A 55 -1.14 4.06 -8.82
CA THR A 55 -0.37 5.30 -8.91
C THR A 55 -1.12 6.45 -8.26
N GLU A 56 -0.50 7.07 -7.26
CA GLU A 56 -1.13 8.19 -6.56
C GLU A 56 -1.01 9.47 -7.37
N MET B 1 -6.11 -17.61 -5.99
CA MET B 1 -4.75 -17.45 -6.55
C MET B 1 -4.04 -16.26 -5.90
N GLN B 2 -2.72 -16.19 -6.09
CA GLN B 2 -1.92 -15.11 -5.52
C GLN B 2 -1.67 -14.01 -6.54
N TYR B 3 -1.91 -12.77 -6.14
CA TYR B 3 -1.71 -11.62 -7.02
C TYR B 3 -0.76 -10.62 -6.38
N LYS B 4 0.11 -10.04 -7.19
CA LYS B 4 1.09 -9.07 -6.71
C LYS B 4 0.69 -7.65 -7.10
N VAL B 5 0.32 -6.84 -6.12
CA VAL B 5 -0.07 -5.47 -6.37
C VAL B 5 1.10 -4.53 -6.13
N ILE B 6 1.27 -3.58 -7.04
CA ILE B 6 2.36 -2.61 -6.95
C ILE B 6 1.81 -1.22 -6.63
N LEU B 7 2.33 -0.62 -5.57
CA LEU B 7 1.88 0.70 -5.15
C LEU B 7 2.92 1.75 -5.54
N ASN B 8 2.74 2.32 -6.73
CA ASN B 8 3.67 3.32 -7.24
C ASN B 8 3.15 4.74 -7.04
N GLY B 9 3.75 5.46 -6.11
CA GLY B 9 3.33 6.83 -5.85
C GLY B 9 4.40 7.84 -6.23
N LYS B 10 4.19 9.09 -5.88
CA LYS B 10 5.15 10.14 -6.19
C LYS B 10 6.35 10.06 -5.25
N THR B 11 6.08 10.12 -3.95
CA THR B 11 7.12 10.07 -2.93
C THR B 11 7.11 8.72 -2.22
N LEU B 12 6.30 7.79 -2.69
CA LEU B 12 6.20 6.48 -2.08
C LEU B 12 6.14 5.38 -3.13
N LYS B 13 6.87 4.29 -2.88
CA LYS B 13 6.90 3.15 -3.79
C LYS B 13 7.01 1.85 -3.02
N GLY B 14 6.37 0.80 -3.52
CA GLY B 14 6.43 -0.48 -2.84
C GLY B 14 5.75 -1.60 -3.61
N GLU B 15 5.72 -2.79 -3.01
CA GLU B 15 5.09 -3.95 -3.62
C GLU B 15 4.29 -4.73 -2.57
N THR B 16 3.11 -5.20 -2.98
CA THR B 16 2.24 -5.94 -2.09
C THR B 16 1.62 -7.14 -2.82
N THR B 17 1.02 -8.06 -2.04
CA THR B 17 0.40 -9.25 -2.62
C THR B 17 -0.87 -9.66 -1.89
N THR B 18 -1.97 -9.74 -2.63
CA THR B 18 -3.26 -10.14 -2.07
C THR B 18 -3.62 -11.56 -2.53
N GLU B 19 -4.19 -12.34 -1.62
CA GLU B 19 -4.59 -13.71 -1.93
C GLU B 19 -6.09 -13.75 -2.22
N ALA B 20 -6.47 -13.95 -3.48
CA ALA B 20 -7.88 -13.99 -3.84
C ALA B 20 -8.16 -15.03 -4.92
N VAL B 21 -9.36 -15.59 -4.88
CA VAL B 21 -9.78 -16.62 -5.83
C VAL B 21 -9.54 -16.19 -7.28
N ASP B 22 -9.53 -14.88 -7.51
CA ASP B 22 -9.29 -14.37 -8.86
C ASP B 22 -8.80 -12.93 -8.83
N ALA B 23 -8.47 -12.39 -10.00
CA ALA B 23 -7.98 -11.02 -10.10
C ALA B 23 -8.96 -10.02 -9.52
N ALA B 24 -10.24 -10.21 -9.80
CA ALA B 24 -11.27 -9.32 -9.29
C ALA B 24 -11.28 -9.36 -7.77
N THR B 25 -11.43 -10.57 -7.21
CA THR B 25 -11.43 -10.73 -5.77
C THR B 25 -10.19 -10.05 -5.18
N ALA B 26 -9.04 -10.30 -5.81
CA ALA B 26 -7.81 -9.67 -5.37
C ALA B 26 -7.96 -8.16 -5.46
N GLU B 27 -8.31 -7.70 -6.66
CA GLU B 27 -8.53 -6.28 -6.90
C GLU B 27 -9.43 -5.68 -5.82
N LYS B 28 -10.55 -6.35 -5.56
CA LYS B 28 -11.50 -5.90 -4.55
C LYS B 28 -10.83 -5.85 -3.18
N VAL B 29 -10.06 -6.88 -2.88
CA VAL B 29 -9.36 -6.96 -1.60
C VAL B 29 -8.50 -5.73 -1.39
N VAL B 30 -7.86 -5.29 -2.46
CA VAL B 30 -7.02 -4.09 -2.38
C VAL B 30 -7.88 -2.89 -2.01
N LYS B 31 -9.03 -2.73 -2.69
CA LYS B 31 -9.93 -1.63 -2.38
C LYS B 31 -10.20 -1.54 -0.89
N GLN B 32 -10.57 -2.65 -0.28
CA GLN B 32 -10.84 -2.68 1.15
C GLN B 32 -9.56 -2.35 1.92
N PHE B 33 -8.45 -2.88 1.42
CA PHE B 33 -7.14 -2.66 2.02
C PHE B 33 -6.86 -1.17 2.16
N PHE B 34 -6.91 -0.46 1.04
CA PHE B 34 -6.66 0.98 1.03
C PHE B 34 -7.85 1.76 1.58
N ASN B 35 -9.06 1.31 1.25
CA ASN B 35 -10.26 1.96 1.75
C ASN B 35 -10.17 2.13 3.26
N ASP B 36 -9.61 1.12 3.92
CA ASP B 36 -9.45 1.12 5.37
C ASP B 36 -8.10 1.65 5.82
N ASN B 37 -7.08 1.55 4.97
CA ASN B 37 -5.76 2.06 5.34
C ASN B 37 -5.75 3.58 5.19
N GLY B 38 -6.27 4.02 4.04
CA GLY B 38 -6.37 5.44 3.71
C GLY B 38 -5.88 6.39 4.78
N VAL B 39 -6.79 7.26 5.23
CA VAL B 39 -6.45 8.31 6.18
C VAL B 39 -6.44 7.86 7.65
N ASP B 40 -7.53 7.29 8.14
CA ASP B 40 -7.59 6.90 9.55
C ASP B 40 -7.23 5.44 9.80
N GLY B 41 -6.37 4.88 8.96
CA GLY B 41 -5.97 3.50 9.15
C GLY B 41 -5.16 3.30 10.43
N GLU B 42 -5.34 2.14 11.06
CA GLU B 42 -4.61 1.83 12.29
C GLU B 42 -3.16 1.47 11.98
N TRP B 43 -2.27 2.45 12.08
CA TRP B 43 -0.85 2.24 11.78
C TRP B 43 0.01 2.24 13.04
N THR B 44 0.86 1.23 13.16
CA THR B 44 1.79 1.15 14.28
C THR B 44 3.19 1.48 13.78
N TYR B 45 3.96 2.23 14.57
CA TYR B 45 5.31 2.62 14.16
C TYR B 45 6.37 1.95 15.01
N ASP B 46 7.45 1.52 14.35
CA ASP B 46 8.57 0.88 15.04
C ASP B 46 9.86 1.62 14.75
N ASP B 47 10.10 2.70 15.48
CA ASP B 47 11.31 3.51 15.29
C ASP B 47 12.56 2.64 15.28
N ALA B 48 12.56 1.60 16.10
CA ALA B 48 13.69 0.68 16.18
C ALA B 48 14.08 0.14 14.81
N THR B 49 13.10 -0.02 13.94
CA THR B 49 13.34 -0.55 12.60
C THR B 49 13.01 0.48 11.51
N LYS B 50 12.74 1.72 11.92
CA LYS B 50 12.40 2.77 10.96
C LYS B 50 11.34 2.29 9.98
N THR B 51 10.39 1.50 10.48
CA THR B 51 9.34 0.96 9.62
C THR B 51 7.96 1.11 10.26
N PHE B 52 6.96 1.34 9.41
CA PHE B 52 5.59 1.48 9.86
C PHE B 52 4.78 0.27 9.40
N THR B 53 3.82 -0.18 10.20
CA THR B 53 3.00 -1.32 9.83
C THR B 53 1.53 -0.97 9.79
N VAL B 54 1.01 -0.77 8.59
CA VAL B 54 -0.39 -0.46 8.38
C VAL B 54 -1.22 -1.74 8.39
N THR B 55 -2.12 -1.86 9.36
CA THR B 55 -2.95 -3.04 9.46
C THR B 55 -4.42 -2.70 9.19
N GLU B 56 -4.99 -3.36 8.18
CA GLU B 56 -6.38 -3.11 7.81
C GLU B 56 -7.33 -3.84 8.75
N MET A 1 16.04 10.70 3.46
CA MET A 1 15.95 9.47 4.29
C MET A 1 14.87 8.53 3.75
N GLN A 2 15.18 7.25 3.66
CA GLN A 2 14.23 6.26 3.16
C GLN A 2 13.60 5.49 4.33
N TYR A 3 12.28 5.36 4.29
CA TYR A 3 11.56 4.64 5.34
C TYR A 3 10.90 3.39 4.78
N LYS A 4 10.84 2.35 5.61
CA LYS A 4 10.23 1.09 5.21
C LYS A 4 8.79 0.99 5.73
N VAL A 5 7.84 1.11 4.82
CA VAL A 5 6.44 1.02 5.19
C VAL A 5 5.89 -0.37 4.94
N ILE A 6 5.41 -1.02 6.00
CA ILE A 6 4.87 -2.36 5.90
C ILE A 6 3.34 -2.33 5.88
N LEU A 7 2.75 -2.79 4.79
CA LEU A 7 1.31 -2.82 4.65
C LEU A 7 0.78 -4.21 4.98
N ASN A 8 0.53 -4.44 6.26
CA ASN A 8 0.06 -5.74 6.75
C ASN A 8 -1.45 -5.78 6.92
N GLY A 9 -2.14 -6.48 6.03
CA GLY A 9 -3.59 -6.59 6.13
C GLY A 9 -4.05 -8.01 6.38
N LYS A 10 -5.35 -8.24 6.23
CA LYS A 10 -5.92 -9.56 6.44
C LYS A 10 -5.66 -10.45 5.23
N THR A 11 -6.10 -10.01 4.05
CA THR A 11 -5.93 -10.76 2.82
C THR A 11 -4.86 -10.13 1.94
N LEU A 12 -4.18 -9.11 2.46
CA LEU A 12 -3.15 -8.43 1.71
C LEU A 12 -1.92 -8.15 2.56
N LYS A 13 -0.75 -8.40 1.98
CA LYS A 13 0.51 -8.16 2.68
C LYS A 13 1.56 -7.67 1.69
N GLY A 14 2.45 -6.78 2.15
CA GLY A 14 3.47 -6.26 1.28
C GLY A 14 4.44 -5.33 1.97
N GLU A 15 5.31 -4.70 1.18
CA GLU A 15 6.30 -3.77 1.70
C GLU A 15 6.50 -2.60 0.75
N THR A 16 6.54 -1.40 1.32
CA THR A 16 6.73 -0.19 0.52
C THR A 16 7.73 0.76 1.18
N THR A 17 8.17 1.78 0.45
CA THR A 17 9.15 2.73 0.97
C THR A 17 8.91 4.16 0.50
N THR A 18 8.73 5.06 1.46
CA THR A 18 8.52 6.48 1.17
C THR A 18 9.75 7.29 1.61
N GLU A 19 10.04 8.37 0.89
CA GLU A 19 11.19 9.21 1.23
C GLU A 19 10.73 10.56 1.80
N ALA A 20 11.14 10.86 3.03
CA ALA A 20 10.74 12.11 3.66
C ALA A 20 11.81 12.62 4.62
N VAL A 21 11.88 13.95 4.76
CA VAL A 21 12.85 14.60 5.63
C VAL A 21 12.86 13.99 7.04
N ASP A 22 11.72 13.44 7.45
CA ASP A 22 11.62 12.83 8.77
C ASP A 22 10.53 11.77 8.81
N ALA A 23 10.41 11.09 9.94
CA ALA A 23 9.41 10.05 10.10
C ALA A 23 8.00 10.59 9.92
N ALA A 24 7.73 11.75 10.49
CA ALA A 24 6.42 12.37 10.37
C ALA A 24 6.13 12.66 8.90
N THR A 25 7.01 13.42 8.27
CA THR A 25 6.86 13.74 6.86
C THR A 25 6.61 12.46 6.08
N ALA A 26 7.42 11.44 6.38
CA ALA A 26 7.26 10.15 5.74
C ALA A 26 5.87 9.62 6.04
N GLU A 27 5.52 9.56 7.32
CA GLU A 27 4.20 9.10 7.74
C GLU A 27 3.10 9.81 6.96
N LYS A 28 3.23 11.14 6.87
CA LYS A 28 2.25 11.94 6.15
C LYS A 28 2.25 11.55 4.67
N VAL A 29 3.45 11.42 4.10
CA VAL A 29 3.58 11.05 2.71
C VAL A 29 2.85 9.75 2.44
N VAL A 30 2.99 8.80 3.35
CA VAL A 30 2.31 7.52 3.23
C VAL A 30 0.81 7.73 3.30
N LYS A 31 0.37 8.49 4.30
CA LYS A 31 -1.05 8.79 4.46
C LYS A 31 -1.63 9.35 3.16
N GLN A 32 -0.91 10.28 2.55
CA GLN A 32 -1.34 10.87 1.30
C GLN A 32 -1.43 9.79 0.23
N PHE A 33 -0.46 8.88 0.26
CA PHE A 33 -0.40 7.76 -0.66
C PHE A 33 -1.73 7.01 -0.67
N PHE A 34 -2.06 6.43 0.49
CA PHE A 34 -3.31 5.68 0.66
C PHE A 34 -4.51 6.61 0.56
N ASN A 35 -4.37 7.81 1.10
CA ASN A 35 -5.43 8.81 1.05
C ASN A 35 -5.89 9.00 -0.39
N ASP A 36 -4.92 8.97 -1.30
CA ASP A 36 -5.19 9.13 -2.72
C ASP A 36 -5.37 7.80 -3.45
N ASN A 37 -4.82 6.72 -2.89
CA ASN A 37 -4.97 5.40 -3.51
C ASN A 37 -6.31 4.80 -3.14
N GLY A 38 -6.63 4.88 -1.85
CA GLY A 38 -7.87 4.35 -1.32
C GLY A 38 -8.87 3.86 -2.35
N VAL A 39 -10.01 4.56 -2.43
CA VAL A 39 -11.09 4.16 -3.33
C VAL A 39 -11.31 5.11 -4.50
N ASP A 40 -10.47 6.11 -4.66
CA ASP A 40 -10.63 7.06 -5.78
C ASP A 40 -9.38 7.16 -6.64
N GLY A 41 -8.42 6.26 -6.42
CA GLY A 41 -7.17 6.31 -7.18
C GLY A 41 -7.29 5.68 -8.57
N GLU A 42 -6.25 5.87 -9.38
CA GLU A 42 -6.22 5.31 -10.73
C GLU A 42 -5.43 4.00 -10.74
N TRP A 43 -6.15 2.89 -10.82
CA TRP A 43 -5.52 1.57 -10.80
C TRP A 43 -5.45 0.94 -12.19
N THR A 44 -4.22 0.58 -12.60
CA THR A 44 -4.01 -0.08 -13.88
C THR A 44 -3.64 -1.54 -13.64
N TYR A 45 -4.19 -2.44 -14.43
CA TYR A 45 -3.91 -3.87 -14.26
C TYR A 45 -3.14 -4.46 -15.44
N ASP A 46 -2.26 -5.40 -15.14
CA ASP A 46 -1.46 -6.07 -16.17
C ASP A 46 -1.66 -7.58 -16.10
N ASP A 47 -2.73 -8.06 -16.73
CA ASP A 47 -3.05 -9.49 -16.72
C ASP A 47 -1.83 -10.34 -17.10
N ALA A 48 -1.02 -9.82 -18.03
CA ALA A 48 0.16 -10.54 -18.48
C ALA A 48 1.02 -11.03 -17.32
N THR A 49 0.98 -10.29 -16.21
CA THR A 49 1.76 -10.66 -15.03
C THR A 49 0.88 -10.73 -13.77
N LYS A 50 -0.43 -10.70 -13.95
CA LYS A 50 -1.36 -10.76 -12.83
C LYS A 50 -0.96 -9.73 -11.77
N THR A 51 -0.40 -8.60 -12.21
CA THR A 51 0.05 -7.56 -11.30
C THR A 51 -0.73 -6.25 -11.52
N PHE A 52 -0.99 -5.54 -10.44
CA PHE A 52 -1.71 -4.28 -10.50
C PHE A 52 -0.80 -3.13 -10.05
N THR A 53 -0.92 -1.98 -10.72
CA THR A 53 -0.13 -0.81 -10.36
C THR A 53 -1.01 0.35 -9.93
N VAL A 54 -0.77 0.85 -8.73
CA VAL A 54 -1.52 1.97 -8.19
C VAL A 54 -0.69 3.25 -8.28
N THR A 55 -1.07 4.13 -9.20
CA THR A 55 -0.34 5.37 -9.40
C THR A 55 -1.04 6.54 -8.71
N GLU A 56 -0.39 7.08 -7.68
CA GLU A 56 -0.94 8.20 -6.94
C GLU A 56 -1.04 9.44 -7.81
N MET B 1 -4.97 -18.19 -5.31
CA MET B 1 -4.06 -17.50 -6.27
C MET B 1 -3.48 -16.24 -5.65
N GLN B 2 -2.17 -16.05 -5.83
CA GLN B 2 -1.48 -14.88 -5.29
C GLN B 2 -1.27 -13.84 -6.37
N TYR B 3 -1.59 -12.59 -6.06
CA TYR B 3 -1.43 -11.50 -7.01
C TYR B 3 -0.40 -10.50 -6.53
N LYS B 4 0.35 -9.92 -7.48
CA LYS B 4 1.38 -8.95 -7.14
C LYS B 4 0.86 -7.53 -7.33
N VAL B 5 0.61 -6.83 -6.23
CA VAL B 5 0.13 -5.47 -6.29
C VAL B 5 1.27 -4.47 -6.13
N ILE B 6 1.46 -3.63 -7.14
CA ILE B 6 2.51 -2.64 -7.12
C ILE B 6 1.95 -1.26 -6.77
N LEU B 7 2.42 -0.72 -5.65
CA LEU B 7 1.97 0.60 -5.20
C LEU B 7 2.98 1.65 -5.62
N ASN B 8 2.82 2.17 -6.83
CA ASN B 8 3.74 3.17 -7.37
C ASN B 8 3.20 4.59 -7.22
N GLY B 9 3.81 5.35 -6.32
CA GLY B 9 3.39 6.72 -6.10
C GLY B 9 4.46 7.73 -6.44
N LYS B 10 4.25 8.98 -6.05
CA LYS B 10 5.22 10.03 -6.32
C LYS B 10 6.40 9.96 -5.35
N THR B 11 6.09 10.01 -4.05
CA THR B 11 7.11 9.95 -3.02
C THR B 11 7.12 8.60 -2.32
N LEU B 12 6.30 7.67 -2.82
CA LEU B 12 6.22 6.36 -2.21
C LEU B 12 6.19 5.27 -3.28
N LYS B 13 6.94 4.21 -3.02
CA LYS B 13 7.02 3.07 -3.93
C LYS B 13 7.15 1.77 -3.15
N GLY B 14 6.54 0.71 -3.65
CA GLY B 14 6.62 -0.57 -2.95
C GLY B 14 5.95 -1.71 -3.70
N GLU B 15 5.85 -2.85 -3.04
CA GLU B 15 5.24 -4.04 -3.63
C GLU B 15 4.45 -4.81 -2.58
N THR B 16 3.24 -5.22 -2.94
CA THR B 16 2.38 -5.97 -2.03
C THR B 16 1.72 -7.15 -2.76
N THR B 17 1.11 -8.05 -1.99
CA THR B 17 0.47 -9.24 -2.58
C THR B 17 -0.82 -9.63 -1.85
N THR B 18 -1.92 -9.68 -2.60
CA THR B 18 -3.22 -10.07 -2.06
C THR B 18 -3.63 -11.43 -2.63
N GLU B 19 -4.35 -12.22 -1.84
CA GLU B 19 -4.80 -13.54 -2.29
C GLU B 19 -6.31 -13.55 -2.53
N ALA B 20 -6.72 -13.85 -3.76
CA ALA B 20 -8.14 -13.88 -4.10
C ALA B 20 -8.46 -14.91 -5.18
N VAL B 21 -9.67 -15.44 -5.13
CA VAL B 21 -10.11 -16.45 -6.08
C VAL B 21 -9.88 -16.02 -7.53
N ASP B 22 -9.86 -14.71 -7.76
CA ASP B 22 -9.63 -14.17 -9.10
C ASP B 22 -9.05 -12.77 -9.05
N ALA B 23 -8.73 -12.23 -10.23
CA ALA B 23 -8.16 -10.89 -10.32
C ALA B 23 -9.10 -9.84 -9.73
N ALA B 24 -10.38 -9.96 -10.05
CA ALA B 24 -11.37 -9.02 -9.54
C ALA B 24 -11.41 -9.08 -8.03
N THR B 25 -11.65 -10.28 -7.50
CA THR B 25 -11.68 -10.48 -6.06
C THR B 25 -10.43 -9.89 -5.44
N ALA B 26 -9.29 -10.17 -6.07
CA ALA B 26 -8.03 -9.63 -5.61
C ALA B 26 -8.08 -8.11 -5.66
N GLU B 27 -8.44 -7.58 -6.83
CA GLU B 27 -8.57 -6.15 -7.02
C GLU B 27 -9.43 -5.54 -5.90
N LYS B 28 -10.57 -6.16 -5.65
CA LYS B 28 -11.47 -5.69 -4.61
C LYS B 28 -10.80 -5.77 -3.25
N VAL B 29 -10.14 -6.89 -2.99
CA VAL B 29 -9.43 -7.09 -1.74
C VAL B 29 -8.44 -5.96 -1.51
N VAL B 30 -7.74 -5.58 -2.56
CA VAL B 30 -6.77 -4.51 -2.49
C VAL B 30 -7.50 -3.20 -2.18
N LYS B 31 -8.57 -2.94 -2.93
CA LYS B 31 -9.37 -1.73 -2.72
C LYS B 31 -9.80 -1.62 -1.26
N GLN B 32 -10.25 -2.73 -0.69
CA GLN B 32 -10.66 -2.76 0.71
C GLN B 32 -9.46 -2.41 1.59
N PHE B 33 -8.31 -2.94 1.20
CA PHE B 33 -7.06 -2.72 1.91
C PHE B 33 -6.83 -1.21 2.09
N PHE B 34 -6.68 -0.51 0.97
CA PHE B 34 -6.47 0.93 0.98
C PHE B 34 -7.71 1.66 1.48
N ASN B 35 -8.87 1.14 1.11
CA ASN B 35 -10.14 1.73 1.54
C ASN B 35 -10.14 1.86 3.06
N ASP B 36 -9.58 0.85 3.71
CA ASP B 36 -9.51 0.81 5.17
C ASP B 36 -8.19 1.38 5.70
N ASN B 37 -7.15 1.38 4.88
CA ASN B 37 -5.86 1.92 5.31
C ASN B 37 -5.85 3.43 5.17
N GLY B 38 -6.32 3.89 4.01
CA GLY B 38 -6.40 5.31 3.69
C GLY B 38 -6.07 6.25 4.84
N VAL B 39 -7.07 7.01 5.28
CA VAL B 39 -6.89 8.01 6.32
C VAL B 39 -7.56 7.67 7.64
N ASP B 40 -8.14 6.48 7.76
CA ASP B 40 -8.81 6.10 9.02
C ASP B 40 -8.28 4.78 9.57
N GLY B 41 -7.18 4.29 9.01
CA GLY B 41 -6.61 3.03 9.48
C GLY B 41 -5.78 3.16 10.74
N GLU B 42 -5.41 2.02 11.32
CA GLU B 42 -4.58 2.00 12.53
C GLU B 42 -3.12 1.79 12.17
N TRP B 43 -2.33 2.86 12.23
CA TRP B 43 -0.92 2.79 11.88
C TRP B 43 0.00 2.76 13.09
N THR B 44 0.83 1.72 13.16
CA THR B 44 1.80 1.58 14.25
C THR B 44 3.21 1.83 13.71
N TYR B 45 4.02 2.57 14.46
CA TYR B 45 5.37 2.88 14.02
C TYR B 45 6.44 2.23 14.89
N ASP B 46 7.53 1.83 14.27
CA ASP B 46 8.65 1.20 14.97
C ASP B 46 9.94 1.98 14.71
N ASP B 47 10.15 3.04 15.49
CA ASP B 47 11.34 3.88 15.34
C ASP B 47 12.61 3.03 15.31
N ALA B 48 12.64 1.96 16.09
CA ALA B 48 13.80 1.09 16.16
C ALA B 48 14.27 0.67 14.77
N THR B 49 13.35 0.59 13.82
CA THR B 49 13.69 0.20 12.46
C THR B 49 13.16 1.21 11.43
N LYS B 50 12.73 2.38 11.90
CA LYS B 50 12.20 3.41 11.01
C LYS B 50 11.18 2.81 10.06
N THR B 51 10.44 1.82 10.54
CA THR B 51 9.43 1.14 9.72
C THR B 51 8.03 1.31 10.31
N PHE B 52 7.05 1.44 9.43
CA PHE B 52 5.65 1.60 9.84
C PHE B 52 4.82 0.41 9.39
N THR B 53 3.89 -0.02 10.23
CA THR B 53 3.02 -1.14 9.88
C THR B 53 1.55 -0.72 9.84
N VAL B 54 0.92 -0.95 8.70
CA VAL B 54 -0.49 -0.61 8.53
C VAL B 54 -1.34 -1.87 8.62
N THR B 55 -2.06 -2.01 9.73
CA THR B 55 -2.90 -3.18 9.94
C THR B 55 -4.36 -2.89 9.61
N GLU B 56 -4.85 -3.53 8.55
CA GLU B 56 -6.24 -3.34 8.13
C GLU B 56 -7.21 -3.86 9.18
N MET A 1 15.76 11.31 4.42
CA MET A 1 16.07 9.86 4.54
C MET A 1 14.97 9.01 3.93
N GLN A 2 15.25 7.72 3.75
CA GLN A 2 14.28 6.80 3.19
C GLN A 2 13.64 5.95 4.29
N TYR A 3 12.35 5.71 4.17
CA TYR A 3 11.63 4.92 5.16
C TYR A 3 10.90 3.76 4.50
N LYS A 4 10.81 2.64 5.19
CA LYS A 4 10.15 1.46 4.66
C LYS A 4 8.81 1.24 5.33
N VAL A 5 7.73 1.50 4.59
CA VAL A 5 6.39 1.35 5.13
C VAL A 5 5.81 -0.03 4.80
N ILE A 6 5.55 -0.79 5.84
CA ILE A 6 4.99 -2.14 5.70
C ILE A 6 3.47 -2.11 5.83
N LEU A 7 2.80 -2.76 4.89
CA LEU A 7 1.33 -2.81 4.90
C LEU A 7 0.83 -4.22 5.18
N ASN A 8 0.32 -4.44 6.41
CA ASN A 8 -0.17 -5.75 6.81
C ASN A 8 -1.69 -5.76 6.96
N GLY A 9 -2.39 -6.44 6.06
CA GLY A 9 -3.83 -6.52 6.14
C GLY A 9 -4.33 -7.93 6.39
N LYS A 10 -5.63 -8.12 6.24
CA LYS A 10 -6.22 -9.44 6.45
C LYS A 10 -5.95 -10.35 5.27
N THR A 11 -6.33 -9.89 4.07
CA THR A 11 -6.14 -10.65 2.86
C THR A 11 -5.04 -10.05 1.99
N LEU A 12 -4.36 -9.05 2.52
CA LEU A 12 -3.30 -8.40 1.77
C LEU A 12 -2.09 -8.11 2.64
N LYS A 13 -0.90 -8.35 2.09
CA LYS A 13 0.35 -8.10 2.79
C LYS A 13 1.41 -7.62 1.82
N GLY A 14 2.29 -6.74 2.28
CA GLY A 14 3.34 -6.22 1.42
C GLY A 14 4.24 -5.23 2.12
N GLU A 15 5.06 -4.54 1.33
CA GLU A 15 5.97 -3.54 1.88
C GLU A 15 6.22 -2.44 0.86
N THR A 16 6.41 -1.23 1.35
CA THR A 16 6.65 -0.07 0.49
C THR A 16 7.68 0.88 1.12
N THR A 17 8.13 1.87 0.35
CA THR A 17 9.15 2.80 0.85
C THR A 17 8.92 4.24 0.38
N THR A 18 8.74 5.15 1.35
CA THR A 18 8.54 6.56 1.08
C THR A 18 9.79 7.35 1.44
N GLU A 19 10.10 8.37 0.64
CA GLU A 19 11.27 9.21 0.89
C GLU A 19 10.84 10.53 1.52
N ALA A 20 11.20 10.75 2.78
CA ALA A 20 10.82 11.98 3.48
C ALA A 20 11.89 12.44 4.46
N VAL A 21 11.96 13.74 4.66
CA VAL A 21 12.94 14.36 5.54
C VAL A 21 12.96 13.71 6.93
N ASP A 22 11.82 13.16 7.33
CA ASP A 22 11.73 12.50 8.64
C ASP A 22 10.62 11.46 8.66
N ALA A 23 10.49 10.76 9.79
CA ALA A 23 9.49 9.72 9.95
C ALA A 23 8.08 10.28 9.79
N ALA A 24 7.84 11.44 10.39
CA ALA A 24 6.53 12.08 10.31
C ALA A 24 6.22 12.42 8.86
N THR A 25 7.13 13.16 8.22
CA THR A 25 6.97 13.52 6.83
C THR A 25 6.69 12.26 6.01
N ALA A 26 7.48 11.23 6.26
CA ALA A 26 7.29 9.95 5.59
C ALA A 26 5.90 9.43 5.90
N GLU A 27 5.59 9.32 7.20
CA GLU A 27 4.29 8.86 7.65
C GLU A 27 3.19 9.61 6.91
N LYS A 28 3.29 10.93 6.87
CA LYS A 28 2.31 11.76 6.19
C LYS A 28 2.27 11.43 4.71
N VAL A 29 3.46 11.28 4.12
CA VAL A 29 3.57 10.94 2.72
C VAL A 29 2.80 9.66 2.43
N VAL A 30 2.89 8.72 3.36
CA VAL A 30 2.18 7.46 3.23
C VAL A 30 0.69 7.71 3.31
N LYS A 31 0.26 8.47 4.32
CA LYS A 31 -1.16 8.79 4.45
C LYS A 31 -1.71 9.37 3.17
N GLN A 32 -0.96 10.28 2.55
CA GLN A 32 -1.38 10.89 1.31
C GLN A 32 -1.47 9.80 0.24
N PHE A 33 -0.52 8.89 0.28
CA PHE A 33 -0.45 7.76 -0.65
C PHE A 33 -1.78 7.00 -0.66
N PHE A 34 -2.14 6.47 0.51
CA PHE A 34 -3.39 5.72 0.67
C PHE A 34 -4.59 6.64 0.56
N ASN A 35 -4.47 7.83 1.12
CA ASN A 35 -5.54 8.82 1.06
C ASN A 35 -6.01 8.99 -0.39
N ASP A 36 -5.04 8.97 -1.29
CA ASP A 36 -5.31 9.13 -2.72
C ASP A 36 -5.47 7.79 -3.44
N ASN A 37 -4.89 6.72 -2.89
CA ASN A 37 -5.01 5.41 -3.51
C ASN A 37 -6.36 4.80 -3.18
N GLY A 38 -6.72 4.89 -1.90
CA GLY A 38 -7.98 4.37 -1.38
C GLY A 38 -8.95 3.85 -2.42
N VAL A 39 -10.11 4.51 -2.53
CA VAL A 39 -11.16 4.05 -3.43
C VAL A 39 -11.37 4.97 -4.65
N ASP A 40 -10.56 6.00 -4.81
CA ASP A 40 -10.72 6.90 -5.95
C ASP A 40 -9.43 7.04 -6.76
N GLY A 41 -8.46 6.18 -6.49
CA GLY A 41 -7.19 6.25 -7.21
C GLY A 41 -7.24 5.66 -8.60
N GLU A 42 -6.18 5.88 -9.38
CA GLU A 42 -6.08 5.36 -10.74
C GLU A 42 -5.35 4.03 -10.73
N TRP A 43 -6.11 2.93 -10.79
CA TRP A 43 -5.52 1.59 -10.74
C TRP A 43 -5.42 0.96 -12.12
N THR A 44 -4.19 0.61 -12.51
CA THR A 44 -3.94 -0.06 -13.78
C THR A 44 -3.54 -1.51 -13.53
N TYR A 45 -4.06 -2.43 -14.31
CA TYR A 45 -3.75 -3.85 -14.13
C TYR A 45 -2.93 -4.40 -15.31
N ASP A 46 -2.02 -5.32 -14.99
CA ASP A 46 -1.17 -5.93 -16.00
C ASP A 46 -1.31 -7.46 -15.97
N ASP A 47 -2.34 -7.97 -16.62
CA ASP A 47 -2.60 -9.41 -16.65
C ASP A 47 -1.33 -10.20 -16.96
N ALA A 48 -0.48 -9.63 -17.82
CA ALA A 48 0.77 -10.28 -18.21
C ALA A 48 1.56 -10.79 -17.02
N THR A 49 1.46 -10.08 -15.88
CA THR A 49 2.19 -10.48 -14.69
C THR A 49 1.27 -10.58 -13.47
N LYS A 50 -0.04 -10.60 -13.71
CA LYS A 50 -1.00 -10.69 -12.61
C LYS A 50 -0.68 -9.68 -11.52
N THR A 51 -0.20 -8.51 -11.93
CA THR A 51 0.17 -7.47 -10.99
C THR A 51 -0.57 -6.16 -11.28
N PHE A 52 -0.98 -5.48 -10.21
CA PHE A 52 -1.71 -4.22 -10.33
C PHE A 52 -0.82 -3.06 -9.89
N THR A 53 -0.92 -1.93 -10.60
CA THR A 53 -0.13 -0.75 -10.26
C THR A 53 -1.02 0.41 -9.85
N VAL A 54 -0.78 0.93 -8.65
CA VAL A 54 -1.53 2.06 -8.13
C VAL A 54 -0.72 3.33 -8.31
N THR A 55 -0.99 4.04 -9.40
CA THR A 55 -0.26 5.26 -9.70
C THR A 55 -0.89 6.47 -9.01
N GLU A 56 -0.21 6.98 -7.99
CA GLU A 56 -0.68 8.13 -7.24
C GLU A 56 -1.07 9.27 -8.17
N MET B 1 -5.83 -18.03 -6.06
CA MET B 1 -4.44 -17.74 -6.48
C MET B 1 -3.91 -16.50 -5.77
N GLN B 2 -2.60 -16.29 -5.86
CA GLN B 2 -1.97 -15.13 -5.24
C GLN B 2 -1.67 -14.06 -6.29
N TYR B 3 -1.86 -12.80 -5.91
CA TYR B 3 -1.62 -11.69 -6.82
C TYR B 3 -0.67 -10.69 -6.19
N LYS B 4 0.17 -10.07 -7.03
CA LYS B 4 1.14 -9.10 -6.53
C LYS B 4 0.72 -7.69 -6.92
N VAL B 5 0.27 -6.92 -5.93
CA VAL B 5 -0.17 -5.56 -6.16
C VAL B 5 0.95 -4.55 -5.93
N ILE B 6 1.33 -3.86 -6.98
CA ILE B 6 2.39 -2.87 -6.93
C ILE B 6 1.82 -1.47 -6.71
N LEU B 7 2.39 -0.74 -5.76
CA LEU B 7 1.93 0.61 -5.44
C LEU B 7 2.97 1.65 -5.83
N ASN B 8 2.72 2.37 -6.91
CA ASN B 8 3.66 3.39 -7.39
C ASN B 8 3.10 4.81 -7.21
N GLY B 9 3.68 5.57 -6.28
CA GLY B 9 3.23 6.93 -6.05
C GLY B 9 4.29 7.94 -6.39
N LYS B 10 4.06 9.19 -5.98
CA LYS B 10 5.00 10.27 -6.25
C LYS B 10 6.19 10.19 -5.31
N THR B 11 5.91 10.18 -4.01
CA THR B 11 6.95 10.12 -2.99
C THR B 11 6.97 8.75 -2.31
N LEU B 12 6.18 7.82 -2.83
CA LEU B 12 6.12 6.49 -2.24
C LEU B 12 6.07 5.41 -3.31
N LYS B 13 6.83 4.34 -3.07
CA LYS B 13 6.88 3.22 -3.99
C LYS B 13 7.03 1.91 -3.22
N GLY B 14 6.42 0.84 -3.74
CA GLY B 14 6.51 -0.44 -3.06
C GLY B 14 5.76 -1.54 -3.78
N GLU B 15 5.58 -2.66 -3.10
CA GLU B 15 4.87 -3.80 -3.68
C GLU B 15 4.18 -4.60 -2.59
N THR B 16 3.03 -5.16 -2.92
CA THR B 16 2.25 -5.96 -1.98
C THR B 16 1.60 -7.16 -2.67
N THR B 17 1.03 -8.08 -1.88
CA THR B 17 0.42 -9.28 -2.44
C THR B 17 -0.86 -9.69 -1.72
N THR B 18 -1.97 -9.73 -2.48
CA THR B 18 -3.26 -10.13 -1.95
C THR B 18 -3.64 -11.52 -2.46
N GLU B 19 -4.28 -12.32 -1.61
CA GLU B 19 -4.69 -13.66 -1.99
C GLU B 19 -6.18 -13.69 -2.30
N ALA B 20 -6.55 -13.91 -3.56
CA ALA B 20 -7.94 -13.93 -3.95
C ALA B 20 -8.21 -14.93 -5.07
N VAL B 21 -9.43 -15.46 -5.08
CA VAL B 21 -9.85 -16.46 -6.06
C VAL B 21 -9.56 -16.01 -7.50
N ASP B 22 -9.53 -14.70 -7.71
CA ASP B 22 -9.27 -14.17 -9.05
C ASP B 22 -8.70 -12.75 -8.98
N ALA B 23 -8.37 -12.20 -10.15
CA ALA B 23 -7.80 -10.86 -10.22
C ALA B 23 -8.77 -9.82 -9.67
N ALA B 24 -10.04 -9.95 -10.03
CA ALA B 24 -11.06 -9.02 -9.55
C ALA B 24 -11.15 -9.09 -8.04
N THR B 25 -11.36 -10.29 -7.51
CA THR B 25 -11.43 -10.49 -6.08
C THR B 25 -10.20 -9.89 -5.43
N ALA B 26 -9.04 -10.17 -6.00
CA ALA B 26 -7.80 -9.61 -5.51
C ALA B 26 -7.87 -8.10 -5.57
N GLU B 27 -8.17 -7.58 -6.76
CA GLU B 27 -8.31 -6.15 -6.98
C GLU B 27 -9.20 -5.54 -5.91
N LYS B 28 -10.37 -6.14 -5.70
CA LYS B 28 -11.31 -5.66 -4.69
C LYS B 28 -10.68 -5.74 -3.31
N VAL B 29 -10.00 -6.85 -3.03
CA VAL B 29 -9.34 -7.03 -1.75
C VAL B 29 -8.38 -5.89 -1.50
N VAL B 30 -7.69 -5.47 -2.56
CA VAL B 30 -6.77 -4.35 -2.48
C VAL B 30 -7.53 -3.08 -2.17
N LYS B 31 -8.60 -2.82 -2.92
CA LYS B 31 -9.41 -1.64 -2.70
C LYS B 31 -9.84 -1.55 -1.25
N GLN B 32 -10.26 -2.68 -0.69
CA GLN B 32 -10.69 -2.72 0.70
C GLN B 32 -9.49 -2.38 1.59
N PHE B 33 -8.34 -2.89 1.19
CA PHE B 33 -7.09 -2.66 1.91
C PHE B 33 -6.85 -1.16 2.09
N PHE B 34 -6.75 -0.45 0.98
CA PHE B 34 -6.53 1.00 0.99
C PHE B 34 -7.76 1.73 1.51
N ASN B 35 -8.93 1.24 1.12
CA ASN B 35 -10.19 1.83 1.57
C ASN B 35 -10.18 1.97 3.09
N ASP B 36 -9.63 0.95 3.74
CA ASP B 36 -9.55 0.93 5.19
C ASP B 36 -8.22 1.47 5.72
N ASN B 37 -7.17 1.44 4.89
CA ASN B 37 -5.88 1.96 5.32
C ASN B 37 -5.86 3.48 5.21
N GLY B 38 -6.36 3.96 4.07
CA GLY B 38 -6.43 5.39 3.78
C GLY B 38 -6.06 6.31 4.92
N VAL B 39 -7.03 7.10 5.38
CA VAL B 39 -6.79 8.09 6.43
C VAL B 39 -7.42 7.75 7.78
N ASP B 40 -8.04 6.59 7.90
CA ASP B 40 -8.67 6.22 9.18
C ASP B 40 -8.16 4.87 9.69
N GLY B 41 -7.10 4.35 9.09
CA GLY B 41 -6.57 3.06 9.50
C GLY B 41 -5.73 3.13 10.76
N GLU B 42 -5.40 1.96 11.31
CA GLU B 42 -4.58 1.86 12.52
C GLU B 42 -3.11 1.70 12.15
N TRP B 43 -2.37 2.80 12.19
CA TRP B 43 -0.96 2.79 11.82
C TRP B 43 -0.03 2.73 13.03
N THR B 44 0.80 1.69 13.07
CA THR B 44 1.78 1.53 14.14
C THR B 44 3.18 1.75 13.58
N TYR B 45 4.02 2.47 14.32
CA TYR B 45 5.38 2.75 13.87
C TYR B 45 6.43 2.04 14.72
N ASP B 46 7.51 1.60 14.08
CA ASP B 46 8.59 0.91 14.77
C ASP B 46 9.92 1.63 14.53
N ASP B 47 10.18 2.67 15.32
CA ASP B 47 11.41 3.45 15.18
C ASP B 47 12.63 2.55 15.08
N ALA B 48 12.61 1.43 15.79
CA ALA B 48 13.72 0.49 15.80
C ALA B 48 14.18 0.13 14.39
N THR B 49 13.26 0.12 13.44
CA THR B 49 13.60 -0.21 12.05
C THR B 49 13.10 0.85 11.08
N LYS B 50 12.72 2.02 11.59
CA LYS B 50 12.22 3.10 10.75
C LYS B 50 11.16 2.58 9.77
N THR B 51 10.36 1.63 10.24
CA THR B 51 9.32 1.04 9.41
C THR B 51 7.94 1.18 10.05
N PHE B 52 6.95 1.45 9.22
CA PHE B 52 5.57 1.60 9.68
C PHE B 52 4.72 0.41 9.24
N THR B 53 3.81 -0.03 10.11
CA THR B 53 2.94 -1.15 9.79
C THR B 53 1.48 -0.72 9.77
N VAL B 54 0.83 -0.96 8.64
CA VAL B 54 -0.58 -0.62 8.47
C VAL B 54 -1.42 -1.87 8.67
N THR B 55 -1.91 -2.07 9.88
CA THR B 55 -2.71 -3.25 10.19
C THR B 55 -4.19 -3.03 9.85
N GLU B 56 -4.63 -3.70 8.79
CA GLU B 56 -6.02 -3.59 8.35
C GLU B 56 -6.99 -3.81 9.51
N MET A 1 16.15 11.28 3.34
CA MET A 1 15.98 10.12 4.26
C MET A 1 14.84 9.23 3.79
N GLN A 2 15.08 7.93 3.76
CA GLN A 2 14.07 6.97 3.32
C GLN A 2 13.57 6.11 4.47
N TYR A 3 12.30 5.71 4.39
CA TYR A 3 11.71 4.87 5.41
C TYR A 3 10.99 3.68 4.79
N LYS A 4 10.95 2.58 5.52
CA LYS A 4 10.30 1.35 5.04
C LYS A 4 8.89 1.22 5.63
N VAL A 5 7.89 1.42 4.78
CA VAL A 5 6.51 1.31 5.23
C VAL A 5 5.95 -0.08 4.91
N ILE A 6 5.39 -0.74 5.93
CA ILE A 6 4.84 -2.07 5.77
C ILE A 6 3.32 -2.06 5.83
N LEU A 7 2.69 -2.66 4.82
CA LEU A 7 1.24 -2.71 4.75
C LEU A 7 0.73 -4.13 5.06
N ASN A 8 0.37 -4.36 6.31
CA ASN A 8 -0.10 -5.68 6.74
C ASN A 8 -1.62 -5.72 6.91
N GLY A 9 -2.30 -6.40 6.00
CA GLY A 9 -3.75 -6.50 6.09
C GLY A 9 -4.20 -7.93 6.35
N LYS A 10 -5.51 -8.16 6.24
CA LYS A 10 -6.06 -9.49 6.46
C LYS A 10 -5.82 -10.38 5.25
N THR A 11 -6.31 -9.93 4.09
CA THR A 11 -6.17 -10.67 2.85
C THR A 11 -5.10 -10.05 1.96
N LEU A 12 -4.42 -9.02 2.47
CA LEU A 12 -3.38 -8.35 1.71
C LEU A 12 -2.17 -8.05 2.58
N LYS A 13 -0.99 -8.29 2.01
CA LYS A 13 0.26 -8.05 2.71
C LYS A 13 1.34 -7.57 1.75
N GLY A 14 2.22 -6.69 2.22
CA GLY A 14 3.27 -6.17 1.35
C GLY A 14 4.18 -5.19 2.05
N GLU A 15 5.02 -4.52 1.26
CA GLU A 15 5.95 -3.54 1.79
C GLU A 15 6.10 -2.37 0.82
N THR A 16 6.45 -1.21 1.36
CA THR A 16 6.63 0.00 0.56
C THR A 16 7.65 0.94 1.19
N THR A 17 8.06 1.96 0.44
CA THR A 17 9.07 2.91 0.94
C THR A 17 8.80 4.34 0.48
N THR A 18 8.63 5.25 1.44
CA THR A 18 8.39 6.66 1.17
C THR A 18 9.63 7.48 1.52
N GLU A 19 9.92 8.50 0.71
CA GLU A 19 11.09 9.35 0.96
C GLU A 19 10.65 10.68 1.57
N ALA A 20 11.06 10.94 2.81
CA ALA A 20 10.69 12.18 3.47
C ALA A 20 11.77 12.66 4.44
N VAL A 21 11.83 13.97 4.63
CA VAL A 21 12.82 14.60 5.51
C VAL A 21 12.86 13.93 6.89
N ASP A 22 11.74 13.34 7.29
CA ASP A 22 11.68 12.66 8.59
C ASP A 22 10.55 11.63 8.62
N ALA A 23 10.47 10.89 9.73
CA ALA A 23 9.45 9.86 9.89
C ALA A 23 8.05 10.42 9.73
N ALA A 24 7.80 11.59 10.32
CA ALA A 24 6.49 12.22 10.23
C ALA A 24 6.18 12.54 8.77
N THR A 25 7.07 13.31 8.15
CA THR A 25 6.89 13.66 6.75
C THR A 25 6.63 12.40 5.94
N ALA A 26 7.43 11.37 6.20
CA ALA A 26 7.27 10.09 5.53
C ALA A 26 5.88 9.54 5.84
N GLU A 27 5.56 9.48 7.14
CA GLU A 27 4.25 9.01 7.57
C GLU A 27 3.13 9.76 6.87
N LYS A 28 3.23 11.09 6.86
CA LYS A 28 2.23 11.93 6.22
C LYS A 28 2.13 11.60 4.74
N VAL A 29 3.29 11.42 4.11
CA VAL A 29 3.33 11.10 2.69
C VAL A 29 2.53 9.84 2.43
N VAL A 30 2.63 8.88 3.34
CA VAL A 30 1.91 7.64 3.22
C VAL A 30 0.41 7.91 3.30
N LYS A 31 -0.01 8.68 4.32
CA LYS A 31 -1.42 9.03 4.48
C LYS A 31 -1.99 9.55 3.17
N GLN A 32 -1.24 10.43 2.52
CA GLN A 32 -1.68 10.99 1.24
C GLN A 32 -1.70 9.88 0.19
N PHE A 33 -0.70 9.01 0.25
CA PHE A 33 -0.59 7.88 -0.66
C PHE A 33 -1.88 7.06 -0.67
N PHE A 34 -2.24 6.55 0.49
CA PHE A 34 -3.45 5.74 0.65
C PHE A 34 -4.70 6.61 0.54
N ASN A 35 -4.65 7.80 1.10
CA ASN A 35 -5.77 8.73 1.03
C ASN A 35 -6.23 8.88 -0.43
N ASP A 36 -5.23 8.91 -1.32
CA ASP A 36 -5.49 9.06 -2.76
C ASP A 36 -5.57 7.72 -3.49
N ASN A 37 -4.94 6.68 -2.97
CA ASN A 37 -5.00 5.36 -3.60
C ASN A 37 -6.32 4.69 -3.27
N GLY A 38 -6.67 4.77 -1.99
CA GLY A 38 -7.91 4.20 -1.47
C GLY A 38 -8.83 3.57 -2.51
N VAL A 39 -10.03 4.15 -2.62
CA VAL A 39 -11.05 3.61 -3.51
C VAL A 39 -10.95 4.04 -4.98
N ASP A 40 -10.92 5.33 -5.25
CA ASP A 40 -10.88 5.80 -6.64
C ASP A 40 -9.45 6.01 -7.17
N GLY A 41 -8.50 5.28 -6.63
CA GLY A 41 -7.12 5.42 -7.09
C GLY A 41 -6.95 4.97 -8.53
N GLU A 42 -6.09 5.67 -9.27
CA GLU A 42 -5.83 5.32 -10.67
C GLU A 42 -4.99 4.06 -10.75
N TRP A 43 -5.64 2.91 -10.83
CA TRP A 43 -4.95 1.62 -10.88
C TRP A 43 -4.96 1.00 -12.27
N THR A 44 -3.80 0.56 -12.73
CA THR A 44 -3.67 -0.11 -14.02
C THR A 44 -3.31 -1.57 -13.79
N TYR A 45 -3.86 -2.47 -14.60
CA TYR A 45 -3.60 -3.89 -14.44
C TYR A 45 -2.76 -4.45 -15.60
N ASP A 46 -1.84 -5.35 -15.28
CA ASP A 46 -0.99 -5.97 -16.29
C ASP A 46 -1.12 -7.49 -16.25
N ASP A 47 -2.15 -8.00 -16.93
CA ASP A 47 -2.39 -9.44 -16.98
C ASP A 47 -1.12 -10.21 -17.32
N ALA A 48 -0.30 -9.64 -18.19
CA ALA A 48 0.94 -10.27 -18.62
C ALA A 48 1.78 -10.72 -17.43
N THR A 49 1.71 -9.98 -16.32
CA THR A 49 2.48 -10.31 -15.13
C THR A 49 1.59 -10.53 -13.91
N LYS A 50 0.28 -10.64 -14.13
CA LYS A 50 -0.65 -10.85 -13.01
C LYS A 50 -0.40 -9.84 -11.91
N THR A 51 -0.02 -8.62 -12.28
CA THR A 51 0.27 -7.58 -11.30
C THR A 51 -0.54 -6.31 -11.55
N PHE A 52 -0.94 -5.66 -10.47
CA PHE A 52 -1.71 -4.42 -10.55
C PHE A 52 -0.85 -3.26 -10.08
N THR A 53 -1.01 -2.09 -10.68
CA THR A 53 -0.23 -0.92 -10.30
C THR A 53 -1.12 0.24 -9.88
N VAL A 54 -0.89 0.72 -8.67
CA VAL A 54 -1.64 1.85 -8.12
C VAL A 54 -0.78 3.10 -8.15
N THR A 55 -1.17 4.07 -8.98
CA THR A 55 -0.40 5.30 -9.10
C THR A 55 -1.13 6.47 -8.46
N GLU A 56 -0.49 7.08 -7.47
CA GLU A 56 -1.07 8.22 -6.76
C GLU A 56 -1.37 9.36 -7.73
N MET B 1 -5.43 -18.53 -5.14
CA MET B 1 -4.65 -17.79 -6.15
C MET B 1 -4.12 -16.48 -5.57
N GLN B 2 -2.85 -16.20 -5.81
CA GLN B 2 -2.23 -14.98 -5.29
C GLN B 2 -1.87 -14.03 -6.42
N TYR B 3 -1.92 -12.74 -6.12
CA TYR B 3 -1.60 -11.71 -7.10
C TYR B 3 -0.63 -10.70 -6.52
N LYS B 4 0.21 -10.13 -7.38
CA LYS B 4 1.20 -9.14 -6.96
C LYS B 4 0.71 -7.72 -7.22
N VAL B 5 0.36 -7.00 -6.16
CA VAL B 5 -0.11 -5.63 -6.28
C VAL B 5 1.03 -4.65 -6.08
N ILE B 6 1.20 -3.74 -7.02
CA ILE B 6 2.27 -2.75 -6.96
C ILE B 6 1.72 -1.34 -6.67
N LEU B 7 2.27 -0.70 -5.65
CA LEU B 7 1.83 0.64 -5.26
C LEU B 7 2.88 1.68 -5.66
N ASN B 8 2.68 2.29 -6.83
CA ASN B 8 3.62 3.30 -7.34
C ASN B 8 3.10 4.72 -7.16
N GLY B 9 3.69 5.46 -6.23
CA GLY B 9 3.27 6.83 -6.01
C GLY B 9 4.35 7.83 -6.37
N LYS B 10 4.13 9.09 -6.01
CA LYS B 10 5.10 10.14 -6.30
C LYS B 10 6.27 10.08 -5.32
N THR B 11 5.95 10.18 -4.03
CA THR B 11 6.95 10.14 -2.99
C THR B 11 6.95 8.79 -2.28
N LEU B 12 6.14 7.86 -2.76
CA LEU B 12 6.05 6.54 -2.15
C LEU B 12 6.01 5.46 -3.21
N LYS B 13 6.75 4.39 -2.97
CA LYS B 13 6.82 3.25 -3.89
C LYS B 13 6.96 1.95 -3.13
N GLY B 14 6.36 0.88 -3.64
CA GLY B 14 6.46 -0.41 -2.97
C GLY B 14 5.72 -1.51 -3.69
N GLU B 15 5.57 -2.64 -3.02
CA GLU B 15 4.88 -3.80 -3.59
C GLU B 15 4.09 -4.53 -2.52
N THR B 16 3.03 -5.21 -2.94
CA THR B 16 2.17 -5.95 -2.02
C THR B 16 1.53 -7.15 -2.72
N THR B 17 0.91 -8.03 -1.94
CA THR B 17 0.28 -9.23 -2.49
C THR B 17 -1.02 -9.61 -1.78
N THR B 18 -2.11 -9.65 -2.53
CA THR B 18 -3.43 -10.02 -1.99
C THR B 18 -3.81 -11.41 -2.49
N GLU B 19 -4.46 -12.19 -1.63
CA GLU B 19 -4.90 -13.54 -2.00
C GLU B 19 -6.39 -13.55 -2.28
N ALA B 20 -6.77 -13.85 -3.52
CA ALA B 20 -8.18 -13.88 -3.89
C ALA B 20 -8.46 -14.90 -4.99
N VAL B 21 -9.68 -15.43 -4.99
CA VAL B 21 -10.10 -16.44 -5.96
C VAL B 21 -9.80 -16.01 -7.40
N ASP B 22 -9.72 -14.70 -7.63
CA ASP B 22 -9.42 -14.19 -8.97
C ASP B 22 -8.87 -12.76 -8.91
N ALA B 23 -8.48 -12.23 -10.06
CA ALA B 23 -7.93 -10.89 -10.14
C ALA B 23 -8.90 -9.85 -9.59
N ALA B 24 -10.17 -9.99 -9.93
CA ALA B 24 -11.18 -9.04 -9.45
C ALA B 24 -11.26 -9.11 -7.93
N THR B 25 -11.50 -10.31 -7.40
CA THR B 25 -11.57 -10.49 -5.97
C THR B 25 -10.33 -9.90 -5.33
N ALA B 26 -9.17 -10.19 -5.92
CA ALA B 26 -7.92 -9.64 -5.43
C ALA B 26 -7.97 -8.14 -5.50
N GLU B 27 -8.32 -7.61 -6.67
CA GLU B 27 -8.43 -6.18 -6.87
C GLU B 27 -9.35 -5.56 -5.83
N LYS B 28 -10.52 -6.15 -5.65
CA LYS B 28 -11.50 -5.66 -4.68
C LYS B 28 -10.90 -5.68 -3.28
N VAL B 29 -10.20 -6.75 -2.96
CA VAL B 29 -9.56 -6.88 -1.65
C VAL B 29 -8.63 -5.71 -1.41
N VAL B 30 -7.93 -5.29 -2.46
CA VAL B 30 -7.02 -4.17 -2.37
C VAL B 30 -7.81 -2.90 -2.07
N LYS B 31 -8.89 -2.67 -2.84
CA LYS B 31 -9.72 -1.49 -2.62
C LYS B 31 -10.10 -1.36 -1.16
N GLN B 32 -10.50 -2.48 -0.56
CA GLN B 32 -10.87 -2.50 0.85
C GLN B 32 -9.64 -2.21 1.70
N PHE B 33 -8.51 -2.77 1.28
CA PHE B 33 -7.24 -2.59 1.96
C PHE B 33 -6.93 -1.10 2.14
N PHE B 34 -6.85 -0.40 1.01
CA PHE B 34 -6.57 1.04 1.02
C PHE B 34 -7.76 1.83 1.54
N ASN B 35 -8.97 1.41 1.16
CA ASN B 35 -10.18 2.07 1.63
C ASN B 35 -10.15 2.20 3.15
N ASP B 36 -9.63 1.16 3.80
CA ASP B 36 -9.54 1.11 5.26
C ASP B 36 -8.18 1.59 5.78
N ASN B 37 -7.13 1.48 4.97
CA ASN B 37 -5.81 1.95 5.40
C ASN B 37 -5.73 3.46 5.28
N GLY B 38 -6.21 3.95 4.14
CA GLY B 38 -6.23 5.37 3.82
C GLY B 38 -5.75 6.30 4.93
N VAL B 39 -6.66 7.14 5.40
CA VAL B 39 -6.33 8.15 6.41
C VAL B 39 -6.35 7.67 7.85
N ASP B 40 -7.46 7.10 8.31
CA ASP B 40 -7.56 6.68 9.71
C ASP B 40 -7.14 5.23 9.93
N GLY B 41 -6.27 4.71 9.09
CA GLY B 41 -5.82 3.34 9.25
C GLY B 41 -5.02 3.14 10.53
N GLU B 42 -5.19 1.98 11.15
CA GLU B 42 -4.47 1.66 12.39
C GLU B 42 -3.01 1.36 12.07
N TRP B 43 -2.17 2.39 12.14
CA TRP B 43 -0.75 2.23 11.83
C TRP B 43 0.12 2.28 13.08
N THR B 44 1.03 1.32 13.19
CA THR B 44 1.97 1.26 14.30
C THR B 44 3.37 1.53 13.78
N TYR B 45 4.18 2.25 14.55
CA TYR B 45 5.54 2.58 14.11
C TYR B 45 6.59 1.85 14.96
N ASP B 46 7.67 1.41 14.31
CA ASP B 46 8.74 0.71 14.99
C ASP B 46 10.07 1.42 14.76
N ASP B 47 10.34 2.45 15.56
CA ASP B 47 11.58 3.22 15.45
C ASP B 47 12.80 2.31 15.37
N ALA B 48 12.75 1.22 16.12
CA ALA B 48 13.86 0.26 16.15
C ALA B 48 14.29 -0.16 14.75
N THR B 49 13.34 -0.21 13.81
CA THR B 49 13.64 -0.60 12.44
C THR B 49 13.26 0.48 11.43
N LYS B 50 12.96 1.68 11.92
CA LYS B 50 12.58 2.78 11.03
C LYS B 50 11.49 2.33 10.05
N THR B 51 10.59 1.46 10.52
CA THR B 51 9.53 0.94 9.67
C THR B 51 8.15 1.16 10.29
N PHE B 52 7.17 1.44 9.43
CA PHE B 52 5.80 1.65 9.87
C PHE B 52 4.93 0.49 9.40
N THR B 53 3.95 0.10 10.20
CA THR B 53 3.06 -1.00 9.82
C THR B 53 1.61 -0.56 9.80
N VAL B 54 0.98 -0.78 8.65
CA VAL B 54 -0.43 -0.44 8.46
C VAL B 54 -1.27 -1.72 8.50
N THR B 55 -2.10 -1.85 9.53
CA THR B 55 -2.93 -3.04 9.66
C THR B 55 -4.39 -2.74 9.39
N GLU B 56 -4.94 -3.39 8.37
CA GLU B 56 -6.34 -3.21 8.00
C GLU B 56 -7.28 -3.51 9.16
N MET A 1 15.96 11.07 4.30
CA MET A 1 15.80 9.74 4.95
C MET A 1 14.76 8.89 4.25
N GLN A 2 15.08 7.62 4.05
CA GLN A 2 14.16 6.68 3.42
C GLN A 2 13.53 5.80 4.49
N TYR A 3 12.25 5.51 4.35
CA TYR A 3 11.54 4.69 5.32
C TYR A 3 10.88 3.49 4.68
N LYS A 4 10.83 2.39 5.42
CA LYS A 4 10.21 1.17 4.93
C LYS A 4 8.81 1.05 5.50
N VAL A 5 7.81 1.31 4.68
CA VAL A 5 6.43 1.24 5.12
C VAL A 5 5.83 -0.13 4.81
N ILE A 6 5.56 -0.88 5.87
CA ILE A 6 4.98 -2.21 5.75
C ILE A 6 3.46 -2.15 5.87
N LEU A 7 2.78 -2.76 4.91
CA LEU A 7 1.32 -2.78 4.92
C LEU A 7 0.81 -4.18 5.22
N ASN A 8 0.30 -4.39 6.43
CA ASN A 8 -0.19 -5.71 6.84
C ASN A 8 -1.72 -5.74 6.97
N GLY A 9 -2.37 -6.43 6.04
CA GLY A 9 -3.82 -6.54 6.10
C GLY A 9 -4.26 -7.96 6.37
N LYS A 10 -5.55 -8.20 6.25
CA LYS A 10 -6.10 -9.52 6.48
C LYS A 10 -5.84 -10.42 5.27
N THR A 11 -6.23 -9.92 4.09
CA THR A 11 -6.07 -10.66 2.86
C THR A 11 -4.97 -10.04 1.99
N LEU A 12 -4.29 -9.04 2.51
CA LEU A 12 -3.24 -8.38 1.76
C LEU A 12 -2.00 -8.10 2.62
N LYS A 13 -0.83 -8.35 2.04
CA LYS A 13 0.43 -8.12 2.72
C LYS A 13 1.47 -7.60 1.75
N GLY A 14 2.33 -6.70 2.20
CA GLY A 14 3.34 -6.15 1.32
C GLY A 14 4.31 -5.21 2.02
N GLU A 15 5.21 -4.62 1.24
CA GLU A 15 6.20 -3.69 1.76
C GLU A 15 6.39 -2.52 0.80
N THR A 16 6.45 -1.32 1.34
CA THR A 16 6.63 -0.12 0.52
C THR A 16 7.64 0.83 1.16
N THR A 17 8.09 1.84 0.40
CA THR A 17 9.08 2.78 0.91
C THR A 17 8.86 4.21 0.42
N THR A 18 8.67 5.12 1.39
CA THR A 18 8.47 6.54 1.09
C THR A 18 9.72 7.32 1.50
N GLU A 19 10.06 8.36 0.75
CA GLU A 19 11.23 9.18 1.07
C GLU A 19 10.79 10.52 1.65
N ALA A 20 11.17 10.77 2.91
CA ALA A 20 10.79 12.02 3.56
C ALA A 20 11.84 12.47 4.58
N VAL A 21 11.90 13.78 4.78
CA VAL A 21 12.86 14.38 5.71
C VAL A 21 12.84 13.72 7.08
N ASP A 22 11.65 13.35 7.54
CA ASP A 22 11.50 12.71 8.85
C ASP A 22 10.40 11.65 8.83
N ALA A 23 10.33 10.88 9.91
CA ALA A 23 9.33 9.82 10.02
C ALA A 23 7.92 10.39 9.91
N ALA A 24 7.69 11.53 10.55
CA ALA A 24 6.38 12.17 10.50
C ALA A 24 6.06 12.59 9.07
N THR A 25 6.95 13.37 8.46
CA THR A 25 6.76 13.78 7.09
C THR A 25 6.53 12.55 6.22
N ALA A 26 7.34 11.52 6.46
CA ALA A 26 7.20 10.27 5.73
C ALA A 26 5.81 9.69 6.00
N GLU A 27 5.47 9.56 7.29
CA GLU A 27 4.17 9.04 7.68
C GLU A 27 3.06 9.77 6.95
N LYS A 28 3.14 11.11 6.94
CA LYS A 28 2.15 11.93 6.26
C LYS A 28 2.17 11.64 4.77
N VAL A 29 3.37 11.57 4.20
CA VAL A 29 3.52 11.28 2.79
C VAL A 29 2.89 9.94 2.46
N VAL A 30 3.07 8.98 3.36
CA VAL A 30 2.49 7.67 3.18
C VAL A 30 0.98 7.75 3.30
N LYS A 31 0.50 8.40 4.36
CA LYS A 31 -0.94 8.57 4.55
C LYS A 31 -1.56 9.15 3.29
N GLN A 32 -0.88 10.15 2.73
CA GLN A 32 -1.36 10.77 1.50
C GLN A 32 -1.46 9.73 0.39
N PHE A 33 -0.52 8.81 0.41
CA PHE A 33 -0.47 7.71 -0.56
C PHE A 33 -1.80 6.96 -0.58
N PHE A 34 -2.13 6.35 0.56
CA PHE A 34 -3.38 5.60 0.70
C PHE A 34 -4.58 6.54 0.67
N ASN A 35 -4.43 7.69 1.30
CA ASN A 35 -5.48 8.71 1.32
C ASN A 35 -5.98 8.95 -0.11
N ASP A 36 -5.03 8.96 -1.04
CA ASP A 36 -5.30 9.18 -2.45
C ASP A 36 -5.48 7.89 -3.23
N ASN A 37 -4.91 6.78 -2.75
CA ASN A 37 -5.04 5.50 -3.45
C ASN A 37 -6.39 4.87 -3.15
N GLY A 38 -6.77 4.94 -1.87
CA GLY A 38 -8.03 4.40 -1.39
C GLY A 38 -8.98 3.89 -2.46
N VAL A 39 -10.13 4.55 -2.59
CA VAL A 39 -11.17 4.12 -3.50
C VAL A 39 -11.03 4.63 -4.94
N ASP A 40 -10.94 5.94 -5.15
CA ASP A 40 -10.88 6.49 -6.51
C ASP A 40 -9.47 6.57 -7.09
N GLY A 41 -8.55 5.74 -6.60
CA GLY A 41 -7.21 5.77 -7.14
C GLY A 41 -7.15 5.21 -8.55
N GLU A 42 -6.06 5.45 -9.27
CA GLU A 42 -5.92 4.95 -10.64
C GLU A 42 -5.31 3.55 -10.64
N TRP A 43 -6.17 2.53 -10.65
CA TRP A 43 -5.71 1.14 -10.63
C TRP A 43 -5.59 0.54 -12.02
N THR A 44 -4.36 0.23 -12.42
CA THR A 44 -4.11 -0.40 -13.71
C THR A 44 -3.68 -1.86 -13.48
N TYR A 45 -4.19 -2.76 -14.30
CA TYR A 45 -3.86 -4.17 -14.15
C TYR A 45 -3.05 -4.70 -15.32
N ASP A 46 -2.12 -5.61 -15.03
CA ASP A 46 -1.26 -6.21 -16.05
C ASP A 46 -1.39 -7.73 -16.02
N ASP A 47 -2.41 -8.25 -16.70
CA ASP A 47 -2.66 -9.69 -16.75
C ASP A 47 -1.39 -10.47 -17.04
N ALA A 48 -0.51 -9.90 -17.85
CA ALA A 48 0.74 -10.54 -18.23
C ALA A 48 1.52 -11.05 -17.02
N THR A 49 1.44 -10.32 -15.91
CA THR A 49 2.14 -10.72 -14.69
C THR A 49 1.22 -10.78 -13.48
N LYS A 50 -0.10 -10.75 -13.72
CA LYS A 50 -1.05 -10.80 -12.61
C LYS A 50 -0.72 -9.72 -11.58
N THR A 51 -0.14 -8.62 -12.04
CA THR A 51 0.25 -7.53 -11.16
C THR A 51 -0.57 -6.27 -11.41
N PHE A 52 -0.78 -5.50 -10.34
CA PHE A 52 -1.54 -4.25 -10.41
C PHE A 52 -0.67 -3.07 -9.99
N THR A 53 -0.78 -1.96 -10.70
CA THR A 53 -0.01 -0.77 -10.37
C THR A 53 -0.93 0.37 -9.93
N VAL A 54 -0.68 0.89 -8.73
CA VAL A 54 -1.48 1.98 -8.19
C VAL A 54 -0.69 3.29 -8.23
N THR A 55 -1.06 4.17 -9.14
CA THR A 55 -0.39 5.45 -9.29
C THR A 55 -1.19 6.56 -8.62
N GLU A 56 -0.61 7.18 -7.58
CA GLU A 56 -1.32 8.24 -6.88
C GLU A 56 -1.46 9.48 -7.76
N MET B 1 -5.53 -18.13 -6.04
CA MET B 1 -4.52 -17.39 -6.83
C MET B 1 -3.95 -16.20 -6.05
N GLN B 2 -2.63 -16.05 -6.13
CA GLN B 2 -1.96 -14.94 -5.46
C GLN B 2 -1.61 -13.86 -6.48
N TYR B 3 -1.77 -12.61 -6.09
CA TYR B 3 -1.47 -11.51 -7.00
C TYR B 3 -0.46 -10.54 -6.41
N LYS B 4 0.36 -9.97 -7.28
CA LYS B 4 1.37 -9.00 -6.86
C LYS B 4 0.86 -7.59 -7.12
N VAL B 5 0.46 -6.91 -6.05
CA VAL B 5 -0.05 -5.55 -6.18
C VAL B 5 1.06 -4.54 -5.96
N ILE B 6 1.40 -3.84 -7.03
CA ILE B 6 2.44 -2.82 -6.99
C ILE B 6 1.84 -1.44 -6.76
N LEU B 7 2.37 -0.72 -5.77
CA LEU B 7 1.88 0.62 -5.45
C LEU B 7 2.92 1.67 -5.84
N ASN B 8 2.66 2.39 -6.93
CA ASN B 8 3.60 3.40 -7.41
C ASN B 8 3.08 4.82 -7.19
N GLY B 9 3.68 5.54 -6.26
CA GLY B 9 3.26 6.91 -6.01
C GLY B 9 4.35 7.90 -6.38
N LYS B 10 4.14 9.16 -6.02
CA LYS B 10 5.11 10.18 -6.31
C LYS B 10 6.28 10.11 -5.35
N THR B 11 5.96 10.11 -4.05
CA THR B 11 6.97 10.04 -3.00
C THR B 11 6.98 8.68 -2.32
N LEU B 12 6.19 7.76 -2.83
CA LEU B 12 6.12 6.42 -2.24
C LEU B 12 6.10 5.33 -3.30
N LYS B 13 6.86 4.27 -3.04
CA LYS B 13 6.94 3.13 -3.95
C LYS B 13 7.05 1.84 -3.16
N GLY B 14 6.41 0.78 -3.65
CA GLY B 14 6.47 -0.49 -2.96
C GLY B 14 5.78 -1.62 -3.70
N GLU B 15 5.74 -2.79 -3.07
CA GLU B 15 5.11 -3.96 -3.64
C GLU B 15 4.33 -4.73 -2.58
N THR B 16 3.13 -5.17 -2.93
CA THR B 16 2.28 -5.91 -2.01
C THR B 16 1.63 -7.10 -2.70
N THR B 17 1.03 -8.01 -1.91
CA THR B 17 0.41 -9.20 -2.48
C THR B 17 -0.87 -9.63 -1.75
N THR B 18 -1.98 -9.65 -2.49
CA THR B 18 -3.28 -10.06 -1.97
C THR B 18 -3.64 -11.43 -2.52
N GLU B 19 -4.31 -12.25 -1.72
CA GLU B 19 -4.72 -13.58 -2.16
C GLU B 19 -6.22 -13.61 -2.42
N ALA B 20 -6.61 -13.86 -3.67
CA ALA B 20 -8.02 -13.89 -4.03
C ALA B 20 -8.29 -14.87 -5.17
N VAL B 21 -9.51 -15.39 -5.19
CA VAL B 21 -9.94 -16.36 -6.20
C VAL B 21 -9.65 -15.88 -7.62
N ASP B 22 -9.83 -14.58 -7.85
CA ASP B 22 -9.57 -14.01 -9.17
C ASP B 22 -9.00 -12.61 -9.07
N ALA B 23 -8.56 -12.07 -10.21
CA ALA B 23 -7.98 -10.74 -10.25
C ALA B 23 -8.95 -9.70 -9.74
N ALA B 24 -10.21 -9.83 -10.13
CA ALA B 24 -11.24 -8.89 -9.70
C ALA B 24 -11.40 -8.97 -8.19
N THR B 25 -11.67 -10.17 -7.68
CA THR B 25 -11.81 -10.37 -6.25
C THR B 25 -10.57 -9.82 -5.55
N ALA B 26 -9.41 -10.12 -6.12
CA ALA B 26 -8.16 -9.62 -5.58
C ALA B 26 -8.17 -8.10 -5.61
N GLU B 27 -8.45 -7.54 -6.79
CA GLU B 27 -8.51 -6.10 -6.96
C GLU B 27 -9.41 -5.48 -5.89
N LYS B 28 -10.58 -6.06 -5.70
CA LYS B 28 -11.52 -5.58 -4.70
C LYS B 28 -10.92 -5.71 -3.32
N VAL B 29 -10.32 -6.87 -3.05
CA VAL B 29 -9.69 -7.11 -1.76
C VAL B 29 -8.60 -6.06 -1.51
N VAL B 30 -7.87 -5.73 -2.56
CA VAL B 30 -6.82 -4.72 -2.46
C VAL B 30 -7.47 -3.36 -2.22
N LYS B 31 -8.46 -3.01 -3.04
CA LYS B 31 -9.15 -1.74 -2.87
C LYS B 31 -9.62 -1.59 -1.43
N GLN B 32 -10.16 -2.67 -0.88
CA GLN B 32 -10.63 -2.66 0.49
C GLN B 32 -9.46 -2.33 1.42
N PHE B 33 -8.29 -2.84 1.05
CA PHE B 33 -7.07 -2.62 1.82
C PHE B 33 -6.84 -1.11 2.01
N PHE B 34 -6.65 -0.41 0.91
CA PHE B 34 -6.43 1.05 0.93
C PHE B 34 -7.69 1.76 1.38
N ASN B 35 -8.83 1.28 0.91
CA ASN B 35 -10.12 1.85 1.28
C ASN B 35 -10.20 2.00 2.81
N ASP B 36 -9.67 0.99 3.48
CA ASP B 36 -9.66 0.94 4.94
C ASP B 36 -8.35 1.48 5.54
N ASN B 37 -7.26 1.45 4.78
CA ASN B 37 -5.99 1.96 5.29
C ASN B 37 -5.95 3.48 5.20
N GLY B 38 -6.42 3.98 4.07
CA GLY B 38 -6.47 5.42 3.80
C GLY B 38 -6.10 6.32 4.97
N VAL B 39 -7.07 7.09 5.44
CA VAL B 39 -6.84 8.07 6.51
C VAL B 39 -6.93 7.52 7.94
N ASP B 40 -8.04 6.91 8.31
CA ASP B 40 -8.21 6.43 9.69
C ASP B 40 -7.68 5.03 9.94
N GLY B 41 -6.71 4.59 9.15
CA GLY B 41 -6.15 3.27 9.36
C GLY B 41 -5.31 3.22 10.63
N GLU B 42 -4.98 2.03 11.10
CA GLU B 42 -4.17 1.89 12.31
C GLU B 42 -2.69 1.87 11.97
N TRP B 43 -2.05 3.04 12.02
CA TRP B 43 -0.64 3.15 11.68
C TRP B 43 0.27 3.06 12.91
N THR B 44 1.06 2.00 12.97
CA THR B 44 2.01 1.82 14.06
C THR B 44 3.43 2.02 13.53
N TYR B 45 4.27 2.70 14.28
CA TYR B 45 5.64 2.98 13.85
C TYR B 45 6.67 2.25 14.72
N ASP B 46 7.75 1.80 14.09
CA ASP B 46 8.81 1.09 14.80
C ASP B 46 10.15 1.80 14.57
N ASP B 47 10.42 2.83 15.37
CA ASP B 47 11.66 3.60 15.25
C ASP B 47 12.89 2.69 15.12
N ALA B 48 12.84 1.55 15.81
CA ALA B 48 13.94 0.59 15.79
C ALA B 48 14.40 0.26 14.37
N THR B 49 13.47 0.24 13.42
CA THR B 49 13.80 -0.08 12.03
C THR B 49 13.26 0.97 11.07
N LYS B 50 12.84 2.12 11.59
CA LYS B 50 12.29 3.18 10.75
C LYS B 50 11.21 2.63 9.84
N THR B 51 10.50 1.61 10.33
CA THR B 51 9.45 0.95 9.55
C THR B 51 8.07 1.20 10.16
N PHE B 52 7.06 1.24 9.30
CA PHE B 52 5.68 1.45 9.73
C PHE B 52 4.81 0.27 9.30
N THR B 53 3.91 -0.16 10.18
CA THR B 53 3.02 -1.27 9.86
C THR B 53 1.57 -0.81 9.82
N VAL B 54 0.92 -1.04 8.69
CA VAL B 54 -0.47 -0.66 8.51
C VAL B 54 -1.38 -1.88 8.57
N THR B 55 -2.12 -2.02 9.67
CA THR B 55 -3.02 -3.15 9.86
C THR B 55 -4.45 -2.73 9.56
N GLU B 56 -5.05 -3.34 8.53
CA GLU B 56 -6.43 -3.00 8.16
C GLU B 56 -7.41 -3.48 9.23
N MET A 1 15.72 11.16 4.28
CA MET A 1 15.67 9.81 4.88
C MET A 1 14.61 8.94 4.21
N GLN A 2 14.96 7.68 3.99
CA GLN A 2 14.05 6.74 3.36
C GLN A 2 13.41 5.85 4.43
N TYR A 3 12.12 5.58 4.27
CA TYR A 3 11.41 4.75 5.24
C TYR A 3 10.81 3.52 4.58
N LYS A 4 10.84 2.41 5.30
CA LYS A 4 10.29 1.15 4.81
C LYS A 4 8.89 0.95 5.40
N VAL A 5 7.88 1.18 4.59
CA VAL A 5 6.50 1.04 5.05
C VAL A 5 5.94 -0.34 4.73
N ILE A 6 5.49 -1.02 5.78
CA ILE A 6 4.91 -2.35 5.64
C ILE A 6 3.39 -2.27 5.73
N LEU A 7 2.72 -2.79 4.71
CA LEU A 7 1.27 -2.80 4.67
C LEU A 7 0.75 -4.19 5.02
N ASN A 8 0.63 -4.46 6.31
CA ASN A 8 0.18 -5.76 6.79
C ASN A 8 -1.32 -5.80 6.99
N GLY A 9 -2.01 -6.51 6.09
CA GLY A 9 -3.46 -6.61 6.18
C GLY A 9 -3.93 -8.04 6.39
N LYS A 10 -5.23 -8.25 6.23
CA LYS A 10 -5.81 -9.57 6.39
C LYS A 10 -5.63 -10.38 5.12
N THR A 11 -6.17 -9.85 4.02
CA THR A 11 -6.08 -10.50 2.73
C THR A 11 -4.97 -9.89 1.88
N LEU A 12 -4.28 -8.89 2.44
CA LEU A 12 -3.22 -8.23 1.71
C LEU A 12 -2.01 -7.95 2.60
N LYS A 13 -0.82 -8.18 2.05
CA LYS A 13 0.42 -7.96 2.77
C LYS A 13 1.48 -7.48 1.79
N GLY A 14 2.40 -6.62 2.23
CA GLY A 14 3.42 -6.14 1.32
C GLY A 14 4.50 -5.29 1.98
N GLU A 15 5.36 -4.74 1.13
CA GLU A 15 6.46 -3.90 1.57
C GLU A 15 6.60 -2.69 0.65
N THR A 16 6.61 -1.50 1.23
CA THR A 16 6.73 -0.26 0.46
C THR A 16 7.74 0.69 1.08
N THR A 17 8.13 1.73 0.34
CA THR A 17 9.12 2.69 0.83
C THR A 17 8.83 4.13 0.39
N THR A 18 8.60 5.00 1.37
CA THR A 18 8.35 6.41 1.12
C THR A 18 9.57 7.26 1.55
N GLU A 19 9.85 8.32 0.81
CA GLU A 19 10.98 9.20 1.12
C GLU A 19 10.49 10.48 1.77
N ALA A 20 10.87 10.71 3.03
CA ALA A 20 10.44 11.91 3.74
C ALA A 20 11.51 12.38 4.74
N VAL A 21 11.56 13.70 4.95
CA VAL A 21 12.53 14.31 5.84
C VAL A 21 12.53 13.64 7.23
N ASP A 22 11.39 13.09 7.62
CA ASP A 22 11.29 12.42 8.92
C ASP A 22 10.19 11.37 8.91
N ALA A 23 10.08 10.63 10.02
CA ALA A 23 9.06 9.58 10.13
C ALA A 23 7.66 10.14 9.99
N ALA A 24 7.41 11.27 10.63
CA ALA A 24 6.10 11.90 10.54
C ALA A 24 5.80 12.31 9.11
N THR A 25 6.69 13.09 8.52
CA THR A 25 6.54 13.50 7.14
C THR A 25 6.28 12.28 6.28
N ALA A 26 7.06 11.24 6.50
CA ALA A 26 6.88 9.99 5.78
C ALA A 26 5.49 9.45 6.04
N GLU A 27 5.14 9.33 7.32
CA GLU A 27 3.83 8.84 7.70
C GLU A 27 2.73 9.64 7.01
N LYS A 28 2.88 10.96 7.02
CA LYS A 28 1.92 11.85 6.39
C LYS A 28 1.91 11.63 4.88
N VAL A 29 3.11 11.60 4.29
CA VAL A 29 3.23 11.38 2.86
C VAL A 29 2.55 10.07 2.46
N VAL A 30 2.75 9.05 3.29
CA VAL A 30 2.13 7.76 3.04
C VAL A 30 0.62 7.90 3.14
N LYS A 31 0.14 8.57 4.18
CA LYS A 31 -1.29 8.79 4.36
C LYS A 31 -1.90 9.34 3.08
N GLN A 32 -1.21 10.31 2.49
CA GLN A 32 -1.67 10.91 1.24
C GLN A 32 -1.75 9.82 0.17
N PHE A 33 -0.81 8.89 0.23
CA PHE A 33 -0.75 7.78 -0.71
C PHE A 33 -2.08 7.02 -0.72
N PHE A 34 -2.43 6.47 0.44
CA PHE A 34 -3.68 5.72 0.59
C PHE A 34 -4.88 6.66 0.50
N ASN A 35 -4.73 7.84 1.09
CA ASN A 35 -5.78 8.84 1.05
C ASN A 35 -6.25 9.04 -0.38
N ASP A 36 -5.29 9.02 -1.29
CA ASP A 36 -5.56 9.20 -2.72
C ASP A 36 -5.72 7.87 -3.46
N ASN A 37 -5.15 6.79 -2.91
CA ASN A 37 -5.28 5.48 -3.56
C ASN A 37 -6.64 4.87 -3.25
N GLY A 38 -6.99 4.94 -1.97
CA GLY A 38 -8.26 4.42 -1.47
C GLY A 38 -9.21 3.88 -2.52
N VAL A 39 -10.36 4.52 -2.64
CA VAL A 39 -11.41 4.09 -3.56
C VAL A 39 -11.56 4.96 -4.80
N ASP A 40 -10.73 5.98 -4.97
CA ASP A 40 -10.86 6.84 -6.14
C ASP A 40 -9.54 6.94 -6.92
N GLY A 41 -8.61 6.04 -6.65
CA GLY A 41 -7.33 6.07 -7.34
C GLY A 41 -7.37 5.39 -8.71
N GLU A 42 -6.27 5.50 -9.45
CA GLU A 42 -6.17 4.91 -10.78
C GLU A 42 -5.43 3.57 -10.70
N TRP A 43 -6.19 2.49 -10.73
CA TRP A 43 -5.61 1.14 -10.63
C TRP A 43 -5.42 0.49 -12.00
N THR A 44 -4.16 0.19 -12.32
CA THR A 44 -3.84 -0.47 -13.58
C THR A 44 -3.41 -1.92 -13.32
N TYR A 45 -3.90 -2.85 -14.13
CA TYR A 45 -3.57 -4.26 -13.96
C TYR A 45 -2.62 -4.77 -15.04
N ASP A 46 -1.73 -5.67 -14.66
CA ASP A 46 -0.77 -6.25 -15.59
C ASP A 46 -0.90 -7.77 -15.62
N ASP A 47 -1.87 -8.25 -16.38
CA ASP A 47 -2.12 -9.69 -16.49
C ASP A 47 -0.84 -10.48 -16.74
N ALA A 48 0.08 -9.90 -17.51
CA ALA A 48 1.34 -10.55 -17.84
C ALA A 48 2.05 -11.09 -16.60
N THR A 49 1.89 -10.40 -15.48
CA THR A 49 2.53 -10.82 -14.23
C THR A 49 1.51 -10.89 -13.09
N LYS A 50 0.22 -10.88 -13.42
CA LYS A 50 -0.82 -10.92 -12.40
C LYS A 50 -0.56 -9.86 -11.34
N THR A 51 0.03 -8.74 -11.78
CA THR A 51 0.38 -7.65 -10.87
C THR A 51 -0.53 -6.44 -11.04
N PHE A 52 -0.75 -5.73 -9.94
CA PHE A 52 -1.60 -4.54 -9.95
C PHE A 52 -0.78 -3.28 -9.63
N THR A 53 -0.74 -2.36 -10.58
CA THR A 53 0.00 -1.11 -10.38
C THR A 53 -0.94 0.04 -10.05
N VAL A 54 -0.69 0.68 -8.91
CA VAL A 54 -1.48 1.80 -8.46
C VAL A 54 -0.66 3.08 -8.58
N THR A 55 -0.97 3.90 -9.58
CA THR A 55 -0.22 5.12 -9.80
C THR A 55 -0.94 6.33 -9.20
N GLU A 56 -0.29 6.99 -8.24
CA GLU A 56 -0.85 8.16 -7.59
C GLU A 56 -1.20 9.24 -8.60
N MET B 1 -5.69 -17.96 -5.95
CA MET B 1 -4.61 -17.30 -6.73
C MET B 1 -4.04 -16.11 -5.97
N GLN B 2 -2.72 -15.96 -6.03
CA GLN B 2 -2.03 -14.87 -5.37
C GLN B 2 -1.68 -13.79 -6.38
N TYR B 3 -1.84 -12.54 -5.99
CA TYR B 3 -1.56 -11.42 -6.88
C TYR B 3 -0.49 -10.51 -6.29
N LYS B 4 0.37 -10.00 -7.17
CA LYS B 4 1.43 -9.09 -6.76
C LYS B 4 1.01 -7.65 -7.04
N VAL B 5 0.62 -6.92 -6.00
CA VAL B 5 0.17 -5.56 -6.17
C VAL B 5 1.30 -4.57 -5.95
N ILE B 6 1.54 -3.74 -6.95
CA ILE B 6 2.57 -2.72 -6.88
C ILE B 6 1.96 -1.35 -6.62
N LEU B 7 2.43 -0.70 -5.57
CA LEU B 7 1.94 0.62 -5.21
C LEU B 7 2.95 1.68 -5.64
N ASN B 8 2.86 2.09 -6.90
CA ASN B 8 3.79 3.07 -7.46
C ASN B 8 3.26 4.49 -7.31
N GLY B 9 3.86 5.25 -6.39
CA GLY B 9 3.44 6.62 -6.18
C GLY B 9 4.52 7.63 -6.50
N LYS B 10 4.31 8.87 -6.09
CA LYS B 10 5.28 9.93 -6.31
C LYS B 10 6.36 9.89 -5.24
N THR B 11 5.95 9.99 -3.99
CA THR B 11 6.85 9.98 -2.86
C THR B 11 6.86 8.61 -2.20
N LEU B 12 6.08 7.68 -2.73
CA LEU B 12 6.01 6.34 -2.18
C LEU B 12 5.97 5.28 -3.26
N LYS B 13 6.72 4.20 -3.04
CA LYS B 13 6.77 3.08 -3.97
C LYS B 13 6.92 1.78 -3.19
N GLY B 14 6.37 0.69 -3.70
CA GLY B 14 6.48 -0.56 -2.98
C GLY B 14 5.94 -1.77 -3.71
N GLU B 15 5.91 -2.90 -3.02
CA GLU B 15 5.43 -4.16 -3.56
C GLU B 15 4.59 -4.89 -2.52
N THR B 16 3.37 -5.26 -2.90
CA THR B 16 2.46 -5.95 -1.98
C THR B 16 1.80 -7.15 -2.68
N THR B 17 1.16 -8.01 -1.89
CA THR B 17 0.51 -9.21 -2.44
C THR B 17 -0.79 -9.57 -1.73
N THR B 18 -1.88 -9.56 -2.50
CA THR B 18 -3.21 -9.90 -1.97
C THR B 18 -3.64 -11.26 -2.54
N GLU B 19 -4.35 -12.04 -1.73
CA GLU B 19 -4.83 -13.36 -2.16
C GLU B 19 -6.32 -13.31 -2.46
N ALA B 20 -6.68 -13.54 -3.73
CA ALA B 20 -8.08 -13.52 -4.14
C ALA B 20 -8.36 -14.50 -5.27
N VAL B 21 -9.59 -15.02 -5.28
CA VAL B 21 -10.01 -16.01 -6.27
C VAL B 21 -9.72 -15.55 -7.70
N ASP B 22 -9.69 -14.23 -7.91
CA ASP B 22 -9.41 -13.69 -9.23
C ASP B 22 -8.83 -12.28 -9.14
N ALA B 23 -8.44 -11.73 -10.28
CA ALA B 23 -7.87 -10.40 -10.33
C ALA B 23 -8.83 -9.35 -9.80
N ALA B 24 -10.09 -9.46 -10.18
CA ALA B 24 -11.10 -8.51 -9.71
C ALA B 24 -11.24 -8.62 -8.21
N THR B 25 -11.51 -9.82 -7.72
CA THR B 25 -11.64 -10.05 -6.30
C THR B 25 -10.43 -9.47 -5.59
N ALA B 26 -9.24 -9.75 -6.14
CA ALA B 26 -8.01 -9.23 -5.59
C ALA B 26 -8.06 -7.70 -5.60
N GLU B 27 -8.36 -7.15 -6.78
CA GLU B 27 -8.46 -5.70 -6.93
C GLU B 27 -9.41 -5.12 -5.91
N LYS B 28 -10.56 -5.77 -5.74
CA LYS B 28 -11.56 -5.32 -4.79
C LYS B 28 -11.02 -5.47 -3.37
N VAL B 29 -10.45 -6.62 -3.07
CA VAL B 29 -9.89 -6.87 -1.75
C VAL B 29 -8.84 -5.81 -1.42
N VAL B 30 -8.04 -5.47 -2.41
CA VAL B 30 -7.01 -4.45 -2.23
C VAL B 30 -7.68 -3.11 -1.96
N LYS B 31 -8.70 -2.77 -2.76
CA LYS B 31 -9.44 -1.53 -2.58
C LYS B 31 -9.86 -1.38 -1.12
N GLN B 32 -10.37 -2.47 -0.56
CA GLN B 32 -10.80 -2.47 0.83
C GLN B 32 -9.60 -2.14 1.72
N PHE B 33 -8.44 -2.64 1.31
CA PHE B 33 -7.19 -2.40 2.03
C PHE B 33 -6.96 -0.90 2.22
N PHE B 34 -6.83 -0.19 1.11
CA PHE B 34 -6.62 1.25 1.12
C PHE B 34 -7.87 1.97 1.62
N ASN B 35 -9.02 1.47 1.20
CA ASN B 35 -10.29 2.03 1.63
C ASN B 35 -10.32 2.17 3.14
N ASP B 36 -9.76 1.16 3.80
CA ASP B 36 -9.69 1.13 5.26
C ASP B 36 -8.38 1.67 5.81
N ASN B 37 -7.32 1.66 4.99
CA ASN B 37 -6.02 2.17 5.44
C ASN B 37 -6.01 3.69 5.36
N GLY B 38 -6.49 4.18 4.21
CA GLY B 38 -6.55 5.60 3.93
C GLY B 38 -6.15 6.51 5.09
N VAL B 39 -7.12 7.31 5.55
CA VAL B 39 -6.87 8.29 6.60
C VAL B 39 -7.44 7.90 7.97
N ASP B 40 -8.05 6.73 8.09
CA ASP B 40 -8.61 6.34 9.39
C ASP B 40 -8.08 4.98 9.86
N GLY B 41 -6.99 4.52 9.25
CA GLY B 41 -6.41 3.24 9.64
C GLY B 41 -5.51 3.32 10.85
N GLU B 42 -5.07 2.17 11.35
CA GLU B 42 -4.19 2.11 12.51
C GLU B 42 -2.74 1.96 12.07
N TRP B 43 -2.00 3.06 12.09
CA TRP B 43 -0.61 3.06 11.67
C TRP B 43 0.37 2.92 12.84
N THR B 44 1.16 1.85 12.82
CA THR B 44 2.15 1.62 13.86
C THR B 44 3.56 1.81 13.30
N TYR B 45 4.41 2.51 14.04
CA TYR B 45 5.78 2.77 13.59
C TYR B 45 6.80 1.93 14.35
N ASP B 46 7.86 1.53 13.64
CA ASP B 46 8.92 0.73 14.23
C ASP B 46 10.27 1.43 14.05
N ASP B 47 10.55 2.38 14.94
CA ASP B 47 11.80 3.15 14.89
C ASP B 47 13.01 2.24 14.72
N ALA B 48 12.97 1.06 15.34
CA ALA B 48 14.07 0.12 15.28
C ALA B 48 14.54 -0.13 13.84
N THR B 49 13.59 -0.09 12.90
CA THR B 49 13.92 -0.31 11.50
C THR B 49 13.38 0.81 10.61
N LYS B 50 12.99 1.93 11.22
CA LYS B 50 12.45 3.06 10.47
C LYS B 50 11.33 2.57 9.55
N THR B 51 10.62 1.54 10.00
CA THR B 51 9.54 0.93 9.22
C THR B 51 8.17 1.28 9.78
N PHE B 52 7.18 1.37 8.87
CA PHE B 52 5.81 1.68 9.25
C PHE B 52 4.88 0.51 8.96
N THR B 53 4.27 -0.03 9.99
CA THR B 53 3.34 -1.15 9.83
C THR B 53 1.89 -0.68 9.90
N VAL B 54 1.14 -0.97 8.83
CA VAL B 54 -0.26 -0.63 8.76
C VAL B 54 -1.11 -1.88 8.87
N THR B 55 -1.73 -2.06 10.03
CA THR B 55 -2.55 -3.26 10.26
C THR B 55 -4.04 -2.97 10.03
N GLU B 56 -4.61 -3.67 9.07
CA GLU B 56 -6.03 -3.51 8.74
C GLU B 56 -6.90 -3.76 9.96
N MET A 1 16.14 11.08 4.48
CA MET A 1 15.92 9.74 5.09
C MET A 1 14.83 8.96 4.37
N GLN A 2 15.09 7.67 4.15
CA GLN A 2 14.12 6.81 3.50
C GLN A 2 13.41 5.95 4.54
N TYR A 3 12.10 5.76 4.37
CA TYR A 3 11.32 4.97 5.30
C TYR A 3 10.57 3.86 4.57
N LYS A 4 10.49 2.70 5.22
CA LYS A 4 9.80 1.55 4.63
C LYS A 4 8.51 1.27 5.39
N VAL A 5 7.38 1.50 4.73
CA VAL A 5 6.09 1.28 5.36
C VAL A 5 5.55 -0.12 5.03
N ILE A 6 5.24 -0.87 6.07
CA ILE A 6 4.71 -2.22 5.92
C ILE A 6 3.19 -2.21 5.96
N LEU A 7 2.58 -2.71 4.90
CA LEU A 7 1.13 -2.76 4.79
C LEU A 7 0.62 -4.17 5.07
N ASN A 8 0.46 -4.48 6.36
CA ASN A 8 -0.02 -5.80 6.78
C ASN A 8 -1.53 -5.85 6.94
N GLY A 9 -2.21 -6.51 6.00
CA GLY A 9 -3.64 -6.63 6.08
C GLY A 9 -4.08 -8.06 6.34
N LYS A 10 -5.38 -8.31 6.26
CA LYS A 10 -5.92 -9.64 6.49
C LYS A 10 -5.71 -10.51 5.26
N THR A 11 -6.20 -10.04 4.13
CA THR A 11 -6.08 -10.77 2.86
C THR A 11 -5.02 -10.14 1.97
N LEU A 12 -4.35 -9.11 2.48
CA LEU A 12 -3.34 -8.42 1.71
C LEU A 12 -2.11 -8.11 2.57
N LYS A 13 -0.94 -8.30 1.99
CA LYS A 13 0.32 -8.04 2.68
C LYS A 13 1.36 -7.49 1.71
N GLY A 14 2.21 -6.59 2.18
CA GLY A 14 3.23 -6.04 1.30
C GLY A 14 4.19 -5.11 2.01
N GLU A 15 5.11 -4.53 1.23
CA GLU A 15 6.09 -3.60 1.77
C GLU A 15 6.28 -2.42 0.83
N THR A 16 6.33 -1.22 1.39
CA THR A 16 6.51 -0.01 0.60
C THR A 16 7.56 0.90 1.22
N THR A 17 8.01 1.90 0.45
CA THR A 17 9.04 2.81 0.95
C THR A 17 8.84 4.25 0.46
N THR A 18 8.66 5.17 1.41
CA THR A 18 8.49 6.59 1.10
C THR A 18 9.76 7.34 1.52
N GLU A 19 10.11 8.38 0.77
CA GLU A 19 11.30 9.17 1.06
C GLU A 19 10.91 10.54 1.62
N ALA A 20 11.33 10.83 2.85
CA ALA A 20 11.01 12.10 3.47
C ALA A 20 12.10 12.55 4.45
N VAL A 21 12.22 13.87 4.60
CA VAL A 21 13.24 14.46 5.49
C VAL A 21 13.21 13.83 6.88
N ASP A 22 12.05 13.33 7.29
CA ASP A 22 11.91 12.70 8.59
C ASP A 22 10.79 11.68 8.61
N ALA A 23 10.65 10.97 9.72
CA ALA A 23 9.63 9.95 9.87
C ALA A 23 8.24 10.54 9.69
N ALA A 24 8.01 11.70 10.28
CA ALA A 24 6.72 12.36 10.16
C ALA A 24 6.43 12.70 8.71
N THR A 25 7.35 13.43 8.08
CA THR A 25 7.20 13.78 6.68
C THR A 25 6.93 12.53 5.87
N ALA A 26 7.69 11.47 6.14
CA ALA A 26 7.50 10.20 5.47
C ALA A 26 6.09 9.70 5.76
N GLU A 27 5.76 9.62 7.05
CA GLU A 27 4.44 9.18 7.48
C GLU A 27 3.33 9.95 6.74
N LYS A 28 3.45 11.27 6.72
CA LYS A 28 2.47 12.11 6.05
C LYS A 28 2.35 11.74 4.58
N VAL A 29 3.48 11.43 3.97
CA VAL A 29 3.49 11.04 2.55
C VAL A 29 2.60 9.84 2.31
N VAL A 30 2.62 8.90 3.24
CA VAL A 30 1.80 7.71 3.12
C VAL A 30 0.32 8.10 3.17
N LYS A 31 -0.04 8.92 4.15
CA LYS A 31 -1.42 9.39 4.30
C LYS A 31 -1.97 9.86 2.96
N GLN A 32 -1.15 10.59 2.21
CA GLN A 32 -1.56 11.08 0.91
C GLN A 32 -1.59 9.91 -0.08
N PHE A 33 -0.62 9.01 0.09
CA PHE A 33 -0.51 7.83 -0.76
C PHE A 33 -1.80 7.02 -0.75
N PHE A 34 -2.24 6.62 0.44
CA PHE A 34 -3.47 5.84 0.59
C PHE A 34 -4.69 6.71 0.39
N ASN A 35 -4.67 7.92 0.91
CA ASN A 35 -5.79 8.84 0.76
C ASN A 35 -6.20 8.92 -0.71
N ASP A 36 -5.20 8.88 -1.58
CA ASP A 36 -5.42 8.95 -3.02
C ASP A 36 -5.50 7.56 -3.67
N ASN A 37 -4.92 6.54 -3.03
CA ASN A 37 -4.99 5.20 -3.59
C ASN A 37 -6.34 4.58 -3.29
N GLY A 38 -6.75 4.72 -2.02
CA GLY A 38 -8.01 4.20 -1.53
C GLY A 38 -8.93 3.61 -2.59
N VAL A 39 -10.12 4.19 -2.70
CA VAL A 39 -11.13 3.67 -3.63
C VAL A 39 -11.42 4.59 -4.81
N ASP A 40 -10.70 5.69 -4.94
CA ASP A 40 -10.95 6.61 -6.06
C ASP A 40 -9.67 6.87 -6.87
N GLY A 41 -8.64 6.07 -6.64
CA GLY A 41 -7.39 6.25 -7.36
C GLY A 41 -7.39 5.62 -8.74
N GLU A 42 -6.31 5.83 -9.49
CA GLU A 42 -6.17 5.27 -10.83
C GLU A 42 -5.36 3.98 -10.78
N TRP A 43 -6.04 2.85 -10.83
CA TRP A 43 -5.38 1.55 -10.76
C TRP A 43 -5.18 0.92 -12.15
N THR A 44 -3.92 0.66 -12.49
CA THR A 44 -3.59 0.03 -13.76
C THR A 44 -3.25 -1.44 -13.53
N TYR A 45 -3.80 -2.31 -14.36
CA TYR A 45 -3.57 -3.75 -14.23
C TYR A 45 -2.63 -4.27 -15.31
N ASP A 46 -1.72 -5.17 -14.93
CA ASP A 46 -0.78 -5.75 -15.87
C ASP A 46 -0.88 -7.27 -15.87
N ASP A 47 -1.87 -7.78 -16.61
CA ASP A 47 -2.11 -9.22 -16.69
C ASP A 47 -0.81 -9.98 -16.98
N ALA A 48 0.06 -9.37 -17.78
CA ALA A 48 1.33 -9.99 -18.15
C ALA A 48 2.09 -10.51 -16.93
N THR A 49 1.92 -9.84 -15.79
CA THR A 49 2.60 -10.25 -14.57
C THR A 49 1.63 -10.44 -13.41
N LYS A 50 0.33 -10.51 -13.71
CA LYS A 50 -0.69 -10.69 -12.68
C LYS A 50 -0.48 -9.70 -11.54
N THR A 51 -0.09 -8.47 -11.90
CA THR A 51 0.17 -7.43 -10.93
C THR A 51 -0.71 -6.21 -11.15
N PHE A 52 -1.17 -5.60 -10.07
CA PHE A 52 -2.03 -4.42 -10.17
C PHE A 52 -1.31 -3.15 -9.73
N THR A 53 -0.77 -2.45 -10.70
CA THR A 53 -0.04 -1.20 -10.45
C THR A 53 -1.00 -0.04 -10.17
N VAL A 54 -0.73 0.66 -9.08
CA VAL A 54 -1.53 1.81 -8.68
C VAL A 54 -0.63 3.04 -8.59
N THR A 55 -1.02 4.12 -9.26
CA THR A 55 -0.22 5.33 -9.23
C THR A 55 -0.96 6.49 -8.58
N GLU A 56 -0.35 7.06 -7.56
CA GLU A 56 -0.94 8.19 -6.84
C GLU A 56 -1.17 9.37 -7.77
N MET B 1 -5.52 -18.27 -6.24
CA MET B 1 -4.51 -17.48 -6.99
C MET B 1 -4.01 -16.29 -6.17
N GLN B 2 -2.70 -16.06 -6.22
CA GLN B 2 -2.10 -14.94 -5.51
C GLN B 2 -1.80 -13.81 -6.48
N TYR B 3 -2.04 -12.58 -6.04
CA TYR B 3 -1.80 -11.41 -6.88
C TYR B 3 -0.88 -10.42 -6.19
N LYS B 4 0.00 -9.79 -6.97
CA LYS B 4 0.94 -8.82 -6.42
C LYS B 4 0.58 -7.42 -6.90
N VAL B 5 0.12 -6.58 -5.98
CA VAL B 5 -0.26 -5.22 -6.33
C VAL B 5 0.90 -4.26 -6.11
N ILE B 6 1.24 -3.51 -7.15
CA ILE B 6 2.32 -2.55 -7.09
C ILE B 6 1.78 -1.16 -6.78
N LEU B 7 2.27 -0.57 -5.70
CA LEU B 7 1.82 0.76 -5.28
C LEU B 7 2.87 1.80 -5.66
N ASN B 8 2.82 2.27 -6.91
CA ASN B 8 3.76 3.26 -7.40
C ASN B 8 3.25 4.69 -7.23
N GLY B 9 3.83 5.42 -6.28
CA GLY B 9 3.42 6.79 -6.04
C GLY B 9 4.51 7.77 -6.42
N LYS B 10 4.30 9.04 -6.08
CA LYS B 10 5.28 10.07 -6.38
C LYS B 10 6.43 10.03 -5.38
N THR B 11 6.09 10.12 -4.11
CA THR B 11 7.07 10.10 -3.03
C THR B 11 7.05 8.77 -2.31
N LEU B 12 6.24 7.83 -2.79
CA LEU B 12 6.13 6.52 -2.19
C LEU B 12 6.08 5.42 -3.24
N LYS B 13 6.80 4.34 -2.97
CA LYS B 13 6.83 3.19 -3.87
C LYS B 13 6.92 1.90 -3.08
N GLY B 14 6.29 0.85 -3.59
CA GLY B 14 6.32 -0.43 -2.90
C GLY B 14 5.66 -1.56 -3.65
N GLU B 15 5.61 -2.73 -3.02
CA GLU B 15 4.99 -3.90 -3.62
C GLU B 15 4.20 -4.67 -2.57
N THR B 16 2.99 -5.09 -2.94
CA THR B 16 2.12 -5.83 -2.04
C THR B 16 1.51 -7.05 -2.74
N THR B 17 0.94 -7.96 -1.95
CA THR B 17 0.35 -9.17 -2.51
C THR B 17 -0.92 -9.62 -1.78
N THR B 18 -2.03 -9.66 -2.51
CA THR B 18 -3.31 -10.09 -1.97
C THR B 18 -3.65 -11.47 -2.53
N GLU B 19 -4.31 -12.30 -1.73
CA GLU B 19 -4.69 -13.65 -2.17
C GLU B 19 -6.19 -13.74 -2.41
N ALA B 20 -6.58 -14.04 -3.64
CA ALA B 20 -8.00 -14.15 -3.98
C ALA B 20 -8.25 -15.17 -5.09
N VAL B 21 -9.44 -15.75 -5.07
CA VAL B 21 -9.83 -16.77 -6.06
C VAL B 21 -9.57 -16.29 -7.48
N ASP B 22 -9.61 -14.99 -7.70
CA ASP B 22 -9.38 -14.42 -9.02
C ASP B 22 -8.83 -13.00 -8.93
N ALA B 23 -8.48 -12.44 -10.09
CA ALA B 23 -7.94 -11.08 -10.15
C ALA B 23 -8.93 -10.07 -9.57
N ALA B 24 -10.19 -10.22 -9.92
CA ALA B 24 -11.22 -9.32 -9.41
C ALA B 24 -11.30 -9.41 -7.90
N THR B 25 -11.51 -10.62 -7.39
CA THR B 25 -11.56 -10.83 -5.95
C THR B 25 -10.33 -10.22 -5.30
N ALA B 26 -9.17 -10.47 -5.90
CA ALA B 26 -7.93 -9.91 -5.40
C ALA B 26 -8.02 -8.40 -5.44
N GLU B 27 -8.36 -7.86 -6.61
CA GLU B 27 -8.51 -6.43 -6.80
C GLU B 27 -9.42 -5.83 -5.73
N LYS B 28 -10.59 -6.44 -5.54
CA LYS B 28 -11.55 -5.97 -4.54
C LYS B 28 -10.92 -5.94 -3.16
N VAL B 29 -10.10 -6.94 -2.86
CA VAL B 29 -9.43 -7.03 -1.57
C VAL B 29 -8.59 -5.79 -1.31
N VAL B 30 -7.92 -5.30 -2.35
CA VAL B 30 -7.09 -4.12 -2.24
C VAL B 30 -7.98 -2.91 -1.89
N LYS B 31 -9.08 -2.76 -2.64
CA LYS B 31 -10.01 -1.66 -2.40
C LYS B 31 -10.32 -1.53 -0.91
N GLN B 32 -10.54 -2.67 -0.27
CA GLN B 32 -10.83 -2.69 1.16
C GLN B 32 -9.56 -2.37 1.93
N PHE B 33 -8.44 -2.86 1.42
CA PHE B 33 -7.14 -2.66 2.03
C PHE B 33 -6.86 -1.16 2.20
N PHE B 34 -6.90 -0.44 1.09
CA PHE B 34 -6.65 1.01 1.10
C PHE B 34 -7.82 1.77 1.70
N ASN B 35 -9.04 1.36 1.37
CA ASN B 35 -10.22 2.00 1.91
C ASN B 35 -10.11 2.12 3.43
N ASP B 36 -9.53 1.10 4.03
CA ASP B 36 -9.35 1.05 5.47
C ASP B 36 -7.97 1.55 5.90
N ASN B 37 -6.98 1.51 5.02
CA ASN B 37 -5.65 2.00 5.36
C ASN B 37 -5.63 3.53 5.28
N GLY B 38 -6.18 4.03 4.17
CA GLY B 38 -6.26 5.46 3.91
C GLY B 38 -5.80 6.36 5.05
N VAL B 39 -6.71 7.21 5.51
CA VAL B 39 -6.38 8.18 6.54
C VAL B 39 -7.06 7.92 7.89
N ASP B 40 -7.78 6.82 8.02
CA ASP B 40 -8.45 6.52 9.28
C ASP B 40 -8.07 5.13 9.81
N GLY B 41 -7.03 4.53 9.25
CA GLY B 41 -6.61 3.22 9.69
C GLY B 41 -5.73 3.25 10.92
N GLU B 42 -5.37 2.07 11.43
CA GLU B 42 -4.51 1.96 12.61
C GLU B 42 -3.07 1.72 12.19
N TRP B 43 -2.25 2.77 12.22
CA TRP B 43 -0.86 2.67 11.80
C TRP B 43 0.09 2.52 12.99
N THR B 44 0.84 1.43 13.00
CA THR B 44 1.81 1.18 14.06
C THR B 44 3.22 1.47 13.54
N TYR B 45 4.02 2.18 14.33
CA TYR B 45 5.37 2.53 13.92
C TYR B 45 6.41 1.70 14.68
N ASP B 46 7.46 1.28 13.97
CA ASP B 46 8.52 0.50 14.59
C ASP B 46 9.88 1.18 14.38
N ASP B 47 10.17 2.17 15.23
CA ASP B 47 11.42 2.92 15.14
C ASP B 47 12.62 1.98 15.01
N ALA B 48 12.55 0.84 15.68
CA ALA B 48 13.63 -0.14 15.66
C ALA B 48 14.10 -0.44 14.23
N THR B 49 13.17 -0.37 13.28
CA THR B 49 13.50 -0.65 11.88
C THR B 49 13.07 0.49 10.96
N LYS B 50 12.76 1.65 11.53
CA LYS B 50 12.35 2.80 10.74
C LYS B 50 11.25 2.39 9.75
N THR B 51 10.36 1.52 10.19
CA THR B 51 9.28 1.04 9.35
C THR B 51 7.91 1.34 9.96
N PHE B 52 6.95 1.69 9.11
CA PHE B 52 5.59 2.00 9.57
C PHE B 52 4.59 0.92 9.18
N THR B 53 4.37 0.01 10.10
CA THR B 53 3.42 -1.09 9.88
C THR B 53 1.98 -0.62 10.00
N VAL B 54 1.18 -0.96 9.01
CA VAL B 54 -0.23 -0.61 8.97
C VAL B 54 -1.06 -1.89 8.87
N THR B 55 -2.03 -2.05 9.76
CA THR B 55 -2.86 -3.24 9.75
C THR B 55 -4.31 -2.92 9.46
N GLU B 56 -4.86 -3.54 8.43
CA GLU B 56 -6.25 -3.32 8.04
C GLU B 56 -7.19 -3.71 9.16
N MET A 1 15.50 11.60 4.34
CA MET A 1 15.87 10.18 4.47
C MET A 1 14.76 9.27 3.92
N GLN A 2 15.05 7.98 3.79
CA GLN A 2 14.08 7.03 3.28
C GLN A 2 13.59 6.11 4.39
N TYR A 3 12.34 5.66 4.28
CA TYR A 3 11.76 4.77 5.28
C TYR A 3 11.03 3.61 4.60
N LYS A 4 10.97 2.47 5.30
CA LYS A 4 10.30 1.29 4.75
C LYS A 4 8.91 1.14 5.37
N VAL A 5 7.89 1.41 4.58
CA VAL A 5 6.52 1.30 5.04
C VAL A 5 5.93 -0.06 4.71
N ILE A 6 5.69 -0.85 5.75
CA ILE A 6 5.13 -2.18 5.61
C ILE A 6 3.62 -2.12 5.79
N LEU A 7 2.90 -2.75 4.87
CA LEU A 7 1.44 -2.77 4.90
C LEU A 7 0.94 -4.18 5.21
N ASN A 8 0.50 -4.40 6.45
CA ASN A 8 0.02 -5.71 6.87
C ASN A 8 -1.50 -5.74 7.04
N GLY A 9 -2.19 -6.42 6.13
CA GLY A 9 -3.63 -6.53 6.22
C GLY A 9 -4.08 -7.95 6.49
N LYS A 10 -5.38 -8.19 6.40
CA LYS A 10 -5.92 -9.53 6.62
C LYS A 10 -5.71 -10.40 5.38
N THR A 11 -6.17 -9.91 4.24
CA THR A 11 -6.05 -10.64 2.99
C THR A 11 -4.97 -10.03 2.10
N LEU A 12 -4.26 -9.03 2.63
CA LEU A 12 -3.22 -8.37 1.86
C LEU A 12 -1.99 -8.09 2.71
N LYS A 13 -0.82 -8.32 2.13
CA LYS A 13 0.44 -8.08 2.81
C LYS A 13 1.49 -7.58 1.82
N GLY A 14 2.38 -6.70 2.26
CA GLY A 14 3.40 -6.17 1.38
C GLY A 14 4.36 -5.23 2.05
N GLU A 15 5.20 -4.58 1.25
CA GLU A 15 6.18 -3.62 1.75
C GLU A 15 6.37 -2.48 0.76
N THR A 16 6.53 -1.27 1.28
CA THR A 16 6.70 -0.09 0.45
C THR A 16 7.72 0.87 1.08
N THR A 17 8.14 1.89 0.32
CA THR A 17 9.13 2.84 0.83
C THR A 17 8.87 4.28 0.35
N THR A 18 8.66 5.18 1.31
CA THR A 18 8.41 6.59 1.02
C THR A 18 9.64 7.42 1.40
N GLU A 19 9.94 8.44 0.59
CA GLU A 19 11.08 9.31 0.85
C GLU A 19 10.62 10.58 1.55
N ALA A 20 10.97 10.75 2.82
CA ALA A 20 10.56 11.93 3.57
C ALA A 20 11.63 12.37 4.58
N VAL A 21 11.70 13.67 4.80
CA VAL A 21 12.68 14.26 5.72
C VAL A 21 12.67 13.58 7.08
N ASP A 22 11.52 13.02 7.47
CA ASP A 22 11.41 12.33 8.75
C ASP A 22 10.24 11.36 8.77
N ALA A 23 10.09 10.65 9.88
CA ALA A 23 9.02 9.66 10.02
C ALA A 23 7.65 10.30 9.84
N ALA A 24 7.46 11.47 10.44
CA ALA A 24 6.19 12.17 10.34
C ALA A 24 5.90 12.50 8.89
N THR A 25 6.83 13.22 8.24
CA THR A 25 6.69 13.56 6.85
C THR A 25 6.36 12.31 6.05
N ALA A 26 7.10 11.24 6.33
CA ALA A 26 6.86 9.97 5.67
C ALA A 26 5.43 9.52 5.96
N GLU A 27 5.08 9.47 7.24
CA GLU A 27 3.74 9.09 7.66
C GLU A 27 2.69 9.87 6.87
N LYS A 28 2.89 11.18 6.77
CA LYS A 28 1.99 12.04 6.04
C LYS A 28 2.02 11.71 4.56
N VAL A 29 3.24 11.62 4.02
CA VAL A 29 3.41 11.28 2.61
C VAL A 29 2.70 9.98 2.28
N VAL A 30 2.82 9.01 3.17
CA VAL A 30 2.17 7.73 2.98
C VAL A 30 0.66 7.91 3.03
N LYS A 31 0.19 8.64 4.05
CA LYS A 31 -1.23 8.91 4.19
C LYS A 31 -1.80 9.45 2.88
N GLN A 32 -1.05 10.33 2.24
CA GLN A 32 -1.46 10.88 0.96
C GLN A 32 -1.52 9.76 -0.07
N PHE A 33 -0.57 8.83 0.04
CA PHE A 33 -0.50 7.68 -0.84
C PHE A 33 -1.83 6.91 -0.83
N PHE A 34 -2.22 6.46 0.35
CA PHE A 34 -3.48 5.72 0.52
C PHE A 34 -4.67 6.63 0.36
N ASN A 35 -4.56 7.83 0.90
CA ASN A 35 -5.63 8.81 0.80
C ASN A 35 -6.06 8.94 -0.66
N ASP A 36 -5.08 8.88 -1.54
CA ASP A 36 -5.31 8.98 -2.98
C ASP A 36 -5.46 7.61 -3.65
N ASN A 37 -4.92 6.56 -3.03
CA ASN A 37 -5.04 5.22 -3.61
C ASN A 37 -6.39 4.63 -3.28
N GLY A 38 -6.76 4.73 -1.99
CA GLY A 38 -8.01 4.22 -1.48
C GLY A 38 -9.00 3.72 -2.52
N VAL A 39 -10.15 4.39 -2.60
CA VAL A 39 -11.22 3.99 -3.50
C VAL A 39 -11.44 4.94 -4.67
N ASP A 40 -10.61 5.95 -4.81
CA ASP A 40 -10.77 6.90 -5.92
C ASP A 40 -9.49 7.03 -6.75
N GLY A 41 -8.53 6.12 -6.53
CA GLY A 41 -7.29 6.18 -7.27
C GLY A 41 -7.37 5.50 -8.63
N GLU A 42 -6.29 5.58 -9.39
CA GLU A 42 -6.23 4.97 -10.72
C GLU A 42 -5.52 3.63 -10.66
N TRP A 43 -6.29 2.55 -10.66
CA TRP A 43 -5.74 1.20 -10.59
C TRP A 43 -5.47 0.60 -11.96
N THR A 44 -4.21 0.41 -12.28
CA THR A 44 -3.81 -0.19 -13.55
C THR A 44 -3.37 -1.63 -13.33
N TYR A 45 -3.86 -2.55 -14.15
CA TYR A 45 -3.52 -3.96 -14.01
C TYR A 45 -2.65 -4.46 -15.18
N ASP A 46 -1.73 -5.36 -14.88
CA ASP A 46 -0.84 -5.92 -15.89
C ASP A 46 -0.95 -7.44 -15.95
N ASP A 47 -1.94 -7.94 -16.69
CA ASP A 47 -2.16 -9.37 -16.82
C ASP A 47 -0.86 -10.11 -17.14
N ALA A 48 -0.01 -9.48 -17.96
CA ALA A 48 1.26 -10.09 -18.36
C ALA A 48 2.05 -10.62 -17.17
N THR A 49 1.93 -9.95 -16.03
CA THR A 49 2.65 -10.36 -14.83
C THR A 49 1.71 -10.51 -13.64
N LYS A 50 0.41 -10.57 -13.91
CA LYS A 50 -0.59 -10.70 -12.85
C LYS A 50 -0.30 -9.74 -11.70
N THR A 51 0.18 -8.55 -12.05
CA THR A 51 0.52 -7.53 -11.08
C THR A 51 -0.35 -6.29 -11.24
N PHE A 52 -0.66 -5.65 -10.11
CA PHE A 52 -1.49 -4.45 -10.13
C PHE A 52 -0.67 -3.20 -9.78
N THR A 53 -0.74 -2.20 -10.64
CA THR A 53 -0.01 -0.96 -10.42
C THR A 53 -0.97 0.19 -10.09
N VAL A 54 -0.71 0.85 -8.96
CA VAL A 54 -1.53 1.97 -8.53
C VAL A 54 -0.72 3.25 -8.55
N THR A 55 -1.10 4.18 -9.41
CA THR A 55 -0.38 5.45 -9.52
C THR A 55 -1.10 6.56 -8.76
N GLU A 56 -0.47 7.04 -7.69
CA GLU A 56 -1.06 8.10 -6.87
C GLU A 56 -1.56 9.26 -7.73
N MET B 1 -6.18 -17.91 -5.89
CA MET B 1 -4.78 -17.67 -6.32
C MET B 1 -4.22 -16.41 -5.67
N GLN B 2 -2.92 -16.20 -5.81
CA GLN B 2 -2.27 -15.01 -5.24
C GLN B 2 -1.84 -14.05 -6.34
N TYR B 3 -1.84 -12.77 -6.02
CA TYR B 3 -1.45 -11.74 -6.99
C TYR B 3 -0.50 -10.74 -6.36
N LYS B 4 0.36 -10.14 -7.18
CA LYS B 4 1.32 -9.16 -6.68
C LYS B 4 0.84 -7.75 -6.99
N VAL B 5 0.42 -7.04 -5.96
CA VAL B 5 -0.06 -5.68 -6.12
C VAL B 5 1.05 -4.67 -5.88
N ILE B 6 1.45 -4.00 -6.94
CA ILE B 6 2.50 -2.99 -6.88
C ILE B 6 1.88 -1.60 -6.71
N LEU B 7 2.42 -0.85 -5.76
CA LEU B 7 1.93 0.49 -5.46
C LEU B 7 2.96 1.54 -5.86
N ASN B 8 2.74 2.21 -6.99
CA ASN B 8 3.67 3.22 -7.48
C ASN B 8 3.13 4.64 -7.32
N GLY B 9 3.73 5.39 -6.39
CA GLY B 9 3.30 6.76 -6.17
C GLY B 9 4.38 7.74 -6.54
N LYS B 10 4.17 9.01 -6.20
CA LYS B 10 5.15 10.05 -6.48
C LYS B 10 6.29 9.99 -5.48
N THR B 11 5.95 10.07 -4.20
CA THR B 11 6.93 10.04 -3.13
C THR B 11 6.95 8.69 -2.42
N LEU B 12 6.16 7.75 -2.94
CA LEU B 12 6.09 6.43 -2.34
C LEU B 12 6.08 5.33 -3.40
N LYS B 13 6.82 4.26 -3.12
CA LYS B 13 6.89 3.12 -4.03
C LYS B 13 7.01 1.82 -3.24
N GLY B 14 6.42 0.75 -3.73
CA GLY B 14 6.50 -0.52 -3.03
C GLY B 14 5.81 -1.66 -3.75
N GLU B 15 5.69 -2.79 -3.07
CA GLU B 15 5.05 -3.98 -3.62
C GLU B 15 4.30 -4.74 -2.53
N THR B 16 3.13 -5.26 -2.88
CA THR B 16 2.30 -6.00 -1.95
C THR B 16 1.63 -7.20 -2.63
N THR B 17 1.03 -8.09 -1.85
CA THR B 17 0.38 -9.28 -2.41
C THR B 17 -0.91 -9.66 -1.68
N THR B 18 -2.01 -9.67 -2.42
CA THR B 18 -3.32 -10.04 -1.88
C THR B 18 -3.74 -11.41 -2.38
N GLU B 19 -4.38 -12.20 -1.52
CA GLU B 19 -4.84 -13.53 -1.89
C GLU B 19 -6.32 -13.50 -2.26
N ALA B 20 -6.63 -13.69 -3.55
CA ALA B 20 -8.01 -13.65 -3.99
C ALA B 20 -8.27 -14.64 -5.14
N VAL B 21 -9.49 -15.17 -5.17
CA VAL B 21 -9.89 -16.15 -6.18
C VAL B 21 -9.57 -15.66 -7.60
N ASP B 22 -9.55 -14.36 -7.79
CA ASP B 22 -9.26 -13.79 -9.11
C ASP B 22 -8.77 -12.36 -9.01
N ALA B 23 -8.42 -11.77 -10.16
CA ALA B 23 -7.93 -10.40 -10.20
C ALA B 23 -8.95 -9.42 -9.63
N ALA B 24 -10.21 -9.60 -9.98
CA ALA B 24 -11.27 -8.73 -9.50
C ALA B 24 -11.34 -8.82 -7.98
N THR B 25 -11.52 -10.04 -7.46
CA THR B 25 -11.58 -10.25 -6.02
C THR B 25 -10.37 -9.59 -5.38
N ALA B 26 -9.20 -9.81 -5.98
CA ALA B 26 -7.98 -9.20 -5.48
C ALA B 26 -8.13 -7.70 -5.50
N GLU B 27 -8.50 -7.16 -6.67
CA GLU B 27 -8.70 -5.73 -6.83
C GLU B 27 -9.60 -5.19 -5.72
N LYS B 28 -10.70 -5.89 -5.48
CA LYS B 28 -11.64 -5.50 -4.43
C LYS B 28 -10.98 -5.64 -3.07
N VAL B 29 -10.36 -6.78 -2.83
CA VAL B 29 -9.68 -7.04 -1.57
C VAL B 29 -8.67 -5.94 -1.29
N VAL B 30 -7.94 -5.55 -2.32
CA VAL B 30 -6.96 -4.49 -2.19
C VAL B 30 -7.67 -3.18 -1.87
N LYS B 31 -8.71 -2.87 -2.63
CA LYS B 31 -9.49 -1.66 -2.40
C LYS B 31 -9.87 -1.55 -0.93
N GLN B 32 -10.27 -2.67 -0.35
CA GLN B 32 -10.63 -2.69 1.06
C GLN B 32 -9.40 -2.36 1.89
N PHE B 33 -8.26 -2.85 1.42
CA PHE B 33 -6.97 -2.61 2.08
C PHE B 33 -6.74 -1.11 2.27
N PHE B 34 -6.73 -0.39 1.14
CA PHE B 34 -6.53 1.06 1.14
C PHE B 34 -7.73 1.77 1.71
N ASN B 35 -8.91 1.29 1.34
CA ASN B 35 -10.16 1.86 1.83
C ASN B 35 -10.09 2.00 3.35
N ASP B 36 -9.50 0.99 3.96
CA ASP B 36 -9.35 0.95 5.42
C ASP B 36 -8.00 1.50 5.89
N ASN B 37 -7.00 1.51 5.02
CA ASN B 37 -5.69 2.04 5.40
C ASN B 37 -5.69 3.55 5.29
N GLY B 38 -6.20 4.04 4.16
CA GLY B 38 -6.29 5.46 3.86
C GLY B 38 -5.94 6.39 5.01
N VAL B 39 -6.93 7.16 5.44
CA VAL B 39 -6.73 8.16 6.48
C VAL B 39 -7.41 7.82 7.81
N ASP B 40 -8.01 6.65 7.91
CA ASP B 40 -8.69 6.27 9.15
C ASP B 40 -8.17 4.93 9.69
N GLY B 41 -7.07 4.44 9.13
CA GLY B 41 -6.51 3.17 9.57
C GLY B 41 -5.63 3.30 10.80
N GLU B 42 -5.15 2.16 11.30
CA GLU B 42 -4.29 2.14 12.47
C GLU B 42 -2.82 2.02 12.05
N TRP B 43 -2.11 3.14 12.06
CA TRP B 43 -0.71 3.16 11.66
C TRP B 43 0.25 2.95 12.83
N THR B 44 0.93 1.81 12.83
CA THR B 44 1.90 1.49 13.87
C THR B 44 3.31 1.67 13.34
N TYR B 45 4.16 2.34 14.10
CA TYR B 45 5.54 2.60 13.68
C TYR B 45 6.54 1.83 14.53
N ASP B 46 7.62 1.37 13.90
CA ASP B 46 8.66 0.62 14.60
C ASP B 46 10.02 1.30 14.44
N ASP B 47 10.30 2.27 15.30
CA ASP B 47 11.57 3.01 15.26
C ASP B 47 12.76 2.06 15.17
N ALA B 48 12.66 0.92 15.85
CA ALA B 48 13.73 -0.07 15.87
C ALA B 48 14.23 -0.40 14.46
N THR B 49 13.32 -0.38 13.49
CA THR B 49 13.68 -0.70 12.11
C THR B 49 13.23 0.40 11.15
N LYS B 50 12.88 1.57 11.69
CA LYS B 50 12.43 2.69 10.88
C LYS B 50 11.39 2.23 9.85
N THR B 51 10.56 1.28 10.27
CA THR B 51 9.53 0.73 9.40
C THR B 51 8.13 1.03 9.95
N PHE B 52 7.18 1.23 9.03
CA PHE B 52 5.80 1.53 9.40
C PHE B 52 4.89 0.35 9.08
N THR B 53 4.13 -0.09 10.08
CA THR B 53 3.20 -1.21 9.88
C THR B 53 1.75 -0.72 9.95
N VAL B 54 0.99 -1.04 8.92
CA VAL B 54 -0.41 -0.65 8.86
C VAL B 54 -1.30 -1.90 8.88
N THR B 55 -2.08 -2.04 9.94
CA THR B 55 -2.96 -3.19 10.08
C THR B 55 -4.39 -2.84 9.68
N GLU B 56 -4.85 -3.44 8.58
CA GLU B 56 -6.20 -3.18 8.08
C GLU B 56 -7.23 -3.30 9.19
N MET A 1 15.85 11.25 3.73
CA MET A 1 15.90 9.95 4.46
C MET A 1 14.82 9.01 3.95
N GLN A 2 15.12 7.71 3.91
CA GLN A 2 14.17 6.72 3.44
C GLN A 2 13.60 5.90 4.59
N TYR A 3 12.31 5.60 4.52
CA TYR A 3 11.65 4.81 5.56
C TYR A 3 10.91 3.63 4.96
N LYS A 4 10.83 2.55 5.70
CA LYS A 4 10.14 1.35 5.25
C LYS A 4 8.71 1.33 5.76
N VAL A 5 7.78 0.99 4.87
CA VAL A 5 6.37 0.95 5.24
C VAL A 5 5.78 -0.43 4.99
N ILE A 6 5.33 -1.08 6.06
CA ILE A 6 4.75 -2.41 5.97
C ILE A 6 3.22 -2.32 5.97
N LEU A 7 2.61 -2.79 4.90
CA LEU A 7 1.15 -2.77 4.77
C LEU A 7 0.57 -4.14 5.08
N ASN A 8 0.28 -4.40 6.36
CA ASN A 8 -0.27 -5.67 6.80
C ASN A 8 -1.79 -5.65 6.90
N GLY A 9 -2.46 -6.28 5.95
CA GLY A 9 -3.91 -6.33 5.97
C GLY A 9 -4.44 -7.72 6.28
N LYS A 10 -5.75 -7.89 6.14
CA LYS A 10 -6.37 -9.18 6.40
C LYS A 10 -6.07 -10.18 5.29
N THR A 11 -6.39 -9.81 4.06
CA THR A 11 -6.16 -10.66 2.91
C THR A 11 -5.09 -10.09 1.99
N LEU A 12 -4.37 -9.09 2.48
CA LEU A 12 -3.33 -8.45 1.70
C LEU A 12 -2.09 -8.19 2.54
N LYS A 13 -0.93 -8.44 1.96
CA LYS A 13 0.35 -8.22 2.64
C LYS A 13 1.38 -7.66 1.68
N GLY A 14 2.19 -6.71 2.15
CA GLY A 14 3.19 -6.13 1.29
C GLY A 14 4.13 -5.17 2.02
N GLU A 15 5.02 -4.55 1.26
CA GLU A 15 5.98 -3.60 1.81
C GLU A 15 6.21 -2.45 0.84
N THR A 16 6.33 -1.24 1.38
CA THR A 16 6.54 -0.05 0.57
C THR A 16 7.59 0.85 1.22
N THR A 17 8.06 1.86 0.46
CA THR A 17 9.07 2.78 0.97
C THR A 17 8.86 4.22 0.49
N THR A 18 8.71 5.13 1.44
CA THR A 18 8.51 6.55 1.14
C THR A 18 9.79 7.33 1.46
N GLU A 19 10.12 8.30 0.61
CA GLU A 19 11.31 9.12 0.82
C GLU A 19 10.91 10.47 1.42
N ALA A 20 11.29 10.71 2.68
CA ALA A 20 10.94 11.96 3.34
C ALA A 20 12.01 12.40 4.33
N VAL A 21 12.10 13.71 4.52
CA VAL A 21 13.09 14.32 5.41
C VAL A 21 13.08 13.67 6.80
N ASP A 22 11.89 13.31 7.27
CA ASP A 22 11.76 12.69 8.59
C ASP A 22 10.65 11.64 8.60
N ALA A 23 10.57 10.88 9.68
CA ALA A 23 9.57 9.83 9.81
C ALA A 23 8.17 10.38 9.66
N ALA A 24 7.91 11.52 10.28
CA ALA A 24 6.59 12.14 10.19
C ALA A 24 6.28 12.52 8.75
N THR A 25 7.18 13.28 8.12
CA THR A 25 7.01 13.66 6.74
C THR A 25 6.75 12.42 5.90
N ALA A 26 7.56 11.38 6.14
CA ALA A 26 7.39 10.13 5.45
C ALA A 26 6.00 9.57 5.73
N GLU A 27 5.67 9.49 7.02
CA GLU A 27 4.37 8.99 7.44
C GLU A 27 3.24 9.74 6.73
N LYS A 28 3.33 11.07 6.75
CA LYS A 28 2.32 11.91 6.10
C LYS A 28 2.19 11.56 4.63
N VAL A 29 3.33 11.31 3.99
CA VAL A 29 3.34 10.96 2.58
C VAL A 29 2.47 9.74 2.32
N VAL A 30 2.53 8.78 3.22
CA VAL A 30 1.73 7.57 3.09
C VAL A 30 0.24 7.94 3.15
N LYS A 31 -0.13 8.75 4.15
CA LYS A 31 -1.52 9.19 4.29
C LYS A 31 -2.06 9.67 2.96
N GLN A 32 -1.29 10.49 2.26
CA GLN A 32 -1.69 10.99 0.95
C GLN A 32 -1.68 9.83 -0.04
N PHE A 33 -0.69 8.97 0.11
CA PHE A 33 -0.52 7.81 -0.75
C PHE A 33 -1.80 6.95 -0.75
N PHE A 34 -2.25 6.58 0.44
CA PHE A 34 -3.46 5.76 0.58
C PHE A 34 -4.71 6.59 0.37
N ASN A 35 -4.71 7.80 0.90
CA ASN A 35 -5.84 8.70 0.74
C ASN A 35 -6.25 8.78 -0.73
N ASP A 36 -5.24 8.77 -1.60
CA ASP A 36 -5.45 8.84 -3.04
C ASP A 36 -5.52 7.46 -3.69
N ASN A 37 -4.90 6.46 -3.08
CA ASN A 37 -4.95 5.11 -3.65
C ASN A 37 -6.30 4.49 -3.34
N GLY A 38 -6.72 4.63 -2.09
CA GLY A 38 -7.99 4.13 -1.61
C GLY A 38 -8.89 3.50 -2.65
N VAL A 39 -10.09 4.03 -2.77
CA VAL A 39 -11.09 3.48 -3.69
C VAL A 39 -11.41 4.39 -4.87
N ASP A 40 -10.72 5.50 -5.01
CA ASP A 40 -10.99 6.42 -6.12
C ASP A 40 -9.75 6.70 -6.96
N GLY A 41 -8.70 5.91 -6.77
CA GLY A 41 -7.48 6.11 -7.53
C GLY A 41 -7.52 5.48 -8.91
N GLU A 42 -6.45 5.69 -9.67
CA GLU A 42 -6.36 5.13 -11.03
C GLU A 42 -5.55 3.84 -11.00
N TRP A 43 -6.25 2.71 -11.08
CA TRP A 43 -5.60 1.41 -11.02
C TRP A 43 -5.43 0.78 -12.40
N THR A 44 -4.18 0.51 -12.77
CA THR A 44 -3.88 -0.13 -14.04
C THR A 44 -3.44 -1.57 -13.79
N TYR A 45 -3.96 -2.50 -14.59
CA TYR A 45 -3.62 -3.91 -14.42
C TYR A 45 -2.78 -4.43 -15.58
N ASP A 46 -1.85 -5.33 -15.27
CA ASP A 46 -0.97 -5.91 -16.28
C ASP A 46 -1.08 -7.43 -16.28
N ASP A 47 -2.10 -7.94 -16.97
CA ASP A 47 -2.32 -9.39 -17.06
C ASP A 47 -1.04 -10.14 -17.39
N ALA A 48 -0.22 -9.54 -18.25
CA ALA A 48 1.04 -10.15 -18.66
C ALA A 48 1.90 -10.56 -17.47
N THR A 49 1.85 -9.75 -16.41
CA THR A 49 2.64 -10.04 -15.21
C THR A 49 1.76 -10.33 -13.99
N LYS A 50 0.47 -10.51 -14.22
CA LYS A 50 -0.46 -10.81 -13.11
C LYS A 50 -0.25 -9.83 -11.96
N THR A 51 0.06 -8.58 -12.30
CA THR A 51 0.30 -7.56 -11.28
C THR A 51 -0.54 -6.32 -11.52
N PHE A 52 -0.95 -5.69 -10.42
CA PHE A 52 -1.75 -4.47 -10.48
C PHE A 52 -0.93 -3.27 -10.03
N THR A 53 -1.09 -2.14 -10.68
CA THR A 53 -0.35 -0.93 -10.31
C THR A 53 -1.28 0.20 -9.92
N VAL A 54 -1.01 0.78 -8.75
CA VAL A 54 -1.79 1.90 -8.25
C VAL A 54 -0.94 3.16 -8.32
N THR A 55 -1.28 4.05 -9.24
CA THR A 55 -0.53 5.28 -9.41
C THR A 55 -1.21 6.46 -8.72
N GLU A 56 -0.57 6.95 -7.67
CA GLU A 56 -1.10 8.08 -6.92
C GLU A 56 -1.17 9.34 -7.77
N MET B 1 -5.60 -18.19 -5.44
CA MET B 1 -4.56 -17.63 -6.35
C MET B 1 -3.97 -16.36 -5.75
N GLN B 2 -2.67 -16.14 -5.99
CA GLN B 2 -1.99 -14.96 -5.46
C GLN B 2 -1.71 -13.96 -6.57
N TYR B 3 -1.85 -12.68 -6.26
CA TYR B 3 -1.60 -11.61 -7.22
C TYR B 3 -0.64 -10.58 -6.65
N LYS B 4 0.15 -9.98 -7.53
CA LYS B 4 1.11 -8.96 -7.12
C LYS B 4 0.51 -7.57 -7.29
N VAL B 5 0.70 -6.72 -6.29
CA VAL B 5 0.17 -5.37 -6.33
C VAL B 5 1.28 -4.34 -6.16
N ILE B 6 1.47 -3.53 -7.18
CA ILE B 6 2.50 -2.50 -7.18
C ILE B 6 1.90 -1.13 -6.82
N LEU B 7 2.36 -0.56 -5.72
CA LEU B 7 1.85 0.73 -5.28
C LEU B 7 2.84 1.84 -5.64
N ASN B 8 2.67 2.39 -6.85
CA ASN B 8 3.56 3.45 -7.35
C ASN B 8 2.98 4.84 -7.11
N GLY B 9 3.54 5.55 -6.13
CA GLY B 9 3.07 6.89 -5.83
C GLY B 9 4.09 7.95 -6.21
N LYS B 10 3.83 9.19 -5.82
CA LYS B 10 4.72 10.30 -6.13
C LYS B 10 5.99 10.24 -5.28
N THR B 11 5.81 10.20 -3.96
CA THR B 11 6.93 10.14 -3.03
C THR B 11 6.98 8.81 -2.31
N LEU B 12 6.22 7.85 -2.79
CA LEU B 12 6.17 6.53 -2.17
C LEU B 12 6.16 5.43 -3.22
N LYS B 13 6.93 4.37 -2.96
CA LYS B 13 7.02 3.24 -3.87
C LYS B 13 7.08 1.93 -3.09
N GLY B 14 6.39 0.91 -3.58
CA GLY B 14 6.39 -0.37 -2.88
C GLY B 14 5.69 -1.46 -3.65
N GLU B 15 5.60 -2.64 -3.02
CA GLU B 15 4.94 -3.79 -3.62
C GLU B 15 4.19 -4.58 -2.57
N THR B 16 3.01 -5.07 -2.94
CA THR B 16 2.19 -5.85 -2.03
C THR B 16 1.58 -7.06 -2.75
N THR B 17 0.99 -7.98 -1.97
CA THR B 17 0.39 -9.18 -2.55
C THR B 17 -0.89 -9.61 -1.82
N THR B 18 -1.99 -9.68 -2.56
CA THR B 18 -3.27 -10.10 -2.00
C THR B 18 -3.62 -11.50 -2.49
N GLU B 19 -4.19 -12.31 -1.60
CA GLU B 19 -4.58 -13.68 -1.94
C GLU B 19 -6.08 -13.73 -2.23
N ALA B 20 -6.45 -13.98 -3.48
CA ALA B 20 -7.85 -14.04 -3.85
C ALA B 20 -8.11 -15.04 -4.97
N VAL B 21 -9.32 -15.59 -4.97
CA VAL B 21 -9.73 -16.59 -5.97
C VAL B 21 -9.46 -16.13 -7.40
N ASP B 22 -9.65 -14.83 -7.65
CA ASP B 22 -9.41 -14.28 -8.98
C ASP B 22 -8.85 -12.87 -8.90
N ALA B 23 -8.42 -12.34 -10.04
CA ALA B 23 -7.84 -11.00 -10.10
C ALA B 23 -8.80 -9.95 -9.56
N ALA B 24 -10.07 -10.06 -9.91
CA ALA B 24 -11.07 -9.12 -9.44
C ALA B 24 -11.19 -9.19 -7.93
N THR B 25 -11.43 -10.40 -7.42
CA THR B 25 -11.53 -10.60 -5.99
C THR B 25 -10.30 -10.02 -5.31
N ALA B 26 -9.14 -10.32 -5.88
CA ALA B 26 -7.89 -9.80 -5.36
C ALA B 26 -7.93 -8.27 -5.41
N GLU B 27 -8.26 -7.73 -6.59
CA GLU B 27 -8.35 -6.29 -6.78
C GLU B 27 -9.27 -5.67 -5.73
N LYS B 28 -10.45 -6.25 -5.57
CA LYS B 28 -11.41 -5.75 -4.60
C LYS B 28 -10.82 -5.73 -3.19
N VAL B 29 -10.05 -6.76 -2.87
CA VAL B 29 -9.40 -6.85 -1.57
C VAL B 29 -8.54 -5.64 -1.31
N VAL B 30 -7.84 -5.17 -2.34
CA VAL B 30 -7.00 -4.01 -2.21
C VAL B 30 -7.85 -2.79 -1.89
N LYS B 31 -8.95 -2.61 -2.64
CA LYS B 31 -9.86 -1.49 -2.40
C LYS B 31 -10.19 -1.38 -0.91
N GLN B 32 -10.51 -2.51 -0.30
CA GLN B 32 -10.81 -2.53 1.12
C GLN B 32 -9.53 -2.25 1.91
N PHE B 33 -8.43 -2.80 1.41
CA PHE B 33 -7.12 -2.63 2.02
C PHE B 33 -6.78 -1.15 2.18
N PHE B 34 -6.87 -0.41 1.08
CA PHE B 34 -6.57 1.03 1.09
C PHE B 34 -7.72 1.83 1.70
N ASN B 35 -8.94 1.43 1.38
CA ASN B 35 -10.12 2.09 1.92
C ASN B 35 -10.00 2.21 3.44
N ASP B 36 -9.45 1.17 4.05
CA ASP B 36 -9.27 1.12 5.49
C ASP B 36 -7.88 1.60 5.93
N ASN B 37 -6.89 1.52 5.04
CA ASN B 37 -5.55 1.99 5.39
C ASN B 37 -5.52 3.52 5.31
N GLY B 38 -6.08 4.02 4.21
CA GLY B 38 -6.16 5.45 3.96
C GLY B 38 -5.66 6.36 5.07
N VAL B 39 -6.53 7.23 5.54
CA VAL B 39 -6.17 8.21 6.56
C VAL B 39 -6.86 7.98 7.92
N ASP B 40 -7.59 6.90 8.06
CA ASP B 40 -8.28 6.64 9.33
C ASP B 40 -7.91 5.26 9.91
N GLY B 41 -6.88 4.64 9.37
CA GLY B 41 -6.47 3.33 9.84
C GLY B 41 -5.59 3.40 11.09
N GLU B 42 -5.25 2.23 11.63
CA GLU B 42 -4.40 2.16 12.82
C GLU B 42 -2.95 1.92 12.42
N TRP B 43 -2.14 2.98 12.48
CA TRP B 43 -0.75 2.89 12.08
C TRP B 43 0.19 2.76 13.27
N THR B 44 0.95 1.68 13.30
CA THR B 44 1.93 1.45 14.37
C THR B 44 3.34 1.65 13.81
N TYR B 45 4.18 2.35 14.55
CA TYR B 45 5.54 2.61 14.11
C TYR B 45 6.57 1.86 14.95
N ASP B 46 7.64 1.41 14.31
CA ASP B 46 8.70 0.68 14.98
C ASP B 46 10.05 1.36 14.78
N ASP B 47 10.32 2.38 15.60
CA ASP B 47 11.57 3.13 15.52
C ASP B 47 12.78 2.20 15.43
N ALA B 48 12.71 1.09 16.17
CA ALA B 48 13.80 0.11 16.19
C ALA B 48 14.19 -0.34 14.78
N THR B 49 13.21 -0.44 13.89
CA THR B 49 13.47 -0.87 12.53
C THR B 49 13.17 0.23 11.50
N LYS B 50 12.93 1.45 11.99
CA LYS B 50 12.64 2.56 11.09
C LYS B 50 11.55 2.18 10.08
N THR B 51 10.60 1.37 10.53
CA THR B 51 9.53 0.91 9.65
C THR B 51 8.15 1.17 10.25
N PHE B 52 7.18 1.47 9.38
CA PHE B 52 5.82 1.72 9.81
C PHE B 52 4.92 0.57 9.37
N THR B 53 3.97 0.19 10.21
CA THR B 53 3.04 -0.89 9.85
C THR B 53 1.60 -0.42 9.86
N VAL B 54 0.91 -0.70 8.77
CA VAL B 54 -0.50 -0.35 8.63
C VAL B 54 -1.34 -1.61 8.70
N THR B 55 -2.07 -1.78 9.80
CA THR B 55 -2.89 -2.97 9.98
C THR B 55 -4.34 -2.70 9.65
N GLU B 56 -4.82 -3.30 8.57
CA GLU B 56 -6.19 -3.14 8.13
C GLU B 56 -7.17 -3.69 9.17
N MET A 1 16.29 10.64 3.94
CA MET A 1 16.19 9.28 4.50
C MET A 1 15.02 8.51 3.90
N GLN A 2 15.21 7.21 3.75
CA GLN A 2 14.19 6.33 3.19
C GLN A 2 13.56 5.50 4.30
N TYR A 3 12.26 5.23 4.18
CA TYR A 3 11.55 4.44 5.18
C TYR A 3 10.83 3.27 4.52
N LYS A 4 10.80 2.13 5.21
CA LYS A 4 10.12 0.96 4.69
C LYS A 4 8.81 0.73 5.42
N VAL A 5 7.70 0.97 4.73
CA VAL A 5 6.39 0.81 5.34
C VAL A 5 5.81 -0.56 5.04
N ILE A 6 5.31 -1.21 6.07
CA ILE A 6 4.70 -2.53 5.95
C ILE A 6 3.19 -2.42 5.96
N LEU A 7 2.57 -2.81 4.84
CA LEU A 7 1.13 -2.76 4.71
C LEU A 7 0.54 -4.13 5.07
N ASN A 8 0.23 -4.31 6.35
CA ASN A 8 -0.31 -5.57 6.86
C ASN A 8 -1.84 -5.53 6.99
N GLY A 9 -2.54 -6.19 6.07
CA GLY A 9 -3.99 -6.21 6.12
C GLY A 9 -4.56 -7.59 6.42
N LYS A 10 -5.86 -7.73 6.20
CA LYS A 10 -6.54 -8.99 6.44
C LYS A 10 -6.18 -10.03 5.38
N THR A 11 -6.43 -9.68 4.11
CA THR A 11 -6.15 -10.57 3.00
C THR A 11 -5.05 -10.01 2.11
N LEU A 12 -4.34 -9.02 2.61
CA LEU A 12 -3.27 -8.40 1.85
C LEU A 12 -2.06 -8.10 2.71
N LYS A 13 -0.89 -8.35 2.15
CA LYS A 13 0.37 -8.11 2.85
C LYS A 13 1.44 -7.64 1.88
N GLY A 14 2.31 -6.75 2.33
CA GLY A 14 3.36 -6.24 1.46
C GLY A 14 4.30 -5.27 2.14
N GLU A 15 5.13 -4.62 1.34
CA GLU A 15 6.09 -3.65 1.84
C GLU A 15 6.30 -2.52 0.84
N THR A 16 6.33 -1.30 1.35
CA THR A 16 6.52 -0.12 0.52
C THR A 16 7.60 0.80 1.10
N THR A 17 8.03 1.78 0.31
CA THR A 17 9.08 2.69 0.77
C THR A 17 8.87 4.13 0.29
N THR A 18 8.72 5.04 1.25
CA THR A 18 8.54 6.46 0.97
C THR A 18 9.82 7.21 1.35
N GLU A 19 10.17 8.23 0.58
CA GLU A 19 11.37 9.01 0.87
C GLU A 19 10.98 10.38 1.41
N ALA A 20 11.30 10.63 2.68
CA ALA A 20 10.94 11.90 3.31
C ALA A 20 12.03 12.38 4.27
N VAL A 21 12.10 13.69 4.44
CA VAL A 21 13.08 14.31 5.32
C VAL A 21 13.10 13.67 6.70
N ASP A 22 11.98 13.10 7.11
CA ASP A 22 11.89 12.44 8.42
C ASP A 22 10.76 11.42 8.46
N ALA A 23 10.66 10.70 9.57
CA ALA A 23 9.64 9.68 9.74
C ALA A 23 8.24 10.27 9.60
N ALA A 24 8.04 11.45 10.17
CA ALA A 24 6.75 12.10 10.09
C ALA A 24 6.42 12.44 8.65
N THR A 25 7.32 13.13 7.97
CA THR A 25 7.13 13.46 6.58
C THR A 25 6.81 12.21 5.80
N ALA A 26 7.57 11.15 6.08
CA ALA A 26 7.33 9.86 5.44
C ALA A 26 5.93 9.39 5.77
N GLU A 27 5.61 9.34 7.07
CA GLU A 27 4.30 8.92 7.53
C GLU A 27 3.20 9.69 6.80
N LYS A 28 3.35 11.01 6.75
CA LYS A 28 2.37 11.85 6.06
C LYS A 28 2.29 11.49 4.60
N VAL A 29 3.46 11.31 3.99
CA VAL A 29 3.53 10.94 2.58
C VAL A 29 2.73 9.67 2.32
N VAL A 30 2.88 8.69 3.19
CA VAL A 30 2.14 7.46 3.05
C VAL A 30 0.66 7.74 3.23
N LYS A 31 0.33 8.49 4.28
CA LYS A 31 -1.06 8.86 4.55
C LYS A 31 -1.73 9.38 3.28
N GLN A 32 -1.06 10.31 2.62
CA GLN A 32 -1.59 10.88 1.40
C GLN A 32 -1.62 9.81 0.32
N PHE A 33 -0.61 8.94 0.34
CA PHE A 33 -0.50 7.85 -0.61
C PHE A 33 -1.80 7.03 -0.61
N PHE A 34 -2.23 6.64 0.58
CA PHE A 34 -3.47 5.88 0.74
C PHE A 34 -4.67 6.80 0.62
N ASN A 35 -4.52 8.02 1.16
CA ASN A 35 -5.58 9.01 1.10
C ASN A 35 -6.08 9.14 -0.34
N ASP A 36 -5.14 9.08 -1.26
CA ASP A 36 -5.44 9.20 -2.69
C ASP A 36 -5.61 7.84 -3.39
N ASN A 37 -5.02 6.79 -2.83
CA ASN A 37 -5.16 5.46 -3.42
C ASN A 37 -6.52 4.87 -3.06
N GLY A 38 -6.84 5.00 -1.78
CA GLY A 38 -8.10 4.53 -1.21
C GLY A 38 -9.09 3.94 -2.20
N VAL A 39 -10.27 4.56 -2.27
CA VAL A 39 -11.37 4.04 -3.09
C VAL A 39 -11.36 4.46 -4.56
N ASP A 40 -11.31 5.77 -4.84
CA ASP A 40 -11.37 6.24 -6.23
C ASP A 40 -10.01 6.42 -6.88
N GLY A 41 -9.01 5.65 -6.46
CA GLY A 41 -7.70 5.77 -7.06
C GLY A 41 -7.66 5.22 -8.47
N GLU A 42 -6.64 5.60 -9.24
CA GLU A 42 -6.50 5.13 -10.62
C GLU A 42 -5.71 3.82 -10.64
N TRP A 43 -6.44 2.70 -10.73
CA TRP A 43 -5.81 1.38 -10.71
C TRP A 43 -5.67 0.76 -12.10
N THR A 44 -4.42 0.50 -12.49
CA THR A 44 -4.13 -0.15 -13.76
C THR A 44 -3.60 -1.56 -13.50
N TYR A 45 -4.05 -2.53 -14.28
CA TYR A 45 -3.63 -3.92 -14.10
C TYR A 45 -2.82 -4.42 -15.30
N ASP A 46 -1.82 -5.25 -15.02
CA ASP A 46 -0.97 -5.82 -16.06
C ASP A 46 -1.00 -7.34 -16.02
N ASP A 47 -2.01 -7.94 -16.66
CA ASP A 47 -2.16 -9.39 -16.68
C ASP A 47 -0.84 -10.07 -17.05
N ALA A 48 -0.07 -9.43 -17.91
CA ALA A 48 1.21 -9.98 -18.37
C ALA A 48 2.08 -10.44 -17.20
N THR A 49 2.00 -9.74 -16.08
CA THR A 49 2.80 -10.07 -14.90
C THR A 49 1.93 -10.29 -13.66
N LYS A 50 0.63 -10.45 -13.86
CA LYS A 50 -0.29 -10.66 -12.74
C LYS A 50 -0.05 -9.60 -11.66
N THR A 51 0.28 -8.39 -12.07
CA THR A 51 0.55 -7.31 -11.14
C THR A 51 -0.31 -6.08 -11.40
N PHE A 52 -0.74 -5.44 -10.33
CA PHE A 52 -1.57 -4.24 -10.43
C PHE A 52 -0.77 -3.01 -10.05
N THR A 53 -0.94 -1.92 -10.79
CA THR A 53 -0.25 -0.67 -10.48
C THR A 53 -1.22 0.43 -10.10
N VAL A 54 -0.99 1.02 -8.94
CA VAL A 54 -1.83 2.09 -8.44
C VAL A 54 -1.04 3.39 -8.39
N THR A 55 -1.50 4.39 -9.14
CA THR A 55 -0.82 5.68 -9.16
C THR A 55 -1.54 6.67 -8.27
N GLU A 56 -0.90 7.03 -7.15
CA GLU A 56 -1.46 7.96 -6.17
C GLU A 56 -2.43 8.97 -6.81
N MET B 1 -4.94 -18.32 -5.83
CA MET B 1 -3.86 -17.62 -6.55
C MET B 1 -3.43 -16.36 -5.83
N GLN B 2 -2.13 -16.05 -5.93
CA GLN B 2 -1.57 -14.87 -5.29
C GLN B 2 -1.28 -13.81 -6.35
N TYR B 3 -1.47 -12.55 -5.98
CA TYR B 3 -1.21 -11.44 -6.90
C TYR B 3 -0.24 -10.43 -6.29
N LYS B 4 0.62 -9.86 -7.11
CA LYS B 4 1.58 -8.88 -6.63
C LYS B 4 1.16 -7.49 -7.09
N VAL B 5 0.72 -6.68 -6.13
CA VAL B 5 0.27 -5.32 -6.44
C VAL B 5 1.39 -4.31 -6.23
N ILE B 6 1.58 -3.45 -7.22
CA ILE B 6 2.59 -2.42 -7.17
C ILE B 6 1.98 -1.08 -6.81
N LEU B 7 2.37 -0.54 -5.67
CA LEU B 7 1.85 0.74 -5.21
C LEU B 7 2.81 1.86 -5.62
N ASN B 8 2.57 2.41 -6.82
CA ASN B 8 3.44 3.46 -7.37
C ASN B 8 2.84 4.85 -7.16
N GLY B 9 3.41 5.61 -6.21
CA GLY B 9 2.91 6.95 -5.94
C GLY B 9 3.90 8.03 -6.30
N LYS B 10 3.62 9.25 -5.83
CA LYS B 10 4.48 10.39 -6.10
C LYS B 10 5.80 10.29 -5.31
N THR B 11 5.68 10.19 -3.99
CA THR B 11 6.83 10.11 -3.12
C THR B 11 6.90 8.76 -2.41
N LEU B 12 6.13 7.80 -2.92
CA LEU B 12 6.10 6.49 -2.31
C LEU B 12 6.07 5.40 -3.38
N LYS B 13 6.82 4.33 -3.14
CA LYS B 13 6.88 3.20 -4.06
C LYS B 13 7.03 1.90 -3.29
N GLY B 14 6.42 0.83 -3.79
CA GLY B 14 6.53 -0.44 -3.11
C GLY B 14 5.81 -1.57 -3.82
N GLU B 15 5.69 -2.71 -3.14
CA GLU B 15 5.02 -3.87 -3.69
C GLU B 15 4.28 -4.64 -2.60
N THR B 16 3.07 -5.06 -2.92
CA THR B 16 2.24 -5.81 -1.98
C THR B 16 1.66 -7.06 -2.64
N THR B 17 1.08 -7.95 -1.83
CA THR B 17 0.52 -9.18 -2.36
C THR B 17 -0.76 -9.62 -1.64
N THR B 18 -1.86 -9.68 -2.39
CA THR B 18 -3.16 -10.12 -1.88
C THR B 18 -3.48 -11.51 -2.41
N GLU B 19 -4.10 -12.34 -1.60
CA GLU B 19 -4.47 -13.68 -2.02
C GLU B 19 -5.97 -13.77 -2.25
N ALA B 20 -6.38 -13.96 -3.51
CA ALA B 20 -7.80 -14.04 -3.83
C ALA B 20 -8.08 -15.05 -4.93
N VAL B 21 -9.29 -15.59 -4.92
CA VAL B 21 -9.71 -16.60 -5.89
C VAL B 21 -9.43 -16.16 -7.33
N ASP B 22 -9.38 -14.85 -7.55
CA ASP B 22 -9.11 -14.33 -8.88
C ASP B 22 -8.57 -12.90 -8.82
N ALA B 23 -8.20 -12.37 -9.98
CA ALA B 23 -7.67 -11.01 -10.07
C ALA B 23 -8.66 -9.99 -9.53
N ALA B 24 -9.92 -10.16 -9.86
CA ALA B 24 -10.96 -9.25 -9.40
C ALA B 24 -11.04 -9.30 -7.87
N THR B 25 -11.22 -10.49 -7.33
CA THR B 25 -11.29 -10.66 -5.88
C THR B 25 -10.07 -10.00 -5.26
N ALA B 26 -8.90 -10.24 -5.86
CA ALA B 26 -7.67 -9.64 -5.38
C ALA B 26 -7.80 -8.12 -5.46
N GLU B 27 -8.15 -7.63 -6.65
CA GLU B 27 -8.33 -6.19 -6.86
C GLU B 27 -9.24 -5.60 -5.80
N LYS B 28 -10.38 -6.24 -5.58
CA LYS B 28 -11.35 -5.78 -4.58
C LYS B 28 -10.70 -5.79 -3.19
N VAL B 29 -10.00 -6.87 -2.90
CA VAL B 29 -9.32 -7.01 -1.63
C VAL B 29 -8.39 -5.85 -1.38
N VAL B 30 -7.63 -5.48 -2.40
CA VAL B 30 -6.73 -4.35 -2.29
C VAL B 30 -7.55 -3.08 -2.09
N LYS B 31 -8.58 -2.90 -2.91
CA LYS B 31 -9.45 -1.73 -2.79
C LYS B 31 -9.88 -1.52 -1.36
N GLN B 32 -10.35 -2.59 -0.72
CA GLN B 32 -10.77 -2.51 0.66
C GLN B 32 -9.57 -2.24 1.55
N PHE B 33 -8.43 -2.83 1.16
CA PHE B 33 -7.18 -2.64 1.89
C PHE B 33 -6.89 -1.15 2.06
N PHE B 34 -6.95 -0.42 0.96
CA PHE B 34 -6.73 1.03 0.96
C PHE B 34 -7.96 1.75 1.47
N ASN B 35 -9.12 1.23 1.11
CA ASN B 35 -10.38 1.80 1.56
C ASN B 35 -10.36 1.99 3.08
N ASP B 36 -9.77 1.01 3.75
CA ASP B 36 -9.66 1.02 5.21
C ASP B 36 -8.32 1.59 5.71
N ASN B 37 -7.28 1.55 4.88
CA ASN B 37 -5.99 2.10 5.29
C ASN B 37 -6.02 3.60 5.15
N GLY B 38 -6.52 4.05 4.00
CA GLY B 38 -6.65 5.46 3.67
C GLY B 38 -6.24 6.44 4.76
N VAL B 39 -7.20 7.27 5.17
CA VAL B 39 -6.93 8.33 6.14
C VAL B 39 -6.98 7.94 7.61
N ASP B 40 -8.08 7.36 8.07
CA ASP B 40 -8.22 7.02 9.49
C ASP B 40 -7.77 5.61 9.84
N GLY B 41 -6.82 5.06 9.10
CA GLY B 41 -6.34 3.73 9.40
C GLY B 41 -5.50 3.69 10.66
N GLU B 42 -5.34 2.50 11.24
CA GLU B 42 -4.54 2.33 12.45
C GLU B 42 -3.07 2.13 12.10
N TRP B 43 -2.28 3.20 12.19
CA TRP B 43 -0.87 3.14 11.82
C TRP B 43 0.06 3.04 13.03
N THR B 44 0.82 1.94 13.09
CA THR B 44 1.78 1.73 14.15
C THR B 44 3.20 1.83 13.58
N TYR B 45 4.11 2.49 14.28
CA TYR B 45 5.47 2.66 13.79
C TYR B 45 6.48 1.93 14.69
N ASP B 46 7.53 1.40 14.07
CA ASP B 46 8.57 0.68 14.81
C ASP B 46 9.93 1.29 14.53
N ASP B 47 10.27 2.35 15.27
CA ASP B 47 11.55 3.04 15.12
C ASP B 47 12.71 2.05 15.07
N ALA B 48 12.58 0.95 15.83
CA ALA B 48 13.62 -0.07 15.89
C ALA B 48 14.08 -0.51 14.51
N THR B 49 13.16 -0.53 13.55
CA THR B 49 13.49 -0.95 12.19
C THR B 49 13.10 0.11 11.17
N LYS B 50 12.85 1.33 11.62
CA LYS B 50 12.47 2.41 10.71
C LYS B 50 11.35 1.96 9.78
N THR B 51 10.44 1.13 10.29
CA THR B 51 9.36 0.61 9.48
C THR B 51 8.00 0.89 10.13
N PHE B 52 7.02 1.20 9.28
CA PHE B 52 5.66 1.47 9.76
C PHE B 52 4.73 0.33 9.39
N THR B 53 3.84 -0.04 10.31
CA THR B 53 2.89 -1.11 10.05
C THR B 53 1.46 -0.58 10.06
N VAL B 54 0.74 -0.85 8.98
CA VAL B 54 -0.64 -0.42 8.86
C VAL B 54 -1.58 -1.63 8.82
N THR B 55 -2.47 -1.70 9.79
CA THR B 55 -3.40 -2.82 9.86
C THR B 55 -4.76 -2.41 9.32
N GLU B 56 -5.12 -2.96 8.16
CA GLU B 56 -6.38 -2.65 7.48
C GLU B 56 -7.48 -2.26 8.45
N MET A 1 16.00 11.65 4.10
CA MET A 1 15.82 10.36 4.81
C MET A 1 14.73 9.51 4.17
N GLN A 2 14.98 8.22 4.03
CA GLN A 2 14.03 7.30 3.44
C GLN A 2 13.47 6.38 4.52
N TYR A 3 12.20 6.00 4.38
CA TYR A 3 11.56 5.12 5.33
C TYR A 3 10.85 3.98 4.63
N LYS A 4 10.82 2.82 5.29
CA LYS A 4 10.17 1.64 4.72
C LYS A 4 8.83 1.39 5.38
N VAL A 5 7.76 1.57 4.61
CA VAL A 5 6.42 1.36 5.12
C VAL A 5 5.94 -0.05 4.77
N ILE A 6 5.41 -0.74 5.76
CA ILE A 6 4.93 -2.10 5.59
C ILE A 6 3.41 -2.14 5.67
N LEU A 7 2.79 -2.76 4.68
CA LEU A 7 1.34 -2.86 4.63
C LEU A 7 0.88 -4.28 4.93
N ASN A 8 0.53 -4.54 6.19
CA ASN A 8 0.09 -5.86 6.62
C ASN A 8 -1.42 -5.91 6.86
N GLY A 9 -2.13 -6.63 6.00
CA GLY A 9 -3.57 -6.76 6.15
C GLY A 9 -3.98 -8.19 6.36
N LYS A 10 -5.27 -8.46 6.22
CA LYS A 10 -5.78 -9.81 6.38
C LYS A 10 -5.62 -10.59 5.08
N THR A 11 -6.18 -10.04 4.00
CA THR A 11 -6.12 -10.67 2.69
C THR A 11 -5.05 -10.01 1.82
N LEU A 12 -4.40 -8.97 2.35
CA LEU A 12 -3.37 -8.27 1.61
C LEU A 12 -2.16 -7.98 2.49
N LYS A 13 -0.97 -8.21 1.94
CA LYS A 13 0.28 -7.96 2.65
C LYS A 13 1.36 -7.50 1.69
N GLY A 14 2.27 -6.65 2.16
CA GLY A 14 3.33 -6.17 1.30
C GLY A 14 4.27 -5.20 1.99
N GLU A 15 5.15 -4.59 1.19
CA GLU A 15 6.12 -3.63 1.71
C GLU A 15 6.24 -2.44 0.76
N THR A 16 6.56 -1.27 1.33
CA THR A 16 6.70 -0.05 0.55
C THR A 16 7.70 0.91 1.20
N THR A 17 8.09 1.96 0.48
CA THR A 17 9.06 2.92 1.00
C THR A 17 8.76 4.36 0.56
N THR A 18 8.59 5.23 1.55
CA THR A 18 8.32 6.65 1.30
C THR A 18 9.52 7.50 1.74
N GLU A 19 9.78 8.58 1.02
CA GLU A 19 10.90 9.46 1.35
C GLU A 19 10.38 10.76 1.96
N ALA A 20 10.76 11.02 3.21
CA ALA A 20 10.31 12.24 3.89
C ALA A 20 11.35 12.74 4.89
N VAL A 21 11.36 14.05 5.09
CA VAL A 21 12.31 14.70 6.00
C VAL A 21 12.34 14.03 7.37
N ASP A 22 11.24 13.37 7.73
CA ASP A 22 11.16 12.69 9.02
C ASP A 22 10.06 11.62 9.03
N ALA A 23 9.96 10.90 10.13
CA ALA A 23 8.96 9.85 10.27
C ALA A 23 7.55 10.40 10.11
N ALA A 24 7.30 11.55 10.72
CA ALA A 24 5.99 12.18 10.62
C ALA A 24 5.68 12.54 9.18
N THR A 25 6.59 13.27 8.54
CA THR A 25 6.42 13.64 7.15
C THR A 25 6.16 12.39 6.34
N ALA A 26 6.96 11.35 6.59
CA ALA A 26 6.78 10.08 5.91
C ALA A 26 5.38 9.56 6.17
N GLU A 27 5.03 9.51 7.46
CA GLU A 27 3.71 9.07 7.87
C GLU A 27 2.63 9.85 7.12
N LYS A 28 2.78 11.17 7.09
CA LYS A 28 1.83 12.03 6.40
C LYS A 28 1.83 11.74 4.91
N VAL A 29 3.02 11.71 4.31
CA VAL A 29 3.16 11.42 2.90
C VAL A 29 2.47 10.10 2.57
N VAL A 30 2.65 9.13 3.46
CA VAL A 30 2.02 7.83 3.28
C VAL A 30 0.50 7.99 3.28
N LYS A 31 0.00 8.75 4.25
CA LYS A 31 -1.44 8.99 4.35
C LYS A 31 -2.00 9.42 3.00
N GLN A 32 -1.32 10.39 2.38
CA GLN A 32 -1.75 10.89 1.08
C GLN A 32 -1.74 9.75 0.05
N PHE A 33 -0.73 8.90 0.15
CA PHE A 33 -0.60 7.75 -0.75
C PHE A 33 -1.90 6.95 -0.76
N PHE A 34 -2.22 6.37 0.39
CA PHE A 34 -3.44 5.57 0.53
C PHE A 34 -4.68 6.45 0.44
N ASN A 35 -4.61 7.65 1.01
CA ASN A 35 -5.72 8.59 0.96
C ASN A 35 -6.19 8.75 -0.49
N ASP A 36 -5.21 8.75 -1.39
CA ASP A 36 -5.48 8.90 -2.83
C ASP A 36 -5.60 7.56 -3.54
N ASN A 37 -4.99 6.51 -2.98
CA ASN A 37 -5.08 5.18 -3.59
C ASN A 37 -6.39 4.50 -3.22
N GLY A 38 -6.74 4.62 -1.94
CA GLY A 38 -7.94 4.04 -1.37
C GLY A 38 -8.98 3.53 -2.36
N VAL A 39 -10.15 4.19 -2.35
CA VAL A 39 -11.27 3.79 -3.17
C VAL A 39 -11.16 4.17 -4.64
N ASP A 40 -10.96 5.46 -4.93
CA ASP A 40 -10.88 5.91 -6.32
C ASP A 40 -9.44 5.96 -6.83
N GLY A 41 -8.57 5.15 -6.25
CA GLY A 41 -7.19 5.14 -6.68
C GLY A 41 -7.05 4.66 -8.12
N GLU A 42 -6.13 5.27 -8.86
CA GLU A 42 -5.89 4.90 -10.25
C GLU A 42 -4.87 3.77 -10.33
N TRP A 43 -5.34 2.55 -10.57
CA TRP A 43 -4.46 1.41 -10.66
C TRP A 43 -4.58 0.72 -12.02
N THR A 44 -3.48 0.14 -12.48
CA THR A 44 -3.47 -0.59 -13.75
C THR A 44 -3.13 -2.06 -13.52
N TYR A 45 -3.70 -2.95 -14.33
CA TYR A 45 -3.47 -4.38 -14.17
C TYR A 45 -2.65 -4.94 -15.33
N ASP A 46 -1.76 -5.89 -15.01
CA ASP A 46 -0.93 -6.53 -16.02
C ASP A 46 -1.12 -8.04 -16.00
N ASP A 47 -2.13 -8.51 -16.73
CA ASP A 47 -2.44 -9.93 -16.80
C ASP A 47 -1.20 -10.78 -17.04
N ALA A 48 -0.30 -10.27 -17.89
CA ALA A 48 0.93 -10.98 -18.23
C ALA A 48 1.67 -11.47 -16.98
N THR A 49 1.58 -10.71 -15.90
CA THR A 49 2.25 -11.08 -14.66
C THR A 49 1.30 -11.07 -13.47
N LYS A 50 0.00 -11.00 -13.74
CA LYS A 50 -0.99 -10.98 -12.67
C LYS A 50 -0.62 -9.95 -11.61
N THR A 51 -0.03 -8.85 -12.06
CA THR A 51 0.38 -7.78 -11.15
C THR A 51 -0.33 -6.48 -11.45
N PHE A 52 -0.68 -5.75 -10.40
CA PHE A 52 -1.38 -4.47 -10.53
C PHE A 52 -0.47 -3.33 -10.05
N THR A 53 -0.60 -2.17 -10.66
CA THR A 53 0.20 -1.01 -10.25
C THR A 53 -0.69 0.16 -9.84
N VAL A 54 -0.42 0.71 -8.66
CA VAL A 54 -1.18 1.84 -8.15
C VAL A 54 -0.37 3.12 -8.27
N THR A 55 -0.73 3.95 -9.26
CA THR A 55 -0.02 5.20 -9.49
C THR A 55 -0.78 6.38 -8.90
N GLU A 56 -0.16 7.07 -7.94
CA GLU A 56 -0.78 8.23 -7.31
C GLU A 56 -0.80 9.43 -8.24
N MET B 1 -6.00 -18.42 -5.76
CA MET B 1 -5.05 -17.65 -6.61
C MET B 1 -4.51 -16.42 -5.87
N GLN B 2 -3.21 -16.20 -5.99
CA GLN B 2 -2.57 -15.05 -5.35
C GLN B 2 -2.17 -14.03 -6.40
N TYR B 3 -2.23 -12.76 -6.03
CA TYR B 3 -1.86 -11.68 -6.96
C TYR B 3 -0.90 -10.71 -6.29
N LYS B 4 -0.01 -10.14 -7.08
CA LYS B 4 0.96 -9.18 -6.57
C LYS B 4 0.58 -7.76 -6.95
N VAL B 5 0.22 -6.97 -5.94
CA VAL B 5 -0.16 -5.58 -6.16
C VAL B 5 1.03 -4.67 -5.93
N ILE B 6 1.26 -3.77 -6.88
CA ILE B 6 2.36 -2.84 -6.81
C ILE B 6 1.86 -1.42 -6.55
N LEU B 7 2.43 -0.77 -5.54
CA LEU B 7 2.02 0.58 -5.19
C LEU B 7 3.10 1.59 -5.59
N ASN B 8 2.93 2.19 -6.77
CA ASN B 8 3.89 3.17 -7.28
C ASN B 8 3.36 4.59 -7.19
N GLY B 9 3.96 5.38 -6.31
CA GLY B 9 3.54 6.76 -6.15
C GLY B 9 4.66 7.73 -6.46
N LYS B 10 4.49 8.99 -6.09
CA LYS B 10 5.51 9.99 -6.33
C LYS B 10 6.57 9.95 -5.24
N THR B 11 6.11 10.09 -4.00
CA THR B 11 6.99 10.07 -2.83
C THR B 11 6.96 8.72 -2.14
N LEU B 12 6.12 7.81 -2.64
CA LEU B 12 6.01 6.48 -2.04
C LEU B 12 5.96 5.40 -3.12
N LYS B 13 6.71 4.32 -2.89
CA LYS B 13 6.76 3.20 -3.82
C LYS B 13 6.93 1.89 -3.06
N GLY B 14 6.36 0.81 -3.60
CA GLY B 14 6.47 -0.47 -2.93
C GLY B 14 5.78 -1.59 -3.66
N GLU B 15 5.70 -2.75 -3.00
CA GLU B 15 5.04 -3.93 -3.57
C GLU B 15 4.20 -4.64 -2.50
N THR B 16 3.13 -5.29 -2.94
CA THR B 16 2.25 -6.01 -2.03
C THR B 16 1.58 -7.19 -2.74
N THR B 17 0.92 -8.05 -1.98
CA THR B 17 0.25 -9.22 -2.54
C THR B 17 -1.07 -9.57 -1.84
N THR B 18 -2.15 -9.60 -2.62
CA THR B 18 -3.47 -9.93 -2.10
C THR B 18 -3.93 -11.28 -2.67
N GLU B 19 -4.66 -12.04 -1.87
CA GLU B 19 -5.15 -13.35 -2.31
C GLU B 19 -6.65 -13.29 -2.58
N ALA B 20 -7.05 -13.54 -3.83
CA ALA B 20 -8.45 -13.49 -4.20
C ALA B 20 -8.78 -14.48 -5.32
N VAL B 21 -10.01 -14.96 -5.31
CA VAL B 21 -10.48 -15.95 -6.30
C VAL B 21 -10.17 -15.50 -7.73
N ASP B 22 -10.03 -14.20 -7.93
CA ASP B 22 -9.72 -13.67 -9.27
C ASP B 22 -9.13 -12.26 -9.19
N ALA B 23 -8.76 -11.72 -10.34
CA ALA B 23 -8.17 -10.38 -10.40
C ALA B 23 -9.13 -9.32 -9.85
N ALA B 24 -10.41 -9.45 -10.20
CA ALA B 24 -11.41 -8.51 -9.73
C ALA B 24 -11.52 -8.59 -8.21
N THR B 25 -11.72 -9.80 -7.69
CA THR B 25 -11.81 -10.00 -6.26
C THR B 25 -10.57 -9.40 -5.60
N ALA B 26 -9.40 -9.69 -6.18
CA ALA B 26 -8.16 -9.16 -5.67
C ALA B 26 -8.24 -7.64 -5.70
N GLU B 27 -8.60 -7.09 -6.86
CA GLU B 27 -8.74 -5.65 -7.02
C GLU B 27 -9.66 -5.09 -5.95
N LYS B 28 -10.80 -5.75 -5.75
CA LYS B 28 -11.77 -5.31 -4.74
C LYS B 28 -11.16 -5.42 -3.35
N VAL B 29 -10.58 -6.58 -3.05
CA VAL B 29 -9.96 -6.81 -1.76
C VAL B 29 -8.92 -5.73 -1.49
N VAL B 30 -8.17 -5.38 -2.53
CA VAL B 30 -7.17 -4.34 -2.41
C VAL B 30 -7.83 -3.02 -2.06
N LYS B 31 -8.94 -2.71 -2.76
CA LYS B 31 -9.67 -1.48 -2.50
C LYS B 31 -9.94 -1.34 -1.01
N GLN B 32 -10.46 -2.41 -0.42
CA GLN B 32 -10.76 -2.42 1.01
C GLN B 32 -9.50 -2.14 1.81
N PHE B 33 -8.39 -2.73 1.37
CA PHE B 33 -7.10 -2.53 2.02
C PHE B 33 -6.82 -1.05 2.21
N PHE B 34 -6.66 -0.36 1.09
CA PHE B 34 -6.39 1.08 1.10
C PHE B 34 -7.60 1.86 1.61
N ASN B 35 -8.79 1.41 1.23
CA ASN B 35 -10.02 2.06 1.67
C ASN B 35 -10.00 2.21 3.19
N ASP B 36 -9.46 1.18 3.84
CA ASP B 36 -9.36 1.15 5.30
C ASP B 36 -8.02 1.67 5.81
N ASN B 37 -6.98 1.61 4.97
CA ASN B 37 -5.67 2.10 5.38
C ASN B 37 -5.59 3.61 5.21
N GLY B 38 -6.10 4.07 4.08
CA GLY B 38 -6.13 5.49 3.71
C GLY B 38 -5.80 6.48 4.82
N VAL B 39 -6.80 7.27 5.17
CA VAL B 39 -6.64 8.33 6.15
C VAL B 39 -6.62 7.85 7.61
N ASP B 40 -7.66 7.14 8.03
CA ASP B 40 -7.74 6.69 9.41
C ASP B 40 -7.16 5.28 9.61
N GLY B 41 -6.26 4.88 8.71
CA GLY B 41 -5.67 3.57 8.83
C GLY B 41 -4.86 3.40 10.10
N GLU B 42 -4.94 2.21 10.70
CA GLU B 42 -4.20 1.93 11.94
C GLU B 42 -2.81 1.42 11.60
N TRP B 43 -1.81 2.28 11.76
CA TRP B 43 -0.43 1.91 11.47
C TRP B 43 0.45 2.07 12.71
N THR B 44 1.48 1.23 12.81
CA THR B 44 2.42 1.30 13.93
C THR B 44 3.82 1.60 13.40
N TYR B 45 4.61 2.33 14.17
CA TYR B 45 5.96 2.68 13.75
C TYR B 45 7.03 1.98 14.60
N ASP B 46 8.12 1.58 13.96
CA ASP B 46 9.22 0.91 14.64
C ASP B 46 10.52 1.67 14.44
N ASP B 47 10.76 2.67 15.30
CA ASP B 47 11.97 3.48 15.22
C ASP B 47 13.22 2.63 15.04
N ALA B 48 13.26 1.50 15.72
CA ALA B 48 14.41 0.60 15.67
C ALA B 48 14.83 0.29 14.24
N THR B 49 13.86 0.25 13.32
CA THR B 49 14.16 -0.04 11.93
C THR B 49 13.55 1.01 10.99
N LYS B 50 13.10 2.13 11.56
CA LYS B 50 12.50 3.19 10.75
C LYS B 50 11.44 2.62 9.81
N THR B 51 10.75 1.59 10.28
CA THR B 51 9.72 0.94 9.47
C THR B 51 8.35 1.04 10.13
N PHE B 52 7.33 1.25 9.30
CA PHE B 52 5.96 1.36 9.77
C PHE B 52 5.13 0.18 9.28
N THR B 53 4.15 -0.24 10.06
CA THR B 53 3.29 -1.34 9.67
C THR B 53 1.83 -0.93 9.65
N VAL B 54 1.15 -1.20 8.54
CA VAL B 54 -0.25 -0.86 8.39
C VAL B 54 -1.12 -2.11 8.53
N THR B 55 -1.77 -2.25 9.68
CA THR B 55 -2.61 -3.41 9.93
C THR B 55 -4.09 -3.08 9.72
N GLU B 56 -4.72 -3.77 8.76
CA GLU B 56 -6.13 -3.55 8.46
C GLU B 56 -7.01 -4.14 9.55
N MET A 1 15.99 11.23 4.47
CA MET A 1 16.15 9.77 4.72
C MET A 1 15.02 8.97 4.08
N GLN A 2 15.25 7.69 3.89
CA GLN A 2 14.25 6.80 3.31
C GLN A 2 13.57 5.98 4.39
N TYR A 3 12.27 5.79 4.25
CA TYR A 3 11.50 5.03 5.22
C TYR A 3 10.76 3.89 4.54
N LYS A 4 10.65 2.76 5.23
CA LYS A 4 9.98 1.59 4.69
C LYS A 4 8.66 1.31 5.40
N VAL A 5 7.56 1.50 4.69
CA VAL A 5 6.25 1.25 5.26
C VAL A 5 5.77 -0.17 4.92
N ILE A 6 5.24 -0.85 5.92
CA ILE A 6 4.76 -2.21 5.74
C ILE A 6 3.23 -2.24 5.76
N LEU A 7 2.64 -2.76 4.70
CA LEU A 7 1.20 -2.86 4.60
C LEU A 7 0.75 -4.28 4.90
N ASN A 8 0.56 -4.55 6.19
CA ASN A 8 0.16 -5.88 6.66
C ASN A 8 -1.35 -6.04 6.75
N GLY A 9 -1.93 -6.69 5.76
CA GLY A 9 -3.37 -6.91 5.75
C GLY A 9 -3.71 -8.39 5.74
N LYS A 10 -4.89 -8.73 6.27
CA LYS A 10 -5.32 -10.12 6.33
C LYS A 10 -5.28 -10.79 4.95
N THR A 11 -5.90 -10.15 3.97
CA THR A 11 -5.97 -10.68 2.61
C THR A 11 -4.90 -10.05 1.72
N LEU A 12 -4.23 -9.02 2.24
CA LEU A 12 -3.19 -8.34 1.49
C LEU A 12 -1.97 -8.10 2.36
N LYS A 13 -0.79 -8.38 1.82
CA LYS A 13 0.45 -8.19 2.57
C LYS A 13 1.56 -7.71 1.64
N GLY A 14 2.41 -6.82 2.13
CA GLY A 14 3.49 -6.31 1.30
C GLY A 14 4.38 -5.32 2.03
N GLU A 15 5.21 -4.62 1.27
CA GLU A 15 6.12 -3.64 1.82
C GLU A 15 6.36 -2.50 0.85
N THR A 16 6.48 -1.31 1.40
CA THR A 16 6.69 -0.12 0.59
C THR A 16 7.72 0.80 1.23
N THR A 17 8.15 1.81 0.48
CA THR A 17 9.15 2.74 0.97
C THR A 17 8.90 4.17 0.50
N THR A 18 8.74 5.08 1.46
CA THR A 18 8.53 6.49 1.17
C THR A 18 9.76 7.30 1.60
N GLU A 19 10.07 8.36 0.87
CA GLU A 19 11.23 9.19 1.20
C GLU A 19 10.76 10.52 1.79
N ALA A 20 11.17 10.81 3.02
CA ALA A 20 10.76 12.05 3.67
C ALA A 20 11.83 12.56 4.64
N VAL A 21 11.86 13.87 4.84
CA VAL A 21 12.82 14.52 5.72
C VAL A 21 12.87 13.85 7.10
N ASP A 22 11.75 13.23 7.48
CA ASP A 22 11.69 12.55 8.79
C ASP A 22 10.57 11.52 8.81
N ALA A 23 10.48 10.78 9.91
CA ALA A 23 9.47 9.75 10.06
C ALA A 23 8.05 10.31 9.91
N ALA A 24 7.82 11.49 10.49
CA ALA A 24 6.51 12.12 10.40
C ALA A 24 6.20 12.45 8.96
N THR A 25 7.09 13.19 8.30
CA THR A 25 6.91 13.54 6.91
C THR A 25 6.63 12.27 6.11
N ALA A 26 7.43 11.23 6.38
CA ALA A 26 7.24 9.95 5.71
C ALA A 26 5.85 9.43 6.03
N GLU A 27 5.52 9.37 7.32
CA GLU A 27 4.21 8.90 7.76
C GLU A 27 3.11 9.68 7.05
N LYS A 28 3.26 11.00 7.02
CA LYS A 28 2.29 11.87 6.36
C LYS A 28 2.19 11.56 4.87
N VAL A 29 3.34 11.43 4.23
CA VAL A 29 3.39 11.13 2.81
C VAL A 29 2.65 9.83 2.53
N VAL A 30 2.82 8.87 3.43
CA VAL A 30 2.16 7.59 3.31
C VAL A 30 0.64 7.80 3.41
N LYS A 31 0.21 8.56 4.43
CA LYS A 31 -1.21 8.85 4.60
C LYS A 31 -1.82 9.34 3.30
N GLN A 32 -1.18 10.33 2.70
CA GLN A 32 -1.65 10.89 1.44
C GLN A 32 -1.71 9.81 0.37
N PHE A 33 -0.72 8.92 0.40
CA PHE A 33 -0.66 7.81 -0.54
C PHE A 33 -1.98 7.06 -0.56
N PHE A 34 -2.28 6.40 0.55
CA PHE A 34 -3.52 5.63 0.70
C PHE A 34 -4.73 6.56 0.66
N ASN A 35 -4.58 7.72 1.25
CA ASN A 35 -5.64 8.71 1.27
C ASN A 35 -6.14 8.96 -0.16
N ASP A 36 -5.18 8.97 -1.09
CA ASP A 36 -5.46 9.19 -2.51
C ASP A 36 -5.64 7.87 -3.27
N ASN A 37 -5.05 6.78 -2.78
CA ASN A 37 -5.18 5.49 -3.46
C ASN A 37 -6.51 4.86 -3.11
N GLY A 38 -6.86 4.96 -1.83
CA GLY A 38 -8.10 4.42 -1.28
C GLY A 38 -9.09 3.88 -2.29
N VAL A 39 -10.25 4.54 -2.36
CA VAL A 39 -11.35 4.09 -3.22
C VAL A 39 -11.21 4.48 -4.70
N ASP A 40 -11.05 5.76 -4.99
CA ASP A 40 -10.98 6.22 -6.38
C ASP A 40 -9.55 6.31 -6.92
N GLY A 41 -8.64 5.51 -6.37
CA GLY A 41 -7.27 5.54 -6.83
C GLY A 41 -7.14 5.06 -8.27
N GLU A 42 -6.23 5.68 -9.02
CA GLU A 42 -6.00 5.31 -10.42
C GLU A 42 -5.12 4.07 -10.50
N TRP A 43 -5.76 2.90 -10.64
CA TRP A 43 -5.03 1.64 -10.70
C TRP A 43 -5.07 1.01 -12.09
N THR A 44 -3.91 0.54 -12.55
CA THR A 44 -3.81 -0.13 -13.84
C THR A 44 -3.49 -1.60 -13.58
N TYR A 45 -4.07 -2.50 -14.36
CA TYR A 45 -3.84 -3.94 -14.16
C TYR A 45 -3.04 -4.57 -15.30
N ASP A 46 -2.19 -5.53 -14.94
CA ASP A 46 -1.38 -6.24 -15.91
C ASP A 46 -1.63 -7.75 -15.80
N ASP A 47 -2.70 -8.21 -16.44
CA ASP A 47 -3.08 -9.63 -16.40
C ASP A 47 -1.89 -10.54 -16.65
N ALA A 48 -1.00 -10.13 -17.54
CA ALA A 48 0.18 -10.93 -17.89
C ALA A 48 0.94 -11.41 -16.66
N THR A 49 0.92 -10.61 -15.59
CA THR A 49 1.61 -10.97 -14.36
C THR A 49 0.70 -10.86 -13.14
N LYS A 50 -0.61 -10.74 -13.38
CA LYS A 50 -1.57 -10.60 -12.28
C LYS A 50 -1.11 -9.53 -11.29
N THR A 51 -0.46 -8.50 -11.81
CA THR A 51 0.05 -7.42 -10.97
C THR A 51 -0.62 -6.10 -11.31
N PHE A 52 -1.02 -5.36 -10.28
CA PHE A 52 -1.67 -4.06 -10.46
C PHE A 52 -0.71 -2.94 -10.04
N THR A 53 -0.82 -1.78 -10.68
CA THR A 53 0.06 -0.66 -10.33
C THR A 53 -0.73 0.57 -9.89
N VAL A 54 -0.60 0.90 -8.61
CA VAL A 54 -1.27 2.06 -8.04
C VAL A 54 -0.38 3.29 -8.15
N THR A 55 -0.74 4.21 -9.04
CA THR A 55 0.06 5.41 -9.25
C THR A 55 -0.60 6.63 -8.62
N GLU A 56 0.11 7.26 -7.68
CA GLU A 56 -0.42 8.45 -7.00
C GLU A 56 -0.70 9.56 -7.99
N MET B 1 -5.70 -18.19 -6.18
CA MET B 1 -4.37 -17.74 -6.68
C MET B 1 -3.90 -16.51 -5.92
N GLN B 2 -2.59 -16.25 -6.00
CA GLN B 2 -2.01 -15.09 -5.34
C GLN B 2 -1.74 -13.99 -6.36
N TYR B 3 -1.99 -12.75 -5.96
CA TYR B 3 -1.77 -11.61 -6.85
C TYR B 3 -0.84 -10.59 -6.20
N LYS B 4 0.00 -9.97 -7.02
CA LYS B 4 0.96 -9.00 -6.51
C LYS B 4 0.59 -7.58 -6.94
N VAL B 5 0.20 -6.75 -5.98
CA VAL B 5 -0.16 -5.37 -6.28
C VAL B 5 1.04 -4.45 -6.06
N ILE B 6 1.26 -3.56 -7.01
CA ILE B 6 2.37 -2.61 -6.93
C ILE B 6 1.87 -1.21 -6.62
N LEU B 7 2.37 -0.64 -5.53
CA LEU B 7 1.98 0.71 -5.13
C LEU B 7 3.06 1.70 -5.53
N ASN B 8 2.96 2.18 -6.77
CA ASN B 8 3.93 3.11 -7.33
C ASN B 8 3.53 4.57 -7.11
N GLY B 9 4.14 5.21 -6.12
CA GLY B 9 3.85 6.59 -5.83
C GLY B 9 5.07 7.47 -5.98
N LYS B 10 4.86 8.75 -6.27
CA LYS B 10 5.97 9.69 -6.44
C LYS B 10 6.90 9.69 -5.22
N THR B 11 6.31 9.88 -4.04
CA THR B 11 7.08 9.92 -2.80
C THR B 11 7.08 8.57 -2.09
N LEU B 12 6.24 7.65 -2.57
CA LEU B 12 6.16 6.33 -1.98
C LEU B 12 6.17 5.26 -3.07
N LYS B 13 6.95 4.22 -2.86
CA LYS B 13 7.03 3.12 -3.81
C LYS B 13 7.20 1.79 -3.10
N GLY B 14 6.57 0.74 -3.63
CA GLY B 14 6.67 -0.56 -3.00
C GLY B 14 5.91 -1.64 -3.74
N GLU B 15 5.73 -2.79 -3.09
CA GLU B 15 5.03 -3.90 -3.68
C GLU B 15 4.29 -4.70 -2.63
N THR B 16 3.12 -5.19 -3.00
CA THR B 16 2.29 -5.96 -2.09
C THR B 16 1.67 -7.15 -2.79
N THR B 17 1.07 -8.04 -2.01
CA THR B 17 0.45 -9.24 -2.57
C THR B 17 -0.84 -9.64 -1.83
N THR B 18 -1.93 -9.69 -2.59
CA THR B 18 -3.23 -10.08 -2.05
C THR B 18 -3.63 -11.44 -2.63
N GLU B 19 -4.33 -12.25 -1.83
CA GLU B 19 -4.76 -13.57 -2.29
C GLU B 19 -6.26 -13.56 -2.54
N ALA B 20 -6.66 -13.86 -3.77
CA ALA B 20 -8.08 -13.87 -4.12
C ALA B 20 -8.39 -14.89 -5.22
N VAL B 21 -9.62 -15.38 -5.21
CA VAL B 21 -10.07 -16.38 -6.18
C VAL B 21 -9.75 -15.95 -7.62
N ASP B 22 -9.66 -14.64 -7.83
CA ASP B 22 -9.36 -14.13 -9.18
C ASP B 22 -8.82 -12.71 -9.11
N ALA B 23 -8.42 -12.18 -10.25
CA ALA B 23 -7.87 -10.82 -10.32
C ALA B 23 -8.84 -9.79 -9.78
N ALA B 24 -10.11 -9.93 -10.12
CA ALA B 24 -11.12 -9.00 -9.63
C ALA B 24 -11.20 -9.06 -8.12
N THR B 25 -11.42 -10.26 -7.58
CA THR B 25 -11.49 -10.44 -6.14
C THR B 25 -10.26 -9.82 -5.51
N ALA B 26 -9.10 -10.10 -6.10
CA ALA B 26 -7.84 -9.54 -5.62
C ALA B 26 -7.92 -8.03 -5.69
N GLU B 27 -8.27 -7.51 -6.86
CA GLU B 27 -8.39 -6.07 -7.06
C GLU B 27 -9.32 -5.47 -6.02
N LYS B 28 -10.46 -6.13 -5.81
CA LYS B 28 -11.45 -5.66 -4.83
C LYS B 28 -10.87 -5.69 -3.43
N VAL B 29 -10.20 -6.79 -3.08
CA VAL B 29 -9.60 -6.93 -1.77
C VAL B 29 -8.60 -5.80 -1.54
N VAL B 30 -7.88 -5.45 -2.59
CA VAL B 30 -6.92 -4.37 -2.51
C VAL B 30 -7.65 -3.06 -2.24
N LYS B 31 -8.71 -2.80 -3.00
CA LYS B 31 -9.51 -1.59 -2.82
C LYS B 31 -9.88 -1.43 -1.35
N GLN B 32 -10.43 -2.47 -0.77
CA GLN B 32 -10.82 -2.46 0.64
C GLN B 32 -9.62 -2.14 1.51
N PHE B 33 -8.47 -2.70 1.13
CA PHE B 33 -7.23 -2.48 1.86
C PHE B 33 -6.99 -0.98 2.06
N PHE B 34 -6.74 -0.28 0.96
CA PHE B 34 -6.50 1.15 0.98
C PHE B 34 -7.76 1.89 1.42
N ASN B 35 -8.91 1.40 0.99
CA ASN B 35 -10.18 1.99 1.37
C ASN B 35 -10.25 2.13 2.89
N ASP B 36 -9.71 1.12 3.57
CA ASP B 36 -9.69 1.08 5.03
C ASP B 36 -8.39 1.63 5.62
N ASN B 37 -7.30 1.57 4.84
CA ASN B 37 -6.02 2.08 5.32
C ASN B 37 -5.97 3.60 5.20
N GLY B 38 -6.48 4.08 4.06
CA GLY B 38 -6.54 5.49 3.72
C GLY B 38 -6.16 6.45 4.83
N VAL B 39 -7.14 7.24 5.26
CA VAL B 39 -6.93 8.28 6.27
C VAL B 39 -6.91 7.78 7.72
N ASP B 40 -7.95 7.10 8.16
CA ASP B 40 -8.03 6.65 9.55
C ASP B 40 -7.49 5.24 9.75
N GLY B 41 -6.59 4.79 8.90
CA GLY B 41 -6.03 3.46 9.04
C GLY B 41 -5.23 3.31 10.32
N GLU B 42 -5.31 2.13 10.94
CA GLU B 42 -4.58 1.86 12.19
C GLU B 42 -3.12 1.52 11.88
N TRP B 43 -2.25 2.52 11.97
CA TRP B 43 -0.83 2.33 11.67
C TRP B 43 0.04 2.40 12.92
N THR B 44 0.96 1.45 13.04
CA THR B 44 1.91 1.42 14.15
C THR B 44 3.30 1.73 13.61
N TYR B 45 4.09 2.49 14.36
CA TYR B 45 5.43 2.86 13.90
C TYR B 45 6.54 2.20 14.72
N ASP B 46 7.63 1.85 14.04
CA ASP B 46 8.78 1.23 14.68
C ASP B 46 10.04 2.06 14.40
N ASP B 47 10.23 3.11 15.18
CA ASP B 47 11.38 4.01 15.02
C ASP B 47 12.69 3.23 14.85
N ALA B 48 12.81 2.13 15.57
CA ALA B 48 14.02 1.31 15.52
C ALA B 48 14.45 0.99 14.09
N THR B 49 13.49 0.87 13.19
CA THR B 49 13.78 0.56 11.80
C THR B 49 13.08 1.54 10.84
N LYS B 50 12.56 2.64 11.38
CA LYS B 50 11.87 3.63 10.57
C LYS B 50 10.83 2.96 9.68
N THR B 51 10.23 1.89 10.18
CA THR B 51 9.24 1.14 9.42
C THR B 51 7.87 1.19 10.11
N PHE B 52 6.84 1.43 9.31
CA PHE B 52 5.48 1.49 9.83
C PHE B 52 4.69 0.26 9.37
N THR B 53 3.73 -0.19 10.19
CA THR B 53 2.94 -1.37 9.83
C THR B 53 1.45 -1.05 9.76
N VAL B 54 0.90 -1.11 8.56
CA VAL B 54 -0.51 -0.85 8.34
C VAL B 54 -1.30 -2.16 8.42
N THR B 55 -2.06 -2.32 9.51
CA THR B 55 -2.84 -3.53 9.72
C THR B 55 -4.32 -3.30 9.44
N GLU B 56 -4.86 -4.04 8.47
CA GLU B 56 -6.27 -3.92 8.12
C GLU B 56 -7.16 -4.24 9.30
N MET A 1 15.50 11.26 4.86
CA MET A 1 15.90 9.84 4.76
C MET A 1 14.80 9.00 4.12
N GLN A 2 15.06 7.71 3.99
CA GLN A 2 14.10 6.78 3.41
C GLN A 2 13.52 5.88 4.49
N TYR A 3 12.25 5.53 4.37
CA TYR A 3 11.59 4.67 5.34
C TYR A 3 10.89 3.51 4.66
N LYS A 4 10.83 2.38 5.36
CA LYS A 4 10.19 1.18 4.83
C LYS A 4 8.85 0.94 5.52
N VAL A 5 7.77 1.15 4.79
CA VAL A 5 6.44 0.95 5.33
C VAL A 5 5.91 -0.45 5.03
N ILE A 6 5.44 -1.13 6.06
CA ILE A 6 4.89 -2.47 5.92
C ILE A 6 3.37 -2.42 5.93
N LEU A 7 2.78 -2.81 4.80
CA LEU A 7 1.32 -2.81 4.68
C LEU A 7 0.77 -4.20 5.01
N ASN A 8 0.55 -4.44 6.30
CA ASN A 8 0.05 -5.72 6.78
C ASN A 8 -1.46 -5.70 6.98
N GLY A 9 -2.19 -6.38 6.09
CA GLY A 9 -3.64 -6.41 6.21
C GLY A 9 -4.17 -7.80 6.47
N LYS A 10 -5.48 -7.98 6.30
CA LYS A 10 -6.11 -9.27 6.52
C LYS A 10 -5.82 -10.24 5.37
N THR A 11 -6.19 -9.83 4.16
CA THR A 11 -5.99 -10.65 2.98
C THR A 11 -4.91 -10.06 2.08
N LEU A 12 -4.20 -9.06 2.59
CA LEU A 12 -3.16 -8.42 1.81
C LEU A 12 -1.92 -8.13 2.65
N LYS A 13 -0.75 -8.37 2.06
CA LYS A 13 0.51 -8.13 2.74
C LYS A 13 1.56 -7.64 1.75
N GLY A 14 2.45 -6.76 2.22
CA GLY A 14 3.49 -6.24 1.34
C GLY A 14 4.43 -5.29 2.04
N GLU A 15 5.32 -4.67 1.25
CA GLU A 15 6.28 -3.72 1.78
C GLU A 15 6.47 -2.55 0.82
N THR A 16 6.51 -1.35 1.36
CA THR A 16 6.68 -0.15 0.55
C THR A 16 7.71 0.79 1.17
N THR A 17 8.15 1.80 0.41
CA THR A 17 9.15 2.74 0.90
C THR A 17 8.91 4.17 0.41
N THR A 18 8.70 5.08 1.36
CA THR A 18 8.48 6.50 1.06
C THR A 18 9.71 7.30 1.47
N GLU A 19 10.02 8.36 0.74
CA GLU A 19 11.16 9.20 1.05
C GLU A 19 10.69 10.52 1.66
N ALA A 20 11.05 10.77 2.92
CA ALA A 20 10.65 11.99 3.60
C ALA A 20 11.70 12.47 4.59
N VAL A 21 11.75 13.79 4.77
CA VAL A 21 12.71 14.43 5.66
C VAL A 21 12.72 13.80 7.06
N ASP A 22 11.54 13.41 7.53
CA ASP A 22 11.42 12.79 8.84
C ASP A 22 10.34 11.71 8.85
N ALA A 23 10.25 10.97 9.96
CA ALA A 23 9.27 9.91 10.10
C ALA A 23 7.86 10.43 9.93
N ALA A 24 7.57 11.58 10.53
CA ALA A 24 6.25 12.18 10.44
C ALA A 24 5.94 12.53 8.99
N THR A 25 6.84 13.30 8.36
CA THR A 25 6.67 13.67 6.97
C THR A 25 6.42 12.41 6.16
N ALA A 26 7.24 11.39 6.42
CA ALA A 26 7.10 10.12 5.73
C ALA A 26 5.72 9.55 6.02
N GLU A 27 5.37 9.46 7.30
CA GLU A 27 4.06 8.96 7.72
C GLU A 27 2.96 9.69 6.96
N LYS A 28 3.07 11.03 6.93
CA LYS A 28 2.10 11.85 6.23
C LYS A 28 2.11 11.53 4.74
N VAL A 29 3.31 11.46 4.18
CA VAL A 29 3.47 11.14 2.77
C VAL A 29 2.78 9.83 2.44
N VAL A 30 2.97 8.84 3.31
CA VAL A 30 2.33 7.55 3.12
C VAL A 30 0.82 7.71 3.21
N LYS A 31 0.36 8.42 4.24
CA LYS A 31 -1.07 8.67 4.40
C LYS A 31 -1.66 9.23 3.12
N GLN A 32 -0.97 10.20 2.53
CA GLN A 32 -1.42 10.81 1.28
C GLN A 32 -1.49 9.74 0.20
N PHE A 33 -0.51 8.83 0.24
CA PHE A 33 -0.44 7.72 -0.72
C PHE A 33 -1.76 6.96 -0.73
N PHE A 34 -2.07 6.33 0.40
CA PHE A 34 -3.31 5.57 0.56
C PHE A 34 -4.52 6.50 0.49
N ASN A 35 -4.38 7.68 1.06
CA ASN A 35 -5.44 8.67 1.03
C ASN A 35 -5.91 8.90 -0.40
N ASP A 36 -4.95 8.89 -1.31
CA ASP A 36 -5.22 9.09 -2.73
C ASP A 36 -5.39 7.77 -3.49
N ASN A 37 -4.85 6.68 -2.94
CA ASN A 37 -4.98 5.37 -3.60
C ASN A 37 -6.32 4.73 -3.25
N GLY A 38 -6.64 4.77 -1.95
CA GLY A 38 -7.87 4.22 -1.43
C GLY A 38 -8.89 3.77 -2.47
N VAL A 39 -10.01 4.49 -2.53
CA VAL A 39 -11.10 4.12 -3.43
C VAL A 39 -11.30 5.08 -4.61
N ASP A 40 -10.42 6.07 -4.78
CA ASP A 40 -10.57 7.01 -5.89
C ASP A 40 -9.31 7.08 -6.74
N GLY A 41 -8.38 6.15 -6.52
CA GLY A 41 -7.14 6.15 -7.29
C GLY A 41 -7.28 5.51 -8.66
N GLU A 42 -6.24 5.63 -9.47
CA GLU A 42 -6.23 5.06 -10.81
C GLU A 42 -5.51 3.72 -10.81
N TRP A 43 -6.28 2.64 -10.83
CA TRP A 43 -5.70 1.29 -10.79
C TRP A 43 -5.59 0.65 -12.16
N THR A 44 -4.36 0.32 -12.55
CA THR A 44 -4.10 -0.33 -13.82
C THR A 44 -3.68 -1.78 -13.57
N TYR A 45 -4.20 -2.71 -14.36
CA TYR A 45 -3.88 -4.12 -14.17
C TYR A 45 -3.02 -4.67 -15.33
N ASP A 46 -2.10 -5.57 -14.99
CA ASP A 46 -1.24 -6.19 -15.97
C ASP A 46 -1.36 -7.71 -15.92
N ASP A 47 -2.40 -8.23 -16.57
CA ASP A 47 -2.67 -9.67 -16.59
C ASP A 47 -1.41 -10.46 -16.93
N ALA A 48 -0.56 -9.90 -17.80
CA ALA A 48 0.67 -10.57 -18.20
C ALA A 48 1.48 -11.06 -17.01
N THR A 49 1.42 -10.32 -15.91
CA THR A 49 2.16 -10.69 -14.70
C THR A 49 1.25 -10.73 -13.47
N LYS A 50 -0.06 -10.67 -13.69
CA LYS A 50 -1.02 -10.68 -12.58
C LYS A 50 -0.67 -9.60 -11.56
N THR A 51 -0.11 -8.49 -12.04
CA THR A 51 0.28 -7.41 -11.17
C THR A 51 -0.48 -6.12 -11.47
N PHE A 52 -0.84 -5.41 -10.41
CA PHE A 52 -1.57 -4.15 -10.54
C PHE A 52 -0.68 -2.98 -10.13
N THR A 53 -0.80 -1.86 -10.82
CA THR A 53 0.02 -0.68 -10.49
C THR A 53 -0.85 0.50 -10.06
N VAL A 54 -0.90 0.71 -8.75
CA VAL A 54 -1.67 1.81 -8.19
C VAL A 54 -0.85 3.09 -8.24
N THR A 55 -1.23 4.00 -9.15
CA THR A 55 -0.51 5.25 -9.31
C THR A 55 -1.19 6.38 -8.56
N GLU A 56 -0.55 6.86 -7.50
CA GLU A 56 -1.10 7.95 -6.70
C GLU A 56 -1.18 9.23 -7.52
N MET B 1 -5.99 -17.70 -6.45
CA MET B 1 -4.53 -17.53 -6.65
C MET B 1 -4.01 -16.30 -5.93
N GLN B 2 -2.71 -16.07 -6.05
CA GLN B 2 -2.07 -14.92 -5.41
C GLN B 2 -1.69 -13.89 -6.46
N TYR B 3 -1.79 -12.62 -6.11
CA TYR B 3 -1.44 -11.54 -7.03
C TYR B 3 -0.47 -10.55 -6.40
N LYS B 4 0.38 -9.97 -7.23
CA LYS B 4 1.37 -9.00 -6.75
C LYS B 4 0.97 -7.58 -7.16
N VAL B 5 0.57 -6.79 -6.17
CA VAL B 5 0.17 -5.42 -6.44
C VAL B 5 1.32 -4.44 -6.23
N ILE B 6 1.55 -3.60 -7.23
CA ILE B 6 2.62 -2.61 -7.18
C ILE B 6 2.04 -1.25 -6.82
N LEU B 7 2.45 -0.72 -5.68
CA LEU B 7 1.98 0.58 -5.23
C LEU B 7 2.97 1.66 -5.64
N ASN B 8 2.82 2.15 -6.87
CA ASN B 8 3.71 3.17 -7.41
C ASN B 8 3.12 4.58 -7.26
N GLY B 9 3.68 5.37 -6.34
CA GLY B 9 3.20 6.72 -6.13
C GLY B 9 4.22 7.77 -6.48
N LYS B 10 3.96 9.00 -6.05
CA LYS B 10 4.87 10.12 -6.32
C LYS B 10 6.11 10.04 -5.42
N THR B 11 5.88 10.04 -4.11
CA THR B 11 6.97 9.99 -3.14
C THR B 11 7.00 8.65 -2.43
N LEU B 12 6.22 7.69 -2.92
CA LEU B 12 6.16 6.38 -2.31
C LEU B 12 6.15 5.28 -3.35
N LYS B 13 6.90 4.21 -3.08
CA LYS B 13 6.97 3.07 -3.99
C LYS B 13 7.11 1.77 -3.20
N GLY B 14 6.51 0.70 -3.71
CA GLY B 14 6.59 -0.58 -3.02
C GLY B 14 5.88 -1.70 -3.75
N GLU B 15 5.82 -2.86 -3.11
CA GLU B 15 5.16 -4.03 -3.69
C GLU B 15 4.39 -4.79 -2.62
N THR B 16 3.17 -5.21 -2.97
CA THR B 16 2.32 -5.95 -2.05
C THR B 16 1.69 -7.15 -2.74
N THR B 17 1.09 -8.05 -1.95
CA THR B 17 0.46 -9.25 -2.50
C THR B 17 -0.81 -9.66 -1.76
N THR B 18 -1.93 -9.66 -2.49
CA THR B 18 -3.23 -10.05 -1.94
C THR B 18 -3.62 -11.42 -2.49
N GLU B 19 -4.32 -12.22 -1.69
CA GLU B 19 -4.76 -13.54 -2.12
C GLU B 19 -6.26 -13.52 -2.40
N ALA B 20 -6.64 -13.75 -3.66
CA ALA B 20 -8.05 -13.74 -4.03
C ALA B 20 -8.35 -14.74 -5.14
N VAL B 21 -9.57 -15.26 -5.13
CA VAL B 21 -10.01 -16.26 -6.11
C VAL B 21 -9.75 -15.80 -7.54
N ASP B 22 -9.91 -14.51 -7.80
CA ASP B 22 -9.68 -13.97 -9.14
C ASP B 22 -9.08 -12.56 -9.07
N ALA B 23 -8.68 -12.04 -10.22
CA ALA B 23 -8.09 -10.71 -10.29
C ALA B 23 -9.02 -9.65 -9.73
N ALA B 24 -10.29 -9.74 -10.08
CA ALA B 24 -11.28 -8.78 -9.60
C ALA B 24 -11.37 -8.85 -8.09
N THR B 25 -11.62 -10.06 -7.57
CA THR B 25 -11.71 -10.26 -6.14
C THR B 25 -10.46 -9.68 -5.48
N ALA B 26 -9.31 -9.99 -6.07
CA ALA B 26 -8.05 -9.48 -5.58
C ALA B 26 -8.07 -7.95 -5.63
N GLU B 27 -8.40 -7.41 -6.80
CA GLU B 27 -8.48 -5.96 -6.97
C GLU B 27 -9.37 -5.36 -5.90
N LYS B 28 -10.53 -5.97 -5.69
CA LYS B 28 -11.47 -5.51 -4.67
C LYS B 28 -10.83 -5.63 -3.29
N VAL B 29 -10.22 -6.78 -3.03
CA VAL B 29 -9.56 -7.02 -1.75
C VAL B 29 -8.53 -5.94 -1.48
N VAL B 30 -7.77 -5.59 -2.51
CA VAL B 30 -6.77 -4.55 -2.38
C VAL B 30 -7.46 -3.22 -2.10
N LYS B 31 -8.50 -2.92 -2.88
CA LYS B 31 -9.25 -1.68 -2.68
C LYS B 31 -9.68 -1.56 -1.23
N GLN B 32 -10.21 -2.64 -0.67
CA GLN B 32 -10.62 -2.65 0.72
C GLN B 32 -9.43 -2.34 1.62
N PHE B 33 -8.28 -2.89 1.23
CA PHE B 33 -7.02 -2.67 1.95
C PHE B 33 -6.78 -1.17 2.15
N PHE B 34 -6.58 -0.47 1.03
CA PHE B 34 -6.35 0.98 1.05
C PHE B 34 -7.59 1.70 1.54
N ASN B 35 -8.75 1.21 1.13
CA ASN B 35 -10.02 1.79 1.54
C ASN B 35 -10.06 1.92 3.06
N ASP B 36 -9.52 0.90 3.72
CA ASP B 36 -9.47 0.86 5.18
C ASP B 36 -8.16 1.41 5.74
N ASN B 37 -7.10 1.41 4.94
CA ASN B 37 -5.81 1.93 5.39
C ASN B 37 -5.76 3.45 5.26
N GLY B 38 -6.20 3.92 4.09
CA GLY B 38 -6.25 5.34 3.79
C GLY B 38 -5.96 6.28 4.94
N VAL B 39 -6.98 7.02 5.37
CA VAL B 39 -6.83 8.02 6.42
C VAL B 39 -7.51 7.65 7.74
N ASP B 40 -8.06 6.45 7.86
CA ASP B 40 -8.73 6.05 9.09
C ASP B 40 -8.16 4.74 9.65
N GLY B 41 -7.03 4.28 9.09
CA GLY B 41 -6.43 3.04 9.55
C GLY B 41 -5.60 3.21 10.80
N GLU B 42 -5.16 2.08 11.37
CA GLU B 42 -4.34 2.09 12.58
C GLU B 42 -2.86 1.95 12.21
N TRP B 43 -2.14 3.07 12.24
CA TRP B 43 -0.74 3.07 11.87
C TRP B 43 0.20 3.00 13.06
N THR B 44 1.01 1.94 13.11
CA THR B 44 1.99 1.77 14.18
C THR B 44 3.39 1.98 13.61
N TYR B 45 4.24 2.68 14.36
CA TYR B 45 5.59 2.97 13.90
C TYR B 45 6.63 2.22 14.72
N ASP B 46 7.71 1.78 14.06
CA ASP B 46 8.80 1.07 14.71
C ASP B 46 10.12 1.79 14.46
N ASP B 47 10.37 2.83 15.24
CA ASP B 47 11.61 3.61 15.11
C ASP B 47 12.84 2.72 15.02
N ALA B 48 12.82 1.61 15.75
CA ALA B 48 13.94 0.68 15.78
C ALA B 48 14.40 0.31 14.37
N THR B 49 13.46 0.25 13.43
CA THR B 49 13.79 -0.10 12.04
C THR B 49 13.22 0.92 11.06
N LYS B 50 12.77 2.07 11.58
CA LYS B 50 12.21 3.11 10.72
C LYS B 50 11.10 2.54 9.82
N THR B 51 10.40 1.54 10.33
CA THR B 51 9.35 0.89 9.56
C THR B 51 7.98 1.04 10.22
N PHE B 52 6.97 1.26 9.39
CA PHE B 52 5.60 1.43 9.86
C PHE B 52 4.75 0.23 9.45
N THR B 53 3.84 -0.21 10.31
CA THR B 53 2.99 -1.34 10.00
C THR B 53 1.51 -0.95 9.95
N VAL B 54 1.00 -0.78 8.73
CA VAL B 54 -0.39 -0.42 8.53
C VAL B 54 -1.27 -1.66 8.60
N THR B 55 -2.01 -1.80 9.69
CA THR B 55 -2.88 -2.96 9.87
C THR B 55 -4.31 -2.65 9.48
N GLU B 56 -4.76 -3.27 8.39
CA GLU B 56 -6.12 -3.06 7.90
C GLU B 56 -7.13 -3.61 8.90
N MET A 1 15.86 11.40 3.38
CA MET A 1 15.96 10.10 4.07
C MET A 1 14.90 9.12 3.56
N GLN A 2 15.23 7.84 3.56
CA GLN A 2 14.31 6.80 3.11
C GLN A 2 13.75 6.02 4.29
N TYR A 3 12.46 5.69 4.23
CA TYR A 3 11.83 4.93 5.31
C TYR A 3 11.11 3.71 4.76
N LYS A 4 10.99 2.69 5.60
CA LYS A 4 10.33 1.45 5.21
C LYS A 4 8.89 1.44 5.71
N VAL A 5 7.96 1.15 4.82
CA VAL A 5 6.55 1.09 5.18
C VAL A 5 5.99 -0.30 4.91
N ILE A 6 5.50 -0.94 5.96
CA ILE A 6 4.95 -2.28 5.86
C ILE A 6 3.43 -2.24 5.90
N LEU A 7 2.80 -2.83 4.88
CA LEU A 7 1.35 -2.85 4.79
C LEU A 7 0.82 -4.25 5.09
N ASN A 8 0.46 -4.49 6.36
CA ASN A 8 -0.05 -5.80 6.79
C ASN A 8 -1.56 -5.79 6.96
N GLY A 9 -2.26 -6.47 6.05
CA GLY A 9 -3.71 -6.54 6.14
C GLY A 9 -4.20 -7.95 6.37
N LYS A 10 -5.50 -8.16 6.17
CA LYS A 10 -6.10 -9.48 6.36
C LYS A 10 -5.81 -10.39 5.16
N THR A 11 -6.21 -9.93 3.98
CA THR A 11 -6.03 -10.70 2.76
C THR A 11 -4.93 -10.10 1.88
N LEU A 12 -4.23 -9.11 2.40
CA LEU A 12 -3.17 -8.46 1.65
C LEU A 12 -1.93 -8.25 2.50
N LYS A 13 -0.77 -8.55 1.93
CA LYS A 13 0.51 -8.39 2.61
C LYS A 13 1.55 -7.81 1.65
N GLY A 14 2.35 -6.86 2.13
CA GLY A 14 3.36 -6.26 1.28
C GLY A 14 4.29 -5.32 2.00
N GLU A 15 5.18 -4.69 1.23
CA GLU A 15 6.14 -3.74 1.77
C GLU A 15 6.37 -2.58 0.80
N THR A 16 6.51 -1.38 1.35
CA THR A 16 6.72 -0.18 0.55
C THR A 16 7.72 0.76 1.22
N THR A 17 8.17 1.77 0.48
CA THR A 17 9.15 2.73 1.02
C THR A 17 8.91 4.16 0.53
N THR A 18 8.73 5.07 1.48
CA THR A 18 8.51 6.49 1.19
C THR A 18 9.73 7.31 1.59
N GLU A 19 10.01 8.37 0.84
CA GLU A 19 11.16 9.23 1.13
C GLU A 19 10.69 10.55 1.72
N ALA A 20 11.07 10.83 2.96
CA ALA A 20 10.66 12.05 3.63
C ALA A 20 11.71 12.56 4.61
N VAL A 21 11.75 13.88 4.77
CA VAL A 21 12.73 14.53 5.65
C VAL A 21 12.73 13.91 7.05
N ASP A 22 11.57 13.52 7.53
CA ASP A 22 11.45 12.91 8.86
C ASP A 22 10.35 11.86 8.90
N ALA A 23 10.28 11.13 10.02
CA ALA A 23 9.28 10.08 10.18
C ALA A 23 7.86 10.62 10.01
N ALA A 24 7.60 11.77 10.60
CA ALA A 24 6.28 12.38 10.50
C ALA A 24 5.97 12.70 9.04
N THR A 25 6.85 13.45 8.40
CA THR A 25 6.68 13.79 7.00
C THR A 25 6.46 12.52 6.21
N ALA A 26 7.28 11.51 6.48
CA ALA A 26 7.14 10.22 5.83
C ALA A 26 5.76 9.66 6.13
N GLU A 27 5.41 9.59 7.41
CA GLU A 27 4.11 9.10 7.83
C GLU A 27 3.01 9.78 7.03
N LYS A 28 3.09 11.11 6.95
CA LYS A 28 2.10 11.89 6.22
C LYS A 28 2.14 11.51 4.75
N VAL A 29 3.35 11.44 4.20
CA VAL A 29 3.53 11.07 2.80
C VAL A 29 2.85 9.73 2.51
N VAL A 30 3.04 8.79 3.43
CA VAL A 30 2.43 7.48 3.29
C VAL A 30 0.92 7.63 3.40
N LYS A 31 0.46 8.33 4.43
CA LYS A 31 -0.97 8.55 4.62
C LYS A 31 -1.59 9.14 3.35
N GLN A 32 -0.91 10.12 2.77
CA GLN A 32 -1.39 10.74 1.54
C GLN A 32 -1.49 9.68 0.45
N PHE A 33 -0.51 8.79 0.45
CA PHE A 33 -0.45 7.69 -0.51
C PHE A 33 -1.78 6.93 -0.51
N PHE A 34 -2.08 6.30 0.62
CA PHE A 34 -3.31 5.54 0.79
C PHE A 34 -4.52 6.45 0.78
N ASN A 35 -4.40 7.60 1.42
CA ASN A 35 -5.47 8.58 1.46
C ASN A 35 -5.98 8.86 0.05
N ASP A 36 -5.03 8.90 -0.89
CA ASP A 36 -5.32 9.16 -2.29
C ASP A 36 -5.48 7.88 -3.11
N ASN A 37 -4.85 6.78 -2.66
CA ASN A 37 -4.96 5.50 -3.38
C ASN A 37 -6.31 4.86 -3.10
N GLY A 38 -6.72 4.98 -1.84
CA GLY A 38 -7.98 4.43 -1.35
C GLY A 38 -8.90 3.85 -2.41
N VAL A 39 -10.07 4.45 -2.56
CA VAL A 39 -11.09 3.95 -3.48
C VAL A 39 -10.94 4.39 -4.93
N ASP A 40 -10.87 5.69 -5.20
CA ASP A 40 -10.80 6.16 -6.58
C ASP A 40 -9.38 6.27 -7.12
N GLY A 41 -8.46 5.50 -6.58
CA GLY A 41 -7.08 5.56 -7.06
C GLY A 41 -6.97 5.08 -8.49
N GLU A 42 -6.01 5.63 -9.24
CA GLU A 42 -5.81 5.24 -10.64
C GLU A 42 -5.06 3.91 -10.70
N TRP A 43 -5.80 2.80 -10.76
CA TRP A 43 -5.20 1.48 -10.79
C TRP A 43 -5.19 0.87 -12.19
N THR A 44 -4.01 0.48 -12.65
CA THR A 44 -3.86 -0.17 -13.95
C THR A 44 -3.56 -1.64 -13.74
N TYR A 45 -4.16 -2.51 -14.56
CA TYR A 45 -3.95 -3.94 -14.41
C TYR A 45 -3.18 -4.53 -15.60
N ASP A 46 -2.29 -5.47 -15.30
CA ASP A 46 -1.49 -6.13 -16.32
C ASP A 46 -1.68 -7.64 -16.24
N ASP A 47 -2.75 -8.13 -16.86
CA ASP A 47 -3.06 -9.56 -16.84
C ASP A 47 -1.85 -10.40 -17.24
N ALA A 48 -1.05 -9.88 -18.17
CA ALA A 48 0.15 -10.58 -18.63
C ALA A 48 1.07 -10.94 -17.46
N THR A 49 1.08 -10.10 -16.43
CA THR A 49 1.92 -10.33 -15.26
C THR A 49 1.08 -10.56 -14.00
N LYS A 50 -0.23 -10.68 -14.16
CA LYS A 50 -1.12 -10.91 -13.03
C LYS A 50 -0.82 -9.91 -11.91
N THR A 51 -0.42 -8.70 -12.28
CA THR A 51 -0.09 -7.68 -11.31
C THR A 51 -0.88 -6.40 -11.53
N PHE A 52 -1.08 -5.66 -10.45
CA PHE A 52 -1.82 -4.39 -10.50
C PHE A 52 -0.92 -3.25 -10.00
N THR A 53 -1.06 -2.07 -10.60
CA THR A 53 -0.26 -0.92 -10.19
C THR A 53 -1.13 0.25 -9.77
N VAL A 54 -0.86 0.78 -8.59
CA VAL A 54 -1.60 1.92 -8.06
C VAL A 54 -0.75 3.19 -8.19
N THR A 55 -1.10 4.02 -9.18
CA THR A 55 -0.36 5.24 -9.42
C THR A 55 -0.99 6.45 -8.73
N GLU A 56 -0.30 6.97 -7.73
CA GLU A 56 -0.78 8.14 -6.98
C GLU A 56 -1.18 9.26 -7.92
N MET B 1 -5.65 -18.31 -5.08
CA MET B 1 -4.59 -17.79 -5.96
C MET B 1 -3.95 -16.53 -5.39
N GLN B 2 -2.67 -16.34 -5.65
CA GLN B 2 -1.95 -15.17 -5.16
C GLN B 2 -1.68 -14.19 -6.29
N TYR B 3 -1.83 -12.89 -6.01
CA TYR B 3 -1.60 -11.86 -7.01
C TYR B 3 -0.60 -10.82 -6.51
N LYS B 4 0.10 -10.19 -7.44
CA LYS B 4 1.08 -9.17 -7.11
C LYS B 4 0.49 -7.78 -7.28
N VAL B 5 0.63 -6.96 -6.25
CA VAL B 5 0.11 -5.59 -6.29
C VAL B 5 1.24 -4.59 -6.11
N ILE B 6 1.42 -3.75 -7.12
CA ILE B 6 2.47 -2.75 -7.11
C ILE B 6 1.91 -1.37 -6.79
N LEU B 7 2.44 -0.73 -5.75
CA LEU B 7 1.99 0.59 -5.35
C LEU B 7 3.01 1.65 -5.74
N ASN B 8 2.82 2.27 -6.91
CA ASN B 8 3.74 3.29 -7.40
C ASN B 8 3.18 4.70 -7.22
N GLY B 9 3.75 5.46 -6.30
CA GLY B 9 3.30 6.82 -6.07
C GLY B 9 4.36 7.84 -6.39
N LYS B 10 4.15 9.08 -5.94
CA LYS B 10 5.10 10.15 -6.19
C LYS B 10 6.29 10.05 -5.24
N THR B 11 6.01 10.08 -3.95
CA THR B 11 7.04 10.01 -2.92
C THR B 11 7.07 8.65 -2.24
N LEU B 12 6.29 7.71 -2.75
CA LEU B 12 6.24 6.39 -2.16
C LEU B 12 6.28 5.30 -3.23
N LYS B 13 7.09 4.27 -2.98
CA LYS B 13 7.24 3.15 -3.90
C LYS B 13 7.27 1.83 -3.12
N GLY B 14 6.59 0.81 -3.62
CA GLY B 14 6.59 -0.47 -2.93
C GLY B 14 5.89 -1.57 -3.69
N GLU B 15 5.78 -2.74 -3.05
CA GLU B 15 5.14 -3.89 -3.65
C GLU B 15 4.38 -4.69 -2.60
N THR B 16 3.21 -5.19 -2.98
CA THR B 16 2.37 -5.96 -2.06
C THR B 16 1.71 -7.14 -2.79
N THR B 17 1.10 -8.06 -2.02
CA THR B 17 0.45 -9.23 -2.62
C THR B 17 -0.82 -9.63 -1.88
N THR B 18 -1.94 -9.67 -2.62
CA THR B 18 -3.24 -10.06 -2.07
C THR B 18 -3.65 -11.44 -2.60
N GLU B 19 -4.34 -12.21 -1.78
CA GLU B 19 -4.80 -13.53 -2.19
C GLU B 19 -6.30 -13.51 -2.45
N ALA B 20 -6.69 -13.78 -3.69
CA ALA B 20 -8.11 -13.78 -4.05
C ALA B 20 -8.42 -14.79 -5.15
N VAL B 21 -9.65 -15.30 -5.12
CA VAL B 21 -10.10 -16.30 -6.09
C VAL B 21 -9.85 -15.86 -7.54
N ASP B 22 -10.00 -14.58 -7.79
CA ASP B 22 -9.79 -14.04 -9.13
C ASP B 22 -9.21 -12.63 -9.09
N ALA B 23 -8.84 -12.11 -10.25
CA ALA B 23 -8.26 -10.78 -10.35
C ALA B 23 -9.19 -9.71 -9.79
N ALA B 24 -10.47 -9.83 -10.12
CA ALA B 24 -11.46 -8.87 -9.63
C ALA B 24 -11.53 -8.93 -8.12
N THR B 25 -11.77 -10.13 -7.58
CA THR B 25 -11.83 -10.31 -6.14
C THR B 25 -10.57 -9.74 -5.52
N ALA B 26 -9.43 -10.05 -6.12
CA ALA B 26 -8.16 -9.54 -5.67
C ALA B 26 -8.18 -8.02 -5.72
N GLU B 27 -8.52 -7.48 -6.89
CA GLU B 27 -8.62 -6.04 -7.08
C GLU B 27 -9.46 -5.43 -5.96
N LYS B 28 -10.61 -6.01 -5.70
CA LYS B 28 -11.49 -5.54 -4.65
C LYS B 28 -10.81 -5.64 -3.31
N VAL B 29 -10.20 -6.80 -3.05
CA VAL B 29 -9.49 -7.03 -1.81
C VAL B 29 -8.44 -5.94 -1.59
N VAL B 30 -7.73 -5.62 -2.65
CA VAL B 30 -6.71 -4.59 -2.58
C VAL B 30 -7.39 -3.24 -2.32
N LYS B 31 -8.43 -2.93 -3.11
CA LYS B 31 -9.16 -1.69 -2.93
C LYS B 31 -9.63 -1.55 -1.49
N GLN B 32 -10.16 -2.63 -0.93
CA GLN B 32 -10.61 -2.61 0.46
C GLN B 32 -9.44 -2.29 1.37
N PHE B 33 -8.28 -2.83 1.01
CA PHE B 33 -7.05 -2.61 1.77
C PHE B 33 -6.81 -1.11 1.94
N PHE B 34 -6.59 -0.43 0.83
CA PHE B 34 -6.36 1.02 0.82
C PHE B 34 -7.61 1.77 1.24
N ASN B 35 -8.76 1.31 0.77
CA ASN B 35 -10.04 1.92 1.12
C ASN B 35 -10.15 2.05 2.64
N ASP B 36 -9.65 1.04 3.33
CA ASP B 36 -9.67 0.99 4.79
C ASP B 36 -8.36 1.50 5.42
N ASN B 37 -7.26 1.42 4.69
CA ASN B 37 -5.98 1.90 5.21
C ASN B 37 -5.92 3.42 5.13
N GLY B 38 -6.45 3.94 4.03
CA GLY B 38 -6.50 5.37 3.76
C GLY B 38 -6.04 6.27 4.90
N VAL B 39 -6.97 7.08 5.39
CA VAL B 39 -6.67 8.07 6.43
C VAL B 39 -6.67 7.54 7.87
N ASP B 40 -7.77 6.94 8.31
CA ASP B 40 -7.87 6.48 9.69
C ASP B 40 -7.36 5.06 9.90
N GLY B 41 -6.46 4.60 9.06
CA GLY B 41 -5.93 3.26 9.23
C GLY B 41 -5.14 3.12 10.52
N GLU B 42 -5.13 1.92 11.10
CA GLU B 42 -4.39 1.67 12.33
C GLU B 42 -2.91 1.48 12.03
N TRP B 43 -2.15 2.58 12.08
CA TRP B 43 -0.73 2.54 11.78
C TRP B 43 0.14 2.55 13.04
N THR B 44 1.01 1.55 13.15
CA THR B 44 1.94 1.46 14.26
C THR B 44 3.34 1.80 13.77
N TYR B 45 4.11 2.53 14.57
CA TYR B 45 5.46 2.93 14.17
C TYR B 45 6.52 2.27 15.04
N ASP B 46 7.63 1.86 14.40
CA ASP B 46 8.73 1.24 15.11
C ASP B 46 10.02 2.00 14.85
N ASP B 47 10.23 3.07 15.61
CA ASP B 47 11.44 3.90 15.46
C ASP B 47 12.69 3.05 15.42
N ALA B 48 12.71 1.98 16.23
CA ALA B 48 13.86 1.09 16.30
C ALA B 48 14.25 0.57 14.91
N THR B 49 13.26 0.39 14.05
CA THR B 49 13.50 -0.11 12.70
C THR B 49 13.14 0.93 11.64
N LYS B 50 12.83 2.15 12.07
CA LYS B 50 12.48 3.22 11.14
C LYS B 50 11.42 2.74 10.14
N THR B 51 10.54 1.86 10.60
CA THR B 51 9.51 1.31 9.73
C THR B 51 8.11 1.52 10.32
N PHE B 52 7.11 1.56 9.44
CA PHE B 52 5.72 1.73 9.85
C PHE B 52 4.89 0.57 9.34
N THR B 53 3.90 0.15 10.13
CA THR B 53 3.04 -0.96 9.73
C THR B 53 1.58 -0.54 9.70
N VAL B 54 0.92 -0.82 8.58
CA VAL B 54 -0.49 -0.50 8.41
C VAL B 54 -1.33 -1.77 8.54
N THR B 55 -1.99 -1.93 9.69
CA THR B 55 -2.79 -3.12 9.94
C THR B 55 -4.26 -2.89 9.61
N GLU B 56 -4.73 -3.58 8.57
CA GLU B 56 -6.12 -3.47 8.12
C GLU B 56 -7.08 -3.67 9.30
N MET A 1 15.73 11.28 3.98
CA MET A 1 15.78 9.92 4.58
C MET A 1 14.72 9.01 3.97
N GLN A 2 15.05 7.72 3.86
CA GLN A 2 14.13 6.75 3.30
C GLN A 2 13.53 5.88 4.41
N TYR A 3 12.24 5.60 4.30
CA TYR A 3 11.55 4.78 5.28
C TYR A 3 10.89 3.57 4.64
N LYS A 4 10.89 2.46 5.36
CA LYS A 4 10.29 1.23 4.85
C LYS A 4 8.91 1.01 5.48
N VAL A 5 7.87 1.28 4.70
CA VAL A 5 6.51 1.12 5.21
C VAL A 5 5.94 -0.25 4.85
N ILE A 6 5.51 -0.95 5.88
CA ILE A 6 4.92 -2.28 5.72
C ILE A 6 3.40 -2.21 5.83
N LEU A 7 2.72 -2.80 4.85
CA LEU A 7 1.26 -2.80 4.83
C LEU A 7 0.73 -4.20 5.12
N ASN A 8 0.63 -4.54 6.40
CA ASN A 8 0.16 -5.86 6.82
C ASN A 8 -1.36 -5.89 7.01
N GLY A 9 -2.05 -6.60 6.12
CA GLY A 9 -3.50 -6.71 6.23
C GLY A 9 -3.94 -8.14 6.47
N LYS A 10 -5.25 -8.38 6.36
CA LYS A 10 -5.80 -9.72 6.56
C LYS A 10 -5.65 -10.54 5.29
N THR A 11 -6.22 -10.05 4.21
CA THR A 11 -6.17 -10.72 2.92
C THR A 11 -5.10 -10.10 2.03
N LEU A 12 -4.42 -9.08 2.56
CA LEU A 12 -3.38 -8.40 1.81
C LEU A 12 -2.17 -8.12 2.69
N LYS A 13 -0.99 -8.35 2.12
CA LYS A 13 0.27 -8.12 2.83
C LYS A 13 1.33 -7.61 1.86
N GLY A 14 2.20 -6.72 2.32
CA GLY A 14 3.22 -6.19 1.44
C GLY A 14 4.12 -5.18 2.12
N GLU A 15 4.91 -4.48 1.31
CA GLU A 15 5.82 -3.47 1.82
C GLU A 15 6.00 -2.34 0.81
N THR A 16 6.36 -1.17 1.31
CA THR A 16 6.57 0.00 0.47
C THR A 16 7.61 0.94 1.09
N THR A 17 8.06 1.94 0.33
CA THR A 17 9.07 2.87 0.81
C THR A 17 8.84 4.31 0.34
N THR A 18 8.64 5.21 1.30
CA THR A 18 8.43 6.63 1.02
C THR A 18 9.69 7.42 1.41
N GLU A 19 10.03 8.43 0.63
CA GLU A 19 11.21 9.25 0.91
C GLU A 19 10.79 10.60 1.51
N ALA A 20 11.17 10.84 2.76
CA ALA A 20 10.81 12.08 3.42
C ALA A 20 11.86 12.51 4.45
N VAL A 21 11.93 13.82 4.67
CA VAL A 21 12.90 14.41 5.60
C VAL A 21 12.86 13.73 6.97
N ASP A 22 11.67 13.37 7.42
CA ASP A 22 11.52 12.70 8.72
C ASP A 22 10.42 11.65 8.67
N ALA A 23 10.35 10.84 9.72
CA ALA A 23 9.35 9.78 9.79
C ALA A 23 7.93 10.33 9.65
N ALA A 24 7.68 11.46 10.30
CA ALA A 24 6.36 12.08 10.22
C ALA A 24 6.06 12.49 8.79
N THR A 25 6.96 13.28 8.21
CA THR A 25 6.80 13.72 6.82
C THR A 25 6.57 12.51 5.95
N ALA A 26 7.39 11.47 6.15
CA ALA A 26 7.24 10.23 5.42
C ALA A 26 5.86 9.65 5.68
N GLU A 27 5.52 9.52 6.95
CA GLU A 27 4.22 8.98 7.35
C GLU A 27 3.09 9.76 6.66
N LYS A 28 3.16 11.08 6.73
CA LYS A 28 2.15 11.93 6.11
C LYS A 28 2.05 11.64 4.63
N VAL A 29 3.20 11.39 4.00
CA VAL A 29 3.23 11.08 2.58
C VAL A 29 2.42 9.83 2.28
N VAL A 30 2.48 8.88 3.20
CA VAL A 30 1.73 7.64 3.05
C VAL A 30 0.24 7.94 3.12
N LYS A 31 -0.17 8.70 4.14
CA LYS A 31 -1.57 9.07 4.30
C LYS A 31 -2.12 9.59 2.98
N GLN A 32 -1.34 10.42 2.32
CA GLN A 32 -1.74 10.97 1.03
C GLN A 32 -1.73 9.84 0.00
N PHE A 33 -0.76 8.95 0.14
CA PHE A 33 -0.61 7.80 -0.75
C PHE A 33 -1.91 6.98 -0.76
N PHE A 34 -2.33 6.54 0.43
CA PHE A 34 -3.54 5.76 0.57
C PHE A 34 -4.79 6.61 0.37
N ASN A 35 -4.78 7.81 0.94
CA ASN A 35 -5.91 8.72 0.80
C ASN A 35 -6.32 8.82 -0.66
N ASP A 36 -5.31 8.83 -1.53
CA ASP A 36 -5.53 8.93 -2.97
C ASP A 36 -5.58 7.56 -3.65
N ASN A 37 -4.98 6.54 -3.04
CA ASN A 37 -5.02 5.20 -3.63
C ASN A 37 -6.38 4.58 -3.36
N GLY A 38 -6.80 4.69 -2.11
CA GLY A 38 -8.07 4.16 -1.63
C GLY A 38 -8.96 3.54 -2.71
N VAL A 39 -10.16 4.09 -2.82
CA VAL A 39 -11.16 3.56 -3.76
C VAL A 39 -11.45 4.48 -4.93
N ASP A 40 -10.75 5.60 -5.05
CA ASP A 40 -11.01 6.52 -6.15
C ASP A 40 -9.74 6.84 -6.94
N GLY A 41 -8.69 6.04 -6.74
CA GLY A 41 -7.44 6.27 -7.46
C GLY A 41 -7.43 5.63 -8.82
N GLU A 42 -6.32 5.81 -9.55
CA GLU A 42 -6.17 5.24 -10.90
C GLU A 42 -5.38 3.94 -10.82
N TRP A 43 -6.09 2.81 -10.89
CA TRP A 43 -5.46 1.51 -10.80
C TRP A 43 -5.21 0.88 -12.17
N THR A 44 -3.95 0.63 -12.48
CA THR A 44 -3.57 0.00 -13.74
C THR A 44 -3.20 -1.45 -13.49
N TYR A 45 -3.74 -2.36 -14.30
CA TYR A 45 -3.46 -3.78 -14.14
C TYR A 45 -2.56 -4.30 -15.25
N ASP A 46 -1.67 -5.24 -14.90
CA ASP A 46 -0.75 -5.81 -15.87
C ASP A 46 -0.89 -7.33 -15.93
N ASP A 47 -1.86 -7.79 -16.71
CA ASP A 47 -2.11 -9.23 -16.86
C ASP A 47 -0.83 -10.01 -17.12
N ALA A 48 0.07 -9.42 -17.90
CA ALA A 48 1.33 -10.06 -18.26
C ALA A 48 2.05 -10.61 -17.03
N THR A 49 1.90 -9.94 -15.89
CA THR A 49 2.56 -10.39 -14.67
C THR A 49 1.57 -10.52 -13.50
N LYS A 50 0.28 -10.53 -13.81
CA LYS A 50 -0.75 -10.64 -12.78
C LYS A 50 -0.47 -9.64 -11.66
N THR A 51 0.06 -8.48 -12.04
CA THR A 51 0.39 -7.45 -11.08
C THR A 51 -0.49 -6.20 -11.24
N PHE A 52 -0.86 -5.61 -10.11
CA PHE A 52 -1.69 -4.41 -10.11
C PHE A 52 -0.85 -3.18 -9.75
N THR A 53 -0.81 -2.22 -10.66
CA THR A 53 -0.07 -0.99 -10.43
C THR A 53 -0.99 0.18 -10.14
N VAL A 54 -0.71 0.86 -9.03
CA VAL A 54 -1.48 2.01 -8.60
C VAL A 54 -0.60 3.26 -8.67
N THR A 55 -0.92 4.16 -9.58
CA THR A 55 -0.13 5.38 -9.74
C THR A 55 -0.79 6.56 -9.05
N GLU A 56 -0.13 7.07 -8.02
CA GLU A 56 -0.63 8.21 -7.26
C GLU A 56 -0.95 9.39 -8.18
N MET B 1 -5.72 -18.05 -5.65
CA MET B 1 -4.61 -17.48 -6.45
C MET B 1 -4.00 -16.27 -5.75
N GLN B 2 -2.70 -16.08 -5.92
CA GLN B 2 -2.00 -14.95 -5.33
C GLN B 2 -1.67 -13.90 -6.38
N TYR B 3 -1.83 -12.64 -6.03
CA TYR B 3 -1.55 -11.55 -6.95
C TYR B 3 -0.53 -10.59 -6.37
N LYS B 4 0.33 -10.04 -7.22
CA LYS B 4 1.36 -9.11 -6.79
C LYS B 4 0.94 -7.68 -7.11
N VAL B 5 0.50 -6.94 -6.11
CA VAL B 5 0.06 -5.56 -6.30
C VAL B 5 1.19 -4.58 -6.04
N ILE B 6 1.46 -3.76 -7.04
CA ILE B 6 2.50 -2.75 -6.96
C ILE B 6 1.89 -1.37 -6.70
N LEU B 7 2.40 -0.67 -5.70
CA LEU B 7 1.90 0.66 -5.35
C LEU B 7 2.93 1.72 -5.72
N ASN B 8 2.92 2.13 -6.99
CA ASN B 8 3.86 3.14 -7.48
C ASN B 8 3.33 4.56 -7.33
N GLY B 9 3.94 5.33 -6.44
CA GLY B 9 3.51 6.70 -6.24
C GLY B 9 4.60 7.69 -6.58
N LYS B 10 4.39 8.95 -6.23
CA LYS B 10 5.37 10.00 -6.49
C LYS B 10 6.47 9.99 -5.43
N THR B 11 6.06 10.17 -4.18
CA THR B 11 6.97 10.17 -3.06
C THR B 11 6.97 8.82 -2.35
N LEU B 12 6.17 7.90 -2.85
CA LEU B 12 6.08 6.58 -2.26
C LEU B 12 6.05 5.49 -3.33
N LYS B 13 6.78 4.42 -3.09
CA LYS B 13 6.86 3.30 -4.01
C LYS B 13 6.98 2.00 -3.23
N GLY B 14 6.37 0.93 -3.74
CA GLY B 14 6.43 -0.34 -3.04
C GLY B 14 5.67 -1.44 -3.75
N GLU B 15 5.48 -2.56 -3.04
CA GLU B 15 4.77 -3.70 -3.58
C GLU B 15 4.02 -4.44 -2.48
N THR B 16 2.98 -5.15 -2.87
CA THR B 16 2.16 -5.91 -1.93
C THR B 16 1.53 -7.13 -2.62
N THR B 17 0.95 -8.03 -1.82
CA THR B 17 0.33 -9.25 -2.38
C THR B 17 -0.94 -9.66 -1.66
N THR B 18 -2.05 -9.66 -2.40
CA THR B 18 -3.36 -10.07 -1.86
C THR B 18 -3.72 -11.46 -2.40
N GLU B 19 -4.35 -12.28 -1.57
CA GLU B 19 -4.76 -13.62 -1.98
C GLU B 19 -6.25 -13.67 -2.26
N ALA B 20 -6.63 -13.91 -3.52
CA ALA B 20 -8.04 -13.96 -3.89
C ALA B 20 -8.29 -14.93 -5.04
N VAL B 21 -9.51 -15.46 -5.07
CA VAL B 21 -9.93 -16.43 -6.09
C VAL B 21 -9.63 -15.93 -7.50
N ASP B 22 -9.81 -14.63 -7.72
CA ASP B 22 -9.55 -14.05 -9.04
C ASP B 22 -8.95 -12.64 -8.91
N ALA B 23 -8.48 -12.10 -10.04
CA ALA B 23 -7.87 -10.77 -10.04
C ALA B 23 -8.84 -9.73 -9.50
N ALA B 24 -10.09 -9.82 -9.90
CA ALA B 24 -11.09 -8.87 -9.43
C ALA B 24 -11.26 -8.98 -7.92
N THR B 25 -11.54 -10.19 -7.45
CA THR B 25 -11.67 -10.43 -6.02
C THR B 25 -10.45 -9.87 -5.30
N ALA B 26 -9.28 -10.19 -5.84
CA ALA B 26 -8.03 -9.70 -5.28
C ALA B 26 -8.04 -8.17 -5.31
N GLU B 27 -8.32 -7.62 -6.49
CA GLU B 27 -8.37 -6.18 -6.66
C GLU B 27 -9.31 -5.55 -5.63
N LYS B 28 -10.51 -6.11 -5.50
CA LYS B 28 -11.49 -5.61 -4.56
C LYS B 28 -10.93 -5.62 -3.15
N VAL B 29 -10.17 -6.67 -2.84
CA VAL B 29 -9.56 -6.81 -1.53
C VAL B 29 -8.64 -5.63 -1.25
N VAL B 30 -7.95 -5.17 -2.29
CA VAL B 30 -7.05 -4.04 -2.16
C VAL B 30 -7.85 -2.78 -1.85
N LYS B 31 -8.91 -2.55 -2.63
CA LYS B 31 -9.77 -1.39 -2.41
C LYS B 31 -10.15 -1.28 -0.93
N GLN B 32 -10.47 -2.43 -0.34
CA GLN B 32 -10.82 -2.47 1.07
C GLN B 32 -9.57 -2.19 1.88
N PHE B 33 -8.44 -2.72 1.40
CA PHE B 33 -7.15 -2.55 2.04
C PHE B 33 -6.85 -1.06 2.22
N PHE B 34 -6.86 -0.33 1.10
CA PHE B 34 -6.60 1.11 1.12
C PHE B 34 -7.76 1.89 1.72
N ASN B 35 -8.97 1.51 1.35
CA ASN B 35 -10.17 2.17 1.88
C ASN B 35 -10.08 2.27 3.40
N ASP B 36 -9.54 1.23 4.00
CA ASP B 36 -9.38 1.16 5.45
C ASP B 36 -7.99 1.63 5.91
N ASN B 37 -7.00 1.58 5.03
CA ASN B 37 -5.66 2.02 5.42
C ASN B 37 -5.62 3.54 5.36
N GLY B 38 -6.15 4.08 4.26
CA GLY B 38 -6.22 5.51 4.01
C GLY B 38 -5.72 6.40 5.15
N VAL B 39 -6.60 7.26 5.62
CA VAL B 39 -6.25 8.22 6.66
C VAL B 39 -6.94 7.97 8.00
N ASP B 40 -7.69 6.89 8.12
CA ASP B 40 -8.38 6.59 9.38
C ASP B 40 -8.04 5.20 9.91
N GLY B 41 -7.00 4.58 9.36
CA GLY B 41 -6.61 3.25 9.80
C GLY B 41 -5.71 3.27 11.02
N GLU B 42 -5.34 2.09 11.50
CA GLU B 42 -4.47 1.96 12.67
C GLU B 42 -3.03 1.75 12.22
N TRP B 43 -2.24 2.82 12.27
CA TRP B 43 -0.84 2.75 11.84
C TRP B 43 0.12 2.57 13.01
N THR B 44 0.86 1.45 12.99
CA THR B 44 1.84 1.17 14.02
C THR B 44 3.24 1.42 13.48
N TYR B 45 4.07 2.14 14.24
CA TYR B 45 5.42 2.46 13.81
C TYR B 45 6.46 1.66 14.60
N ASP B 46 7.54 1.27 13.92
CA ASP B 46 8.59 0.50 14.56
C ASP B 46 9.94 1.21 14.42
N ASP B 47 10.20 2.15 15.32
CA ASP B 47 11.46 2.91 15.30
C ASP B 47 12.67 2.00 15.15
N ALA B 48 12.61 0.83 15.79
CA ALA B 48 13.71 -0.12 15.75
C ALA B 48 14.20 -0.39 14.33
N THR B 49 13.28 -0.33 13.37
CA THR B 49 13.63 -0.57 11.97
C THR B 49 13.14 0.55 11.06
N LYS B 50 12.78 1.69 11.64
CA LYS B 50 12.30 2.82 10.85
C LYS B 50 11.23 2.35 9.86
N THR B 51 10.44 1.37 10.29
CA THR B 51 9.40 0.81 9.45
C THR B 51 8.01 1.12 9.99
N PHE B 52 7.08 1.40 9.08
CA PHE B 52 5.70 1.70 9.44
C PHE B 52 4.79 0.52 9.10
N THR B 53 4.13 -0.03 10.11
CA THR B 53 3.22 -1.15 9.90
C THR B 53 1.76 -0.70 10.01
N VAL B 54 1.00 -1.05 8.97
CA VAL B 54 -0.42 -0.73 8.92
C VAL B 54 -1.23 -2.01 8.97
N THR B 55 -1.97 -2.21 10.06
CA THR B 55 -2.76 -3.42 10.22
C THR B 55 -4.23 -3.17 9.89
N GLU B 56 -4.69 -3.81 8.81
CA GLU B 56 -6.07 -3.68 8.38
C GLU B 56 -7.04 -3.96 9.52
N MET A 1 15.98 11.41 4.20
CA MET A 1 16.14 9.97 4.51
C MET A 1 15.02 9.14 3.89
N GLN A 2 15.26 7.84 3.75
CA GLN A 2 14.28 6.93 3.19
C GLN A 2 13.66 6.07 4.29
N TYR A 3 12.37 5.77 4.14
CA TYR A 3 11.67 4.98 5.14
C TYR A 3 10.86 3.88 4.47
N LYS A 4 10.72 2.75 5.15
CA LYS A 4 9.95 1.63 4.62
C LYS A 4 8.63 1.50 5.36
N VAL A 5 7.64 0.92 4.72
CA VAL A 5 6.34 0.75 5.34
C VAL A 5 5.76 -0.63 5.08
N ILE A 6 5.35 -1.29 6.14
CA ILE A 6 4.76 -2.62 6.05
C ILE A 6 3.25 -2.53 6.01
N LEU A 7 2.67 -2.90 4.87
CA LEU A 7 1.22 -2.86 4.71
C LEU A 7 0.65 -4.24 5.05
N ASN A 8 0.41 -4.46 6.34
CA ASN A 8 -0.09 -5.73 6.83
C ASN A 8 -1.61 -5.75 6.97
N GLY A 9 -2.28 -6.46 6.07
CA GLY A 9 -3.72 -6.55 6.13
C GLY A 9 -4.20 -7.95 6.41
N LYS A 10 -5.51 -8.16 6.29
CA LYS A 10 -6.11 -9.46 6.51
C LYS A 10 -5.85 -10.38 5.33
N THR A 11 -6.26 -9.94 4.15
CA THR A 11 -6.08 -10.71 2.92
C THR A 11 -4.99 -10.10 2.05
N LEU A 12 -4.30 -9.10 2.57
CA LEU A 12 -3.24 -8.46 1.82
C LEU A 12 -2.02 -8.17 2.69
N LYS A 13 -0.84 -8.40 2.11
CA LYS A 13 0.41 -8.18 2.82
C LYS A 13 1.48 -7.69 1.85
N GLY A 14 2.37 -6.82 2.32
CA GLY A 14 3.42 -6.31 1.46
C GLY A 14 4.31 -5.29 2.14
N GLU A 15 5.10 -4.58 1.35
CA GLU A 15 6.01 -3.56 1.86
C GLU A 15 6.16 -2.42 0.87
N THR A 16 6.54 -1.25 1.37
CA THR A 16 6.71 -0.08 0.53
C THR A 16 7.77 0.86 1.11
N THR A 17 8.19 1.86 0.34
CA THR A 17 9.21 2.81 0.80
C THR A 17 8.96 4.24 0.34
N THR A 18 8.76 5.14 1.30
CA THR A 18 8.54 6.57 1.03
C THR A 18 9.77 7.36 1.45
N GLU A 19 10.08 8.43 0.72
CA GLU A 19 11.23 9.28 1.05
C GLU A 19 10.76 10.58 1.66
N ALA A 20 11.12 10.81 2.93
CA ALA A 20 10.71 12.04 3.62
C ALA A 20 11.78 12.51 4.60
N VAL A 21 11.84 13.83 4.77
CA VAL A 21 12.83 14.46 5.66
C VAL A 21 12.85 13.81 7.05
N ASP A 22 11.73 13.22 7.43
CA ASP A 22 11.63 12.58 8.75
C ASP A 22 10.54 11.51 8.76
N ALA A 23 10.42 10.80 9.88
CA ALA A 23 9.42 9.76 10.02
C ALA A 23 8.01 10.31 9.85
N ALA A 24 7.75 11.46 10.45
CA ALA A 24 6.43 12.09 10.34
C ALA A 24 6.13 12.42 8.90
N THR A 25 7.03 13.17 8.26
CA THR A 25 6.87 13.52 6.86
C THR A 25 6.58 12.27 6.06
N ALA A 26 7.37 11.22 6.33
CA ALA A 26 7.18 9.95 5.66
C ALA A 26 5.77 9.43 5.96
N GLU A 27 5.44 9.36 7.25
CA GLU A 27 4.13 8.91 7.67
C GLU A 27 3.03 9.68 6.94
N LYS A 28 3.17 11.00 6.90
CA LYS A 28 2.20 11.85 6.23
C LYS A 28 2.15 11.53 4.73
N VAL A 29 3.33 11.40 4.14
CA VAL A 29 3.42 11.09 2.72
C VAL A 29 2.72 9.77 2.42
N VAL A 30 2.88 8.81 3.31
CA VAL A 30 2.24 7.52 3.16
C VAL A 30 0.72 7.71 3.24
N LYS A 31 0.28 8.43 4.26
CA LYS A 31 -1.14 8.70 4.44
C LYS A 31 -1.76 9.19 3.14
N GLN A 32 -1.12 10.20 2.56
CA GLN A 32 -1.59 10.75 1.30
C GLN A 32 -1.59 9.70 0.22
N PHE A 33 -0.57 8.83 0.27
CA PHE A 33 -0.44 7.73 -0.68
C PHE A 33 -1.74 6.93 -0.72
N PHE A 34 -2.15 6.45 0.44
CA PHE A 34 -3.40 5.70 0.57
C PHE A 34 -4.59 6.62 0.42
N ASN A 35 -4.43 7.84 0.92
CA ASN A 35 -5.47 8.85 0.82
C ASN A 35 -5.94 8.96 -0.62
N ASP A 36 -4.97 8.90 -1.53
CA ASP A 36 -5.24 8.99 -2.96
C ASP A 36 -5.37 7.63 -3.63
N ASN A 37 -4.81 6.58 -3.02
CA ASN A 37 -4.91 5.24 -3.61
C ASN A 37 -6.26 4.62 -3.26
N GLY A 38 -6.61 4.74 -1.99
CA GLY A 38 -7.87 4.21 -1.47
C GLY A 38 -8.84 3.67 -2.51
N VAL A 39 -10.00 4.31 -2.61
CA VAL A 39 -11.05 3.85 -3.51
C VAL A 39 -11.31 4.79 -4.69
N ASP A 40 -10.52 5.85 -4.83
CA ASP A 40 -10.74 6.77 -5.95
C ASP A 40 -9.47 6.97 -6.78
N GLY A 41 -8.47 6.13 -6.56
CA GLY A 41 -7.23 6.25 -7.32
C GLY A 41 -7.31 5.60 -8.69
N GLU A 42 -6.24 5.74 -9.46
CA GLU A 42 -6.17 5.17 -10.81
C GLU A 42 -5.50 3.80 -10.77
N TRP A 43 -6.31 2.75 -10.76
CA TRP A 43 -5.80 1.38 -10.70
C TRP A 43 -5.64 0.74 -12.08
N THR A 44 -4.39 0.44 -12.44
CA THR A 44 -4.10 -0.20 -13.71
C THR A 44 -3.65 -1.64 -13.45
N TYR A 45 -4.14 -2.58 -14.25
CA TYR A 45 -3.79 -3.99 -14.07
C TYR A 45 -2.92 -4.49 -15.21
N ASP A 46 -1.98 -5.39 -14.88
CA ASP A 46 -1.08 -5.96 -15.87
C ASP A 46 -1.18 -7.49 -15.86
N ASP A 47 -2.18 -8.02 -16.56
CA ASP A 47 -2.40 -9.46 -16.64
C ASP A 47 -1.10 -10.21 -16.91
N ALA A 48 -0.23 -9.61 -17.71
CA ALA A 48 1.05 -10.23 -18.08
C ALA A 48 1.81 -10.75 -16.87
N THR A 49 1.68 -10.06 -15.74
CA THR A 49 2.37 -10.46 -14.52
C THR A 49 1.42 -10.58 -13.33
N LYS A 50 0.12 -10.64 -13.61
CA LYS A 50 -0.88 -10.75 -12.55
C LYS A 50 -0.61 -9.72 -11.46
N THR A 51 -0.15 -8.54 -11.86
CA THR A 51 0.16 -7.48 -10.92
C THR A 51 -0.55 -6.17 -11.29
N PHE A 52 -1.03 -5.47 -10.27
CA PHE A 52 -1.72 -4.21 -10.47
C PHE A 52 -0.83 -3.04 -10.05
N THR A 53 -0.93 -1.93 -10.77
CA THR A 53 -0.14 -0.75 -10.45
C THR A 53 -1.05 0.41 -10.04
N VAL A 54 -0.79 0.96 -8.86
CA VAL A 54 -1.58 2.07 -8.35
C VAL A 54 -0.76 3.35 -8.39
N THR A 55 -1.15 4.28 -9.25
CA THR A 55 -0.44 5.54 -9.37
C THR A 55 -1.18 6.65 -8.66
N GLU A 56 -0.59 7.18 -7.59
CA GLU A 56 -1.23 8.25 -6.82
C GLU A 56 -1.27 9.55 -7.63
N MET B 1 -5.81 -18.29 -5.90
CA MET B 1 -4.51 -17.85 -6.45
C MET B 1 -4.00 -16.60 -5.73
N GLN B 2 -2.70 -16.34 -5.84
CA GLN B 2 -2.09 -15.18 -5.21
C GLN B 2 -1.77 -14.12 -6.26
N TYR B 3 -1.92 -12.86 -5.89
CA TYR B 3 -1.64 -11.76 -6.81
C TYR B 3 -0.78 -10.70 -6.14
N LYS B 4 0.06 -10.04 -6.94
CA LYS B 4 0.92 -9.00 -6.42
C LYS B 4 0.41 -7.63 -6.87
N VAL B 5 0.75 -6.59 -6.12
CA VAL B 5 0.31 -5.25 -6.45
C VAL B 5 1.43 -4.23 -6.27
N ILE B 6 1.66 -3.44 -7.31
CA ILE B 6 2.68 -2.42 -7.29
C ILE B 6 2.07 -1.08 -6.89
N LEU B 7 2.48 -0.58 -5.73
CA LEU B 7 1.98 0.70 -5.24
C LEU B 7 2.95 1.79 -5.65
N ASN B 8 2.78 2.29 -6.88
CA ASN B 8 3.66 3.31 -7.42
C ASN B 8 3.12 4.74 -7.22
N GLY B 9 3.74 5.47 -6.31
CA GLY B 9 3.30 6.84 -6.06
C GLY B 9 4.35 7.85 -6.43
N LYS B 10 4.12 9.10 -6.05
CA LYS B 10 5.05 10.18 -6.33
C LYS B 10 6.24 10.11 -5.39
N THR B 11 5.96 10.13 -4.10
CA THR B 11 6.99 10.09 -3.08
C THR B 11 7.01 8.73 -2.39
N LEU B 12 6.23 7.80 -2.90
CA LEU B 12 6.18 6.47 -2.30
C LEU B 12 6.14 5.38 -3.38
N LYS B 13 6.89 4.32 -3.13
CA LYS B 13 6.96 3.19 -4.04
C LYS B 13 7.11 1.88 -3.28
N GLY B 14 6.52 0.80 -3.81
CA GLY B 14 6.61 -0.48 -3.13
C GLY B 14 5.83 -1.57 -3.83
N GLU B 15 5.64 -2.69 -3.14
CA GLU B 15 4.91 -3.82 -3.68
C GLU B 15 4.15 -4.56 -2.59
N THR B 16 3.11 -5.27 -2.98
CA THR B 16 2.28 -6.01 -2.02
C THR B 16 1.66 -7.24 -2.68
N THR B 17 1.05 -8.12 -1.88
CA THR B 17 0.44 -9.34 -2.42
C THR B 17 -0.84 -9.74 -1.69
N THR B 18 -1.94 -9.76 -2.44
CA THR B 18 -3.25 -10.14 -1.91
C THR B 18 -3.66 -11.51 -2.47
N GLU B 19 -4.35 -12.31 -1.67
CA GLU B 19 -4.79 -13.62 -2.12
C GLU B 19 -6.29 -13.60 -2.41
N ALA B 20 -6.67 -13.83 -3.67
CA ALA B 20 -8.07 -13.82 -4.06
C ALA B 20 -8.36 -14.84 -5.16
N VAL B 21 -9.57 -15.37 -5.15
CA VAL B 21 -9.99 -16.37 -6.12
C VAL B 21 -9.72 -15.94 -7.56
N ASP B 22 -9.66 -14.62 -7.78
CA ASP B 22 -9.39 -14.09 -9.12
C ASP B 22 -8.80 -12.68 -9.04
N ALA B 23 -8.46 -12.14 -10.20
CA ALA B 23 -7.88 -10.80 -10.27
C ALA B 23 -8.83 -9.75 -9.72
N ALA B 24 -10.11 -9.86 -10.06
CA ALA B 24 -11.10 -8.92 -9.56
C ALA B 24 -11.19 -9.00 -8.05
N THR B 25 -11.42 -10.19 -7.53
CA THR B 25 -11.48 -10.40 -6.09
C THR B 25 -10.26 -9.78 -5.45
N ALA B 26 -9.09 -10.06 -6.04
CA ALA B 26 -7.85 -9.50 -5.56
C ALA B 26 -7.93 -7.98 -5.60
N GLU B 27 -8.27 -7.45 -6.77
CA GLU B 27 -8.40 -6.01 -6.95
C GLU B 27 -9.32 -5.41 -5.88
N LYS B 28 -10.47 -6.06 -5.68
CA LYS B 28 -11.44 -5.60 -4.69
C LYS B 28 -10.83 -5.66 -3.29
N VAL B 29 -10.16 -6.77 -3.00
CA VAL B 29 -9.53 -6.95 -1.70
C VAL B 29 -8.50 -5.85 -1.46
N VAL B 30 -7.77 -5.50 -2.50
CA VAL B 30 -6.78 -4.44 -2.40
C VAL B 30 -7.49 -3.12 -2.12
N LYS B 31 -8.55 -2.84 -2.89
CA LYS B 31 -9.32 -1.62 -2.70
C LYS B 31 -9.68 -1.44 -1.24
N GLN B 32 -10.25 -2.50 -0.66
CA GLN B 32 -10.65 -2.48 0.74
C GLN B 32 -9.42 -2.24 1.61
N PHE B 33 -8.30 -2.83 1.21
CA PHE B 33 -7.05 -2.66 1.92
C PHE B 33 -6.75 -1.18 2.14
N PHE B 34 -6.73 -0.44 1.03
CA PHE B 34 -6.49 1.00 1.07
C PHE B 34 -7.72 1.70 1.63
N ASN B 35 -8.88 1.18 1.29
CA ASN B 35 -10.14 1.72 1.78
C ASN B 35 -10.08 1.88 3.29
N ASP B 36 -9.49 0.88 3.93
CA ASP B 36 -9.34 0.87 5.39
C ASP B 36 -7.99 1.42 5.85
N ASN B 37 -6.97 1.39 4.98
CA ASN B 37 -5.66 1.91 5.37
C ASN B 37 -5.64 3.43 5.25
N GLY B 38 -6.16 3.91 4.11
CA GLY B 38 -6.23 5.34 3.82
C GLY B 38 -5.84 6.26 4.96
N VAL B 39 -6.80 7.07 5.41
CA VAL B 39 -6.55 8.06 6.44
C VAL B 39 -7.22 7.76 7.78
N ASP B 40 -7.88 6.61 7.90
CA ASP B 40 -8.56 6.28 9.16
C ASP B 40 -8.11 4.94 9.71
N GLY B 41 -7.05 4.37 9.15
CA GLY B 41 -6.55 3.09 9.61
C GLY B 41 -5.68 3.19 10.85
N GLU B 42 -5.27 2.05 11.38
CA GLU B 42 -4.42 2.00 12.57
C GLU B 42 -2.95 1.92 12.18
N TRP B 43 -2.28 3.06 12.19
CA TRP B 43 -0.87 3.13 11.81
C TRP B 43 0.08 3.02 12.99
N THR B 44 0.86 1.94 13.03
CA THR B 44 1.84 1.74 14.09
C THR B 44 3.24 1.91 13.51
N TYR B 45 4.11 2.61 14.25
CA TYR B 45 5.47 2.85 13.79
C TYR B 45 6.50 2.08 14.62
N ASP B 46 7.56 1.61 13.96
CA ASP B 46 8.61 0.86 14.61
C ASP B 46 9.97 1.54 14.40
N ASP B 47 10.26 2.54 15.21
CA ASP B 47 11.52 3.28 15.12
C ASP B 47 12.72 2.35 14.97
N ALA B 48 12.65 1.20 15.65
CA ALA B 48 13.73 0.22 15.62
C ALA B 48 14.19 -0.09 14.20
N THR B 49 13.28 -0.06 13.25
CA THR B 49 13.61 -0.35 11.86
C THR B 49 13.12 0.74 10.92
N LYS B 50 12.78 1.91 11.46
CA LYS B 50 12.30 3.02 10.65
C LYS B 50 11.21 2.55 9.70
N THR B 51 10.39 1.61 10.16
CA THR B 51 9.32 1.07 9.34
C THR B 51 7.97 1.15 10.05
N PHE B 52 6.93 1.48 9.29
CA PHE B 52 5.59 1.59 9.83
C PHE B 52 4.74 0.39 9.40
N THR B 53 3.85 -0.05 10.28
CA THR B 53 2.97 -1.17 9.97
C THR B 53 1.51 -0.72 9.97
N VAL B 54 0.83 -0.98 8.85
CA VAL B 54 -0.57 -0.63 8.71
C VAL B 54 -1.44 -1.87 8.74
N THR B 55 -2.22 -1.99 9.80
CA THR B 55 -3.11 -3.15 9.96
C THR B 55 -4.53 -2.79 9.61
N GLU B 56 -5.05 -3.38 8.53
CA GLU B 56 -6.41 -3.08 8.10
C GLU B 56 -7.43 -3.66 9.07
N MET A 1 15.05 10.89 4.77
CA MET A 1 15.80 9.69 4.32
C MET A 1 14.85 8.63 3.75
N GLN A 2 15.30 7.37 3.72
CA GLN A 2 14.48 6.29 3.18
C GLN A 2 13.76 5.52 4.29
N TYR A 3 12.45 5.42 4.17
CA TYR A 3 11.64 4.70 5.16
C TYR A 3 10.86 3.57 4.50
N LYS A 4 10.68 2.48 5.23
CA LYS A 4 9.96 1.33 4.69
C LYS A 4 8.62 1.13 5.38
N VAL A 5 7.54 1.44 4.69
CA VAL A 5 6.21 1.28 5.25
C VAL A 5 5.62 -0.07 4.89
N ILE A 6 5.36 -0.88 5.91
CA ILE A 6 4.81 -2.21 5.70
C ILE A 6 3.29 -2.18 5.82
N LEU A 7 2.62 -2.74 4.84
CA LEU A 7 1.16 -2.76 4.81
C LEU A 7 0.64 -4.18 5.09
N ASN A 8 0.37 -4.45 6.36
CA ASN A 8 -0.12 -5.77 6.78
C ASN A 8 -1.64 -5.79 6.91
N GLY A 9 -2.30 -6.43 5.97
CA GLY A 9 -3.75 -6.53 6.03
C GLY A 9 -4.23 -7.94 6.29
N LYS A 10 -5.54 -8.15 6.17
CA LYS A 10 -6.11 -9.47 6.40
C LYS A 10 -5.86 -10.38 5.20
N THR A 11 -6.28 -9.93 4.02
CA THR A 11 -6.12 -10.69 2.79
C THR A 11 -5.05 -10.07 1.90
N LEU A 12 -4.35 -9.06 2.42
CA LEU A 12 -3.31 -8.39 1.66
C LEU A 12 -2.11 -8.11 2.55
N LYS A 13 -0.92 -8.32 1.98
CA LYS A 13 0.32 -8.08 2.71
C LYS A 13 1.40 -7.56 1.75
N GLY A 14 2.25 -6.67 2.24
CA GLY A 14 3.28 -6.12 1.39
C GLY A 14 4.18 -5.13 2.10
N GLU A 15 4.99 -4.42 1.32
CA GLU A 15 5.91 -3.43 1.86
C GLU A 15 6.16 -2.32 0.86
N THR A 16 6.28 -1.12 1.39
CA THR A 16 6.50 0.06 0.58
C THR A 16 7.58 0.94 1.19
N THR A 17 8.04 1.92 0.42
CA THR A 17 9.08 2.82 0.90
C THR A 17 8.88 4.27 0.44
N THR A 18 8.74 5.17 1.40
CA THR A 18 8.55 6.59 1.13
C THR A 18 9.82 7.35 1.56
N GLU A 19 10.16 8.38 0.82
CA GLU A 19 11.34 9.19 1.13
C GLU A 19 10.94 10.54 1.70
N ALA A 20 11.26 10.77 2.97
CA ALA A 20 10.90 12.03 3.63
C ALA A 20 11.95 12.46 4.64
N VAL A 21 12.04 13.77 4.86
CA VAL A 21 13.01 14.35 5.79
C VAL A 21 12.98 13.67 7.16
N ASP A 22 11.78 13.30 7.59
CA ASP A 22 11.62 12.63 8.87
C ASP A 22 10.54 11.54 8.80
N ALA A 23 10.50 10.69 9.83
CA ALA A 23 9.54 9.61 9.88
C ALA A 23 8.12 10.14 9.77
N ALA A 24 7.85 11.24 10.47
CA ALA A 24 6.53 11.85 10.43
C ALA A 24 6.22 12.32 9.02
N THR A 25 7.09 13.15 8.46
CA THR A 25 6.91 13.63 7.11
C THR A 25 6.69 12.45 6.18
N ALA A 26 7.50 11.40 6.36
CA ALA A 26 7.36 10.20 5.56
C ALA A 26 6.00 9.59 5.80
N GLU A 27 5.65 9.42 7.08
CA GLU A 27 4.36 8.85 7.47
C GLU A 27 3.22 9.65 6.84
N LYS A 28 3.28 10.98 6.98
CA LYS A 28 2.25 11.84 6.41
C LYS A 28 2.14 11.64 4.91
N VAL A 29 3.30 11.47 4.27
CA VAL A 29 3.34 11.25 2.84
C VAL A 29 2.57 9.99 2.48
N VAL A 30 2.67 8.99 3.35
CA VAL A 30 1.96 7.74 3.13
C VAL A 30 0.46 7.98 3.21
N LYS A 31 0.02 8.69 4.25
CA LYS A 31 -1.41 9.01 4.42
C LYS A 31 -1.97 9.55 3.10
N GLN A 32 -1.20 10.44 2.48
CA GLN A 32 -1.61 11.00 1.20
C GLN A 32 -1.62 9.90 0.15
N PHE A 33 -0.66 8.99 0.27
CA PHE A 33 -0.54 7.86 -0.63
C PHE A 33 -1.84 7.04 -0.65
N PHE A 34 -2.24 6.57 0.53
CA PHE A 34 -3.46 5.79 0.67
C PHE A 34 -4.69 6.67 0.54
N ASN A 35 -4.64 7.85 1.12
CA ASN A 35 -5.75 8.81 1.03
C ASN A 35 -6.18 8.95 -0.43
N ASP A 36 -5.17 8.96 -1.30
CA ASP A 36 -5.39 9.11 -2.74
C ASP A 36 -5.48 7.77 -3.47
N ASN A 37 -4.87 6.72 -2.91
CA ASN A 37 -4.95 5.41 -3.55
C ASN A 37 -6.30 4.79 -3.27
N GLY A 38 -6.68 4.86 -1.99
CA GLY A 38 -7.94 4.34 -1.49
C GLY A 38 -8.86 3.73 -2.53
N VAL A 39 -10.06 4.29 -2.63
CA VAL A 39 -11.11 3.76 -3.50
C VAL A 39 -11.11 4.30 -4.93
N ASP A 40 -10.96 5.60 -5.13
CA ASP A 40 -11.02 6.17 -6.48
C ASP A 40 -9.65 6.42 -7.09
N GLY A 41 -8.65 5.64 -6.70
CA GLY A 41 -7.33 5.82 -7.27
C GLY A 41 -7.24 5.28 -8.69
N GLU A 42 -6.15 5.58 -9.39
CA GLU A 42 -5.96 5.10 -10.75
C GLU A 42 -5.25 3.76 -10.76
N TRP A 43 -6.00 2.68 -10.82
CA TRP A 43 -5.43 1.34 -10.80
C TRP A 43 -5.27 0.73 -12.18
N THR A 44 -4.03 0.41 -12.54
CA THR A 44 -3.74 -0.23 -13.81
C THR A 44 -3.38 -1.69 -13.56
N TYR A 45 -3.96 -2.59 -14.36
CA TYR A 45 -3.71 -4.02 -14.18
C TYR A 45 -2.80 -4.58 -15.27
N ASP A 46 -1.93 -5.51 -14.88
CA ASP A 46 -1.02 -6.15 -15.81
C ASP A 46 -1.19 -7.66 -15.80
N ASP A 47 -2.21 -8.15 -16.50
CA ASP A 47 -2.50 -9.58 -16.57
C ASP A 47 -1.24 -10.39 -16.83
N ALA A 48 -0.34 -9.83 -17.63
CA ALA A 48 0.91 -10.51 -17.98
C ALA A 48 1.65 -11.02 -16.74
N THR A 49 1.54 -10.29 -15.64
CA THR A 49 2.21 -10.67 -14.40
C THR A 49 1.25 -10.69 -13.21
N LYS A 50 -0.04 -10.59 -13.49
CA LYS A 50 -1.05 -10.59 -12.42
C LYS A 50 -0.73 -9.51 -11.39
N THR A 51 -0.13 -8.42 -11.85
CA THR A 51 0.25 -7.33 -10.98
C THR A 51 -0.69 -6.14 -11.13
N PHE A 52 -0.89 -5.39 -10.05
CA PHE A 52 -1.77 -4.23 -10.07
C PHE A 52 -1.05 -2.95 -9.66
N THR A 53 -0.59 -2.22 -10.65
CA THR A 53 0.12 -0.96 -10.41
C THR A 53 -0.85 0.16 -10.07
N VAL A 54 -0.62 0.80 -8.93
CA VAL A 54 -1.45 1.90 -8.47
C VAL A 54 -0.66 3.20 -8.48
N THR A 55 -1.02 4.12 -9.38
CA THR A 55 -0.32 5.39 -9.48
C THR A 55 -1.11 6.51 -8.81
N GLU A 56 -0.52 7.08 -7.76
CA GLU A 56 -1.17 8.16 -7.02
C GLU A 56 -1.01 9.49 -7.75
N MET B 1 -5.79 -17.17 -6.32
CA MET B 1 -4.33 -17.45 -6.23
C MET B 1 -3.56 -16.26 -5.63
N GLN B 2 -2.26 -16.20 -5.90
CA GLN B 2 -1.43 -15.11 -5.35
C GLN B 2 -1.24 -14.00 -6.37
N TYR B 3 -1.56 -12.77 -5.98
CA TYR B 3 -1.42 -11.63 -6.86
C TYR B 3 -0.51 -10.58 -6.23
N LYS B 4 0.27 -9.89 -7.05
CA LYS B 4 1.18 -8.88 -6.55
C LYS B 4 0.74 -7.47 -6.95
N VAL B 5 0.25 -6.71 -5.99
CA VAL B 5 -0.20 -5.36 -6.25
C VAL B 5 0.92 -4.36 -5.97
N ILE B 6 1.34 -3.65 -7.02
CA ILE B 6 2.40 -2.66 -6.90
C ILE B 6 1.82 -1.28 -6.68
N LEU B 7 2.32 -0.60 -5.66
CA LEU B 7 1.85 0.72 -5.30
C LEU B 7 2.88 1.79 -5.68
N ASN B 8 2.76 2.34 -6.88
CA ASN B 8 3.70 3.34 -7.38
C ASN B 8 3.17 4.75 -7.17
N GLY B 9 3.73 5.47 -6.21
CA GLY B 9 3.30 6.84 -5.96
C GLY B 9 4.36 7.85 -6.31
N LYS B 10 4.13 9.10 -5.94
CA LYS B 10 5.08 10.17 -6.23
C LYS B 10 6.27 10.11 -5.26
N THR B 11 5.98 10.14 -3.97
CA THR B 11 6.99 10.10 -2.93
C THR B 11 7.00 8.74 -2.22
N LEU B 12 6.21 7.81 -2.73
CA LEU B 12 6.13 6.49 -2.14
C LEU B 12 6.09 5.41 -3.21
N LYS B 13 6.81 4.33 -2.97
CA LYS B 13 6.88 3.21 -3.90
C LYS B 13 6.98 1.90 -3.15
N GLY B 14 6.35 0.85 -3.67
CA GLY B 14 6.40 -0.44 -3.00
C GLY B 14 5.65 -1.53 -3.74
N GLU B 15 5.46 -2.66 -3.06
CA GLU B 15 4.76 -3.78 -3.64
C GLU B 15 4.05 -4.58 -2.56
N THR B 16 2.88 -5.09 -2.92
CA THR B 16 2.07 -5.86 -2.00
C THR B 16 1.49 -7.09 -2.70
N THR B 17 0.93 -7.99 -1.91
CA THR B 17 0.37 -9.23 -2.48
C THR B 17 -0.91 -9.66 -1.76
N THR B 18 -2.00 -9.73 -2.53
CA THR B 18 -3.30 -10.15 -2.02
C THR B 18 -3.65 -11.53 -2.59
N GLU B 19 -4.31 -12.35 -1.79
CA GLU B 19 -4.71 -13.69 -2.23
C GLU B 19 -6.20 -13.74 -2.49
N ALA B 20 -6.58 -13.93 -3.75
CA ALA B 20 -8.00 -14.00 -4.11
C ALA B 20 -8.26 -14.97 -5.27
N VAL B 21 -9.47 -15.51 -5.29
CA VAL B 21 -9.88 -16.48 -6.31
C VAL B 21 -9.57 -15.97 -7.72
N ASP B 22 -9.74 -14.67 -7.93
CA ASP B 22 -9.48 -14.08 -9.23
C ASP B 22 -8.84 -12.70 -9.09
N ALA B 23 -8.31 -12.18 -10.19
CA ALA B 23 -7.67 -10.87 -10.19
C ALA B 23 -8.62 -9.80 -9.69
N ALA B 24 -9.88 -9.87 -10.13
CA ALA B 24 -10.88 -8.91 -9.70
C ALA B 24 -11.10 -9.01 -8.21
N THR B 25 -11.42 -10.22 -7.74
CA THR B 25 -11.62 -10.44 -6.32
C THR B 25 -10.41 -9.92 -5.56
N ALA B 26 -9.22 -10.24 -6.07
CA ALA B 26 -7.99 -9.78 -5.46
C ALA B 26 -7.97 -8.26 -5.48
N GLU B 27 -8.22 -7.68 -6.65
CA GLU B 27 -8.23 -6.24 -6.82
C GLU B 27 -9.21 -5.59 -5.85
N LYS B 28 -10.42 -6.13 -5.79
CA LYS B 28 -11.45 -5.62 -4.88
C LYS B 28 -10.96 -5.67 -3.45
N VAL B 29 -10.26 -6.75 -3.11
CA VAL B 29 -9.73 -6.92 -1.77
C VAL B 29 -8.77 -5.79 -1.44
N VAL B 30 -8.01 -5.37 -2.45
CA VAL B 30 -7.07 -4.27 -2.28
C VAL B 30 -7.84 -2.99 -1.98
N LYS B 31 -8.88 -2.70 -2.78
CA LYS B 31 -9.69 -1.51 -2.57
C LYS B 31 -10.07 -1.40 -1.10
N GLN B 32 -10.48 -2.52 -0.53
CA GLN B 32 -10.85 -2.57 0.87
C GLN B 32 -9.61 -2.29 1.72
N PHE B 33 -8.48 -2.81 1.25
CA PHE B 33 -7.20 -2.61 1.92
C PHE B 33 -6.91 -1.13 2.11
N PHE B 34 -6.88 -0.41 0.99
CA PHE B 34 -6.62 1.04 1.00
C PHE B 34 -7.82 1.80 1.55
N ASN B 35 -9.02 1.39 1.15
CA ASN B 35 -10.24 2.03 1.63
C ASN B 35 -10.20 2.13 3.15
N ASP B 36 -9.66 1.08 3.77
CA ASP B 36 -9.56 1.00 5.22
C ASP B 36 -8.20 1.48 5.74
N ASN B 37 -7.15 1.42 4.92
CA ASN B 37 -5.84 1.89 5.35
C ASN B 37 -5.81 3.42 5.28
N GLY B 38 -6.29 3.92 4.15
CA GLY B 38 -6.37 5.35 3.87
C GLY B 38 -5.90 6.26 4.99
N VAL B 39 -6.80 7.13 5.43
CA VAL B 39 -6.48 8.15 6.43
C VAL B 39 -6.65 7.73 7.89
N ASP B 40 -7.74 7.06 8.24
CA ASP B 40 -7.98 6.70 9.64
C ASP B 40 -7.59 5.25 9.97
N GLY B 41 -6.63 4.70 9.25
CA GLY B 41 -6.20 3.34 9.53
C GLY B 41 -5.37 3.25 10.79
N GLU B 42 -5.10 2.04 11.25
CA GLU B 42 -4.30 1.84 12.47
C GLU B 42 -2.83 1.69 12.10
N TRP B 43 -2.09 2.80 12.17
CA TRP B 43 -0.68 2.80 11.82
C TRP B 43 0.25 2.68 13.03
N THR B 44 1.05 1.61 13.04
CA THR B 44 2.01 1.39 14.10
C THR B 44 3.41 1.68 13.56
N TYR B 45 4.21 2.42 14.31
CA TYR B 45 5.56 2.77 13.88
C TYR B 45 6.62 1.99 14.63
N ASP B 46 7.68 1.62 13.92
CA ASP B 46 8.79 0.88 14.52
C ASP B 46 10.10 1.63 14.31
N ASP B 47 10.36 2.63 15.15
CA ASP B 47 11.57 3.43 15.05
C ASP B 47 12.82 2.55 14.90
N ALA B 48 12.80 1.41 15.56
CA ALA B 48 13.93 0.47 15.51
C ALA B 48 14.37 0.19 14.07
N THR B 49 13.41 0.17 13.15
CA THR B 49 13.72 -0.11 11.75
C THR B 49 13.14 0.95 10.82
N LYS B 50 12.65 2.05 11.38
CA LYS B 50 12.07 3.13 10.58
C LYS B 50 10.96 2.58 9.68
N THR B 51 10.29 1.55 10.16
CA THR B 51 9.22 0.91 9.41
C THR B 51 7.85 1.30 9.94
N PHE B 52 6.85 1.36 9.06
CA PHE B 52 5.49 1.71 9.45
C PHE B 52 4.49 0.62 9.09
N THR B 53 4.20 -0.23 10.05
CA THR B 53 3.25 -1.32 9.85
C THR B 53 1.81 -0.82 9.91
N VAL B 54 1.06 -1.10 8.86
CA VAL B 54 -0.34 -0.69 8.78
C VAL B 54 -1.24 -1.92 8.80
N THR B 55 -1.99 -2.07 9.88
CA THR B 55 -2.89 -3.21 10.02
C THR B 55 -4.34 -2.82 9.72
N GLU B 56 -4.89 -3.41 8.66
CA GLU B 56 -6.27 -3.12 8.27
C GLU B 56 -7.25 -3.90 9.14
N MET A 1 16.70 10.54 3.58
CA MET A 1 16.22 9.54 4.56
C MET A 1 15.10 8.70 3.95
N GLN A 2 15.35 7.42 3.75
CA GLN A 2 14.37 6.51 3.20
C GLN A 2 13.69 5.72 4.31
N TYR A 3 12.38 5.55 4.19
CA TYR A 3 11.63 4.81 5.19
C TYR A 3 10.91 3.61 4.56
N LYS A 4 10.87 2.50 5.26
CA LYS A 4 10.22 1.31 4.75
C LYS A 4 8.88 1.09 5.45
N VAL A 5 7.79 1.32 4.72
CA VAL A 5 6.46 1.14 5.28
C VAL A 5 5.92 -0.25 4.95
N ILE A 6 5.32 -0.88 5.94
CA ILE A 6 4.76 -2.21 5.78
C ILE A 6 3.23 -2.16 5.85
N LEU A 7 2.58 -2.75 4.86
CA LEU A 7 1.12 -2.74 4.79
C LEU A 7 0.54 -4.12 5.10
N ASN A 8 0.06 -4.30 6.33
CA ASN A 8 -0.52 -5.58 6.75
C ASN A 8 -2.03 -5.51 6.86
N GLY A 9 -2.72 -6.12 5.91
CA GLY A 9 -4.18 -6.12 5.94
C GLY A 9 -4.75 -7.49 6.23
N LYS A 10 -6.06 -7.63 6.01
CA LYS A 10 -6.74 -8.90 6.26
C LYS A 10 -6.35 -9.94 5.21
N THR A 11 -6.54 -9.61 3.95
CA THR A 11 -6.23 -10.51 2.85
C THR A 11 -5.14 -9.94 1.95
N LEU A 12 -4.43 -8.95 2.44
CA LEU A 12 -3.38 -8.33 1.66
C LEU A 12 -2.17 -7.97 2.53
N LYS A 13 -0.99 -8.21 1.99
CA LYS A 13 0.25 -7.91 2.71
C LYS A 13 1.32 -7.43 1.73
N GLY A 14 2.21 -6.55 2.18
CA GLY A 14 3.25 -6.06 1.31
C GLY A 14 4.24 -5.14 2.00
N GLU A 15 5.17 -4.59 1.21
CA GLU A 15 6.18 -3.69 1.73
C GLU A 15 6.35 -2.50 0.79
N THR A 16 6.41 -1.30 1.36
CA THR A 16 6.56 -0.09 0.58
C THR A 16 7.63 0.82 1.19
N THR A 17 8.06 1.84 0.42
CA THR A 17 9.10 2.75 0.90
C THR A 17 8.87 4.19 0.43
N THR A 18 8.76 5.09 1.41
CA THR A 18 8.57 6.51 1.13
C THR A 18 9.86 7.27 1.48
N GLU A 19 10.20 8.27 0.68
CA GLU A 19 11.41 9.06 0.92
C GLU A 19 11.02 10.42 1.47
N ALA A 20 11.31 10.68 2.74
CA ALA A 20 10.97 11.95 3.36
C ALA A 20 12.04 12.42 4.33
N VAL A 21 12.12 13.74 4.51
CA VAL A 21 13.10 14.36 5.39
C VAL A 21 13.11 13.73 6.77
N ASP A 22 11.94 13.36 7.26
CA ASP A 22 11.83 12.73 8.58
C ASP A 22 10.71 11.71 8.62
N ALA A 23 10.66 10.90 9.68
CA ALA A 23 9.65 9.87 9.82
C ALA A 23 8.24 10.45 9.67
N ALA A 24 8.03 11.63 10.25
CA ALA A 24 6.73 12.27 10.16
C ALA A 24 6.39 12.59 8.71
N THR A 25 7.28 13.32 8.04
CA THR A 25 7.07 13.65 6.65
C THR A 25 6.81 12.38 5.86
N ALA A 26 7.61 11.35 6.13
CA ALA A 26 7.43 10.07 5.48
C ALA A 26 6.04 9.54 5.82
N GLU A 27 5.74 9.48 7.11
CA GLU A 27 4.45 9.01 7.59
C GLU A 27 3.31 9.74 6.88
N LYS A 28 3.40 11.07 6.85
CA LYS A 28 2.37 11.88 6.21
C LYS A 28 2.25 11.53 4.73
N VAL A 29 3.38 11.30 4.09
CA VAL A 29 3.40 10.94 2.69
C VAL A 29 2.53 9.72 2.45
N VAL A 30 2.60 8.77 3.36
CA VAL A 30 1.81 7.56 3.26
C VAL A 30 0.33 7.92 3.38
N LYS A 31 -0.01 8.75 4.37
CA LYS A 31 -1.40 9.18 4.55
C LYS A 31 -1.99 9.69 3.24
N GLN A 32 -1.22 10.51 2.54
CA GLN A 32 -1.68 11.03 1.26
C GLN A 32 -1.72 9.91 0.24
N PHE A 33 -0.72 9.04 0.32
CA PHE A 33 -0.60 7.89 -0.57
C PHE A 33 -1.89 7.05 -0.55
N PHE A 34 -2.29 6.63 0.65
CA PHE A 34 -3.50 5.82 0.82
C PHE A 34 -4.76 6.68 0.71
N ASN A 35 -4.71 7.88 1.25
CA ASN A 35 -5.83 8.80 1.18
C ASN A 35 -6.31 8.92 -0.27
N ASP A 36 -5.34 8.96 -1.17
CA ASP A 36 -5.61 9.09 -2.61
C ASP A 36 -5.69 7.75 -3.35
N ASN A 37 -5.01 6.72 -2.85
CA ASN A 37 -5.05 5.41 -3.51
C ASN A 37 -6.38 4.73 -3.21
N GLY A 38 -6.81 4.88 -1.96
CA GLY A 38 -8.07 4.32 -1.48
C GLY A 38 -8.93 3.63 -2.53
N VAL A 39 -10.14 4.15 -2.69
CA VAL A 39 -11.13 3.55 -3.58
C VAL A 39 -11.02 3.95 -5.06
N ASP A 40 -11.07 5.24 -5.35
CA ASP A 40 -11.04 5.68 -6.75
C ASP A 40 -9.63 5.93 -7.29
N GLY A 41 -8.64 5.24 -6.75
CA GLY A 41 -7.28 5.42 -7.23
C GLY A 41 -7.11 4.95 -8.66
N GLU A 42 -6.25 5.62 -9.42
CA GLU A 42 -5.99 5.25 -10.81
C GLU A 42 -5.14 3.97 -10.87
N TRP A 43 -5.79 2.83 -10.95
CA TRP A 43 -5.09 1.54 -10.98
C TRP A 43 -5.06 0.92 -12.37
N THR A 44 -3.87 0.54 -12.83
CA THR A 44 -3.71 -0.12 -14.11
C THR A 44 -3.32 -1.57 -13.88
N TYR A 45 -3.87 -2.50 -14.66
CA TYR A 45 -3.57 -3.91 -14.48
C TYR A 45 -2.72 -4.46 -15.62
N ASP A 46 -1.79 -5.34 -15.27
CA ASP A 46 -0.90 -5.96 -16.26
C ASP A 46 -1.01 -7.49 -16.19
N ASP A 47 -2.03 -8.04 -16.84
CA ASP A 47 -2.25 -9.49 -16.86
C ASP A 47 -0.95 -10.25 -17.16
N ALA A 48 -0.12 -9.67 -18.01
CA ALA A 48 1.14 -10.30 -18.40
C ALA A 48 1.95 -10.75 -17.18
N THR A 49 1.82 -10.05 -16.07
CA THR A 49 2.56 -10.41 -14.85
C THR A 49 1.64 -10.54 -13.65
N LYS A 50 0.33 -10.63 -13.89
CA LYS A 50 -0.65 -10.75 -12.80
C LYS A 50 -0.37 -9.73 -11.71
N THR A 51 0.01 -8.52 -12.13
CA THR A 51 0.34 -7.46 -11.19
C THR A 51 -0.47 -6.20 -11.46
N PHE A 52 -0.84 -5.50 -10.39
CA PHE A 52 -1.63 -4.27 -10.48
C PHE A 52 -0.78 -3.09 -10.02
N THR A 53 -0.97 -1.93 -10.64
CA THR A 53 -0.24 -0.73 -10.25
C THR A 53 -1.19 0.39 -9.83
N VAL A 54 -0.95 0.93 -8.64
CA VAL A 54 -1.77 2.00 -8.11
C VAL A 54 -1.02 3.33 -8.15
N THR A 55 -1.47 4.26 -8.98
CA THR A 55 -0.83 5.55 -9.10
C THR A 55 -1.57 6.64 -8.32
N GLU A 56 -0.96 7.07 -7.22
CA GLU A 56 -1.55 8.10 -6.37
C GLU A 56 -1.87 9.35 -7.19
N MET B 1 -4.63 -18.71 -5.58
CA MET B 1 -4.10 -17.73 -6.57
C MET B 1 -3.59 -16.49 -5.85
N GLN B 2 -2.29 -16.26 -5.91
CA GLN B 2 -1.67 -15.10 -5.29
C GLN B 2 -1.43 -14.01 -6.34
N TYR B 3 -1.71 -12.77 -5.97
CA TYR B 3 -1.52 -11.65 -6.88
C TYR B 3 -0.54 -10.64 -6.28
N LYS B 4 0.31 -10.06 -7.13
CA LYS B 4 1.28 -9.09 -6.67
C LYS B 4 0.86 -7.68 -7.08
N VAL B 5 0.43 -6.88 -6.09
CA VAL B 5 0.01 -5.52 -6.36
C VAL B 5 1.16 -4.54 -6.13
N ILE B 6 1.31 -3.60 -7.04
CA ILE B 6 2.36 -2.60 -6.98
C ILE B 6 1.77 -1.23 -6.68
N LEU B 7 2.31 -0.56 -5.67
CA LEU B 7 1.81 0.76 -5.28
C LEU B 7 2.80 1.86 -5.66
N ASN B 8 2.52 2.56 -6.76
CA ASN B 8 3.39 3.63 -7.24
C ASN B 8 2.78 5.01 -6.99
N GLY B 9 3.31 5.72 -6.01
CA GLY B 9 2.80 7.05 -5.70
C GLY B 9 3.79 8.15 -6.06
N LYS B 10 3.50 9.36 -5.59
CA LYS B 10 4.37 10.50 -5.87
C LYS B 10 5.69 10.39 -5.11
N THR B 11 5.61 10.24 -3.79
CA THR B 11 6.79 10.14 -2.94
C THR B 11 6.84 8.80 -2.23
N LEU B 12 6.07 7.84 -2.71
CA LEU B 12 6.03 6.52 -2.10
C LEU B 12 5.95 5.42 -3.16
N LYS B 13 6.68 4.35 -2.94
CA LYS B 13 6.68 3.21 -3.86
C LYS B 13 6.84 1.91 -3.09
N GLY B 14 6.24 0.83 -3.60
CA GLY B 14 6.35 -0.44 -2.91
C GLY B 14 5.70 -1.59 -3.66
N GLU B 15 5.70 -2.76 -3.03
CA GLU B 15 5.11 -3.96 -3.61
C GLU B 15 4.29 -4.71 -2.56
N THR B 16 3.10 -5.14 -2.95
CA THR B 16 2.21 -5.86 -2.04
C THR B 16 1.62 -7.09 -2.73
N THR B 17 1.03 -7.98 -1.95
CA THR B 17 0.45 -9.20 -2.49
C THR B 17 -0.84 -9.63 -1.77
N THR B 18 -1.93 -9.72 -2.55
CA THR B 18 -3.22 -10.13 -2.02
C THR B 18 -3.54 -11.54 -2.54
N GLU B 19 -4.15 -12.36 -1.69
CA GLU B 19 -4.51 -13.72 -2.08
C GLU B 19 -6.02 -13.81 -2.31
N ALA B 20 -6.43 -13.98 -3.57
CA ALA B 20 -7.84 -14.06 -3.88
C ALA B 20 -8.12 -15.07 -4.99
N VAL B 21 -9.34 -15.62 -4.98
CA VAL B 21 -9.76 -16.63 -5.95
C VAL B 21 -9.49 -16.18 -7.38
N ASP B 22 -9.68 -14.89 -7.65
CA ASP B 22 -9.43 -14.36 -8.99
C ASP B 22 -8.91 -12.93 -8.93
N ALA B 23 -8.41 -12.43 -10.05
CA ALA B 23 -7.86 -11.08 -10.11
C ALA B 23 -8.84 -10.04 -9.58
N ALA B 24 -10.11 -10.21 -9.90
CA ALA B 24 -11.13 -9.29 -9.44
C ALA B 24 -11.21 -9.32 -7.92
N THR B 25 -11.42 -10.52 -7.35
CA THR B 25 -11.48 -10.67 -5.91
C THR B 25 -10.24 -10.05 -5.30
N ALA B 26 -9.09 -10.36 -5.88
CA ALA B 26 -7.84 -9.79 -5.42
C ALA B 26 -7.90 -8.28 -5.51
N GLU B 27 -8.25 -7.78 -6.70
CA GLU B 27 -8.37 -6.36 -6.94
C GLU B 27 -9.27 -5.70 -5.90
N LYS B 28 -10.44 -6.29 -5.68
CA LYS B 28 -11.40 -5.78 -4.70
C LYS B 28 -10.78 -5.75 -3.32
N VAL B 29 -10.04 -6.80 -2.98
CA VAL B 29 -9.39 -6.89 -1.69
C VAL B 29 -8.53 -5.66 -1.45
N VAL B 30 -7.84 -5.22 -2.49
CA VAL B 30 -7.00 -4.05 -2.39
C VAL B 30 -7.86 -2.82 -2.11
N LYS B 31 -8.96 -2.68 -2.87
CA LYS B 31 -9.87 -1.56 -2.68
C LYS B 31 -10.24 -1.41 -1.22
N GLN B 32 -10.57 -2.53 -0.58
CA GLN B 32 -10.91 -2.52 0.84
C GLN B 32 -9.67 -2.20 1.66
N PHE B 33 -8.56 -2.76 1.22
CA PHE B 33 -7.26 -2.55 1.88
C PHE B 33 -6.96 -1.06 2.02
N PHE B 34 -6.97 -0.35 0.89
CA PHE B 34 -6.70 1.09 0.88
C PHE B 34 -7.89 1.88 1.40
N ASN B 35 -9.09 1.46 1.04
CA ASN B 35 -10.30 2.12 1.51
C ASN B 35 -10.25 2.29 3.03
N ASP B 36 -9.74 1.26 3.69
CA ASP B 36 -9.64 1.23 5.15
C ASP B 36 -8.28 1.70 5.68
N ASN B 37 -7.22 1.55 4.89
CA ASN B 37 -5.90 1.99 5.32
C ASN B 37 -5.80 3.51 5.24
N GLY B 38 -6.37 4.05 4.16
CA GLY B 38 -6.39 5.47 3.89
C GLY B 38 -5.83 6.36 4.98
N VAL B 39 -6.69 7.24 5.50
CA VAL B 39 -6.28 8.24 6.48
C VAL B 39 -6.27 7.77 7.94
N ASP B 40 -7.40 7.27 8.43
CA ASP B 40 -7.49 6.86 9.84
C ASP B 40 -7.10 5.40 10.08
N GLY B 41 -6.25 4.84 9.23
CA GLY B 41 -5.83 3.46 9.41
C GLY B 41 -5.02 3.27 10.68
N GLU B 42 -5.16 2.11 11.31
CA GLU B 42 -4.42 1.81 12.54
C GLU B 42 -2.97 1.50 12.21
N TRP B 43 -2.13 2.53 12.28
CA TRP B 43 -0.70 2.38 11.95
C TRP B 43 0.19 2.39 13.18
N THR B 44 1.04 1.38 13.30
CA THR B 44 1.99 1.29 14.39
C THR B 44 3.40 1.52 13.85
N TYR B 45 4.22 2.25 14.60
CA TYR B 45 5.58 2.55 14.14
C TYR B 45 6.63 1.82 14.96
N ASP B 46 7.68 1.36 14.29
CA ASP B 46 8.77 0.64 14.95
C ASP B 46 10.11 1.33 14.68
N ASP B 47 10.40 2.38 15.45
CA ASP B 47 11.65 3.13 15.30
C ASP B 47 12.85 2.20 15.18
N ALA B 48 12.80 1.08 15.89
CA ALA B 48 13.90 0.11 15.89
C ALA B 48 14.33 -0.26 14.48
N THR B 49 13.39 -0.25 13.53
CA THR B 49 13.70 -0.59 12.15
C THR B 49 13.23 0.48 11.17
N LYS B 50 12.91 1.67 11.69
CA LYS B 50 12.44 2.76 10.84
C LYS B 50 11.36 2.28 9.88
N THR B 51 10.48 1.41 10.38
CA THR B 51 9.42 0.85 9.56
C THR B 51 8.05 1.07 10.20
N PHE B 52 7.05 1.30 9.35
CA PHE B 52 5.68 1.53 9.81
C PHE B 52 4.79 0.37 9.36
N THR B 53 3.80 0.01 10.17
CA THR B 53 2.88 -1.07 9.81
C THR B 53 1.44 -0.56 9.79
N VAL B 54 0.76 -0.80 8.68
CA VAL B 54 -0.63 -0.39 8.52
C VAL B 54 -1.55 -1.59 8.58
N THR B 55 -2.38 -1.64 9.62
CA THR B 55 -3.30 -2.76 9.79
C THR B 55 -4.72 -2.38 9.36
N GLU B 56 -5.16 -2.94 8.24
CA GLU B 56 -6.49 -2.66 7.71
C GLU B 56 -7.55 -2.97 8.76
N MET A 1 15.84 10.81 4.44
CA MET A 1 16.07 9.37 4.73
C MET A 1 14.98 8.51 4.08
N GLN A 2 15.26 7.22 3.93
CA GLN A 2 14.31 6.29 3.35
C GLN A 2 13.59 5.53 4.46
N TYR A 3 12.27 5.45 4.36
CA TYR A 3 11.47 4.74 5.35
C TYR A 3 10.77 3.54 4.73
N LYS A 4 10.67 2.46 5.49
CA LYS A 4 10.03 1.25 5.01
C LYS A 4 8.63 1.11 5.59
N VAL A 5 7.63 1.37 4.77
CA VAL A 5 6.24 1.27 5.21
C VAL A 5 5.67 -0.10 4.90
N ILE A 6 5.39 -0.86 5.95
CA ILE A 6 4.84 -2.19 5.83
C ILE A 6 3.32 -2.16 5.94
N LEU A 7 2.64 -2.77 4.96
CA LEU A 7 1.18 -2.80 4.93
C LEU A 7 0.69 -4.23 5.22
N ASN A 8 0.25 -4.46 6.46
CA ASN A 8 -0.21 -5.79 6.87
C ASN A 8 -1.74 -5.88 6.98
N GLY A 9 -2.34 -6.61 6.04
CA GLY A 9 -3.77 -6.80 6.07
C GLY A 9 -4.14 -8.25 6.30
N LYS A 10 -5.44 -8.54 6.27
CA LYS A 10 -5.89 -9.91 6.46
C LYS A 10 -5.65 -10.74 5.21
N THR A 11 -6.10 -10.20 4.07
CA THR A 11 -5.97 -10.87 2.80
C THR A 11 -4.89 -10.21 1.93
N LEU A 12 -4.24 -9.19 2.48
CA LEU A 12 -3.21 -8.49 1.73
C LEU A 12 -1.99 -8.20 2.59
N LYS A 13 -0.82 -8.41 2.01
CA LYS A 13 0.44 -8.18 2.70
C LYS A 13 1.47 -7.62 1.73
N GLY A 14 2.31 -6.69 2.18
CA GLY A 14 3.31 -6.12 1.30
C GLY A 14 4.27 -5.19 2.01
N GLU A 15 5.17 -4.60 1.23
CA GLU A 15 6.16 -3.67 1.76
C GLU A 15 6.35 -2.50 0.80
N THR A 16 6.40 -1.29 1.36
CA THR A 16 6.58 -0.09 0.55
C THR A 16 7.62 0.83 1.19
N THR A 17 8.10 1.81 0.42
CA THR A 17 9.12 2.72 0.92
C THR A 17 8.94 4.16 0.42
N THR A 18 8.75 5.08 1.37
CA THR A 18 8.61 6.50 1.06
C THR A 18 9.88 7.25 1.48
N GLU A 19 10.25 8.27 0.74
CA GLU A 19 11.45 9.06 1.06
C GLU A 19 11.04 10.41 1.63
N ALA A 20 11.31 10.62 2.92
CA ALA A 20 10.96 11.88 3.57
C ALA A 20 12.02 12.31 4.58
N VAL A 21 12.11 13.63 4.78
CA VAL A 21 13.09 14.21 5.70
C VAL A 21 13.05 13.55 7.06
N ASP A 22 11.88 13.05 7.46
CA ASP A 22 11.74 12.38 8.74
C ASP A 22 10.59 11.39 8.74
N ALA A 23 10.40 10.70 9.87
CA ALA A 23 9.35 9.69 9.98
C ALA A 23 7.97 10.30 9.75
N ALA A 24 7.73 11.46 10.33
CA ALA A 24 6.45 12.13 10.17
C ALA A 24 6.20 12.46 8.71
N THR A 25 7.15 13.16 8.08
CA THR A 25 7.03 13.49 6.67
C THR A 25 6.73 12.23 5.88
N ALA A 26 7.45 11.16 6.20
CA ALA A 26 7.22 9.88 5.55
C ALA A 26 5.79 9.43 5.82
N GLU A 27 5.41 9.39 7.09
CA GLU A 27 4.07 9.00 7.49
C GLU A 27 3.03 9.81 6.75
N LYS A 28 3.22 11.14 6.72
CA LYS A 28 2.30 12.03 6.02
C LYS A 28 2.24 11.65 4.54
N VAL A 29 3.41 11.40 3.97
CA VAL A 29 3.50 11.03 2.57
C VAL A 29 2.73 9.73 2.32
N VAL A 30 2.80 8.81 3.27
CA VAL A 30 2.09 7.56 3.15
C VAL A 30 0.59 7.84 3.22
N LYS A 31 0.19 8.61 4.25
CA LYS A 31 -1.21 8.98 4.42
C LYS A 31 -1.79 9.46 3.09
N GLN A 32 -1.08 10.40 2.48
CA GLN A 32 -1.49 10.93 1.19
C GLN A 32 -1.49 9.81 0.14
N PHE A 33 -0.54 8.89 0.27
CA PHE A 33 -0.42 7.77 -0.65
C PHE A 33 -1.73 6.97 -0.68
N PHE A 34 -2.11 6.43 0.47
CA PHE A 34 -3.34 5.67 0.60
C PHE A 34 -4.56 6.56 0.47
N ASN A 35 -4.47 7.75 1.06
CA ASN A 35 -5.55 8.72 0.97
C ASN A 35 -6.00 8.88 -0.48
N ASP A 36 -5.01 8.87 -1.36
CA ASP A 36 -5.25 9.02 -2.80
C ASP A 36 -5.36 7.68 -3.52
N ASN A 37 -4.79 6.62 -2.94
CA ASN A 37 -4.88 5.29 -3.57
C ASN A 37 -6.23 4.67 -3.27
N GLY A 38 -6.61 4.74 -2.00
CA GLY A 38 -7.87 4.21 -1.52
C GLY A 38 -8.81 3.66 -2.59
N VAL A 39 -9.98 4.28 -2.69
CA VAL A 39 -11.00 3.83 -3.62
C VAL A 39 -11.28 4.80 -4.77
N ASP A 40 -10.51 5.87 -4.88
CA ASP A 40 -10.74 6.83 -5.96
C ASP A 40 -9.49 7.04 -6.81
N GLY A 41 -8.49 6.19 -6.63
CA GLY A 41 -7.26 6.33 -7.41
C GLY A 41 -7.35 5.70 -8.79
N GLU A 42 -6.28 5.82 -9.56
CA GLU A 42 -6.22 5.27 -10.91
C GLU A 42 -5.53 3.92 -10.89
N TRP A 43 -6.30 2.85 -10.91
CA TRP A 43 -5.75 1.50 -10.85
C TRP A 43 -5.60 0.84 -12.23
N THR A 44 -4.38 0.50 -12.58
CA THR A 44 -4.10 -0.18 -13.84
C THR A 44 -3.70 -1.62 -13.57
N TYR A 45 -4.21 -2.56 -14.36
CA TYR A 45 -3.91 -3.97 -14.16
C TYR A 45 -3.05 -4.55 -15.29
N ASP A 46 -2.20 -5.50 -14.94
CA ASP A 46 -1.34 -6.17 -15.90
C ASP A 46 -1.56 -7.68 -15.86
N ASP A 47 -2.60 -8.14 -16.53
CA ASP A 47 -2.95 -9.57 -16.56
C ASP A 47 -1.74 -10.44 -16.84
N ALA A 48 -0.83 -9.97 -17.68
CA ALA A 48 0.37 -10.72 -18.05
C ALA A 48 1.10 -11.25 -16.82
N THR A 49 1.13 -10.45 -15.76
CA THR A 49 1.81 -10.86 -14.53
C THR A 49 0.90 -10.70 -13.30
N LYS A 50 -0.39 -10.49 -13.53
CA LYS A 50 -1.33 -10.30 -12.43
C LYS A 50 -0.85 -9.17 -11.53
N THR A 51 -0.14 -8.22 -12.11
CA THR A 51 0.39 -7.09 -11.35
C THR A 51 -0.50 -5.86 -11.49
N PHE A 52 -0.77 -5.22 -10.36
CA PHE A 52 -1.59 -4.02 -10.33
C PHE A 52 -0.75 -2.81 -9.96
N THR A 53 -0.82 -1.75 -10.75
CA THR A 53 -0.05 -0.56 -10.48
C THR A 53 -0.95 0.60 -10.05
N VAL A 54 -1.11 0.72 -8.74
CA VAL A 54 -1.93 1.78 -8.16
C VAL A 54 -1.09 3.05 -8.05
N THR A 55 -1.52 4.10 -8.74
CA THR A 55 -0.78 5.36 -8.73
C THR A 55 -1.16 6.23 -7.54
N GLU A 56 -0.28 7.18 -7.24
CA GLU A 56 -0.49 8.11 -6.14
C GLU A 56 -1.29 9.32 -6.60
N MET B 1 -5.37 -17.90 -6.20
CA MET B 1 -4.04 -17.51 -6.73
C MET B 1 -3.48 -16.30 -5.99
N GLN B 2 -2.18 -16.08 -6.11
CA GLN B 2 -1.53 -14.94 -5.47
C GLN B 2 -1.33 -13.83 -6.49
N TYR B 3 -1.71 -12.61 -6.12
CA TYR B 3 -1.55 -11.47 -7.00
C TYR B 3 -0.55 -10.46 -6.43
N LYS B 4 0.22 -9.83 -7.31
CA LYS B 4 1.21 -8.86 -6.89
C LYS B 4 0.71 -7.45 -7.15
N VAL B 5 0.33 -6.75 -6.09
CA VAL B 5 -0.17 -5.38 -6.22
C VAL B 5 0.95 -4.38 -6.01
N ILE B 6 1.31 -3.68 -7.07
CA ILE B 6 2.37 -2.68 -7.03
C ILE B 6 1.79 -1.28 -6.79
N LEU B 7 2.32 -0.59 -5.78
CA LEU B 7 1.86 0.74 -5.45
C LEU B 7 2.92 1.78 -5.82
N ASN B 8 2.70 2.47 -6.96
CA ASN B 8 3.66 3.46 -7.44
C ASN B 8 3.19 4.90 -7.23
N GLY B 9 3.85 5.58 -6.29
CA GLY B 9 3.53 6.96 -6.03
C GLY B 9 4.67 7.88 -6.39
N LYS B 10 4.49 9.18 -6.11
CA LYS B 10 5.55 10.14 -6.41
C LYS B 10 6.65 10.05 -5.37
N THR B 11 6.27 10.09 -4.11
CA THR B 11 7.21 10.03 -3.00
C THR B 11 7.18 8.67 -2.31
N LEU B 12 6.35 7.76 -2.82
CA LEU B 12 6.24 6.44 -2.23
C LEU B 12 6.20 5.35 -3.30
N LYS B 13 6.94 4.27 -3.03
CA LYS B 13 6.99 3.13 -3.94
C LYS B 13 7.07 1.84 -3.14
N GLY B 14 6.40 0.79 -3.64
CA GLY B 14 6.43 -0.47 -2.92
C GLY B 14 5.75 -1.59 -3.68
N GLU B 15 5.71 -2.76 -3.04
CA GLU B 15 5.08 -3.94 -3.63
C GLU B 15 4.29 -4.70 -2.57
N THR B 16 3.09 -5.13 -2.93
CA THR B 16 2.24 -5.88 -2.02
C THR B 16 1.62 -7.08 -2.73
N THR B 17 1.06 -8.01 -1.95
CA THR B 17 0.47 -9.22 -2.52
C THR B 17 -0.78 -9.68 -1.78
N THR B 18 -1.90 -9.72 -2.51
CA THR B 18 -3.18 -10.18 -1.97
C THR B 18 -3.51 -11.56 -2.55
N GLU B 19 -4.15 -12.40 -1.75
CA GLU B 19 -4.53 -13.74 -2.21
C GLU B 19 -6.03 -13.81 -2.47
N ALA B 20 -6.41 -13.94 -3.74
CA ALA B 20 -7.83 -14.00 -4.08
C ALA B 20 -8.08 -14.97 -5.23
N VAL B 21 -9.30 -15.53 -5.24
CA VAL B 21 -9.70 -16.51 -6.25
C VAL B 21 -9.42 -16.01 -7.67
N ASP B 22 -9.46 -14.70 -7.86
CA ASP B 22 -9.18 -14.11 -9.18
C ASP B 22 -8.67 -12.68 -9.06
N ALA B 23 -8.36 -12.09 -10.20
CA ALA B 23 -7.84 -10.72 -10.23
C ALA B 23 -8.80 -9.73 -9.61
N ALA B 24 -10.09 -9.87 -9.93
CA ALA B 24 -11.10 -8.98 -9.39
C ALA B 24 -11.16 -9.11 -7.88
N THR B 25 -11.33 -10.33 -7.38
CA THR B 25 -11.36 -10.57 -5.95
C THR B 25 -10.13 -9.92 -5.32
N ALA B 26 -8.98 -10.12 -5.95
CA ALA B 26 -7.75 -9.52 -5.47
C ALA B 26 -7.90 -8.00 -5.47
N GLU B 27 -8.27 -7.45 -6.62
CA GLU B 27 -8.47 -6.03 -6.76
C GLU B 27 -9.41 -5.50 -5.68
N LYS B 28 -10.54 -6.18 -5.50
CA LYS B 28 -11.51 -5.80 -4.48
C LYS B 28 -10.86 -5.82 -3.11
N VAL B 29 -10.10 -6.87 -2.85
CA VAL B 29 -9.41 -7.02 -1.58
C VAL B 29 -8.45 -5.87 -1.37
N VAL B 30 -7.80 -5.43 -2.44
CA VAL B 30 -6.87 -4.32 -2.35
C VAL B 30 -7.67 -3.06 -2.05
N LYS B 31 -8.72 -2.83 -2.83
CA LYS B 31 -9.59 -1.67 -2.62
C LYS B 31 -9.92 -1.54 -1.14
N GLN B 32 -10.40 -2.62 -0.56
CA GLN B 32 -10.75 -2.65 0.85
C GLN B 32 -9.50 -2.38 1.68
N PHE B 33 -8.35 -2.88 1.21
CA PHE B 33 -7.08 -2.69 1.90
C PHE B 33 -6.80 -1.20 2.10
N PHE B 34 -6.70 -0.48 0.99
CA PHE B 34 -6.45 0.97 1.03
C PHE B 34 -7.66 1.71 1.57
N ASN B 35 -8.84 1.26 1.17
CA ASN B 35 -10.08 1.86 1.64
C ASN B 35 -10.06 1.99 3.15
N ASP B 36 -9.51 0.95 3.79
CA ASP B 36 -9.41 0.90 5.24
C ASP B 36 -8.06 1.41 5.75
N ASN B 37 -7.02 1.39 4.91
CA ASN B 37 -5.71 1.87 5.34
C ASN B 37 -5.67 3.39 5.25
N GLY B 38 -6.16 3.90 4.12
CA GLY B 38 -6.21 5.33 3.86
C GLY B 38 -5.81 6.23 5.02
N VAL B 39 -6.75 7.04 5.47
CA VAL B 39 -6.49 8.02 6.54
C VAL B 39 -7.21 7.71 7.85
N ASP B 40 -7.89 6.59 7.94
CA ASP B 40 -8.61 6.26 9.18
C ASP B 40 -8.18 4.90 9.75
N GLY B 41 -7.09 4.35 9.23
CA GLY B 41 -6.61 3.06 9.71
C GLY B 41 -5.77 3.18 10.97
N GLU B 42 -5.34 2.03 11.50
CA GLU B 42 -4.50 2.01 12.70
C GLU B 42 -3.04 1.87 12.31
N TRP B 43 -2.32 2.99 12.34
CA TRP B 43 -0.92 3.02 11.96
C TRP B 43 0.03 2.93 13.16
N THR B 44 0.86 1.89 13.17
CA THR B 44 1.84 1.70 14.22
C THR B 44 3.24 1.93 13.65
N TYR B 45 4.09 2.64 14.38
CA TYR B 45 5.44 2.94 13.90
C TYR B 45 6.51 2.21 14.72
N ASP B 46 7.60 1.85 14.04
CA ASP B 46 8.72 1.17 14.68
C ASP B 46 10.02 1.96 14.46
N ASP B 47 10.22 2.99 15.27
CA ASP B 47 11.40 3.85 15.16
C ASP B 47 12.69 3.03 15.01
N ALA B 48 12.75 1.90 15.70
CA ALA B 48 13.94 1.04 15.66
C ALA B 48 14.41 0.76 14.24
N THR B 49 13.45 0.59 13.33
CA THR B 49 13.77 0.30 11.93
C THR B 49 13.04 1.25 10.97
N LYS B 50 12.46 2.32 11.52
CA LYS B 50 11.71 3.27 10.70
C LYS B 50 10.64 2.55 9.90
N THR B 51 10.15 1.45 10.44
CA THR B 51 9.14 0.64 9.76
C THR B 51 7.74 0.97 10.27
N PHE B 52 6.80 1.13 9.35
CA PHE B 52 5.42 1.43 9.69
C PHE B 52 4.53 0.25 9.33
N THR B 53 3.72 -0.21 10.27
CA THR B 53 2.83 -1.33 10.02
C THR B 53 1.38 -0.89 9.97
N VAL B 54 0.91 -0.58 8.77
CA VAL B 54 -0.47 -0.17 8.56
C VAL B 54 -1.35 -1.40 8.45
N THR B 55 -2.30 -1.51 9.37
CA THR B 55 -3.19 -2.67 9.39
C THR B 55 -4.39 -2.48 8.46
N GLU B 56 -5.01 -3.60 8.13
CA GLU B 56 -6.18 -3.60 7.24
C GLU B 56 -7.46 -3.40 8.05
N MET A 1 15.92 11.18 3.88
CA MET A 1 15.99 9.78 4.41
C MET A 1 14.87 8.92 3.84
N GLN A 2 15.13 7.62 3.74
CA GLN A 2 14.14 6.68 3.21
C GLN A 2 13.57 5.84 4.35
N TYR A 3 12.28 5.52 4.25
CA TYR A 3 11.62 4.72 5.27
C TYR A 3 10.90 3.54 4.64
N LYS A 4 10.85 2.43 5.36
CA LYS A 4 10.18 1.23 4.86
C LYS A 4 8.84 1.05 5.54
N VAL A 5 7.76 1.26 4.78
CA VAL A 5 6.42 1.11 5.31
C VAL A 5 5.88 -0.28 5.02
N ILE A 6 5.33 -0.92 6.04
CA ILE A 6 4.79 -2.27 5.89
C ILE A 6 3.27 -2.25 5.87
N LEU A 7 2.70 -2.65 4.74
CA LEU A 7 1.26 -2.71 4.58
C LEU A 7 0.76 -4.11 4.91
N ASN A 8 0.57 -4.35 6.21
CA ASN A 8 0.14 -5.65 6.72
C ASN A 8 -1.38 -5.74 6.90
N GLY A 9 -2.04 -6.49 6.03
CA GLY A 9 -3.48 -6.66 6.14
C GLY A 9 -3.87 -8.10 6.41
N LYS A 10 -5.16 -8.38 6.33
CA LYS A 10 -5.67 -9.73 6.55
C LYS A 10 -5.54 -10.56 5.28
N THR A 11 -6.11 -10.04 4.20
CA THR A 11 -6.08 -10.70 2.91
C THR A 11 -5.01 -10.09 2.01
N LEU A 12 -4.32 -9.08 2.51
CA LEU A 12 -3.29 -8.41 1.74
C LEU A 12 -2.02 -8.23 2.56
N LYS A 13 -0.89 -8.59 1.95
CA LYS A 13 0.42 -8.48 2.59
C LYS A 13 1.40 -7.79 1.65
N GLY A 14 2.08 -6.77 2.13
CA GLY A 14 3.03 -6.07 1.27
C GLY A 14 3.96 -5.14 2.01
N GLU A 15 4.90 -4.55 1.28
CA GLU A 15 5.87 -3.62 1.83
C GLU A 15 6.08 -2.46 0.86
N THR A 16 6.21 -1.26 1.41
CA THR A 16 6.41 -0.07 0.59
C THR A 16 7.47 0.85 1.21
N THR A 17 7.93 1.84 0.44
CA THR A 17 8.95 2.77 0.93
C THR A 17 8.76 4.20 0.41
N THR A 18 8.58 5.13 1.35
CA THR A 18 8.41 6.55 1.03
C THR A 18 9.68 7.31 1.40
N GLU A 19 10.02 8.32 0.61
CA GLU A 19 11.20 9.12 0.87
C GLU A 19 10.81 10.49 1.43
N ALA A 20 11.22 10.76 2.67
CA ALA A 20 10.88 12.04 3.30
C ALA A 20 11.95 12.51 4.27
N VAL A 21 12.01 13.83 4.47
CA VAL A 21 13.00 14.45 5.35
C VAL A 21 13.03 13.79 6.73
N ASP A 22 11.90 13.24 7.16
CA ASP A 22 11.84 12.57 8.45
C ASP A 22 10.73 11.53 8.48
N ALA A 23 10.70 10.74 9.55
CA ALA A 23 9.69 9.69 9.70
C ALA A 23 8.29 10.25 9.62
N ALA A 24 8.06 11.39 10.26
CA ALA A 24 6.75 12.02 10.25
C ALA A 24 6.39 12.42 8.82
N THR A 25 7.27 13.20 8.20
CA THR A 25 7.05 13.63 6.83
C THR A 25 6.76 12.41 5.96
N ALA A 26 7.56 11.37 6.16
CA ALA A 26 7.37 10.13 5.42
C ALA A 26 6.00 9.56 5.76
N GLU A 27 5.71 9.44 7.05
CA GLU A 27 4.43 8.92 7.50
C GLU A 27 3.29 9.71 6.86
N LYS A 28 3.41 11.03 6.88
CA LYS A 28 2.40 11.91 6.30
C LYS A 28 2.28 11.63 4.80
N VAL A 29 3.42 11.49 4.14
CA VAL A 29 3.44 11.22 2.72
C VAL A 29 2.67 9.94 2.41
N VAL A 30 2.85 8.94 3.26
CA VAL A 30 2.14 7.68 3.10
C VAL A 30 0.64 7.93 3.19
N LYS A 31 0.23 8.71 4.19
CA LYS A 31 -1.19 9.04 4.38
C LYS A 31 -1.79 9.49 3.06
N GLN A 32 -1.13 10.47 2.44
CA GLN A 32 -1.58 10.99 1.16
C GLN A 32 -1.66 9.88 0.14
N PHE A 33 -0.70 8.97 0.20
CA PHE A 33 -0.63 7.83 -0.70
C PHE A 33 -1.97 7.08 -0.68
N PHE A 34 -2.27 6.49 0.47
CA PHE A 34 -3.51 5.74 0.66
C PHE A 34 -4.71 6.67 0.57
N ASN A 35 -4.56 7.86 1.11
CA ASN A 35 -5.62 8.87 1.08
C ASN A 35 -6.14 9.03 -0.35
N ASP A 36 -5.20 9.00 -1.29
CA ASP A 36 -5.52 9.16 -2.71
C ASP A 36 -5.69 7.81 -3.41
N ASN A 37 -5.10 6.75 -2.87
CA ASN A 37 -5.24 5.43 -3.47
C ASN A 37 -6.59 4.84 -3.12
N GLY A 38 -6.93 4.95 -1.83
CA GLY A 38 -8.18 4.46 -1.30
C GLY A 38 -9.16 3.87 -2.30
N VAL A 39 -10.32 4.48 -2.41
CA VAL A 39 -11.39 3.99 -3.27
C VAL A 39 -11.58 4.78 -4.57
N ASP A 40 -10.82 5.84 -4.79
CA ASP A 40 -10.99 6.62 -6.03
C ASP A 40 -9.68 6.76 -6.81
N GLY A 41 -8.70 5.93 -6.49
CA GLY A 41 -7.42 6.00 -7.18
C GLY A 41 -7.46 5.42 -8.58
N GLU A 42 -6.43 5.72 -9.37
CA GLU A 42 -6.33 5.21 -10.74
C GLU A 42 -5.53 3.91 -10.75
N TRP A 43 -6.24 2.79 -10.82
CA TRP A 43 -5.61 1.47 -10.80
C TRP A 43 -5.52 0.84 -12.19
N THR A 44 -4.31 0.52 -12.61
CA THR A 44 -4.09 -0.13 -13.89
C THR A 44 -3.61 -1.57 -13.67
N TYR A 45 -4.10 -2.50 -14.48
CA TYR A 45 -3.73 -3.90 -14.33
C TYR A 45 -2.87 -4.39 -15.50
N ASP A 46 -1.90 -5.24 -15.19
CA ASP A 46 -1.00 -5.79 -16.20
C ASP A 46 -1.05 -7.32 -16.18
N ASP A 47 -2.04 -7.89 -16.85
CA ASP A 47 -2.21 -9.34 -16.92
C ASP A 47 -0.89 -10.05 -17.21
N ALA A 48 -0.05 -9.40 -18.02
CA ALA A 48 1.23 -9.98 -18.41
C ALA A 48 2.03 -10.47 -17.20
N THR A 49 1.86 -9.80 -16.06
CA THR A 49 2.59 -10.20 -14.85
C THR A 49 1.66 -10.39 -13.66
N LYS A 50 0.35 -10.52 -13.93
CA LYS A 50 -0.63 -10.71 -12.85
C LYS A 50 -0.39 -9.69 -11.75
N THR A 51 -0.05 -8.47 -12.13
CA THR A 51 0.22 -7.40 -11.17
C THR A 51 -0.58 -6.14 -11.46
N PHE A 52 -1.05 -5.49 -10.39
CA PHE A 52 -1.81 -4.26 -10.50
C PHE A 52 -0.94 -3.08 -10.06
N THR A 53 -1.10 -1.94 -10.71
CA THR A 53 -0.32 -0.76 -10.36
C THR A 53 -1.20 0.41 -9.95
N VAL A 54 -0.94 0.93 -8.76
CA VAL A 54 -1.66 2.07 -8.23
C VAL A 54 -0.78 3.32 -8.33
N THR A 55 -1.15 4.23 -9.20
CA THR A 55 -0.36 5.45 -9.40
C THR A 55 -0.98 6.66 -8.71
N GLU A 56 -0.27 7.17 -7.71
CA GLU A 56 -0.72 8.34 -6.96
C GLU A 56 -1.09 9.49 -7.90
N MET B 1 -5.54 -18.21 -5.61
CA MET B 1 -4.37 -17.65 -6.34
C MET B 1 -3.84 -16.39 -5.67
N GLN B 2 -2.55 -16.14 -5.83
CA GLN B 2 -1.92 -14.97 -5.26
C GLN B 2 -1.60 -13.94 -6.33
N TYR B 3 -1.74 -12.66 -6.00
CA TYR B 3 -1.46 -11.60 -6.96
C TYR B 3 -0.49 -10.58 -6.37
N LYS B 4 0.35 -10.00 -7.22
CA LYS B 4 1.31 -9.01 -6.78
C LYS B 4 0.86 -7.61 -7.15
N VAL B 5 0.47 -6.83 -6.15
CA VAL B 5 0.02 -5.46 -6.39
C VAL B 5 1.16 -4.49 -6.19
N ILE B 6 1.34 -3.59 -7.15
CA ILE B 6 2.40 -2.61 -7.09
C ILE B 6 1.86 -1.22 -6.72
N LEU B 7 2.30 -0.73 -5.58
CA LEU B 7 1.88 0.59 -5.11
C LEU B 7 2.91 1.63 -5.52
N ASN B 8 2.77 2.10 -6.76
CA ASN B 8 3.69 3.06 -7.35
C ASN B 8 3.20 4.50 -7.20
N GLY B 9 3.86 5.25 -6.34
CA GLY B 9 3.49 6.66 -6.14
C GLY B 9 4.61 7.60 -6.52
N LYS B 10 4.43 8.87 -6.20
CA LYS B 10 5.44 9.88 -6.52
C LYS B 10 6.52 9.89 -5.44
N THR B 11 6.10 10.05 -4.20
CA THR B 11 6.99 10.08 -3.06
C THR B 11 7.01 8.74 -2.34
N LEU B 12 6.20 7.79 -2.82
CA LEU B 12 6.13 6.48 -2.21
C LEU B 12 6.23 5.38 -3.26
N LYS B 13 7.08 4.39 -2.97
CA LYS B 13 7.30 3.27 -3.87
C LYS B 13 7.22 1.96 -3.08
N GLY B 14 6.41 1.01 -3.54
CA GLY B 14 6.30 -0.24 -2.82
C GLY B 14 5.60 -1.33 -3.61
N GLU B 15 5.56 -2.52 -3.01
CA GLU B 15 4.91 -3.68 -3.63
C GLU B 15 4.15 -4.47 -2.57
N THR B 16 2.97 -4.96 -2.94
CA THR B 16 2.15 -5.73 -2.02
C THR B 16 1.53 -6.94 -2.72
N THR B 17 0.97 -7.86 -1.93
CA THR B 17 0.37 -9.08 -2.48
C THR B 17 -0.89 -9.52 -1.72
N THR B 18 -2.01 -9.58 -2.45
CA THR B 18 -3.29 -10.01 -1.88
C THR B 18 -3.63 -11.41 -2.40
N GLU B 19 -4.25 -12.22 -1.57
CA GLU B 19 -4.64 -13.57 -1.97
C GLU B 19 -6.13 -13.65 -2.21
N ALA B 20 -6.53 -13.95 -3.45
CA ALA B 20 -7.94 -14.02 -3.78
C ALA B 20 -8.22 -15.03 -4.90
N VAL B 21 -9.44 -15.57 -4.89
CA VAL B 21 -9.87 -16.57 -5.87
C VAL B 21 -9.57 -16.14 -7.30
N ASP B 22 -9.54 -14.83 -7.55
CA ASP B 22 -9.25 -14.32 -8.88
C ASP B 22 -8.69 -12.91 -8.83
N ALA B 23 -8.22 -12.41 -9.96
CA ALA B 23 -7.65 -11.07 -10.03
C ALA B 23 -8.63 -10.01 -9.56
N ALA B 24 -9.88 -10.15 -9.96
CA ALA B 24 -10.90 -9.20 -9.56
C ALA B 24 -11.09 -9.25 -8.04
N THR B 25 -11.35 -10.44 -7.52
CA THR B 25 -11.51 -10.61 -6.09
C THR B 25 -10.31 -10.01 -5.37
N ALA B 26 -9.12 -10.32 -5.89
CA ALA B 26 -7.90 -9.78 -5.33
C ALA B 26 -7.92 -8.26 -5.43
N GLU B 27 -8.20 -7.75 -6.63
CA GLU B 27 -8.28 -6.31 -6.86
C GLU B 27 -9.25 -5.67 -5.87
N LYS B 28 -10.42 -6.29 -5.72
CA LYS B 28 -11.43 -5.79 -4.79
C LYS B 28 -10.89 -5.80 -3.37
N VAL B 29 -10.21 -6.89 -3.01
CA VAL B 29 -9.64 -7.02 -1.68
C VAL B 29 -8.67 -5.88 -1.40
N VAL B 30 -7.89 -5.52 -2.41
CA VAL B 30 -6.95 -4.43 -2.30
C VAL B 30 -7.72 -3.15 -2.01
N LYS B 31 -8.80 -2.91 -2.77
CA LYS B 31 -9.62 -1.72 -2.58
C LYS B 31 -9.95 -1.55 -1.11
N GLN B 32 -10.48 -2.61 -0.50
CA GLN B 32 -10.82 -2.59 0.91
C GLN B 32 -9.60 -2.24 1.74
N PHE B 33 -8.46 -2.78 1.32
CA PHE B 33 -7.19 -2.53 2.00
C PHE B 33 -6.97 -1.02 2.18
N PHE B 34 -6.80 -0.35 1.05
CA PHE B 34 -6.59 1.09 1.03
C PHE B 34 -7.83 1.83 1.53
N ASN B 35 -9.00 1.30 1.15
CA ASN B 35 -10.26 1.88 1.57
C ASN B 35 -10.28 2.08 3.08
N ASP B 36 -9.72 1.10 3.78
CA ASP B 36 -9.65 1.12 5.24
C ASP B 36 -8.32 1.67 5.74
N ASN B 37 -7.27 1.63 4.92
CA ASN B 37 -5.98 2.16 5.34
C ASN B 37 -5.99 3.67 5.21
N GLY B 38 -6.50 4.14 4.07
CA GLY B 38 -6.61 5.55 3.75
C GLY B 38 -6.17 6.50 4.85
N VAL B 39 -7.13 7.32 5.31
CA VAL B 39 -6.83 8.35 6.31
C VAL B 39 -7.33 8.02 7.72
N ASP B 40 -7.99 6.89 7.93
CA ASP B 40 -8.48 6.56 9.27
C ASP B 40 -7.98 5.20 9.76
N GLY B 41 -6.96 4.67 9.10
CA GLY B 41 -6.43 3.37 9.49
C GLY B 41 -5.59 3.42 10.76
N GLU B 42 -5.34 2.25 11.33
CA GLU B 42 -4.53 2.13 12.54
C GLU B 42 -3.06 1.90 12.18
N TRP B 43 -2.28 2.98 12.23
CA TRP B 43 -0.86 2.91 11.87
C TRP B 43 0.06 2.86 13.10
N THR B 44 0.87 1.82 13.17
CA THR B 44 1.83 1.67 14.27
C THR B 44 3.24 1.82 13.73
N TYR B 45 4.11 2.50 14.48
CA TYR B 45 5.48 2.72 14.03
C TYR B 45 6.49 1.95 14.89
N ASP B 46 7.52 1.43 14.25
CA ASP B 46 8.56 0.68 14.93
C ASP B 46 9.93 1.31 14.70
N ASP B 47 10.26 2.33 15.48
CA ASP B 47 11.54 3.03 15.36
C ASP B 47 12.70 2.05 15.24
N ALA B 48 12.59 0.92 15.93
CA ALA B 48 13.64 -0.10 15.93
C ALA B 48 14.09 -0.44 14.51
N THR B 49 13.18 -0.38 13.55
CA THR B 49 13.51 -0.70 12.17
C THR B 49 13.10 0.40 11.20
N LYS B 50 12.83 1.59 11.73
CA LYS B 50 12.43 2.72 10.89
C LYS B 50 11.32 2.29 9.92
N THR B 51 10.41 1.45 10.41
CA THR B 51 9.33 0.94 9.58
C THR B 51 7.96 1.15 10.23
N PHE B 52 6.98 1.48 9.41
CA PHE B 52 5.61 1.69 9.87
C PHE B 52 4.74 0.51 9.43
N THR B 53 3.78 0.12 10.27
CA THR B 53 2.90 -0.99 9.94
C THR B 53 1.44 -0.57 9.91
N VAL B 54 0.79 -0.84 8.78
CA VAL B 54 -0.62 -0.52 8.61
C VAL B 54 -1.42 -1.81 8.69
N THR B 55 -2.20 -1.96 9.76
CA THR B 55 -2.98 -3.18 9.96
C THR B 55 -4.45 -2.98 9.61
N GLU B 56 -4.91 -3.67 8.57
CA GLU B 56 -6.29 -3.59 8.13
C GLU B 56 -7.25 -3.84 9.29
N MET A 1 15.39 11.36 4.48
CA MET A 1 15.79 9.95 4.73
C MET A 1 14.77 8.99 4.11
N GLN A 2 15.16 7.72 3.99
CA GLN A 2 14.28 6.70 3.43
C GLN A 2 13.69 5.84 4.54
N TYR A 3 12.40 5.54 4.44
CA TYR A 3 11.74 4.72 5.45
C TYR A 3 11.09 3.49 4.83
N LYS A 4 11.09 2.39 5.58
CA LYS A 4 10.51 1.14 5.11
C LYS A 4 9.09 0.99 5.65
N VAL A 5 8.10 1.14 4.78
CA VAL A 5 6.71 1.03 5.19
C VAL A 5 6.17 -0.37 4.91
N ILE A 6 5.65 -1.01 5.95
CA ILE A 6 5.09 -2.34 5.84
C ILE A 6 3.56 -2.29 5.89
N LEU A 7 2.91 -2.86 4.89
CA LEU A 7 1.46 -2.86 4.83
C LEU A 7 0.89 -4.25 5.09
N ASN A 8 0.36 -4.46 6.30
CA ASN A 8 -0.20 -5.75 6.70
C ASN A 8 -1.72 -5.71 6.81
N GLY A 9 -2.41 -6.34 5.87
CA GLY A 9 -3.86 -6.35 5.91
C GLY A 9 -4.42 -7.73 6.20
N LYS A 10 -5.74 -7.87 6.05
CA LYS A 10 -6.40 -9.14 6.30
C LYS A 10 -6.07 -10.15 5.20
N THR A 11 -6.34 -9.77 3.96
CA THR A 11 -6.09 -10.62 2.82
C THR A 11 -5.01 -10.04 1.92
N LEU A 12 -4.30 -9.05 2.41
CA LEU A 12 -3.25 -8.41 1.63
C LEU A 12 -2.02 -8.11 2.49
N LYS A 13 -0.85 -8.34 1.92
CA LYS A 13 0.41 -8.10 2.62
C LYS A 13 1.47 -7.60 1.65
N GLY A 14 2.35 -6.71 2.11
CA GLY A 14 3.39 -6.19 1.24
C GLY A 14 4.37 -5.28 1.95
N GLU A 15 5.24 -4.65 1.17
CA GLU A 15 6.25 -3.74 1.69
C GLU A 15 6.44 -2.56 0.75
N THR A 16 6.56 -1.36 1.34
CA THR A 16 6.75 -0.15 0.56
C THR A 16 7.78 0.77 1.20
N THR A 17 8.21 1.79 0.47
CA THR A 17 9.22 2.71 0.97
C THR A 17 8.97 4.16 0.52
N THR A 18 8.78 5.04 1.50
CA THR A 18 8.55 6.46 1.22
C THR A 18 9.81 7.26 1.53
N GLU A 19 10.14 8.21 0.68
CA GLU A 19 11.32 9.05 0.88
C GLU A 19 10.92 10.39 1.45
N ALA A 20 11.27 10.63 2.72
CA ALA A 20 10.92 11.88 3.37
C ALA A 20 12.00 12.34 4.36
N VAL A 21 12.11 13.65 4.51
CA VAL A 21 13.11 14.24 5.41
C VAL A 21 13.07 13.62 6.80
N ASP A 22 11.88 13.30 7.28
CA ASP A 22 11.72 12.69 8.59
C ASP A 22 10.56 11.70 8.61
N ALA A 23 10.47 10.94 9.69
CA ALA A 23 9.42 9.94 9.83
C ALA A 23 8.03 10.56 9.67
N ALA A 24 7.85 11.74 10.24
CA ALA A 24 6.57 12.43 10.14
C ALA A 24 6.27 12.76 8.69
N THR A 25 7.20 13.46 8.03
CA THR A 25 7.02 13.80 6.62
C THR A 25 6.71 12.53 5.85
N ALA A 26 7.46 11.47 6.15
CA ALA A 26 7.24 10.17 5.51
C ALA A 26 5.82 9.71 5.81
N GLU A 27 5.48 9.68 7.10
CA GLU A 27 4.14 9.27 7.52
C GLU A 27 3.08 10.04 6.76
N LYS A 28 3.23 11.37 6.71
CA LYS A 28 2.29 12.20 5.99
C LYS A 28 2.25 11.79 4.53
N VAL A 29 3.42 11.58 3.96
CA VAL A 29 3.55 11.17 2.57
C VAL A 29 2.77 9.88 2.33
N VAL A 30 2.88 8.95 3.26
CA VAL A 30 2.16 7.70 3.14
C VAL A 30 0.67 7.98 3.24
N LYS A 31 0.27 8.76 4.26
CA LYS A 31 -1.12 9.11 4.45
C LYS A 31 -1.72 9.57 3.13
N GLN A 32 -1.01 10.47 2.46
CA GLN A 32 -1.45 10.97 1.17
C GLN A 32 -1.49 9.83 0.16
N PHE A 33 -0.54 8.91 0.29
CA PHE A 33 -0.45 7.76 -0.60
C PHE A 33 -1.76 6.98 -0.59
N PHE A 34 -2.15 6.52 0.60
CA PHE A 34 -3.39 5.75 0.77
C PHE A 34 -4.62 6.65 0.70
N ASN A 35 -4.52 7.83 1.31
CA ASN A 35 -5.62 8.80 1.28
C ASN A 35 -6.11 8.98 -0.15
N ASP A 36 -5.16 8.97 -1.07
CA ASP A 36 -5.44 9.15 -2.49
C ASP A 36 -5.61 7.83 -3.24
N ASN A 37 -5.01 6.74 -2.72
CA ASN A 37 -5.13 5.44 -3.37
C ASN A 37 -6.50 4.85 -3.07
N GLY A 38 -6.89 4.97 -1.80
CA GLY A 38 -8.16 4.48 -1.30
C GLY A 38 -9.11 3.91 -2.34
N VAL A 39 -10.28 4.53 -2.43
CA VAL A 39 -11.34 4.04 -3.32
C VAL A 39 -11.25 4.50 -4.77
N ASP A 40 -11.19 5.80 -5.02
CA ASP A 40 -11.15 6.30 -6.40
C ASP A 40 -9.76 6.43 -6.98
N GLY A 41 -8.82 5.62 -6.50
CA GLY A 41 -7.47 5.69 -7.03
C GLY A 41 -7.39 5.19 -8.47
N GLU A 42 -6.37 5.62 -9.21
CA GLU A 42 -6.18 5.20 -10.59
C GLU A 42 -5.38 3.90 -10.64
N TRP A 43 -6.08 2.77 -10.78
CA TRP A 43 -5.42 1.47 -10.80
C TRP A 43 -5.34 0.87 -12.20
N THR A 44 -4.12 0.52 -12.61
CA THR A 44 -3.89 -0.12 -13.90
C THR A 44 -3.52 -1.58 -13.67
N TYR A 45 -4.06 -2.48 -14.48
CA TYR A 45 -3.78 -3.90 -14.33
C TYR A 45 -2.97 -4.44 -15.51
N ASP A 46 -2.05 -5.36 -15.21
CA ASP A 46 -1.20 -5.97 -16.23
C ASP A 46 -1.35 -7.49 -16.20
N ASP A 47 -2.37 -8.00 -16.89
CA ASP A 47 -2.62 -9.45 -16.94
C ASP A 47 -1.35 -10.23 -17.26
N ALA A 48 -0.51 -9.65 -18.11
CA ALA A 48 0.73 -10.30 -18.52
C ALA A 48 1.54 -10.79 -17.33
N THR A 49 1.46 -10.08 -16.22
CA THR A 49 2.20 -10.46 -15.02
C THR A 49 1.30 -10.55 -13.79
N LYS A 50 -0.02 -10.55 -14.01
CA LYS A 50 -0.98 -10.62 -12.91
C LYS A 50 -0.64 -9.59 -11.84
N THR A 51 -0.09 -8.45 -12.27
CA THR A 51 0.30 -7.40 -11.35
C THR A 51 -0.56 -6.14 -11.52
N PHE A 52 -0.81 -5.45 -10.41
CA PHE A 52 -1.60 -4.24 -10.41
C PHE A 52 -0.75 -3.05 -9.97
N THR A 53 -0.88 -1.92 -10.66
CA THR A 53 -0.12 -0.73 -10.30
C THR A 53 -1.02 0.43 -9.92
N VAL A 54 -0.75 1.01 -8.76
CA VAL A 54 -1.52 2.15 -8.27
C VAL A 54 -0.67 3.41 -8.36
N THR A 55 -1.01 4.27 -9.31
CA THR A 55 -0.25 5.50 -9.52
C THR A 55 -0.87 6.67 -8.77
N GLU A 56 -0.20 7.11 -7.71
CA GLU A 56 -0.66 8.24 -6.91
C GLU A 56 -0.97 9.45 -7.77
N MET B 1 -6.04 -17.70 -6.04
CA MET B 1 -4.66 -17.47 -6.58
C MET B 1 -4.00 -16.28 -5.90
N GLN B 2 -2.69 -16.16 -6.07
CA GLN B 2 -1.94 -15.05 -5.48
C GLN B 2 -1.61 -14.03 -6.55
N TYR B 3 -1.75 -12.75 -6.21
CA TYR B 3 -1.46 -11.68 -7.16
C TYR B 3 -0.42 -10.70 -6.60
N LYS B 4 0.40 -10.17 -7.49
CA LYS B 4 1.45 -9.23 -7.10
C LYS B 4 0.97 -7.80 -7.33
N VAL B 5 0.69 -7.09 -6.24
CA VAL B 5 0.22 -5.73 -6.34
C VAL B 5 1.37 -4.73 -6.17
N ILE B 6 1.54 -3.86 -7.15
CA ILE B 6 2.59 -2.85 -7.12
C ILE B 6 2.00 -1.48 -6.82
N LEU B 7 2.52 -0.81 -5.79
CA LEU B 7 2.02 0.50 -5.40
C LEU B 7 3.04 1.59 -5.75
N ASN B 8 2.77 2.34 -6.83
CA ASN B 8 3.67 3.40 -7.28
C ASN B 8 3.08 4.79 -7.03
N GLY B 9 3.63 5.52 -6.07
CA GLY B 9 3.12 6.85 -5.79
C GLY B 9 4.12 7.93 -6.15
N LYS B 10 3.83 9.16 -5.74
CA LYS B 10 4.70 10.29 -6.02
C LYS B 10 5.98 10.21 -5.19
N THR B 11 5.82 10.12 -3.88
CA THR B 11 6.94 10.05 -2.96
C THR B 11 6.99 8.71 -2.24
N LEU B 12 6.22 7.75 -2.73
CA LEU B 12 6.17 6.43 -2.12
C LEU B 12 6.13 5.33 -3.18
N LYS B 13 6.88 4.27 -2.92
CA LYS B 13 6.94 3.12 -3.84
C LYS B 13 7.06 1.82 -3.07
N GLY B 14 6.46 0.75 -3.58
CA GLY B 14 6.53 -0.52 -2.89
C GLY B 14 5.88 -1.66 -3.65
N GLU B 15 5.79 -2.81 -3.00
CA GLU B 15 5.20 -4.00 -3.59
C GLU B 15 4.39 -4.77 -2.56
N THR B 16 3.22 -5.25 -2.96
CA THR B 16 2.34 -6.00 -2.07
C THR B 16 1.72 -7.20 -2.78
N THR B 17 1.10 -8.10 -2.02
CA THR B 17 0.49 -9.29 -2.59
C THR B 17 -0.80 -9.69 -1.88
N THR B 18 -1.90 -9.70 -2.65
CA THR B 18 -3.21 -10.08 -2.12
C THR B 18 -3.56 -11.49 -2.58
N GLU B 19 -4.13 -12.29 -1.68
CA GLU B 19 -4.52 -13.65 -2.01
C GLU B 19 -6.02 -13.71 -2.27
N ALA B 20 -6.40 -13.93 -3.53
CA ALA B 20 -7.81 -13.98 -3.89
C ALA B 20 -8.06 -15.00 -5.01
N VAL B 21 -9.26 -15.57 -4.99
CA VAL B 21 -9.66 -16.58 -5.97
C VAL B 21 -9.41 -16.10 -7.41
N ASP B 22 -9.64 -14.82 -7.64
CA ASP B 22 -9.44 -14.24 -8.97
C ASP B 22 -8.93 -12.80 -8.88
N ALA B 23 -8.52 -12.25 -10.02
CA ALA B 23 -8.01 -10.89 -10.08
C ALA B 23 -9.01 -9.90 -9.51
N ALA B 24 -10.27 -10.09 -9.83
CA ALA B 24 -11.33 -9.21 -9.35
C ALA B 24 -11.41 -9.28 -7.82
N THR B 25 -11.57 -10.50 -7.29
CA THR B 25 -11.62 -10.69 -5.86
C THR B 25 -10.40 -10.02 -5.24
N ALA B 26 -9.24 -10.26 -5.85
CA ALA B 26 -8.01 -9.66 -5.38
C ALA B 26 -8.14 -8.15 -5.42
N GLU B 27 -8.51 -7.62 -6.60
CA GLU B 27 -8.69 -6.19 -6.77
C GLU B 27 -9.59 -5.62 -5.67
N LYS B 28 -10.74 -6.28 -5.46
CA LYS B 28 -11.67 -5.85 -4.43
C LYS B 28 -10.98 -5.88 -3.07
N VAL B 29 -10.25 -6.96 -2.82
CA VAL B 29 -9.52 -7.12 -1.58
C VAL B 29 -8.57 -5.95 -1.37
N VAL B 30 -7.88 -5.56 -2.43
CA VAL B 30 -6.97 -4.44 -2.34
C VAL B 30 -7.77 -3.18 -2.06
N LYS B 31 -8.84 -2.97 -2.84
CA LYS B 31 -9.69 -1.79 -2.65
C LYS B 31 -10.01 -1.63 -1.18
N GLN B 32 -10.44 -2.72 -0.55
CA GLN B 32 -10.76 -2.70 0.86
C GLN B 32 -9.51 -2.39 1.67
N PHE B 33 -8.37 -2.88 1.20
CA PHE B 33 -7.09 -2.66 1.87
C PHE B 33 -6.83 -1.16 2.02
N PHE B 34 -6.82 -0.45 0.90
CA PHE B 34 -6.59 0.99 0.89
C PHE B 34 -7.82 1.76 1.37
N ASN B 35 -8.99 1.31 0.94
CA ASN B 35 -10.24 1.95 1.36
C ASN B 35 -10.27 2.11 2.88
N ASP B 36 -9.72 1.10 3.55
CA ASP B 36 -9.66 1.08 5.01
C ASP B 36 -8.34 1.61 5.56
N ASN B 37 -7.27 1.57 4.77
CA ASN B 37 -5.98 2.08 5.23
C ASN B 37 -5.97 3.60 5.15
N GLY B 38 -6.51 4.10 4.03
CA GLY B 38 -6.61 5.51 3.76
C GLY B 38 -6.19 6.45 4.88
N VAL B 39 -7.14 7.26 5.33
CA VAL B 39 -6.86 8.29 6.35
C VAL B 39 -6.92 7.80 7.79
N ASP B 40 -8.03 7.21 8.22
CA ASP B 40 -8.17 6.78 9.62
C ASP B 40 -7.67 5.37 9.88
N GLY B 41 -6.72 4.89 9.08
CA GLY B 41 -6.19 3.55 9.31
C GLY B 41 -5.39 3.46 10.60
N GLU B 42 -5.27 2.25 11.15
CA GLU B 42 -4.50 2.04 12.38
C GLU B 42 -3.04 1.79 12.04
N TRP B 43 -2.22 2.83 12.17
CA TRP B 43 -0.79 2.73 11.84
C TRP B 43 0.10 2.68 13.07
N THR B 44 0.93 1.64 13.14
CA THR B 44 1.87 1.49 14.23
C THR B 44 3.29 1.74 13.71
N TYR B 45 4.10 2.45 14.48
CA TYR B 45 5.47 2.76 14.06
C TYR B 45 6.50 2.05 14.93
N ASP B 46 7.58 1.61 14.29
CA ASP B 46 8.66 0.93 14.99
C ASP B 46 9.99 1.64 14.77
N ASP B 47 10.26 2.67 15.58
CA ASP B 47 11.50 3.44 15.46
C ASP B 47 12.72 2.53 15.37
N ALA B 48 12.67 1.42 16.09
CA ALA B 48 13.79 0.47 16.11
C ALA B 48 14.26 0.10 14.70
N THR B 49 13.33 0.07 13.75
CA THR B 49 13.67 -0.27 12.37
C THR B 49 13.15 0.78 11.39
N LYS B 50 12.75 1.94 11.89
CA LYS B 50 12.23 3.00 11.04
C LYS B 50 11.17 2.45 10.09
N THR B 51 10.42 1.47 10.56
CA THR B 51 9.39 0.84 9.74
C THR B 51 7.99 1.11 10.29
N PHE B 52 7.03 1.25 9.37
CA PHE B 52 5.63 1.50 9.74
C PHE B 52 4.76 0.33 9.31
N THR B 53 3.83 -0.08 10.16
CA THR B 53 2.94 -1.18 9.83
C THR B 53 1.47 -0.74 9.85
N VAL B 54 0.79 -1.03 8.76
CA VAL B 54 -0.63 -0.70 8.62
C VAL B 54 -1.46 -1.96 8.72
N THR B 55 -2.16 -2.13 9.84
CA THR B 55 -2.96 -3.32 10.05
C THR B 55 -4.41 -3.10 9.66
N GLU B 56 -4.82 -3.72 8.55
CA GLU B 56 -6.18 -3.60 8.05
C GLU B 56 -7.20 -3.93 9.14
N MET A 1 16.30 11.11 4.04
CA MET A 1 16.08 9.78 4.68
C MET A 1 14.87 9.07 4.10
N GLN A 2 15.00 7.76 3.93
CA GLN A 2 13.93 6.93 3.40
C GLN A 2 13.39 5.99 4.46
N TYR A 3 12.14 5.57 4.31
CA TYR A 3 11.52 4.67 5.28
C TYR A 3 10.79 3.53 4.58
N LYS A 4 10.74 2.37 5.23
CA LYS A 4 10.06 1.21 4.65
C LYS A 4 8.77 0.95 5.39
N VAL A 5 7.65 1.16 4.72
CA VAL A 5 6.34 0.95 5.32
C VAL A 5 5.80 -0.44 5.00
N ILE A 6 5.28 -1.09 6.02
CA ILE A 6 4.72 -2.43 5.88
C ILE A 6 3.20 -2.36 5.90
N LEU A 7 2.59 -2.75 4.78
CA LEU A 7 1.14 -2.74 4.67
C LEU A 7 0.59 -4.12 5.01
N ASN A 8 0.39 -4.35 6.31
CA ASN A 8 -0.10 -5.64 6.80
C ASN A 8 -1.61 -5.65 6.98
N GLY A 9 -2.32 -6.35 6.11
CA GLY A 9 -3.76 -6.43 6.22
C GLY A 9 -4.25 -7.84 6.47
N LYS A 10 -5.54 -8.05 6.29
CA LYS A 10 -6.13 -9.37 6.50
C LYS A 10 -5.86 -10.27 5.32
N THR A 11 -6.29 -9.83 4.13
CA THR A 11 -6.11 -10.59 2.91
C THR A 11 -5.04 -9.97 2.03
N LEU A 12 -4.37 -8.95 2.55
CA LEU A 12 -3.33 -8.29 1.80
C LEU A 12 -2.11 -8.00 2.67
N LYS A 13 -0.93 -8.27 2.11
CA LYS A 13 0.32 -8.04 2.82
C LYS A 13 1.40 -7.59 1.85
N GLY A 14 2.30 -6.72 2.31
CA GLY A 14 3.35 -6.23 1.44
C GLY A 14 4.29 -5.26 2.13
N GLU A 15 5.13 -4.61 1.32
CA GLU A 15 6.08 -3.65 1.84
C GLU A 15 6.27 -2.50 0.84
N THR A 16 6.33 -1.29 1.36
CA THR A 16 6.51 -0.10 0.54
C THR A 16 7.56 0.83 1.14
N THR A 17 7.98 1.83 0.36
CA THR A 17 9.01 2.75 0.83
C THR A 17 8.78 4.20 0.35
N THR A 18 8.57 5.08 1.32
CA THR A 18 8.37 6.50 1.02
C THR A 18 9.63 7.29 1.38
N GLU A 19 9.96 8.28 0.57
CA GLU A 19 11.14 9.10 0.80
C GLU A 19 10.71 10.42 1.46
N ALA A 20 11.09 10.63 2.72
CA ALA A 20 10.71 11.84 3.42
C ALA A 20 11.77 12.29 4.42
N VAL A 21 11.84 13.61 4.63
CA VAL A 21 12.82 14.20 5.53
C VAL A 21 12.82 13.53 6.91
N ASP A 22 11.67 13.01 7.32
CA ASP A 22 11.57 12.34 8.61
C ASP A 22 10.44 11.32 8.62
N ALA A 23 10.37 10.55 9.70
CA ALA A 23 9.34 9.53 9.84
C ALA A 23 7.94 10.13 9.75
N ALA A 24 7.76 11.28 10.37
CA ALA A 24 6.46 11.96 10.34
C ALA A 24 6.13 12.35 8.91
N THR A 25 7.04 13.10 8.27
CA THR A 25 6.82 13.50 6.89
C THR A 25 6.53 12.26 6.06
N ALA A 26 7.32 11.21 6.29
CA ALA A 26 7.12 9.95 5.59
C ALA A 26 5.72 9.42 5.89
N GLU A 27 5.39 9.35 7.18
CA GLU A 27 4.08 8.87 7.59
C GLU A 27 2.98 9.67 6.92
N LYS A 28 3.13 10.99 6.92
CA LYS A 28 2.16 11.88 6.30
C LYS A 28 2.11 11.63 4.80
N VAL A 29 3.27 11.56 4.17
CA VAL A 29 3.35 11.31 2.75
C VAL A 29 2.58 10.04 2.40
N VAL A 30 2.74 9.02 3.24
CA VAL A 30 2.03 7.78 3.03
C VAL A 30 0.53 8.04 3.12
N LYS A 31 0.12 8.82 4.14
CA LYS A 31 -1.28 9.16 4.31
C LYS A 31 -1.87 9.59 2.98
N GLN A 32 -1.20 10.54 2.33
CA GLN A 32 -1.65 11.04 1.03
C GLN A 32 -1.67 9.90 0.03
N PHE A 33 -0.70 9.02 0.14
CA PHE A 33 -0.60 7.87 -0.74
C PHE A 33 -1.90 7.07 -0.72
N PHE A 34 -2.24 6.54 0.45
CA PHE A 34 -3.47 5.77 0.63
C PHE A 34 -4.69 6.67 0.50
N ASN A 35 -4.58 7.87 1.05
CA ASN A 35 -5.66 8.85 0.97
C ASN A 35 -6.13 9.01 -0.47
N ASP A 36 -5.18 8.99 -1.38
CA ASP A 36 -5.46 9.12 -2.82
C ASP A 36 -5.60 7.78 -3.51
N ASN A 37 -5.02 6.72 -2.95
CA ASN A 37 -5.12 5.40 -3.55
C ASN A 37 -6.46 4.77 -3.21
N GLY A 38 -6.81 4.87 -1.92
CA GLY A 38 -8.07 4.34 -1.40
C GLY A 38 -9.01 3.77 -2.44
N VAL A 39 -10.18 4.40 -2.56
CA VAL A 39 -11.22 3.90 -3.46
C VAL A 39 -11.46 4.78 -4.68
N ASP A 40 -10.68 5.83 -4.87
CA ASP A 40 -10.87 6.71 -6.03
C ASP A 40 -9.59 6.85 -6.86
N GLY A 41 -8.61 5.99 -6.61
CA GLY A 41 -7.36 6.08 -7.35
C GLY A 41 -7.44 5.42 -8.72
N GLU A 42 -6.39 5.63 -9.53
CA GLU A 42 -6.32 5.05 -10.87
C GLU A 42 -5.51 3.76 -10.85
N TRP A 43 -6.19 2.63 -10.94
CA TRP A 43 -5.52 1.33 -10.88
C TRP A 43 -5.39 0.67 -12.26
N THR A 44 -4.15 0.34 -12.64
CA THR A 44 -3.90 -0.33 -13.90
C THR A 44 -3.41 -1.76 -13.64
N TYR A 45 -3.88 -2.72 -14.42
CA TYR A 45 -3.51 -4.11 -14.22
C TYR A 45 -2.65 -4.63 -15.39
N ASP A 46 -1.71 -5.51 -15.06
CA ASP A 46 -0.82 -6.10 -16.06
C ASP A 46 -0.91 -7.63 -16.03
N ASP A 47 -1.91 -8.17 -16.71
CA ASP A 47 -2.12 -9.62 -16.76
C ASP A 47 -0.81 -10.38 -17.03
N ALA A 48 0.06 -9.77 -17.83
CA ALA A 48 1.33 -10.39 -18.19
C ALA A 48 2.08 -10.91 -16.97
N THR A 49 1.97 -10.21 -15.85
CA THR A 49 2.66 -10.62 -14.63
C THR A 49 1.70 -10.69 -13.44
N LYS A 50 0.40 -10.73 -13.73
CA LYS A 50 -0.61 -10.79 -12.67
C LYS A 50 -0.33 -9.75 -11.59
N THR A 51 0.16 -8.59 -12.03
CA THR A 51 0.49 -7.51 -11.10
C THR A 51 -0.27 -6.24 -11.45
N PHE A 52 -0.75 -5.55 -10.41
CA PHE A 52 -1.50 -4.31 -10.58
C PHE A 52 -0.63 -3.13 -10.15
N THR A 53 -0.78 -1.99 -10.83
CA THR A 53 -0.02 -0.80 -10.48
C THR A 53 -0.94 0.33 -10.04
N VAL A 54 -0.73 0.79 -8.82
CA VAL A 54 -1.53 1.88 -8.26
C VAL A 54 -0.76 3.19 -8.30
N THR A 55 -1.16 4.08 -9.20
CA THR A 55 -0.50 5.37 -9.33
C THR A 55 -1.29 6.42 -8.57
N GLU A 56 -0.68 6.97 -7.51
CA GLU A 56 -1.34 7.98 -6.68
C GLU A 56 -2.13 8.98 -7.53
N MET B 1 -5.39 -18.49 -5.85
CA MET B 1 -4.40 -17.69 -6.63
C MET B 1 -4.04 -16.40 -5.90
N GLN B 2 -2.76 -16.04 -5.98
CA GLN B 2 -2.25 -14.83 -5.34
C GLN B 2 -1.82 -13.82 -6.40
N TYR B 3 -1.84 -12.54 -6.03
CA TYR B 3 -1.46 -11.48 -6.96
C TYR B 3 -0.51 -10.50 -6.29
N LYS B 4 0.38 -9.90 -7.07
CA LYS B 4 1.33 -8.92 -6.55
C LYS B 4 0.97 -7.52 -7.01
N VAL B 5 0.52 -6.70 -6.08
CA VAL B 5 0.13 -5.34 -6.40
C VAL B 5 1.29 -4.36 -6.18
N ILE B 6 1.48 -3.48 -7.14
CA ILE B 6 2.53 -2.48 -7.09
C ILE B 6 1.93 -1.11 -6.76
N LEU B 7 2.33 -0.58 -5.61
CA LEU B 7 1.84 0.72 -5.17
C LEU B 7 2.83 1.80 -5.59
N ASN B 8 2.69 2.27 -6.82
CA ASN B 8 3.58 3.28 -7.38
C ASN B 8 3.02 4.70 -7.23
N GLY B 9 3.62 5.47 -6.32
CA GLY B 9 3.17 6.83 -6.12
C GLY B 9 4.23 7.85 -6.46
N LYS B 10 4.01 9.10 -6.04
CA LYS B 10 4.96 10.17 -6.31
C LYS B 10 6.15 10.08 -5.36
N THR B 11 5.86 10.13 -4.06
CA THR B 11 6.87 10.08 -3.04
C THR B 11 6.88 8.73 -2.34
N LEU B 12 6.07 7.80 -2.84
CA LEU B 12 5.99 6.47 -2.25
C LEU B 12 5.96 5.39 -3.32
N LYS B 13 6.74 4.33 -3.08
CA LYS B 13 6.81 3.21 -4.01
C LYS B 13 6.98 1.91 -3.25
N GLY B 14 6.40 0.83 -3.76
CA GLY B 14 6.52 -0.44 -3.09
C GLY B 14 5.81 -1.57 -3.81
N GLU B 15 5.68 -2.70 -3.13
CA GLU B 15 5.01 -3.87 -3.68
C GLU B 15 4.27 -4.63 -2.59
N THR B 16 3.06 -5.07 -2.92
CA THR B 16 2.22 -5.80 -1.99
C THR B 16 1.61 -7.03 -2.67
N THR B 17 1.02 -7.93 -1.86
CA THR B 17 0.42 -9.14 -2.40
C THR B 17 -0.86 -9.56 -1.67
N THR B 18 -1.97 -9.56 -2.41
CA THR B 18 -3.27 -9.96 -1.88
C THR B 18 -3.62 -11.35 -2.38
N GLU B 19 -4.23 -12.16 -1.51
CA GLU B 19 -4.63 -13.51 -1.89
C GLU B 19 -6.11 -13.53 -2.22
N ALA B 20 -6.45 -13.77 -3.49
CA ALA B 20 -7.86 -13.78 -3.89
C ALA B 20 -8.12 -14.77 -5.03
N VAL B 21 -9.34 -15.30 -5.04
CA VAL B 21 -9.75 -16.29 -6.05
C VAL B 21 -9.44 -15.82 -7.47
N ASP B 22 -9.46 -14.51 -7.69
CA ASP B 22 -9.16 -13.97 -9.02
C ASP B 22 -8.64 -12.54 -8.93
N ALA B 23 -8.19 -12.01 -10.06
CA ALA B 23 -7.66 -10.66 -10.13
C ALA B 23 -8.66 -9.64 -9.63
N ALA B 24 -9.92 -9.82 -10.01
CA ALA B 24 -10.97 -8.90 -9.58
C ALA B 24 -11.14 -8.97 -8.08
N THR B 25 -11.35 -10.17 -7.55
CA THR B 25 -11.49 -10.35 -6.12
C THR B 25 -10.27 -9.73 -5.44
N ALA B 26 -9.09 -10.01 -5.99
CA ALA B 26 -7.87 -9.45 -5.48
C ALA B 26 -7.93 -7.94 -5.53
N GLU B 27 -8.26 -7.40 -6.70
CA GLU B 27 -8.37 -5.96 -6.88
C GLU B 27 -9.34 -5.37 -5.86
N LYS B 28 -10.49 -6.01 -5.70
CA LYS B 28 -11.49 -5.56 -4.74
C LYS B 28 -10.94 -5.65 -3.32
N VAL B 29 -10.33 -6.79 -3.00
CA VAL B 29 -9.75 -6.97 -1.68
C VAL B 29 -8.80 -5.84 -1.37
N VAL B 30 -8.00 -5.47 -2.36
CA VAL B 30 -7.06 -4.37 -2.20
C VAL B 30 -7.84 -3.09 -1.91
N LYS B 31 -8.92 -2.86 -2.67
CA LYS B 31 -9.75 -1.69 -2.47
C LYS B 31 -10.05 -1.51 -0.98
N GLN B 32 -10.55 -2.59 -0.37
CA GLN B 32 -10.86 -2.58 1.05
C GLN B 32 -9.61 -2.26 1.85
N PHE B 33 -8.49 -2.80 1.39
CA PHE B 33 -7.21 -2.59 2.04
C PHE B 33 -6.94 -1.09 2.20
N PHE B 34 -6.83 -0.40 1.07
CA PHE B 34 -6.60 1.05 1.04
C PHE B 34 -7.81 1.80 1.57
N ASN B 35 -8.99 1.32 1.22
CA ASN B 35 -10.24 1.91 1.68
C ASN B 35 -10.22 2.07 3.19
N ASP B 36 -9.67 1.06 3.86
CA ASP B 36 -9.57 1.05 5.32
C ASP B 36 -8.23 1.59 5.82
N ASN B 37 -7.20 1.55 4.98
CA ASN B 37 -5.89 2.06 5.38
C ASN B 37 -5.87 3.57 5.26
N GLY B 38 -6.36 4.05 4.12
CA GLY B 38 -6.43 5.46 3.81
C GLY B 38 -6.01 6.40 4.94
N VAL B 39 -6.95 7.20 5.41
CA VAL B 39 -6.67 8.20 6.43
C VAL B 39 -7.28 7.90 7.80
N ASP B 40 -7.91 6.75 7.97
CA ASP B 40 -8.52 6.42 9.26
C ASP B 40 -8.03 5.07 9.80
N GLY B 41 -6.96 4.54 9.21
CA GLY B 41 -6.43 3.26 9.65
C GLY B 41 -5.56 3.37 10.89
N GLU B 42 -5.20 2.22 11.46
CA GLU B 42 -4.35 2.17 12.65
C GLU B 42 -2.90 1.93 12.24
N TRP B 43 -2.08 2.97 12.32
CA TRP B 43 -0.68 2.87 11.92
C TRP B 43 0.27 2.79 13.11
N THR B 44 1.08 1.74 13.15
CA THR B 44 2.07 1.56 14.21
C THR B 44 3.48 1.71 13.62
N TYR B 45 4.36 2.40 14.34
CA TYR B 45 5.72 2.61 13.86
C TYR B 45 6.75 1.86 14.70
N ASP B 46 7.81 1.38 14.05
CA ASP B 46 8.87 0.65 14.72
C ASP B 46 10.23 1.32 14.48
N ASP B 47 10.53 2.34 15.28
CA ASP B 47 11.79 3.08 15.15
C ASP B 47 12.99 2.14 15.01
N ALA B 48 12.92 0.98 15.67
CA ALA B 48 14.01 0.02 15.63
C ALA B 48 14.47 -0.29 14.22
N THR B 49 13.54 -0.29 13.27
CA THR B 49 13.88 -0.57 11.87
C THR B 49 13.34 0.51 10.93
N LYS B 50 12.99 1.67 11.49
CA LYS B 50 12.46 2.78 10.70
C LYS B 50 11.37 2.27 9.76
N THR B 51 10.57 1.33 10.24
CA THR B 51 9.51 0.75 9.44
C THR B 51 8.15 0.90 10.13
N PHE B 52 7.13 1.23 9.34
CA PHE B 52 5.78 1.41 9.86
C PHE B 52 4.90 0.23 9.44
N THR B 53 3.97 -0.18 10.30
CA THR B 53 3.07 -1.27 9.97
C THR B 53 1.63 -0.79 9.92
N VAL B 54 1.00 -0.98 8.77
CA VAL B 54 -0.38 -0.58 8.58
C VAL B 54 -1.30 -1.79 8.65
N THR B 55 -2.06 -1.90 9.73
CA THR B 55 -2.98 -3.01 9.91
C THR B 55 -4.38 -2.59 9.51
N GLU B 56 -4.91 -3.19 8.45
CA GLU B 56 -6.23 -2.86 7.95
C GLU B 56 -7.23 -2.65 9.10
N MET A 1 16.19 11.36 3.99
CA MET A 1 15.93 10.14 4.79
C MET A 1 14.82 9.30 4.15
N GLN A 2 15.06 8.00 4.02
CA GLN A 2 14.08 7.10 3.45
C GLN A 2 13.46 6.21 4.52
N TYR A 3 12.18 5.90 4.38
CA TYR A 3 11.48 5.07 5.35
C TYR A 3 10.78 3.92 4.64
N LYS A 4 10.70 2.77 5.32
CA LYS A 4 10.06 1.60 4.74
C LYS A 4 8.72 1.32 5.43
N VAL A 5 7.64 1.51 4.68
CA VAL A 5 6.31 1.29 5.22
C VAL A 5 5.82 -0.12 4.87
N ILE A 6 5.38 -0.84 5.89
CA ILE A 6 4.88 -2.19 5.74
C ILE A 6 3.35 -2.21 5.77
N LEU A 7 2.76 -2.73 4.69
CA LEU A 7 1.31 -2.82 4.60
C LEU A 7 0.86 -4.24 4.91
N ASN A 8 0.74 -4.55 6.19
CA ASN A 8 0.35 -5.88 6.65
C ASN A 8 -1.15 -5.99 6.87
N GLY A 9 -1.83 -6.73 6.01
CA GLY A 9 -3.26 -6.91 6.15
C GLY A 9 -3.63 -8.37 6.35
N LYS A 10 -4.92 -8.67 6.24
CA LYS A 10 -5.39 -10.04 6.41
C LYS A 10 -5.32 -10.78 5.08
N THR A 11 -5.98 -10.24 4.07
CA THR A 11 -5.99 -10.82 2.74
C THR A 11 -4.95 -10.17 1.85
N LEU A 12 -4.30 -9.13 2.38
CA LEU A 12 -3.27 -8.42 1.63
C LEU A 12 -2.05 -8.16 2.50
N LYS A 13 -0.87 -8.40 1.93
CA LYS A 13 0.39 -8.19 2.63
C LYS A 13 1.47 -7.68 1.67
N GLY A 14 2.33 -6.80 2.16
CA GLY A 14 3.39 -6.28 1.32
C GLY A 14 4.29 -5.29 2.02
N GLU A 15 5.12 -4.60 1.25
CA GLU A 15 6.05 -3.61 1.79
C GLU A 15 6.23 -2.45 0.82
N THR A 16 6.54 -1.28 1.37
CA THR A 16 6.73 -0.08 0.55
C THR A 16 7.72 0.88 1.22
N THR A 17 8.16 1.90 0.48
CA THR A 17 9.13 2.86 1.01
C THR A 17 8.88 4.29 0.53
N THR A 18 8.66 5.20 1.48
CA THR A 18 8.44 6.60 1.18
C THR A 18 9.65 7.43 1.61
N GLU A 19 9.94 8.50 0.88
CA GLU A 19 11.08 9.35 1.21
C GLU A 19 10.61 10.69 1.78
N ALA A 20 10.99 10.96 3.03
CA ALA A 20 10.58 12.19 3.69
C ALA A 20 11.64 12.69 4.69
N VAL A 21 11.66 14.00 4.89
CA VAL A 21 12.61 14.63 5.80
C VAL A 21 12.61 13.95 7.16
N ASP A 22 11.47 13.38 7.54
CA ASP A 22 11.35 12.70 8.83
C ASP A 22 10.29 11.61 8.79
N ALA A 23 10.24 10.80 9.85
CA ALA A 23 9.28 9.71 9.93
C ALA A 23 7.85 10.23 9.80
N ALA A 24 7.57 11.34 10.44
CA ALA A 24 6.24 11.94 10.37
C ALA A 24 5.92 12.34 8.94
N THR A 25 6.79 13.16 8.34
CA THR A 25 6.61 13.58 6.96
C THR A 25 6.39 12.35 6.09
N ALA A 26 7.22 11.33 6.31
CA ALA A 26 7.08 10.10 5.56
C ALA A 26 5.72 9.50 5.83
N GLU A 27 5.40 9.34 7.11
CA GLU A 27 4.11 8.79 7.52
C GLU A 27 2.97 9.55 6.86
N LYS A 28 3.02 10.88 6.93
CA LYS A 28 2.00 11.73 6.33
C LYS A 28 1.89 11.47 4.83
N VAL A 29 3.04 11.31 4.18
CA VAL A 29 3.05 11.04 2.75
C VAL A 29 2.32 9.74 2.45
N VAL A 30 2.44 8.79 3.36
CA VAL A 30 1.76 7.51 3.21
C VAL A 30 0.26 7.73 3.30
N LYS A 31 -0.19 8.44 4.35
CA LYS A 31 -1.62 8.72 4.51
C LYS A 31 -2.20 9.22 3.20
N GLN A 32 -1.48 10.13 2.57
CA GLN A 32 -1.90 10.70 1.31
C GLN A 32 -1.82 9.62 0.22
N PHE A 33 -0.76 8.82 0.29
CA PHE A 33 -0.57 7.73 -0.66
C PHE A 33 -1.83 6.89 -0.73
N PHE A 34 -2.32 6.49 0.44
CA PHE A 34 -3.54 5.70 0.55
C PHE A 34 -4.75 6.59 0.36
N ASN A 35 -4.67 7.82 0.86
CA ASN A 35 -5.75 8.78 0.71
C ASN A 35 -6.17 8.86 -0.76
N ASP A 36 -5.16 8.84 -1.61
CA ASP A 36 -5.37 8.93 -3.06
C ASP A 36 -5.44 7.56 -3.72
N ASN A 37 -4.84 6.54 -3.12
CA ASN A 37 -4.90 5.20 -3.70
C ASN A 37 -6.24 4.57 -3.39
N GLY A 38 -6.64 4.69 -2.13
CA GLY A 38 -7.91 4.16 -1.64
C GLY A 38 -8.82 3.56 -2.70
N VAL A 39 -10.01 4.13 -2.82
CA VAL A 39 -11.01 3.62 -3.75
C VAL A 39 -11.29 4.54 -4.92
N ASP A 40 -10.55 5.63 -5.05
CA ASP A 40 -10.78 6.56 -6.16
C ASP A 40 -9.49 6.81 -6.96
N GLY A 41 -8.46 6.01 -6.72
CA GLY A 41 -7.20 6.18 -7.42
C GLY A 41 -7.20 5.57 -8.81
N GLU A 42 -6.13 5.80 -9.56
CA GLU A 42 -5.98 5.25 -10.90
C GLU A 42 -5.19 3.94 -10.89
N TRP A 43 -5.90 2.82 -11.00
CA TRP A 43 -5.27 1.51 -10.95
C TRP A 43 -5.12 0.87 -12.33
N THR A 44 -3.89 0.56 -12.70
CA THR A 44 -3.61 -0.10 -13.97
C THR A 44 -3.28 -1.56 -13.70
N TYR A 45 -3.87 -2.47 -14.48
CA TYR A 45 -3.64 -3.90 -14.27
C TYR A 45 -2.84 -4.52 -15.41
N ASP A 46 -2.00 -5.48 -15.07
CA ASP A 46 -1.18 -6.19 -16.05
C ASP A 46 -1.42 -7.69 -15.97
N ASP A 47 -2.51 -8.15 -16.61
CA ASP A 47 -2.87 -9.57 -16.59
C ASP A 47 -1.66 -10.45 -16.92
N ALA A 48 -0.81 -9.97 -17.81
CA ALA A 48 0.37 -10.73 -18.23
C ALA A 48 1.18 -11.22 -17.03
N THR A 49 1.12 -10.49 -15.92
CA THR A 49 1.85 -10.86 -14.72
C THR A 49 0.94 -10.88 -13.49
N LYS A 50 -0.36 -10.80 -13.72
CA LYS A 50 -1.33 -10.81 -12.62
C LYS A 50 -0.94 -9.79 -11.54
N THR A 51 -0.35 -8.68 -11.97
CA THR A 51 0.09 -7.64 -11.05
C THR A 51 -0.60 -6.32 -11.36
N PHE A 52 -1.04 -5.64 -10.31
CA PHE A 52 -1.71 -4.35 -10.46
C PHE A 52 -0.78 -3.22 -10.03
N THR A 53 -0.87 -2.08 -10.70
CA THR A 53 -0.04 -0.93 -10.35
C THR A 53 -0.90 0.27 -10.00
N VAL A 54 -0.60 0.86 -8.85
CA VAL A 54 -1.31 2.04 -8.38
C VAL A 54 -0.42 3.26 -8.49
N THR A 55 -0.74 4.15 -9.43
CA THR A 55 0.06 5.34 -9.63
C THR A 55 -0.56 6.56 -8.98
N GLU A 56 0.14 7.12 -7.99
CA GLU A 56 -0.34 8.29 -7.28
C GLU A 56 -0.56 9.46 -8.25
N MET B 1 -5.65 -18.50 -5.75
CA MET B 1 -4.79 -17.66 -6.64
C MET B 1 -4.28 -16.44 -5.91
N GLN B 2 -2.98 -16.18 -6.04
CA GLN B 2 -2.36 -15.03 -5.40
C GLN B 2 -2.02 -13.96 -6.44
N TYR B 3 -2.15 -12.70 -6.05
CA TYR B 3 -1.84 -11.59 -6.95
C TYR B 3 -0.88 -10.61 -6.30
N LYS B 4 -0.02 -10.01 -7.10
CA LYS B 4 0.96 -9.06 -6.58
C LYS B 4 0.60 -7.63 -6.98
N VAL B 5 0.21 -6.83 -6.00
CA VAL B 5 -0.16 -5.45 -6.24
C VAL B 5 1.03 -4.51 -6.01
N ILE B 6 1.30 -3.69 -7.01
CA ILE B 6 2.39 -2.74 -6.95
C ILE B 6 1.89 -1.33 -6.63
N LEU B 7 2.40 -0.75 -5.56
CA LEU B 7 1.99 0.58 -5.15
C LEU B 7 3.06 1.59 -5.56
N ASN B 8 3.01 2.01 -6.82
CA ASN B 8 3.98 2.94 -7.37
C ASN B 8 3.52 4.38 -7.27
N GLY B 9 4.15 5.15 -6.40
CA GLY B 9 3.80 6.55 -6.23
C GLY B 9 4.94 7.47 -6.57
N LYS B 10 4.79 8.75 -6.22
CA LYS B 10 5.84 9.73 -6.48
C LYS B 10 6.84 9.75 -5.33
N THR B 11 6.34 9.99 -4.13
CA THR B 11 7.17 10.03 -2.93
C THR B 11 7.14 8.69 -2.22
N LEU B 12 6.30 7.78 -2.71
CA LEU B 12 6.17 6.45 -2.11
C LEU B 12 6.17 5.37 -3.18
N LYS B 13 6.92 4.31 -2.93
CA LYS B 13 7.00 3.19 -3.86
C LYS B 13 7.13 1.87 -3.10
N GLY B 14 6.52 0.81 -3.64
CA GLY B 14 6.60 -0.48 -2.97
C GLY B 14 5.85 -1.57 -3.71
N GLU B 15 5.68 -2.71 -3.05
CA GLU B 15 4.98 -3.85 -3.63
C GLU B 15 4.20 -4.61 -2.56
N THR B 16 3.11 -5.26 -2.97
CA THR B 16 2.28 -6.02 -2.06
C THR B 16 1.60 -7.19 -2.77
N THR B 17 0.98 -8.09 -2.01
CA THR B 17 0.33 -9.26 -2.59
C THR B 17 -0.96 -9.65 -1.85
N THR B 18 -2.07 -9.66 -2.58
CA THR B 18 -3.37 -10.04 -2.02
C THR B 18 -3.78 -11.39 -2.59
N GLU B 19 -4.51 -12.18 -1.79
CA GLU B 19 -4.96 -13.50 -2.23
C GLU B 19 -6.46 -13.49 -2.48
N ALA B 20 -6.86 -13.76 -3.72
CA ALA B 20 -8.28 -13.76 -4.07
C ALA B 20 -8.58 -14.75 -5.19
N VAL B 21 -9.82 -15.24 -5.20
CA VAL B 21 -10.27 -16.22 -6.19
C VAL B 21 -9.96 -15.75 -7.61
N ASP B 22 -9.91 -14.44 -7.80
CA ASP B 22 -9.62 -13.88 -9.11
C ASP B 22 -8.98 -12.49 -9.01
N ALA B 23 -8.50 -11.98 -10.13
CA ALA B 23 -7.87 -10.67 -10.16
C ALA B 23 -8.79 -9.58 -9.64
N ALA B 24 -10.06 -9.66 -10.02
CA ALA B 24 -11.04 -8.68 -9.57
C ALA B 24 -11.20 -8.77 -8.06
N THR B 25 -11.51 -9.97 -7.56
CA THR B 25 -11.65 -10.17 -6.13
C THR B 25 -10.41 -9.64 -5.42
N ALA B 26 -9.24 -9.96 -5.97
CA ALA B 26 -7.99 -9.49 -5.41
C ALA B 26 -7.98 -7.96 -5.46
N GLU B 27 -8.24 -7.42 -6.64
CA GLU B 27 -8.28 -5.98 -6.83
C GLU B 27 -9.22 -5.33 -5.82
N LYS B 28 -10.43 -5.88 -5.69
CA LYS B 28 -11.41 -5.36 -4.76
C LYS B 28 -10.88 -5.38 -3.33
N VAL B 29 -10.19 -6.46 -2.99
CA VAL B 29 -9.61 -6.60 -1.66
C VAL B 29 -8.62 -5.49 -1.40
N VAL B 30 -7.92 -5.08 -2.46
CA VAL B 30 -6.95 -4.00 -2.35
C VAL B 30 -7.69 -2.69 -2.06
N LYS B 31 -8.73 -2.40 -2.86
CA LYS B 31 -9.52 -1.19 -2.66
C LYS B 31 -9.88 -1.04 -1.19
N GLN B 32 -10.32 -2.15 -0.61
CA GLN B 32 -10.69 -2.16 0.79
C GLN B 32 -9.44 -1.99 1.65
N PHE B 33 -8.36 -2.64 1.23
CA PHE B 33 -7.10 -2.54 1.94
C PHE B 33 -6.74 -1.08 2.16
N PHE B 34 -6.82 -0.31 1.08
CA PHE B 34 -6.54 1.12 1.13
C PHE B 34 -7.73 1.85 1.72
N ASN B 35 -8.93 1.39 1.41
CA ASN B 35 -10.15 1.99 1.94
C ASN B 35 -10.05 2.11 3.46
N ASP B 36 -9.48 1.06 4.05
CA ASP B 36 -9.31 1.01 5.51
C ASP B 36 -7.93 1.50 5.95
N ASN B 37 -6.93 1.43 5.08
CA ASN B 37 -5.60 1.91 5.45
C ASN B 37 -5.56 3.42 5.35
N GLY B 38 -6.09 3.93 4.24
CA GLY B 38 -6.17 5.36 3.99
C GLY B 38 -5.69 6.25 5.11
N VAL B 39 -6.59 7.11 5.58
CA VAL B 39 -6.26 8.07 6.62
C VAL B 39 -6.94 7.80 7.96
N ASP B 40 -7.65 6.69 8.08
CA ASP B 40 -8.32 6.37 9.35
C ASP B 40 -7.93 4.99 9.86
N GLY B 41 -6.89 4.39 9.28
CA GLY B 41 -6.46 3.07 9.70
C GLY B 41 -5.58 3.10 10.95
N GLU B 42 -5.26 1.91 11.46
CA GLU B 42 -4.41 1.79 12.64
C GLU B 42 -2.95 1.57 12.24
N TRP B 43 -2.15 2.62 12.33
CA TRP B 43 -0.75 2.56 11.95
C TRP B 43 0.19 2.46 13.15
N THR B 44 0.99 1.39 13.18
CA THR B 44 1.97 1.20 14.24
C THR B 44 3.36 1.51 13.68
N TYR B 45 4.15 2.27 14.42
CA TYR B 45 5.49 2.65 13.96
C TYR B 45 6.59 1.98 14.78
N ASP B 46 7.69 1.63 14.12
CA ASP B 46 8.83 1.01 14.78
C ASP B 46 10.09 1.83 14.52
N ASP B 47 10.27 2.89 15.31
CA ASP B 47 11.44 3.75 15.16
C ASP B 47 12.73 2.96 15.07
N ALA B 48 12.80 1.86 15.82
CA ALA B 48 13.99 1.01 15.84
C ALA B 48 14.45 0.65 14.42
N THR B 49 13.51 0.58 13.49
CA THR B 49 13.84 0.23 12.11
C THR B 49 13.26 1.27 11.13
N LYS B 50 12.79 2.39 11.64
CA LYS B 50 12.22 3.44 10.81
C LYS B 50 11.19 2.86 9.83
N THR B 51 10.48 1.83 10.30
CA THR B 51 9.47 1.17 9.46
C THR B 51 8.09 1.24 10.11
N PHE B 52 7.09 1.54 9.30
CA PHE B 52 5.72 1.64 9.79
C PHE B 52 4.91 0.43 9.34
N THR B 53 4.00 -0.04 10.17
CA THR B 53 3.16 -1.18 9.83
C THR B 53 1.69 -0.81 9.87
N VAL B 54 0.99 -1.13 8.78
CA VAL B 54 -0.43 -0.85 8.67
C VAL B 54 -1.21 -2.15 8.76
N THR B 55 -1.92 -2.35 9.87
CA THR B 55 -2.68 -3.57 10.06
C THR B 55 -4.16 -3.37 9.77
N GLU B 56 -4.65 -4.07 8.74
CA GLU B 56 -6.04 -3.98 8.34
C GLU B 56 -6.96 -4.36 9.50
N MET A 1 15.38 11.43 4.08
CA MET A 1 15.55 10.06 4.60
C MET A 1 14.57 9.10 3.94
N GLN A 2 14.98 7.84 3.83
CA GLN A 2 14.14 6.81 3.21
C GLN A 2 13.51 5.93 4.28
N TYR A 3 12.22 5.64 4.13
CA TYR A 3 11.50 4.81 5.08
C TYR A 3 10.75 3.70 4.37
N LYS A 4 10.66 2.54 5.00
CA LYS A 4 9.96 1.39 4.42
C LYS A 4 8.71 1.08 5.22
N VAL A 5 7.55 1.33 4.62
CA VAL A 5 6.28 1.07 5.28
C VAL A 5 5.75 -0.31 4.92
N ILE A 6 5.34 -1.03 5.95
CA ILE A 6 4.80 -2.37 5.78
C ILE A 6 3.28 -2.34 5.86
N LEU A 7 2.63 -2.89 4.84
CA LEU A 7 1.17 -2.92 4.79
C LEU A 7 0.66 -4.32 5.08
N ASN A 8 0.49 -4.63 6.37
CA ASN A 8 0.02 -5.94 6.81
C ASN A 8 -1.51 -6.01 6.91
N GLY A 9 -2.12 -6.62 5.91
CA GLY A 9 -3.57 -6.77 5.90
C GLY A 9 -3.99 -8.22 5.88
N LYS A 10 -5.16 -8.49 6.46
CA LYS A 10 -5.68 -9.85 6.53
C LYS A 10 -5.54 -10.58 5.19
N THR A 11 -6.12 -9.99 4.14
CA THR A 11 -6.10 -10.56 2.81
C THR A 11 -5.02 -9.95 1.93
N LEU A 12 -4.35 -8.93 2.45
CA LEU A 12 -3.30 -8.27 1.69
C LEU A 12 -2.07 -8.04 2.55
N LYS A 13 -0.89 -8.30 1.99
CA LYS A 13 0.37 -8.11 2.70
C LYS A 13 1.46 -7.64 1.75
N GLY A 14 2.36 -6.79 2.24
CA GLY A 14 3.43 -6.30 1.39
C GLY A 14 4.35 -5.33 2.09
N GLU A 15 5.20 -4.67 1.30
CA GLU A 15 6.15 -3.70 1.82
C GLU A 15 6.33 -2.55 0.83
N THR A 16 6.43 -1.34 1.37
CA THR A 16 6.58 -0.15 0.54
C THR A 16 7.61 0.81 1.15
N THR A 17 8.03 1.82 0.38
CA THR A 17 9.02 2.78 0.86
C THR A 17 8.76 4.21 0.37
N THR A 18 8.57 5.12 1.33
CA THR A 18 8.34 6.53 1.04
C THR A 18 9.57 7.34 1.44
N GLU A 19 9.87 8.37 0.67
CA GLU A 19 11.02 9.22 0.96
C GLU A 19 10.56 10.54 1.57
N ALA A 20 10.93 10.78 2.83
CA ALA A 20 10.54 12.01 3.51
C ALA A 20 11.60 12.48 4.50
N VAL A 21 11.66 13.80 4.69
CA VAL A 21 12.63 14.41 5.59
C VAL A 21 12.63 13.77 6.98
N ASP A 22 11.44 13.38 7.45
CA ASP A 22 11.34 12.74 8.76
C ASP A 22 10.22 11.70 8.77
N ALA A 23 10.13 10.94 9.86
CA ALA A 23 9.12 9.90 9.99
C ALA A 23 7.72 10.48 9.86
N ALA A 24 7.48 11.62 10.49
CA ALA A 24 6.18 12.25 10.43
C ALA A 24 5.85 12.64 9.00
N THR A 25 6.75 13.40 8.37
CA THR A 25 6.58 13.79 6.99
C THR A 25 6.29 12.57 6.16
N ALA A 26 7.09 11.52 6.37
CA ALA A 26 6.91 10.26 5.66
C ALA A 26 5.51 9.74 5.95
N GLU A 27 5.19 9.61 7.25
CA GLU A 27 3.89 9.16 7.68
C GLU A 27 2.77 9.92 6.96
N LYS A 28 2.89 11.24 6.94
CA LYS A 28 1.92 12.08 6.27
C LYS A 28 1.92 11.80 4.77
N VAL A 29 3.11 11.73 4.19
CA VAL A 29 3.23 11.45 2.77
C VAL A 29 2.61 10.11 2.44
N VAL A 30 2.82 9.13 3.31
CA VAL A 30 2.25 7.81 3.12
C VAL A 30 0.74 7.90 3.23
N LYS A 31 0.26 8.55 4.30
CA LYS A 31 -1.18 8.72 4.49
C LYS A 31 -1.81 9.26 3.22
N GLN A 32 -1.15 10.25 2.62
CA GLN A 32 -1.64 10.83 1.37
C GLN A 32 -1.71 9.75 0.30
N PHE A 33 -0.75 8.84 0.35
CA PHE A 33 -0.68 7.73 -0.60
C PHE A 33 -2.01 6.96 -0.60
N PHE A 34 -2.33 6.37 0.54
CA PHE A 34 -3.57 5.61 0.69
C PHE A 34 -4.77 6.53 0.64
N ASN A 35 -4.63 7.69 1.27
CA ASN A 35 -5.70 8.69 1.27
C ASN A 35 -6.17 8.94 -0.16
N ASP A 36 -5.19 8.94 -1.07
CA ASP A 36 -5.45 9.17 -2.49
C ASP A 36 -5.63 7.87 -3.28
N ASN A 37 -5.03 6.78 -2.80
CA ASN A 37 -5.18 5.49 -3.49
C ASN A 37 -6.54 4.89 -3.19
N GLY A 38 -6.92 4.98 -1.91
CA GLY A 38 -8.19 4.47 -1.42
C GLY A 38 -9.13 3.92 -2.48
N VAL A 39 -10.29 4.55 -2.58
CA VAL A 39 -11.34 4.10 -3.49
C VAL A 39 -11.20 4.56 -4.94
N ASP A 40 -11.12 5.87 -5.17
CA ASP A 40 -11.05 6.39 -6.54
C ASP A 40 -9.62 6.48 -7.10
N GLY A 41 -8.72 5.66 -6.59
CA GLY A 41 -7.35 5.69 -7.08
C GLY A 41 -7.24 5.14 -8.49
N GLU A 42 -6.18 5.50 -9.21
CA GLU A 42 -5.95 5.02 -10.57
C GLU A 42 -5.15 3.71 -10.55
N TRP A 43 -5.84 2.59 -10.66
CA TRP A 43 -5.18 1.28 -10.63
C TRP A 43 -5.00 0.68 -12.02
N THR A 44 -3.75 0.42 -12.38
CA THR A 44 -3.42 -0.21 -13.66
C THR A 44 -3.06 -1.68 -13.42
N TYR A 45 -3.62 -2.58 -14.22
CA TYR A 45 -3.36 -4.00 -14.05
C TYR A 45 -2.49 -4.55 -15.18
N ASP A 46 -1.58 -5.45 -14.82
CA ASP A 46 -0.69 -6.08 -15.80
C ASP A 46 -0.83 -7.60 -15.74
N ASP A 47 -1.87 -8.12 -16.41
CA ASP A 47 -2.12 -9.56 -16.43
C ASP A 47 -0.85 -10.35 -16.73
N ALA A 48 0.01 -9.79 -17.56
CA ALA A 48 1.26 -10.45 -17.94
C ALA A 48 2.04 -10.95 -16.73
N THR A 49 1.94 -10.23 -15.61
CA THR A 49 2.64 -10.62 -14.40
C THR A 49 1.70 -10.70 -13.19
N LYS A 50 0.40 -10.67 -13.44
CA LYS A 50 -0.59 -10.74 -12.37
C LYS A 50 -0.32 -9.64 -11.33
N THR A 51 0.21 -8.51 -11.80
CA THR A 51 0.54 -7.41 -10.92
C THR A 51 -0.36 -6.21 -11.14
N PHE A 52 -0.83 -5.60 -10.06
CA PHE A 52 -1.71 -4.44 -10.16
C PHE A 52 -0.99 -3.16 -9.73
N THR A 53 -0.47 -2.46 -10.72
CA THR A 53 0.24 -1.20 -10.47
C THR A 53 -0.72 -0.05 -10.15
N VAL A 54 -0.45 0.60 -9.03
CA VAL A 54 -1.25 1.74 -8.58
C VAL A 54 -0.38 2.99 -8.53
N THR A 55 -0.77 4.02 -9.28
CA THR A 55 0.01 5.25 -9.31
C THR A 55 -0.79 6.43 -8.77
N GLU A 56 -0.19 7.15 -7.83
CA GLU A 56 -0.85 8.31 -7.23
C GLU A 56 -0.95 9.45 -8.23
N MET B 1 -6.01 -17.78 -5.64
CA MET B 1 -4.82 -17.32 -6.38
C MET B 1 -4.12 -16.16 -5.68
N GLN B 2 -2.81 -16.07 -5.85
CA GLN B 2 -2.03 -15.01 -5.23
C GLN B 2 -1.69 -13.93 -6.25
N TYR B 3 -1.84 -12.67 -5.86
CA TYR B 3 -1.55 -11.56 -6.74
C TYR B 3 -0.63 -10.55 -6.04
N LYS B 4 0.26 -9.92 -6.83
CA LYS B 4 1.18 -8.94 -6.27
C LYS B 4 0.86 -7.55 -6.81
N VAL B 5 0.37 -6.70 -5.93
CA VAL B 5 0.01 -5.34 -6.32
C VAL B 5 1.17 -4.37 -6.08
N ILE B 6 1.46 -3.57 -7.08
CA ILE B 6 2.53 -2.59 -7.00
C ILE B 6 1.95 -1.20 -6.73
N LEU B 7 2.46 -0.56 -5.70
CA LEU B 7 1.99 0.77 -5.32
C LEU B 7 3.02 1.84 -5.69
N ASN B 8 2.96 2.30 -6.94
CA ASN B 8 3.90 3.29 -7.46
C ASN B 8 3.40 4.72 -7.23
N GLY B 9 3.96 5.37 -6.21
CA GLY B 9 3.60 6.74 -5.91
C GLY B 9 4.79 7.68 -6.01
N LYS B 10 4.51 8.94 -6.36
CA LYS B 10 5.54 9.95 -6.51
C LYS B 10 6.55 9.90 -5.36
N THR B 11 6.05 10.03 -4.14
CA THR B 11 6.88 10.03 -2.94
C THR B 11 6.89 8.68 -2.25
N LEU B 12 6.09 7.75 -2.74
CA LEU B 12 6.02 6.43 -2.14
C LEU B 12 6.03 5.34 -3.21
N LYS B 13 6.80 4.29 -2.97
CA LYS B 13 6.91 3.19 -3.92
C LYS B 13 7.08 1.87 -3.17
N GLY B 14 6.49 0.80 -3.71
CA GLY B 14 6.61 -0.50 -3.06
C GLY B 14 5.89 -1.60 -3.79
N GLU B 15 5.77 -2.76 -3.13
CA GLU B 15 5.09 -3.91 -3.70
C GLU B 15 4.33 -4.66 -2.62
N THR B 16 3.13 -5.13 -2.96
CA THR B 16 2.30 -5.86 -2.02
C THR B 16 1.64 -7.07 -2.69
N THR B 17 1.03 -7.95 -1.89
CA THR B 17 0.40 -9.15 -2.43
C THR B 17 -0.89 -9.54 -1.69
N THR B 18 -1.99 -9.56 -2.43
CA THR B 18 -3.30 -9.93 -1.88
C THR B 18 -3.71 -11.31 -2.42
N GLU B 19 -4.37 -12.10 -1.59
CA GLU B 19 -4.81 -13.43 -1.99
C GLU B 19 -6.31 -13.43 -2.28
N ALA B 20 -6.67 -13.67 -3.53
CA ALA B 20 -8.08 -13.68 -3.92
C ALA B 20 -8.37 -14.67 -5.04
N VAL B 21 -9.59 -15.20 -5.04
CA VAL B 21 -10.02 -16.18 -6.03
C VAL B 21 -9.74 -15.73 -7.46
N ASP B 22 -9.90 -14.43 -7.71
CA ASP B 22 -9.65 -13.88 -9.04
C ASP B 22 -9.10 -12.47 -8.96
N ALA B 23 -8.67 -11.93 -10.10
CA ALA B 23 -8.11 -10.59 -10.16
C ALA B 23 -9.08 -9.55 -9.64
N ALA B 24 -10.35 -9.68 -10.02
CA ALA B 24 -11.37 -8.74 -9.57
C ALA B 24 -11.50 -8.81 -8.05
N THR B 25 -11.75 -10.01 -7.54
CA THR B 25 -11.86 -10.22 -6.11
C THR B 25 -10.64 -9.62 -5.43
N ALA B 26 -9.47 -9.91 -5.97
CA ALA B 26 -8.23 -9.37 -5.44
C ALA B 26 -8.30 -7.84 -5.49
N GLU B 27 -8.59 -7.32 -6.68
CA GLU B 27 -8.72 -5.88 -6.87
C GLU B 27 -9.63 -5.27 -5.82
N LYS B 28 -10.80 -5.89 -5.62
CA LYS B 28 -11.76 -5.42 -4.63
C LYS B 28 -11.17 -5.54 -3.23
N VAL B 29 -10.55 -6.69 -2.95
CA VAL B 29 -9.94 -6.91 -1.65
C VAL B 29 -8.85 -5.89 -1.39
N VAL B 30 -8.09 -5.57 -2.43
CA VAL B 30 -7.04 -4.57 -2.33
C VAL B 30 -7.67 -3.21 -2.08
N LYS B 31 -8.67 -2.85 -2.90
CA LYS B 31 -9.37 -1.58 -2.73
C LYS B 31 -9.79 -1.40 -1.29
N GLN B 32 -10.32 -2.48 -0.70
CA GLN B 32 -10.74 -2.45 0.68
C GLN B 32 -9.54 -2.14 1.57
N PHE B 33 -8.38 -2.65 1.17
CA PHE B 33 -7.14 -2.43 1.90
C PHE B 33 -6.91 -0.93 2.09
N PHE B 34 -6.73 -0.23 0.97
CA PHE B 34 -6.50 1.20 0.99
C PHE B 34 -7.75 1.94 1.44
N ASN B 35 -8.90 1.47 0.99
CA ASN B 35 -10.17 2.06 1.37
C ASN B 35 -10.24 2.16 2.89
N ASP B 36 -9.71 1.15 3.55
CA ASP B 36 -9.69 1.07 5.01
C ASP B 36 -8.38 1.61 5.61
N ASN B 37 -7.29 1.57 4.84
CA ASN B 37 -6.01 2.08 5.35
C ASN B 37 -6.01 3.60 5.28
N GLY B 38 -6.50 4.10 4.15
CA GLY B 38 -6.59 5.53 3.88
C GLY B 38 -6.18 6.44 5.02
N VAL B 39 -7.13 7.24 5.48
CA VAL B 39 -6.87 8.23 6.52
C VAL B 39 -6.92 7.71 7.96
N ASP B 40 -8.03 7.10 8.36
CA ASP B 40 -8.17 6.63 9.74
C ASP B 40 -7.64 5.21 9.96
N GLY B 41 -6.70 4.77 9.15
CA GLY B 41 -6.14 3.44 9.33
C GLY B 41 -5.28 3.33 10.58
N GLU B 42 -5.08 2.11 11.07
CA GLU B 42 -4.26 1.89 12.27
C GLU B 42 -2.80 1.66 11.87
N TRP B 43 -1.99 2.70 11.97
CA TRP B 43 -0.59 2.61 11.59
C TRP B 43 0.35 2.47 12.79
N THR B 44 1.11 1.38 12.82
CA THR B 44 2.07 1.13 13.88
C THR B 44 3.48 1.40 13.35
N TYR B 45 4.28 2.14 14.11
CA TYR B 45 5.64 2.45 13.67
C TYR B 45 6.69 1.71 14.48
N ASP B 46 7.75 1.28 13.80
CA ASP B 46 8.84 0.57 14.44
C ASP B 46 10.16 1.28 14.19
N ASP B 47 10.43 2.32 14.98
CA ASP B 47 11.65 3.11 14.84
C ASP B 47 12.88 2.21 14.72
N ALA B 48 12.86 1.08 15.42
CA ALA B 48 13.97 0.14 15.41
C ALA B 48 14.43 -0.20 13.99
N THR B 49 13.49 -0.21 13.05
CA THR B 49 13.81 -0.52 11.66
C THR B 49 13.29 0.55 10.69
N LYS B 50 12.88 1.69 11.24
CA LYS B 50 12.35 2.77 10.41
C LYS B 50 11.22 2.26 9.52
N THR B 51 10.48 1.28 10.02
CA THR B 51 9.38 0.69 9.26
C THR B 51 8.03 1.03 9.88
N PHE B 52 7.06 1.38 9.02
CA PHE B 52 5.73 1.72 9.49
C PHE B 52 4.72 0.64 9.11
N THR B 53 4.46 -0.26 10.05
CA THR B 53 3.52 -1.35 9.84
C THR B 53 2.08 -0.87 9.92
N VAL B 54 1.31 -1.19 8.89
CA VAL B 54 -0.10 -0.83 8.81
C VAL B 54 -0.94 -2.09 8.75
N THR B 55 -1.85 -2.25 9.71
CA THR B 55 -2.69 -3.43 9.76
C THR B 55 -4.16 -3.07 9.59
N GLU B 56 -4.83 -3.77 8.67
CA GLU B 56 -6.25 -3.51 8.41
C GLU B 56 -7.10 -3.99 9.56
N MET A 1 15.02 11.64 4.99
CA MET A 1 15.49 10.24 5.05
C MET A 1 14.52 9.30 4.33
N GLN A 2 14.95 8.06 4.11
CA GLN A 2 14.11 7.07 3.45
C GLN A 2 13.46 6.17 4.50
N TYR A 3 12.16 5.88 4.31
CA TYR A 3 11.45 5.03 5.24
C TYR A 3 10.75 3.88 4.52
N LYS A 4 10.72 2.72 5.16
CA LYS A 4 10.09 1.55 4.59
C LYS A 4 8.80 1.22 5.32
N VAL A 5 7.67 1.43 4.66
CA VAL A 5 6.38 1.16 5.27
C VAL A 5 5.88 -0.23 4.91
N ILE A 6 5.33 -0.93 5.89
CA ILE A 6 4.79 -2.26 5.68
C ILE A 6 3.28 -2.25 5.76
N LEU A 7 2.65 -2.76 4.71
CA LEU A 7 1.20 -2.80 4.65
C LEU A 7 0.70 -4.20 4.97
N ASN A 8 0.61 -4.50 6.26
CA ASN A 8 0.19 -5.81 6.73
C ASN A 8 -1.32 -5.87 6.95
N GLY A 9 -2.02 -6.60 6.09
CA GLY A 9 -3.46 -6.72 6.22
C GLY A 9 -3.89 -8.16 6.48
N LYS A 10 -5.18 -8.41 6.40
CA LYS A 10 -5.70 -9.75 6.62
C LYS A 10 -5.54 -10.59 5.36
N THR A 11 -6.03 -10.07 4.24
CA THR A 11 -5.96 -10.75 2.96
C THR A 11 -4.90 -10.12 2.07
N LEU A 12 -4.22 -9.11 2.58
CA LEU A 12 -3.20 -8.41 1.81
C LEU A 12 -1.97 -8.11 2.64
N LYS A 13 -0.79 -8.33 2.05
CA LYS A 13 0.47 -8.07 2.72
C LYS A 13 1.48 -7.51 1.72
N GLY A 14 2.34 -6.60 2.16
CA GLY A 14 3.33 -6.03 1.26
C GLY A 14 4.33 -5.13 1.96
N GLU A 15 5.22 -4.53 1.17
CA GLU A 15 6.23 -3.64 1.68
C GLU A 15 6.43 -2.45 0.75
N THR A 16 6.51 -1.26 1.32
CA THR A 16 6.67 -0.04 0.54
C THR A 16 7.70 0.90 1.17
N THR A 17 8.12 1.91 0.42
CA THR A 17 9.12 2.86 0.92
C THR A 17 8.88 4.29 0.43
N THR A 18 8.67 5.20 1.39
CA THR A 18 8.44 6.61 1.08
C THR A 18 9.66 7.44 1.48
N GLU A 19 9.95 8.49 0.72
CA GLU A 19 11.09 9.35 1.01
C GLU A 19 10.63 10.69 1.59
N ALA A 20 11.01 10.97 2.83
CA ALA A 20 10.62 12.21 3.48
C ALA A 20 11.69 12.70 4.46
N VAL A 21 11.75 14.01 4.63
CA VAL A 21 12.74 14.65 5.51
C VAL A 21 12.75 14.02 6.90
N ASP A 22 11.62 13.46 7.31
CA ASP A 22 11.53 12.82 8.63
C ASP A 22 10.46 11.73 8.63
N ALA A 23 10.35 11.02 9.75
CA ALA A 23 9.37 9.97 9.89
C ALA A 23 7.95 10.48 9.73
N ALA A 24 7.68 11.63 10.34
CA ALA A 24 6.35 12.23 10.24
C ALA A 24 6.05 12.58 8.79
N THR A 25 6.93 13.37 8.18
CA THR A 25 6.77 13.75 6.79
C THR A 25 6.53 12.49 5.97
N ALA A 26 7.33 11.46 6.22
CA ALA A 26 7.18 10.19 5.54
C ALA A 26 5.79 9.63 5.83
N GLU A 27 5.47 9.51 7.12
CA GLU A 27 4.16 9.01 7.53
C GLU A 27 3.05 9.79 6.85
N LYS A 28 3.18 11.11 6.86
CA LYS A 28 2.20 11.99 6.23
C LYS A 28 2.13 11.71 4.73
N VAL A 29 3.30 11.57 4.12
CA VAL A 29 3.37 11.29 2.68
C VAL A 29 2.64 9.99 2.38
N VAL A 30 2.80 9.02 3.26
CA VAL A 30 2.13 7.73 3.09
C VAL A 30 0.63 7.96 3.16
N LYS A 31 0.18 8.70 4.17
CA LYS A 31 -1.24 8.99 4.33
C LYS A 31 -1.82 9.46 3.01
N GLN A 32 -1.14 10.42 2.39
CA GLN A 32 -1.57 10.95 1.12
C GLN A 32 -1.62 9.83 0.08
N PHE A 33 -0.64 8.94 0.18
CA PHE A 33 -0.55 7.79 -0.72
C PHE A 33 -1.86 7.02 -0.74
N PHE A 34 -2.21 6.45 0.43
CA PHE A 34 -3.44 5.70 0.58
C PHE A 34 -4.65 6.60 0.47
N ASN A 35 -4.54 7.80 1.04
CA ASN A 35 -5.61 8.78 0.97
C ASN A 35 -6.07 8.96 -0.47
N ASP A 36 -5.10 8.93 -1.38
CA ASP A 36 -5.36 9.08 -2.81
C ASP A 36 -5.51 7.73 -3.52
N ASN A 37 -4.94 6.67 -2.95
CA ASN A 37 -5.05 5.35 -3.57
C ASN A 37 -6.40 4.73 -3.23
N GLY A 38 -6.75 4.82 -1.95
CA GLY A 38 -8.01 4.29 -1.43
C GLY A 38 -8.99 3.77 -2.47
N VAL A 39 -10.13 4.42 -2.56
CA VAL A 39 -11.19 3.98 -3.47
C VAL A 39 -11.37 4.84 -4.72
N ASP A 40 -10.56 5.88 -4.91
CA ASP A 40 -10.69 6.73 -6.09
C ASP A 40 -9.38 6.86 -6.86
N GLY A 41 -8.41 6.00 -6.56
CA GLY A 41 -7.12 6.07 -7.23
C GLY A 41 -7.14 5.48 -8.62
N GLU A 42 -6.08 5.75 -9.39
CA GLU A 42 -5.95 5.23 -10.74
C GLU A 42 -5.14 3.95 -10.74
N TRP A 43 -5.82 2.81 -10.81
CA TRP A 43 -5.16 1.51 -10.76
C TRP A 43 -4.99 0.89 -12.16
N THR A 44 -3.74 0.62 -12.52
CA THR A 44 -3.45 -0.01 -13.81
C THR A 44 -3.17 -1.50 -13.59
N TYR A 45 -3.76 -2.34 -14.43
CA TYR A 45 -3.58 -3.79 -14.30
C TYR A 45 -2.70 -4.34 -15.41
N ASP A 46 -1.79 -5.25 -15.04
CA ASP A 46 -0.89 -5.87 -16.00
C ASP A 46 -1.03 -7.39 -15.97
N ASP A 47 -2.04 -7.90 -16.66
CA ASP A 47 -2.30 -9.34 -16.71
C ASP A 47 -1.02 -10.12 -16.99
N ALA A 48 -0.15 -9.56 -17.81
CA ALA A 48 1.10 -10.20 -18.18
C ALA A 48 1.89 -10.65 -16.96
N THR A 49 1.78 -9.92 -15.86
CA THR A 49 2.51 -10.25 -14.64
C THR A 49 1.57 -10.45 -13.45
N LYS A 50 0.27 -10.53 -13.71
CA LYS A 50 -0.70 -10.73 -12.63
C LYS A 50 -0.47 -9.71 -11.51
N THR A 51 -0.10 -8.49 -11.88
CA THR A 51 0.18 -7.44 -10.91
C THR A 51 -0.68 -6.20 -11.14
N PHE A 52 -1.10 -5.56 -10.05
CA PHE A 52 -1.92 -4.35 -10.16
C PHE A 52 -1.16 -3.10 -9.70
N THR A 53 -0.57 -2.42 -10.67
CA THR A 53 0.18 -1.19 -10.39
C THR A 53 -0.75 -0.04 -10.04
N VAL A 54 -0.48 0.60 -8.90
CA VAL A 54 -1.27 1.72 -8.44
C VAL A 54 -0.45 3.00 -8.49
N THR A 55 -0.82 3.91 -9.40
CA THR A 55 -0.11 5.16 -9.56
C THR A 55 -0.88 6.32 -8.94
N GLU A 56 -0.28 6.97 -7.94
CA GLU A 56 -0.94 8.09 -7.27
C GLU A 56 -0.89 9.34 -8.14
N MET B 1 -6.54 -17.38 -6.39
CA MET B 1 -5.10 -17.26 -6.77
C MET B 1 -4.43 -16.12 -6.01
N GLN B 2 -3.10 -16.07 -6.09
CA GLN B 2 -2.34 -15.04 -5.41
C GLN B 2 -1.97 -13.94 -6.41
N TYR B 3 -2.11 -12.69 -5.98
CA TYR B 3 -1.80 -11.56 -6.84
C TYR B 3 -0.83 -10.60 -6.18
N LYS B 4 0.07 -10.03 -6.96
CA LYS B 4 1.05 -9.09 -6.45
C LYS B 4 0.74 -7.68 -6.92
N VAL B 5 0.30 -6.83 -6.00
CA VAL B 5 -0.04 -5.46 -6.33
C VAL B 5 1.14 -4.53 -6.08
N ILE B 6 1.36 -3.61 -7.01
CA ILE B 6 2.44 -2.64 -6.90
C ILE B 6 1.88 -1.26 -6.61
N LEU B 7 2.37 -0.64 -5.55
CA LEU B 7 1.92 0.69 -5.17
C LEU B 7 2.95 1.73 -5.58
N ASN B 8 2.90 2.11 -6.85
CA ASN B 8 3.86 3.08 -7.41
C ASN B 8 3.33 4.51 -7.29
N GLY B 9 3.95 5.29 -6.41
CA GLY B 9 3.54 6.67 -6.24
C GLY B 9 4.64 7.65 -6.61
N LYS B 10 4.43 8.91 -6.28
CA LYS B 10 5.43 9.93 -6.57
C LYS B 10 6.54 9.92 -5.53
N THR B 11 6.14 10.00 -4.26
CA THR B 11 7.07 10.00 -3.15
C THR B 11 7.07 8.66 -2.44
N LEU B 12 6.25 7.73 -2.92
CA LEU B 12 6.16 6.42 -2.30
C LEU B 12 6.11 5.30 -3.34
N LYS B 13 6.85 4.23 -3.06
CA LYS B 13 6.91 3.07 -3.94
C LYS B 13 6.97 1.79 -3.12
N GLY B 14 6.33 0.72 -3.61
CA GLY B 14 6.36 -0.52 -2.88
C GLY B 14 5.73 -1.69 -3.63
N GLU B 15 5.68 -2.84 -2.98
CA GLU B 15 5.09 -4.04 -3.57
C GLU B 15 4.29 -4.81 -2.53
N THR B 16 3.10 -5.25 -2.92
CA THR B 16 2.23 -5.98 -2.01
C THR B 16 1.58 -7.18 -2.72
N THR B 17 0.98 -8.08 -1.94
CA THR B 17 0.35 -9.27 -2.50
C THR B 17 -0.93 -9.67 -1.76
N THR B 18 -2.05 -9.68 -2.48
CA THR B 18 -3.35 -10.06 -1.92
C THR B 18 -3.76 -11.43 -2.46
N GLU B 19 -4.45 -12.21 -1.63
CA GLU B 19 -4.91 -13.55 -2.04
C GLU B 19 -6.41 -13.54 -2.29
N ALA B 20 -6.82 -13.81 -3.53
CA ALA B 20 -8.23 -13.83 -3.89
C ALA B 20 -8.52 -14.84 -4.99
N VAL B 21 -9.74 -15.38 -4.96
CA VAL B 21 -10.18 -16.39 -5.93
C VAL B 21 -9.91 -15.95 -7.37
N ASP B 22 -9.88 -14.63 -7.60
CA ASP B 22 -9.62 -14.11 -8.94
C ASP B 22 -9.01 -12.72 -8.89
N ALA B 23 -8.65 -12.18 -10.04
CA ALA B 23 -8.05 -10.86 -10.11
C ALA B 23 -8.99 -9.79 -9.56
N ALA B 24 -10.26 -9.89 -9.91
CA ALA B 24 -11.24 -8.92 -9.43
C ALA B 24 -11.34 -9.01 -7.91
N THR B 25 -11.62 -10.20 -7.40
CA THR B 25 -11.70 -10.40 -5.97
C THR B 25 -10.46 -9.82 -5.31
N ALA B 26 -9.30 -10.13 -5.90
CA ALA B 26 -8.04 -9.60 -5.40
C ALA B 26 -8.07 -8.08 -5.44
N GLU B 27 -8.37 -7.55 -6.63
CA GLU B 27 -8.45 -6.11 -6.82
C GLU B 27 -9.40 -5.49 -5.80
N LYS B 28 -10.56 -6.12 -5.62
CA LYS B 28 -11.55 -5.65 -4.67
C LYS B 28 -10.99 -5.71 -3.26
N VAL B 29 -10.33 -6.82 -2.95
CA VAL B 29 -9.72 -6.99 -1.63
C VAL B 29 -8.72 -5.88 -1.37
N VAL B 30 -7.98 -5.51 -2.40
CA VAL B 30 -7.00 -4.44 -2.28
C VAL B 30 -7.74 -3.13 -1.98
N LYS B 31 -8.80 -2.87 -2.74
CA LYS B 31 -9.59 -1.66 -2.53
C LYS B 31 -9.92 -1.51 -1.05
N GLN B 32 -10.43 -2.58 -0.47
CA GLN B 32 -10.77 -2.60 0.94
C GLN B 32 -9.54 -2.29 1.78
N PHE B 33 -8.40 -2.82 1.33
CA PHE B 33 -7.13 -2.60 2.00
C PHE B 33 -6.87 -1.10 2.19
N PHE B 34 -6.74 -0.40 1.07
CA PHE B 34 -6.51 1.05 1.07
C PHE B 34 -7.74 1.77 1.59
N ASN B 35 -8.91 1.30 1.21
CA ASN B 35 -10.16 1.89 1.66
C ASN B 35 -10.15 2.02 3.18
N ASP B 36 -9.59 1.02 3.82
CA ASP B 36 -9.50 0.98 5.29
C ASP B 36 -8.16 1.52 5.80
N ASN B 37 -7.13 1.50 4.96
CA ASN B 37 -5.82 2.01 5.38
C ASN B 37 -5.80 3.53 5.26
N GLY B 38 -6.30 4.01 4.12
CA GLY B 38 -6.36 5.44 3.81
C GLY B 38 -5.99 6.36 4.96
N VAL B 39 -6.96 7.14 5.41
CA VAL B 39 -6.72 8.14 6.45
C VAL B 39 -7.28 7.78 7.83
N ASP B 40 -7.91 6.62 7.97
CA ASP B 40 -8.46 6.24 9.29
C ASP B 40 -7.96 4.87 9.74
N GLY B 41 -6.91 4.37 9.11
CA GLY B 41 -6.38 3.07 9.47
C GLY B 41 -5.52 3.10 10.74
N GLU B 42 -5.24 1.91 11.28
CA GLU B 42 -4.42 1.79 12.47
C GLU B 42 -2.96 1.54 12.09
N TRP B 43 -2.15 2.59 12.14
CA TRP B 43 -0.74 2.49 11.76
C TRP B 43 0.18 2.37 12.96
N THR B 44 0.95 1.27 12.99
CA THR B 44 1.91 1.05 14.06
C THR B 44 3.31 1.40 13.56
N TYR B 45 4.07 2.13 14.38
CA TYR B 45 5.41 2.54 13.99
C TYR B 45 6.48 1.78 14.78
N ASP B 46 7.54 1.37 14.08
CA ASP B 46 8.63 0.64 14.71
C ASP B 46 9.96 1.34 14.48
N ASP B 47 10.22 2.36 15.29
CA ASP B 47 11.46 3.14 15.18
C ASP B 47 12.68 2.23 15.04
N ALA B 48 12.66 1.10 15.73
CA ALA B 48 13.76 0.15 15.71
C ALA B 48 14.17 -0.21 14.28
N THR B 49 13.21 -0.23 13.37
CA THR B 49 13.49 -0.57 11.98
C THR B 49 13.07 0.53 11.01
N LYS B 50 12.76 1.72 11.53
CA LYS B 50 12.36 2.83 10.69
C LYS B 50 11.26 2.40 9.71
N THR B 51 10.36 1.54 10.17
CA THR B 51 9.28 1.03 9.32
C THR B 51 7.91 1.31 9.93
N PHE B 52 6.93 1.60 9.08
CA PHE B 52 5.58 1.88 9.55
C PHE B 52 4.60 0.77 9.13
N THR B 53 4.39 -0.18 10.02
CA THR B 53 3.48 -1.29 9.77
C THR B 53 2.03 -0.82 9.83
N VAL B 54 1.29 -1.14 8.76
CA VAL B 54 -0.12 -0.77 8.67
C VAL B 54 -1.00 -2.03 8.73
N THR B 55 -1.73 -2.17 9.83
CA THR B 55 -2.59 -3.33 10.01
C THR B 55 -4.06 -2.97 9.76
N GLU B 56 -4.66 -3.62 8.77
CA GLU B 56 -6.06 -3.36 8.44
C GLU B 56 -7.00 -4.00 9.44
N MET A 1 15.80 11.21 4.34
CA MET A 1 16.02 9.76 4.57
C MET A 1 14.89 8.93 3.97
N GLN A 2 15.12 7.63 3.86
CA GLN A 2 14.12 6.71 3.32
C GLN A 2 13.52 5.88 4.45
N TYR A 3 12.22 5.62 4.37
CA TYR A 3 11.54 4.83 5.39
C TYR A 3 10.86 3.62 4.79
N LYS A 4 10.81 2.54 5.56
CA LYS A 4 10.18 1.30 5.12
C LYS A 4 8.74 1.22 5.62
N VAL A 5 7.78 1.37 4.71
CA VAL A 5 6.38 1.30 5.06
C VAL A 5 5.83 -0.10 4.77
N ILE A 6 5.41 -0.77 5.83
CA ILE A 6 4.87 -2.12 5.71
C ILE A 6 3.35 -2.13 5.77
N LEU A 7 2.73 -2.74 4.76
CA LEU A 7 1.29 -2.82 4.70
C LEU A 7 0.82 -4.25 4.99
N ASN A 8 0.53 -4.52 6.27
CA ASN A 8 0.11 -5.85 6.68
C ASN A 8 -1.40 -5.94 6.87
N GLY A 9 -2.07 -6.65 5.97
CA GLY A 9 -3.50 -6.82 6.07
C GLY A 9 -3.88 -8.26 6.28
N LYS A 10 -5.17 -8.57 6.17
CA LYS A 10 -5.64 -9.93 6.34
C LYS A 10 -5.54 -10.69 5.03
N THR A 11 -6.12 -10.10 3.99
CA THR A 11 -6.12 -10.68 2.66
C THR A 11 -5.03 -10.05 1.80
N LEU A 12 -4.39 -9.02 2.33
CA LEU A 12 -3.32 -8.33 1.61
C LEU A 12 -2.12 -8.08 2.50
N LYS A 13 -0.93 -8.33 1.95
CA LYS A 13 0.31 -8.13 2.69
C LYS A 13 1.41 -7.65 1.73
N GLY A 14 2.29 -6.79 2.22
CA GLY A 14 3.36 -6.29 1.36
C GLY A 14 4.28 -5.31 2.06
N GLU A 15 5.12 -4.65 1.27
CA GLU A 15 6.07 -3.67 1.79
C GLU A 15 6.27 -2.53 0.80
N THR A 16 6.42 -1.32 1.34
CA THR A 16 6.61 -0.13 0.52
C THR A 16 7.61 0.82 1.17
N THR A 17 8.05 1.84 0.43
CA THR A 17 9.04 2.79 0.97
C THR A 17 8.79 4.22 0.50
N THR A 18 8.62 5.12 1.47
CA THR A 18 8.41 6.55 1.20
C THR A 18 9.65 7.33 1.62
N GLU A 19 9.96 8.40 0.89
CA GLU A 19 11.12 9.23 1.20
C GLU A 19 10.67 10.56 1.78
N ALA A 20 11.03 10.82 3.04
CA ALA A 20 10.65 12.05 3.70
C ALA A 20 11.74 12.56 4.66
N VAL A 21 11.81 13.87 4.80
CA VAL A 21 12.81 14.50 5.66
C VAL A 21 12.82 13.89 7.05
N ASP A 22 11.70 13.35 7.48
CA ASP A 22 11.60 12.72 8.80
C ASP A 22 10.48 11.68 8.86
N ALA A 23 10.33 11.04 10.01
CA ALA A 23 9.31 10.01 10.18
C ALA A 23 7.92 10.59 10.01
N ALA A 24 7.69 11.77 10.58
CA ALA A 24 6.39 12.42 10.47
C ALA A 24 6.09 12.72 9.02
N THR A 25 7.00 13.43 8.35
CA THR A 25 6.83 13.74 6.95
C THR A 25 6.50 12.47 6.18
N ALA A 26 7.24 11.42 6.48
CA ALA A 26 7.01 10.12 5.86
C ALA A 26 5.58 9.67 6.15
N GLU A 27 5.22 9.70 7.44
CA GLU A 27 3.88 9.31 7.85
C GLU A 27 2.82 10.05 7.02
N LYS A 28 2.95 11.36 6.93
CA LYS A 28 2.02 12.17 6.16
C LYS A 28 2.10 11.82 4.68
N VAL A 29 3.32 11.79 4.15
CA VAL A 29 3.50 11.44 2.75
C VAL A 29 2.85 10.09 2.46
N VAL A 30 3.03 9.16 3.39
CA VAL A 30 2.43 7.85 3.27
C VAL A 30 0.92 8.01 3.37
N LYS A 31 0.48 8.73 4.41
CA LYS A 31 -0.95 8.98 4.61
C LYS A 31 -1.61 9.43 3.33
N GLN A 32 -0.97 10.40 2.68
CA GLN A 32 -1.50 10.93 1.43
C GLN A 32 -1.57 9.83 0.38
N PHE A 33 -0.60 8.93 0.42
CA PHE A 33 -0.55 7.81 -0.52
C PHE A 33 -1.89 7.08 -0.54
N PHE A 34 -2.16 6.35 0.53
CA PHE A 34 -3.40 5.60 0.67
C PHE A 34 -4.61 6.51 0.64
N ASN A 35 -4.46 7.69 1.25
CA ASN A 35 -5.54 8.67 1.27
C ASN A 35 -6.04 8.92 -0.15
N ASP A 36 -5.10 8.93 -1.09
CA ASP A 36 -5.40 9.15 -2.50
C ASP A 36 -5.57 7.84 -3.27
N ASN A 37 -4.98 6.75 -2.78
CA ASN A 37 -5.09 5.46 -3.45
C ASN A 37 -6.42 4.80 -3.11
N GLY A 38 -6.77 4.89 -1.84
CA GLY A 38 -8.01 4.31 -1.30
C GLY A 38 -8.97 3.77 -2.33
N VAL A 39 -10.14 4.41 -2.43
CA VAL A 39 -11.21 3.97 -3.31
C VAL A 39 -11.07 4.39 -4.77
N ASP A 40 -10.94 5.69 -5.03
CA ASP A 40 -10.86 6.15 -6.43
C ASP A 40 -9.43 6.22 -6.96
N GLY A 41 -8.55 5.40 -6.41
CA GLY A 41 -7.17 5.39 -6.87
C GLY A 41 -7.04 4.91 -8.31
N GLU A 42 -6.11 5.49 -9.05
CA GLU A 42 -5.88 5.10 -10.44
C GLU A 42 -5.04 3.84 -10.52
N TRP A 43 -5.69 2.69 -10.59
CA TRP A 43 -4.98 1.41 -10.63
C TRP A 43 -5.03 0.79 -12.02
N THR A 44 -3.88 0.31 -12.49
CA THR A 44 -3.78 -0.36 -13.78
C THR A 44 -3.45 -1.83 -13.57
N TYR A 45 -4.00 -2.70 -14.40
CA TYR A 45 -3.77 -4.14 -14.26
C TYR A 45 -2.95 -4.70 -15.43
N ASP A 46 -2.07 -5.65 -15.12
CA ASP A 46 -1.23 -6.29 -16.13
C ASP A 46 -1.42 -7.80 -16.12
N ASP A 47 -2.44 -8.26 -16.83
CA ASP A 47 -2.76 -9.69 -16.88
C ASP A 47 -1.51 -10.54 -17.15
N ALA A 48 -0.62 -10.03 -17.99
CA ALA A 48 0.60 -10.75 -18.33
C ALA A 48 1.35 -11.24 -17.09
N THR A 49 1.25 -10.49 -15.99
CA THR A 49 1.93 -10.86 -14.77
C THR A 49 0.97 -10.87 -13.56
N LYS A 50 -0.34 -10.80 -13.84
CA LYS A 50 -1.33 -10.79 -12.77
C LYS A 50 -0.95 -9.78 -11.70
N THR A 51 -0.36 -8.67 -12.12
CA THR A 51 0.07 -7.63 -11.19
C THR A 51 -0.69 -6.32 -11.43
N PHE A 52 -1.02 -5.63 -10.35
CA PHE A 52 -1.72 -4.35 -10.43
C PHE A 52 -0.82 -3.22 -9.95
N THR A 53 -0.93 -2.06 -10.57
CA THR A 53 -0.12 -0.91 -10.19
C THR A 53 -0.97 0.28 -9.78
N VAL A 54 -0.67 0.83 -8.61
CA VAL A 54 -1.40 1.99 -8.09
C VAL A 54 -0.52 3.23 -8.16
N THR A 55 -0.89 4.18 -9.01
CA THR A 55 -0.11 5.40 -9.18
C THR A 55 -0.78 6.58 -8.49
N GLU A 56 -0.08 7.16 -7.52
CA GLU A 56 -0.61 8.30 -6.77
C GLU A 56 -1.01 9.43 -7.73
N MET B 1 -5.72 -18.03 -6.02
CA MET B 1 -4.37 -17.64 -6.50
C MET B 1 -3.87 -16.39 -5.81
N GLN B 2 -2.58 -16.12 -5.94
CA GLN B 2 -1.97 -14.93 -5.35
C GLN B 2 -1.69 -13.90 -6.42
N TYR B 3 -1.87 -12.63 -6.09
CA TYR B 3 -1.62 -11.56 -7.04
C TYR B 3 -0.61 -10.55 -6.49
N LYS B 4 0.18 -9.97 -7.40
CA LYS B 4 1.18 -8.99 -7.01
C LYS B 4 0.65 -7.58 -7.18
N VAL B 5 0.39 -6.90 -6.07
CA VAL B 5 -0.11 -5.54 -6.11
C VAL B 5 1.03 -4.55 -5.92
N ILE B 6 1.26 -3.74 -6.94
CA ILE B 6 2.33 -2.76 -6.91
C ILE B 6 1.81 -1.36 -6.62
N LEU B 7 2.37 -0.72 -5.61
CA LEU B 7 1.96 0.63 -5.24
C LEU B 7 3.03 1.64 -5.64
N ASN B 8 2.90 2.19 -6.84
CA ASN B 8 3.87 3.16 -7.35
C ASN B 8 3.39 4.60 -7.20
N GLY B 9 4.01 5.34 -6.30
CA GLY B 9 3.64 6.73 -6.09
C GLY B 9 4.78 7.67 -6.43
N LYS B 10 4.63 8.93 -6.08
CA LYS B 10 5.67 9.91 -6.35
C LYS B 10 6.69 9.91 -5.22
N THR B 11 6.19 10.07 -4.00
CA THR B 11 7.02 10.08 -2.81
C THR B 11 7.01 8.71 -2.12
N LEU B 12 6.18 7.80 -2.63
CA LEU B 12 6.07 6.47 -2.06
C LEU B 12 6.07 5.40 -3.15
N LYS B 13 6.83 4.35 -2.94
CA LYS B 13 6.92 3.24 -3.89
C LYS B 13 7.08 1.91 -3.15
N GLY B 14 6.47 0.85 -3.67
CA GLY B 14 6.58 -0.44 -3.02
C GLY B 14 5.85 -1.56 -3.75
N GLU B 15 5.72 -2.69 -3.07
CA GLU B 15 5.04 -3.85 -3.65
C GLU B 15 4.29 -4.62 -2.56
N THR B 16 3.12 -5.14 -2.93
CA THR B 16 2.29 -5.89 -2.00
C THR B 16 1.62 -7.07 -2.71
N THR B 17 1.01 -7.97 -1.95
CA THR B 17 0.36 -9.15 -2.53
C THR B 17 -0.92 -9.56 -1.82
N THR B 18 -2.02 -9.59 -2.57
CA THR B 18 -3.32 -9.99 -2.04
C THR B 18 -3.71 -11.35 -2.61
N GLU B 19 -4.41 -12.16 -1.81
CA GLU B 19 -4.83 -13.48 -2.24
C GLU B 19 -6.33 -13.50 -2.51
N ALA B 20 -6.72 -13.73 -3.76
CA ALA B 20 -8.14 -13.76 -4.12
C ALA B 20 -8.42 -14.80 -5.21
N VAL B 21 -9.63 -15.35 -5.16
CA VAL B 21 -10.05 -16.37 -6.12
C VAL B 21 -9.81 -15.94 -7.56
N ASP B 22 -9.79 -14.63 -7.80
CA ASP B 22 -9.55 -14.10 -9.14
C ASP B 22 -9.00 -12.69 -9.10
N ALA B 23 -8.72 -12.13 -10.27
CA ALA B 23 -8.19 -10.78 -10.37
C ALA B 23 -9.15 -9.76 -9.80
N ALA B 24 -10.43 -9.91 -10.13
CA ALA B 24 -11.46 -9.00 -9.63
C ALA B 24 -11.50 -9.05 -8.11
N THR B 25 -11.69 -10.25 -7.57
CA THR B 25 -11.71 -10.44 -6.13
C THR B 25 -10.50 -9.77 -5.51
N ALA B 26 -9.35 -9.99 -6.13
CA ALA B 26 -8.11 -9.38 -5.68
C ALA B 26 -8.26 -7.87 -5.71
N GLU B 27 -8.70 -7.34 -6.85
CA GLU B 27 -8.91 -5.91 -7.01
C GLU B 27 -9.75 -5.36 -5.87
N LYS B 28 -10.89 -5.99 -5.62
CA LYS B 28 -11.77 -5.57 -4.54
C LYS B 28 -11.09 -5.73 -3.19
N VAL B 29 -10.52 -6.91 -2.95
CA VAL B 29 -9.82 -7.16 -1.70
C VAL B 29 -8.76 -6.09 -1.48
N VAL B 30 -8.06 -5.76 -2.55
CA VAL B 30 -7.04 -4.73 -2.50
C VAL B 30 -7.74 -3.39 -2.23
N LYS B 31 -8.78 -3.11 -3.02
CA LYS B 31 -9.55 -1.88 -2.87
C LYS B 31 -9.88 -1.65 -1.41
N GLN B 32 -10.41 -2.70 -0.78
CA GLN B 32 -10.80 -2.60 0.61
C GLN B 32 -9.58 -2.28 1.49
N PHE B 33 -8.43 -2.81 1.08
CA PHE B 33 -7.19 -2.58 1.81
C PHE B 33 -6.98 -1.07 2.01
N PHE B 34 -6.65 -0.38 0.93
CA PHE B 34 -6.42 1.06 0.97
C PHE B 34 -7.68 1.80 1.40
N ASN B 35 -8.83 1.31 0.96
CA ASN B 35 -10.11 1.91 1.34
C ASN B 35 -10.18 2.07 2.86
N ASP B 36 -9.66 1.06 3.54
CA ASP B 36 -9.64 1.04 5.00
C ASP B 36 -8.33 1.58 5.59
N ASN B 37 -7.25 1.51 4.82
CA ASN B 37 -5.96 2.02 5.29
C ASN B 37 -5.90 3.53 5.16
N GLY B 38 -6.38 4.02 4.03
CA GLY B 38 -6.41 5.43 3.71
C GLY B 38 -6.02 6.38 4.83
N VAL B 39 -6.99 7.17 5.28
CA VAL B 39 -6.75 8.19 6.30
C VAL B 39 -6.76 7.68 7.74
N ASP B 40 -7.84 7.02 8.17
CA ASP B 40 -7.93 6.56 9.56
C ASP B 40 -7.36 5.15 9.76
N GLY B 41 -6.44 4.74 8.89
CA GLY B 41 -5.86 3.42 9.04
C GLY B 41 -5.05 3.28 10.32
N GLU B 42 -5.09 2.09 10.92
CA GLU B 42 -4.34 1.82 12.15
C GLU B 42 -2.88 1.52 11.84
N TRP B 43 -2.05 2.55 11.88
CA TRP B 43 -0.63 2.38 11.57
C TRP B 43 0.24 2.46 12.82
N THR B 44 1.18 1.52 12.94
CA THR B 44 2.10 1.49 14.07
C THR B 44 3.52 1.78 13.56
N TYR B 45 4.31 2.50 14.35
CA TYR B 45 5.66 2.85 13.94
C TYR B 45 6.71 2.15 14.81
N ASP B 46 7.82 1.75 14.16
CA ASP B 46 8.91 1.08 14.86
C ASP B 46 10.22 1.84 14.65
N ASP B 47 10.46 2.84 15.50
CA ASP B 47 11.66 3.67 15.41
C ASP B 47 12.92 2.82 15.24
N ALA B 48 12.96 1.68 15.94
CA ALA B 48 14.11 0.79 15.89
C ALA B 48 14.53 0.49 14.44
N THR B 49 13.57 0.45 13.53
CA THR B 49 13.87 0.17 12.13
C THR B 49 13.28 1.22 11.19
N LYS B 50 12.83 2.34 11.76
CA LYS B 50 12.23 3.41 10.96
C LYS B 50 11.20 2.84 9.99
N THR B 51 10.48 1.81 10.43
CA THR B 51 9.48 1.16 9.60
C THR B 51 8.08 1.30 10.20
N PHE B 52 7.10 1.52 9.34
CA PHE B 52 5.70 1.66 9.76
C PHE B 52 4.89 0.46 9.28
N THR B 53 3.92 0.03 10.07
CA THR B 53 3.07 -1.09 9.69
C THR B 53 1.60 -0.71 9.67
N VAL B 54 0.94 -1.01 8.56
CA VAL B 54 -0.48 -0.71 8.40
C VAL B 54 -1.30 -2.00 8.45
N THR B 55 -2.09 -2.16 9.51
CA THR B 55 -2.90 -3.36 9.68
C THR B 55 -4.37 -3.10 9.35
N GLU B 56 -4.87 -3.82 8.34
CA GLU B 56 -6.26 -3.66 7.91
C GLU B 56 -7.21 -3.87 9.09
N MET A 1 15.17 11.32 4.51
CA MET A 1 15.63 9.92 4.74
C MET A 1 14.70 8.91 4.08
N GLN A 2 15.17 7.68 3.94
CA GLN A 2 14.38 6.61 3.34
C GLN A 2 13.69 5.79 4.43
N TYR A 3 12.38 5.60 4.28
CA TYR A 3 11.61 4.84 5.26
C TYR A 3 10.86 3.71 4.59
N LYS A 4 10.77 2.56 5.27
CA LYS A 4 10.08 1.42 4.72
C LYS A 4 8.74 1.20 5.41
N VAL A 5 7.66 1.39 4.67
CA VAL A 5 6.32 1.22 5.21
C VAL A 5 5.80 -0.18 4.91
N ILE A 6 5.24 -0.83 5.93
CA ILE A 6 4.71 -2.17 5.79
C ILE A 6 3.20 -2.17 5.83
N LEU A 7 2.58 -2.74 4.80
CA LEU A 7 1.13 -2.79 4.72
C LEU A 7 0.64 -4.21 5.00
N ASN A 8 0.48 -4.52 6.29
CA ASN A 8 0.03 -5.84 6.73
C ASN A 8 -1.47 -5.91 6.93
N GLY A 9 -2.15 -6.62 6.03
CA GLY A 9 -3.60 -6.77 6.15
C GLY A 9 -4.00 -8.21 6.36
N LYS A 10 -5.29 -8.48 6.22
CA LYS A 10 -5.80 -9.84 6.40
C LYS A 10 -5.61 -10.63 5.12
N THR A 11 -6.12 -10.10 4.01
CA THR A 11 -6.02 -10.74 2.71
C THR A 11 -4.96 -10.09 1.85
N LEU A 12 -4.31 -9.06 2.39
CA LEU A 12 -3.27 -8.36 1.65
C LEU A 12 -2.07 -8.05 2.52
N LYS A 13 -0.88 -8.28 1.97
CA LYS A 13 0.36 -8.02 2.68
C LYS A 13 1.44 -7.53 1.71
N GLY A 14 2.31 -6.63 2.16
CA GLY A 14 3.34 -6.12 1.29
C GLY A 14 4.31 -5.19 1.99
N GLU A 15 5.24 -4.64 1.20
CA GLU A 15 6.24 -3.72 1.73
C GLU A 15 6.42 -2.53 0.79
N THR A 16 6.46 -1.33 1.36
CA THR A 16 6.61 -0.12 0.57
C THR A 16 7.65 0.82 1.20
N THR A 17 8.08 1.84 0.45
CA THR A 17 9.08 2.77 0.95
C THR A 17 8.84 4.21 0.48
N THR A 18 8.71 5.11 1.44
CA THR A 18 8.51 6.53 1.16
C THR A 18 9.74 7.32 1.57
N GLU A 19 10.06 8.38 0.84
CA GLU A 19 11.22 9.21 1.14
C GLU A 19 10.79 10.56 1.71
N ALA A 20 11.16 10.83 2.96
CA ALA A 20 10.78 12.07 3.60
C ALA A 20 11.85 12.57 4.56
N VAL A 21 11.90 13.88 4.75
CA VAL A 21 12.89 14.51 5.62
C VAL A 21 12.93 13.86 7.00
N ASP A 22 11.82 13.24 7.41
CA ASP A 22 11.77 12.57 8.71
C ASP A 22 10.68 11.51 8.73
N ALA A 23 10.61 10.76 9.82
CA ALA A 23 9.63 9.70 9.97
C ALA A 23 8.21 10.24 9.87
N ALA A 24 7.97 11.38 10.50
CA ALA A 24 6.64 11.99 10.46
C ALA A 24 6.30 12.38 9.03
N THR A 25 7.17 13.16 8.40
CA THR A 25 6.96 13.57 7.03
C THR A 25 6.64 12.35 6.18
N ALA A 26 7.42 11.30 6.39
CA ALA A 26 7.19 10.05 5.67
C ALA A 26 5.81 9.51 5.99
N GLU A 27 5.48 9.44 7.29
CA GLU A 27 4.19 8.95 7.73
C GLU A 27 3.07 9.75 7.07
N LYS A 28 3.21 11.07 7.06
CA LYS A 28 2.20 11.94 6.45
C LYS A 28 2.19 11.75 4.94
N VAL A 29 3.37 11.77 4.33
CA VAL A 29 3.47 11.56 2.89
C VAL A 29 2.80 10.25 2.52
N VAL A 30 3.04 9.23 3.34
CA VAL A 30 2.42 7.93 3.12
C VAL A 30 0.90 8.07 3.25
N LYS A 31 0.45 8.78 4.29
CA LYS A 31 -0.98 8.99 4.49
C LYS A 31 -1.63 9.45 3.20
N GLN A 32 -1.00 10.44 2.56
CA GLN A 32 -1.51 10.98 1.31
C GLN A 32 -1.59 9.87 0.26
N PHE A 33 -0.61 8.97 0.31
CA PHE A 33 -0.56 7.84 -0.61
C PHE A 33 -1.89 7.09 -0.60
N PHE A 34 -2.17 6.43 0.51
CA PHE A 34 -3.42 5.66 0.67
C PHE A 34 -4.62 6.59 0.63
N ASN A 35 -4.48 7.78 1.22
CA ASN A 35 -5.56 8.75 1.23
C ASN A 35 -6.09 8.97 -0.19
N ASP A 36 -5.15 8.98 -1.14
CA ASP A 36 -5.47 9.17 -2.55
C ASP A 36 -5.64 7.86 -3.30
N ASN A 37 -5.04 6.79 -2.79
CA ASN A 37 -5.15 5.47 -3.44
C ASN A 37 -6.49 4.84 -3.07
N GLY A 38 -6.81 4.93 -1.78
CA GLY A 38 -8.04 4.40 -1.22
C GLY A 38 -9.03 3.81 -2.21
N VAL A 39 -10.21 4.44 -2.28
CA VAL A 39 -11.30 3.94 -3.13
C VAL A 39 -11.21 4.33 -4.60
N ASP A 40 -11.12 5.62 -4.90
CA ASP A 40 -11.10 6.08 -6.28
C ASP A 40 -9.69 6.18 -6.87
N GLY A 41 -8.75 5.40 -6.35
CA GLY A 41 -7.40 5.45 -6.86
C GLY A 41 -7.32 4.93 -8.29
N GLU A 42 -6.35 5.44 -9.05
CA GLU A 42 -6.16 5.02 -10.44
C GLU A 42 -5.38 3.72 -10.49
N TRP A 43 -6.09 2.60 -10.56
CA TRP A 43 -5.46 1.28 -10.58
C TRP A 43 -5.40 0.69 -11.98
N THR A 44 -4.18 0.37 -12.43
CA THR A 44 -3.99 -0.26 -13.72
C THR A 44 -3.61 -1.72 -13.52
N TYR A 45 -4.15 -2.61 -14.34
CA TYR A 45 -3.88 -4.03 -14.20
C TYR A 45 -3.05 -4.58 -15.37
N ASP A 46 -2.12 -5.47 -15.05
CA ASP A 46 -1.26 -6.08 -16.05
C ASP A 46 -1.39 -7.60 -15.99
N ASP A 47 -2.44 -8.13 -16.61
CA ASP A 47 -2.67 -9.58 -16.62
C ASP A 47 -1.42 -10.35 -17.00
N ALA A 48 -0.65 -9.79 -17.92
CA ALA A 48 0.59 -10.42 -18.39
C ALA A 48 1.48 -10.84 -17.23
N THR A 49 1.44 -10.08 -16.14
CA THR A 49 2.26 -10.38 -14.97
C THR A 49 1.41 -10.58 -13.71
N LYS A 50 0.09 -10.70 -13.89
CA LYS A 50 -0.80 -10.90 -12.76
C LYS A 50 -0.52 -9.89 -11.65
N THR A 51 -0.16 -8.67 -12.05
CA THR A 51 0.16 -7.61 -11.10
C THR A 51 -0.62 -6.33 -11.40
N PHE A 52 -1.06 -5.67 -10.34
CA PHE A 52 -1.80 -4.42 -10.48
C PHE A 52 -0.93 -3.27 -9.99
N THR A 53 -1.07 -2.09 -10.61
CA THR A 53 -0.28 -0.95 -10.21
C THR A 53 -1.15 0.24 -9.81
N VAL A 54 -0.88 0.77 -8.63
CA VAL A 54 -1.59 1.92 -8.10
C VAL A 54 -0.67 3.14 -8.15
N THR A 55 -1.03 4.14 -8.96
CA THR A 55 -0.20 5.31 -9.10
C THR A 55 -0.84 6.55 -8.49
N GLU A 56 -0.14 7.18 -7.56
CA GLU A 56 -0.64 8.38 -6.89
C GLU A 56 -0.97 9.47 -7.91
N MET B 1 -6.07 -17.47 -6.03
CA MET B 1 -4.69 -17.32 -6.56
C MET B 1 -3.95 -16.19 -5.86
N GLN B 2 -2.63 -16.16 -6.03
CA GLN B 2 -1.79 -15.13 -5.44
C GLN B 2 -1.53 -14.02 -6.45
N TYR B 3 -1.78 -12.78 -6.04
CA TYR B 3 -1.57 -11.64 -6.93
C TYR B 3 -0.65 -10.61 -6.28
N LYS B 4 0.21 -10.00 -7.09
CA LYS B 4 1.14 -9.01 -6.59
C LYS B 4 0.72 -7.60 -6.99
N VAL B 5 0.33 -6.81 -6.00
CA VAL B 5 -0.10 -5.43 -6.26
C VAL B 5 1.07 -4.47 -6.05
N ILE B 6 1.24 -3.57 -7.01
CA ILE B 6 2.31 -2.59 -6.96
C ILE B 6 1.77 -1.19 -6.66
N LEU B 7 2.31 -0.57 -5.61
CA LEU B 7 1.88 0.77 -5.22
C LEU B 7 2.94 1.80 -5.61
N ASN B 8 2.87 2.25 -6.85
CA ASN B 8 3.83 3.23 -7.37
C ASN B 8 3.33 4.66 -7.24
N GLY B 9 3.93 5.42 -6.33
CA GLY B 9 3.55 6.80 -6.14
C GLY B 9 4.67 7.76 -6.47
N LYS B 10 4.50 9.02 -6.09
CA LYS B 10 5.51 10.02 -6.34
C LYS B 10 6.61 9.96 -5.28
N THR B 11 6.18 10.06 -4.02
CA THR B 11 7.09 10.02 -2.89
C THR B 11 7.07 8.65 -2.21
N LEU B 12 6.22 7.76 -2.70
CA LEU B 12 6.11 6.44 -2.12
C LEU B 12 6.05 5.36 -3.19
N LYS B 13 6.79 4.28 -2.96
CA LYS B 13 6.83 3.14 -3.88
C LYS B 13 6.98 1.84 -3.11
N GLY B 14 6.36 0.77 -3.61
CA GLY B 14 6.44 -0.51 -2.92
C GLY B 14 5.77 -1.64 -3.67
N GLU B 15 5.77 -2.81 -3.04
CA GLU B 15 5.16 -4.01 -3.63
C GLU B 15 4.34 -4.75 -2.58
N THR B 16 3.15 -5.18 -2.95
CA THR B 16 2.27 -5.89 -2.05
C THR B 16 1.64 -7.10 -2.74
N THR B 17 1.02 -7.99 -1.96
CA THR B 17 0.41 -9.19 -2.52
C THR B 17 -0.88 -9.60 -1.80
N THR B 18 -1.98 -9.68 -2.57
CA THR B 18 -3.28 -10.08 -2.03
C THR B 18 -3.65 -11.45 -2.59
N GLU B 19 -4.34 -12.25 -1.79
CA GLU B 19 -4.77 -13.58 -2.22
C GLU B 19 -6.27 -13.61 -2.46
N ALA B 20 -6.66 -13.86 -3.71
CA ALA B 20 -8.08 -13.91 -4.05
C ALA B 20 -8.37 -14.93 -5.14
N VAL B 21 -9.59 -15.45 -5.13
CA VAL B 21 -10.03 -16.45 -6.10
C VAL B 21 -9.72 -16.03 -7.54
N ASP B 22 -9.64 -14.73 -7.77
CA ASP B 22 -9.33 -14.22 -9.11
C ASP B 22 -8.74 -12.82 -9.05
N ALA B 23 -8.34 -12.30 -10.20
CA ALA B 23 -7.74 -10.97 -10.27
C ALA B 23 -8.70 -9.90 -9.79
N ALA B 24 -9.96 -10.02 -10.17
CA ALA B 24 -10.97 -9.06 -9.75
C ALA B 24 -11.13 -9.10 -8.23
N THR B 25 -11.40 -10.30 -7.71
CA THR B 25 -11.53 -10.48 -6.27
C THR B 25 -10.35 -9.84 -5.57
N ALA B 26 -9.16 -10.12 -6.09
CA ALA B 26 -7.94 -9.55 -5.56
C ALA B 26 -8.01 -8.03 -5.63
N GLU B 27 -8.33 -7.51 -6.82
CA GLU B 27 -8.44 -6.08 -7.01
C GLU B 27 -9.41 -5.46 -6.02
N LYS B 28 -10.56 -6.09 -5.84
CA LYS B 28 -11.56 -5.61 -4.89
C LYS B 28 -11.05 -5.75 -3.47
N VAL B 29 -10.53 -6.93 -3.13
CA VAL B 29 -9.99 -7.15 -1.80
C VAL B 29 -8.94 -6.09 -1.50
N VAL B 30 -8.11 -5.79 -2.50
CA VAL B 30 -7.08 -4.77 -2.34
C VAL B 30 -7.77 -3.43 -2.11
N LYS B 31 -8.80 -3.13 -2.90
CA LYS B 31 -9.53 -1.87 -2.74
C LYS B 31 -9.90 -1.65 -1.28
N GLN B 32 -10.43 -2.70 -0.66
CA GLN B 32 -10.82 -2.63 0.74
C GLN B 32 -9.60 -2.29 1.60
N PHE B 33 -8.45 -2.83 1.20
CA PHE B 33 -7.20 -2.59 1.89
C PHE B 33 -6.98 -1.08 2.09
N PHE B 34 -6.72 -0.40 0.97
CA PHE B 34 -6.49 1.04 0.98
C PHE B 34 -7.75 1.78 1.42
N ASN B 35 -8.91 1.29 1.01
CA ASN B 35 -10.17 1.91 1.39
C ASN B 35 -10.23 2.08 2.91
N ASP B 36 -9.71 1.08 3.61
CA ASP B 36 -9.69 1.08 5.07
C ASP B 36 -8.37 1.63 5.63
N ASN B 37 -7.29 1.57 4.84
CA ASN B 37 -6.00 2.07 5.30
C ASN B 37 -5.97 3.59 5.15
N GLY B 38 -6.45 4.04 3.99
CA GLY B 38 -6.52 5.45 3.65
C GLY B 38 -6.11 6.43 4.73
N VAL B 39 -7.06 7.26 5.16
CA VAL B 39 -6.79 8.31 6.14
C VAL B 39 -6.79 7.85 7.60
N ASP B 40 -7.87 7.24 8.06
CA ASP B 40 -7.96 6.83 9.46
C ASP B 40 -7.44 5.42 9.72
N GLY B 41 -6.52 4.95 8.89
CA GLY B 41 -5.97 3.62 9.09
C GLY B 41 -5.17 3.51 10.37
N GLU B 42 -5.12 2.32 10.97
CA GLU B 42 -4.37 2.10 12.19
C GLU B 42 -2.90 1.88 11.86
N TRP B 43 -2.11 2.95 11.93
CA TRP B 43 -0.69 2.88 11.60
C TRP B 43 0.20 2.83 12.85
N THR B 44 1.00 1.79 12.96
CA THR B 44 1.93 1.65 14.07
C THR B 44 3.35 1.90 13.56
N TYR B 45 4.15 2.61 14.34
CA TYR B 45 5.52 2.93 13.93
C TYR B 45 6.56 2.20 14.79
N ASP B 46 7.62 1.74 14.14
CA ASP B 46 8.70 1.05 14.82
C ASP B 46 10.03 1.75 14.56
N ASP B 47 10.30 2.82 15.30
CA ASP B 47 11.52 3.59 15.14
C ASP B 47 12.76 2.68 15.12
N ALA B 48 12.72 1.62 15.92
CA ALA B 48 13.83 0.68 15.99
C ALA B 48 14.25 0.19 14.61
N THR B 49 13.30 0.11 13.69
CA THR B 49 13.59 -0.35 12.33
C THR B 49 13.20 0.69 11.28
N LYS B 50 12.90 1.91 11.72
CA LYS B 50 12.51 2.98 10.80
C LYS B 50 11.44 2.49 9.83
N THR B 51 10.54 1.64 10.32
CA THR B 51 9.48 1.09 9.50
C THR B 51 8.11 1.26 10.15
N PHE B 52 7.11 1.58 9.33
CA PHE B 52 5.75 1.75 9.81
C PHE B 52 4.89 0.58 9.33
N THR B 53 3.92 0.17 10.14
CA THR B 53 3.05 -0.93 9.75
C THR B 53 1.58 -0.53 9.74
N VAL B 54 0.93 -0.81 8.62
CA VAL B 54 -0.49 -0.53 8.44
C VAL B 54 -1.26 -1.83 8.47
N THR B 55 -2.11 -2.00 9.48
CA THR B 55 -2.87 -3.24 9.60
C THR B 55 -4.36 -3.02 9.36
N GLU B 56 -4.90 -3.77 8.40
CA GLU B 56 -6.31 -3.68 8.05
C GLU B 56 -7.19 -3.94 9.27
N MET A 1 15.28 11.25 4.85
CA MET A 1 15.70 9.83 4.99
C MET A 1 14.73 8.91 4.25
N GLN A 2 15.16 7.67 4.01
CA GLN A 2 14.32 6.69 3.34
C GLN A 2 13.66 5.80 4.39
N TYR A 3 12.37 5.53 4.22
CA TYR A 3 11.65 4.71 5.18
C TYR A 3 10.92 3.57 4.46
N LYS A 4 10.85 2.42 5.13
CA LYS A 4 10.17 1.26 4.58
C LYS A 4 8.88 1.00 5.33
N VAL A 5 7.76 1.27 4.68
CA VAL A 5 6.46 1.06 5.30
C VAL A 5 5.89 -0.30 4.92
N ILE A 6 5.38 -1.00 5.93
CA ILE A 6 4.81 -2.32 5.72
C ILE A 6 3.28 -2.25 5.82
N LEU A 7 2.61 -2.80 4.81
CA LEU A 7 1.16 -2.77 4.77
C LEU A 7 0.58 -4.14 5.09
N ASN A 8 0.25 -4.37 6.36
CA ASN A 8 -0.31 -5.64 6.81
C ASN A 8 -1.82 -5.58 6.93
N GLY A 9 -2.52 -6.19 5.98
CA GLY A 9 -3.97 -6.18 6.01
C GLY A 9 -4.55 -7.54 6.34
N LYS A 10 -5.86 -7.67 6.18
CA LYS A 10 -6.54 -8.92 6.46
C LYS A 10 -6.18 -9.99 5.44
N THR A 11 -6.34 -9.66 4.16
CA THR A 11 -6.06 -10.59 3.08
C THR A 11 -5.01 -10.02 2.14
N LEU A 12 -4.28 -9.02 2.61
CA LEU A 12 -3.25 -8.39 1.79
C LEU A 12 -2.03 -8.05 2.63
N LYS A 13 -0.86 -8.26 2.04
CA LYS A 13 0.40 -7.96 2.72
C LYS A 13 1.44 -7.46 1.73
N GLY A 14 2.32 -6.58 2.17
CA GLY A 14 3.33 -6.04 1.29
C GLY A 14 4.34 -5.14 1.98
N GLU A 15 5.21 -4.54 1.18
CA GLU A 15 6.22 -3.64 1.70
C GLU A 15 6.42 -2.46 0.74
N THR A 16 6.46 -1.27 1.31
CA THR A 16 6.63 -0.06 0.52
C THR A 16 7.69 0.87 1.15
N THR A 17 8.12 1.89 0.40
CA THR A 17 9.13 2.81 0.89
C THR A 17 8.90 4.25 0.44
N THR A 18 8.72 5.14 1.42
CA THR A 18 8.52 6.57 1.15
C THR A 18 9.75 7.36 1.58
N GLU A 19 10.08 8.40 0.83
CA GLU A 19 11.24 9.24 1.13
C GLU A 19 10.80 10.56 1.74
N ALA A 20 11.18 10.81 3.00
CA ALA A 20 10.80 12.05 3.67
C ALA A 20 11.86 12.49 4.68
N VAL A 21 11.92 13.81 4.88
CA VAL A 21 12.90 14.41 5.79
C VAL A 21 12.90 13.74 7.16
N ASP A 22 11.78 13.14 7.54
CA ASP A 22 11.69 12.46 8.83
C ASP A 22 10.58 11.42 8.83
N ALA A 23 10.48 10.67 9.92
CA ALA A 23 9.46 9.63 10.04
C ALA A 23 8.06 10.20 9.92
N ALA A 24 7.84 11.34 10.57
CA ALA A 24 6.54 11.99 10.53
C ALA A 24 6.22 12.41 9.11
N THR A 25 7.12 13.16 8.49
CA THR A 25 6.93 13.59 7.12
C THR A 25 6.62 12.39 6.25
N ALA A 26 7.39 11.31 6.44
CA ALA A 26 7.16 10.08 5.70
C ALA A 26 5.76 9.58 5.99
N GLU A 27 5.45 9.46 7.29
CA GLU A 27 4.13 9.01 7.73
C GLU A 27 3.04 9.83 7.06
N LYS A 28 3.21 11.15 7.08
CA LYS A 28 2.24 12.06 6.47
C LYS A 28 2.19 11.84 4.96
N VAL A 29 3.37 11.75 4.35
CA VAL A 29 3.45 11.53 2.91
C VAL A 29 2.73 10.23 2.54
N VAL A 30 2.91 9.21 3.35
CA VAL A 30 2.26 7.93 3.11
C VAL A 30 0.75 8.13 3.15
N LYS A 31 0.28 8.88 4.16
CA LYS A 31 -1.16 9.15 4.30
C LYS A 31 -1.74 9.57 2.95
N GLN A 32 -1.07 10.54 2.32
CA GLN A 32 -1.49 11.02 1.02
C GLN A 32 -1.50 9.87 0.02
N PHE A 33 -0.54 8.96 0.17
CA PHE A 33 -0.42 7.80 -0.70
C PHE A 33 -1.74 7.01 -0.72
N PHE A 34 -2.11 6.49 0.44
CA PHE A 34 -3.35 5.73 0.59
C PHE A 34 -4.56 6.63 0.46
N ASN A 35 -4.46 7.83 1.00
CA ASN A 35 -5.54 8.80 0.92
C ASN A 35 -5.99 8.95 -0.53
N ASP A 36 -5.01 8.92 -1.42
CA ASP A 36 -5.25 9.05 -2.86
C ASP A 36 -5.39 7.70 -3.56
N ASN A 37 -4.83 6.64 -2.97
CA ASN A 37 -4.93 5.31 -3.58
C ASN A 37 -6.28 4.68 -3.23
N GLY A 38 -6.63 4.75 -1.95
CA GLY A 38 -7.88 4.21 -1.44
C GLY A 38 -8.85 3.70 -2.49
N VAL A 39 -9.99 4.36 -2.58
CA VAL A 39 -11.05 3.94 -3.49
C VAL A 39 -11.28 4.88 -4.67
N ASP A 40 -10.45 5.90 -4.83
CA ASP A 40 -10.62 6.83 -5.94
C ASP A 40 -9.36 6.96 -6.78
N GLY A 41 -8.40 6.06 -6.57
CA GLY A 41 -7.14 6.11 -7.32
C GLY A 41 -7.25 5.46 -8.69
N GLU A 42 -6.17 5.57 -9.47
CA GLU A 42 -6.12 4.97 -10.81
C GLU A 42 -5.36 3.66 -10.76
N TRP A 43 -6.08 2.55 -10.79
CA TRP A 43 -5.48 1.23 -10.72
C TRP A 43 -5.28 0.59 -12.10
N THR A 44 -4.03 0.34 -12.44
CA THR A 44 -3.70 -0.31 -13.71
C THR A 44 -3.37 -1.78 -13.47
N TYR A 45 -3.95 -2.66 -14.28
CA TYR A 45 -3.73 -4.09 -14.13
C TYR A 45 -2.79 -4.64 -15.19
N ASP A 46 -1.90 -5.55 -14.78
CA ASP A 46 -0.94 -6.17 -15.70
C ASP A 46 -1.08 -7.69 -15.70
N ASP A 47 -2.06 -8.18 -16.44
CA ASP A 47 -2.32 -9.62 -16.52
C ASP A 47 -1.04 -10.40 -16.82
N ALA A 48 -0.18 -9.83 -17.65
CA ALA A 48 1.07 -10.47 -18.03
C ALA A 48 1.86 -10.97 -16.81
N THR A 49 1.74 -10.27 -15.70
CA THR A 49 2.45 -10.65 -14.48
C THR A 49 1.51 -10.76 -13.27
N LYS A 50 0.20 -10.75 -13.52
CA LYS A 50 -0.77 -10.85 -12.43
C LYS A 50 -0.51 -9.76 -11.39
N THR A 51 -0.02 -8.62 -11.85
CA THR A 51 0.30 -7.51 -10.96
C THR A 51 -0.66 -6.34 -11.19
N PHE A 52 -0.85 -5.51 -10.16
CA PHE A 52 -1.73 -4.37 -10.27
C PHE A 52 -1.06 -3.08 -9.80
N THR A 53 -0.50 -2.35 -10.75
CA THR A 53 0.15 -1.08 -10.46
C THR A 53 -0.86 0.00 -10.13
N VAL A 54 -0.66 0.65 -9.00
CA VAL A 54 -1.56 1.71 -8.54
C VAL A 54 -0.82 3.04 -8.45
N THR A 55 -1.28 4.02 -9.22
CA THR A 55 -0.68 5.34 -9.22
C THR A 55 -1.53 6.31 -8.43
N GLU A 56 -1.00 6.79 -7.30
CA GLU A 56 -1.76 7.70 -6.44
C GLU A 56 -2.35 8.85 -7.24
N MET B 1 -6.06 -17.49 -6.38
CA MET B 1 -4.64 -17.31 -6.84
C MET B 1 -3.97 -16.19 -6.05
N GLN B 2 -2.65 -16.15 -6.10
CA GLN B 2 -1.88 -15.11 -5.42
C GLN B 2 -1.54 -14.01 -6.41
N TYR B 3 -1.71 -12.76 -6.00
CA TYR B 3 -1.41 -11.64 -6.87
C TYR B 3 -0.48 -10.64 -6.21
N LYS B 4 0.39 -10.04 -7.01
CA LYS B 4 1.35 -9.06 -6.50
C LYS B 4 0.97 -7.65 -6.97
N VAL B 5 0.48 -6.85 -6.05
CA VAL B 5 0.07 -5.48 -6.38
C VAL B 5 1.21 -4.50 -6.11
N ILE B 6 1.45 -3.62 -7.07
CA ILE B 6 2.49 -2.62 -6.94
C ILE B 6 1.89 -1.25 -6.68
N LEU B 7 2.38 -0.58 -5.65
CA LEU B 7 1.85 0.73 -5.27
C LEU B 7 2.84 1.83 -5.66
N ASN B 8 2.64 2.41 -6.85
CA ASN B 8 3.51 3.47 -7.34
C ASN B 8 2.90 4.85 -7.11
N GLY B 9 3.42 5.58 -6.13
CA GLY B 9 2.90 6.90 -5.85
C GLY B 9 3.87 8.00 -6.22
N LYS B 10 3.57 9.22 -5.80
CA LYS B 10 4.42 10.36 -6.12
C LYS B 10 5.74 10.28 -5.36
N THR B 11 5.67 10.11 -4.05
CA THR B 11 6.86 10.04 -3.21
C THR B 11 6.92 8.73 -2.46
N LEU B 12 6.16 7.75 -2.91
CA LEU B 12 6.11 6.45 -2.26
C LEU B 12 6.04 5.33 -3.29
N LYS B 13 6.76 4.25 -3.02
CA LYS B 13 6.79 3.10 -3.91
C LYS B 13 6.91 1.81 -3.11
N GLY B 14 6.30 0.73 -3.61
CA GLY B 14 6.38 -0.52 -2.91
C GLY B 14 5.74 -1.67 -3.66
N GLU B 15 5.67 -2.83 -2.99
CA GLU B 15 5.08 -4.02 -3.58
C GLU B 15 4.30 -4.79 -2.53
N THR B 16 3.09 -5.20 -2.90
CA THR B 16 2.23 -5.95 -1.99
C THR B 16 1.61 -7.16 -2.69
N THR B 17 1.00 -8.05 -1.91
CA THR B 17 0.40 -9.26 -2.49
C THR B 17 -0.89 -9.67 -1.77
N THR B 18 -1.99 -9.70 -2.54
CA THR B 18 -3.30 -10.09 -2.03
C THR B 18 -3.68 -11.46 -2.58
N GLU B 19 -4.35 -12.28 -1.78
CA GLU B 19 -4.78 -13.60 -2.21
C GLU B 19 -6.28 -13.62 -2.50
N ALA B 20 -6.65 -13.87 -3.75
CA ALA B 20 -8.06 -13.89 -4.13
C ALA B 20 -8.32 -14.89 -5.27
N VAL B 21 -9.55 -15.41 -5.28
CA VAL B 21 -9.97 -16.39 -6.28
C VAL B 21 -9.66 -15.94 -7.71
N ASP B 22 -9.59 -14.63 -7.90
CA ASP B 22 -9.28 -14.08 -9.23
C ASP B 22 -8.72 -12.68 -9.14
N ALA B 23 -8.32 -12.13 -10.28
CA ALA B 23 -7.75 -10.78 -10.32
C ALA B 23 -8.73 -9.75 -9.82
N ALA B 24 -9.99 -9.89 -10.23
CA ALA B 24 -11.03 -8.96 -9.79
C ALA B 24 -11.19 -9.04 -8.27
N THR B 25 -11.44 -10.24 -7.77
CA THR B 25 -11.58 -10.45 -6.34
C THR B 25 -10.40 -9.83 -5.63
N ALA B 26 -9.20 -10.09 -6.14
CA ALA B 26 -7.99 -9.52 -5.56
C ALA B 26 -8.08 -8.01 -5.61
N GLU B 27 -8.37 -7.47 -6.80
CA GLU B 27 -8.51 -6.04 -7.00
C GLU B 27 -9.49 -5.47 -5.99
N LYS B 28 -10.63 -6.12 -5.84
CA LYS B 28 -11.66 -5.68 -4.90
C LYS B 28 -11.14 -5.78 -3.47
N VAL B 29 -10.51 -6.90 -3.15
CA VAL B 29 -9.96 -7.11 -1.83
C VAL B 29 -8.95 -6.03 -1.50
N VAL B 30 -8.13 -5.67 -2.48
CA VAL B 30 -7.15 -4.62 -2.30
C VAL B 30 -7.86 -3.32 -1.97
N LYS B 31 -8.93 -3.02 -2.72
CA LYS B 31 -9.70 -1.80 -2.48
C LYS B 31 -9.98 -1.64 -1.01
N GLN B 32 -10.49 -2.70 -0.40
CA GLN B 32 -10.78 -2.71 1.03
C GLN B 32 -9.51 -2.41 1.82
N PHE B 33 -8.39 -2.91 1.32
CA PHE B 33 -7.09 -2.71 1.95
C PHE B 33 -6.83 -1.22 2.15
N PHE B 34 -6.75 -0.50 1.02
CA PHE B 34 -6.51 0.95 1.05
C PHE B 34 -7.73 1.68 1.59
N ASN B 35 -8.90 1.22 1.22
CA ASN B 35 -10.14 1.81 1.69
C ASN B 35 -10.11 1.94 3.21
N ASP B 36 -9.54 0.92 3.85
CA ASP B 36 -9.43 0.89 5.30
C ASP B 36 -8.09 1.42 5.80
N ASN B 37 -7.05 1.41 4.95
CA ASN B 37 -5.75 1.92 5.35
C ASN B 37 -5.71 3.43 5.23
N GLY B 38 -6.18 3.92 4.09
CA GLY B 38 -6.24 5.34 3.79
C GLY B 38 -5.87 6.26 4.94
N VAL B 39 -6.85 7.04 5.38
CA VAL B 39 -6.63 8.03 6.43
C VAL B 39 -7.30 7.70 7.77
N ASP B 40 -7.91 6.52 7.88
CA ASP B 40 -8.57 6.16 9.13
C ASP B 40 -8.06 4.83 9.68
N GLY B 41 -6.96 4.33 9.12
CA GLY B 41 -6.40 3.06 9.57
C GLY B 41 -5.54 3.20 10.82
N GLU B 42 -5.08 2.06 11.34
CA GLU B 42 -4.23 2.03 12.53
C GLU B 42 -2.77 1.85 12.12
N TRP B 43 -2.01 2.93 12.14
CA TRP B 43 -0.61 2.90 11.73
C TRP B 43 0.34 2.75 12.93
N THR B 44 1.10 1.65 12.93
CA THR B 44 2.07 1.40 13.98
C THR B 44 3.48 1.72 13.45
N TYR B 45 4.26 2.44 14.23
CA TYR B 45 5.61 2.83 13.82
C TYR B 45 6.68 2.01 14.55
N ASP B 46 7.72 1.62 13.82
CA ASP B 46 8.81 0.84 14.40
C ASP B 46 10.15 1.56 14.19
N ASP B 47 10.43 2.52 15.05
CA ASP B 47 11.67 3.29 14.96
C ASP B 47 12.89 2.39 14.85
N ALA B 48 12.85 1.25 15.54
CA ALA B 48 13.95 0.29 15.52
C ALA B 48 14.41 -0.04 14.11
N THR B 49 13.47 -0.03 13.16
CA THR B 49 13.80 -0.34 11.77
C THR B 49 13.30 0.73 10.80
N LYS B 50 12.90 1.88 11.34
CA LYS B 50 12.41 2.97 10.50
C LYS B 50 11.27 2.48 9.60
N THR B 51 10.51 1.53 10.11
CA THR B 51 9.40 0.94 9.35
C THR B 51 8.06 1.33 9.96
N PHE B 52 7.00 1.34 9.13
CA PHE B 52 5.68 1.69 9.61
C PHE B 52 4.63 0.66 9.21
N THR B 53 4.38 -0.28 10.11
CA THR B 53 3.38 -1.31 9.87
C THR B 53 1.97 -0.74 9.95
N VAL B 54 1.19 -1.01 8.90
CA VAL B 54 -0.19 -0.54 8.83
C VAL B 54 -1.16 -1.69 8.78
N THR B 55 -2.04 -1.77 9.78
CA THR B 55 -3.03 -2.83 9.85
C THR B 55 -4.39 -2.30 9.41
N GLU B 56 -4.90 -2.80 8.28
CA GLU B 56 -6.18 -2.33 7.76
C GLU B 56 -7.26 -2.35 8.85
N MET A 1 15.17 11.52 3.60
CA MET A 1 15.45 10.22 4.25
C MET A 1 14.57 9.12 3.68
N GLN A 2 15.05 7.89 3.72
CA GLN A 2 14.31 6.75 3.20
C GLN A 2 13.70 5.92 4.34
N TYR A 3 12.41 5.64 4.25
CA TYR A 3 11.71 4.86 5.26
C TYR A 3 11.03 3.65 4.63
N LYS A 4 10.94 2.56 5.39
CA LYS A 4 10.32 1.35 4.89
C LYS A 4 8.95 1.14 5.52
N VAL A 5 7.90 1.39 4.75
CA VAL A 5 6.55 1.24 5.24
C VAL A 5 6.00 -0.13 4.86
N ILE A 6 5.46 -0.83 5.85
CA ILE A 6 4.89 -2.16 5.62
C ILE A 6 3.39 -2.13 5.76
N LEU A 7 2.70 -2.72 4.78
CA LEU A 7 1.24 -2.76 4.77
C LEU A 7 0.75 -4.17 5.07
N ASN A 8 0.49 -4.44 6.35
CA ASN A 8 0.04 -5.77 6.76
C ASN A 8 -1.48 -5.84 6.89
N GLY A 9 -2.12 -6.52 5.95
CA GLY A 9 -3.56 -6.66 6.00
C GLY A 9 -3.99 -8.07 6.29
N LYS A 10 -5.30 -8.31 6.25
CA LYS A 10 -5.83 -9.63 6.50
C LYS A 10 -5.66 -10.49 5.24
N THR A 11 -6.17 -9.99 4.13
CA THR A 11 -6.10 -10.67 2.85
C THR A 11 -5.02 -10.05 1.96
N LEU A 12 -4.32 -9.05 2.47
CA LEU A 12 -3.28 -8.38 1.71
C LEU A 12 -2.05 -8.13 2.56
N LYS A 13 -0.88 -8.34 1.96
CA LYS A 13 0.39 -8.13 2.64
C LYS A 13 1.44 -7.61 1.67
N GLY A 14 2.29 -6.69 2.14
CA GLY A 14 3.31 -6.14 1.28
C GLY A 14 4.26 -5.19 1.98
N GLU A 15 5.13 -4.56 1.20
CA GLU A 15 6.11 -3.61 1.74
C GLU A 15 6.23 -2.41 0.79
N THR A 16 6.56 -1.25 1.36
CA THR A 16 6.70 -0.04 0.57
C THR A 16 7.72 0.91 1.20
N THR A 17 8.14 1.94 0.45
CA THR A 17 9.11 2.90 0.96
C THR A 17 8.85 4.33 0.48
N THR A 18 8.67 5.23 1.44
CA THR A 18 8.43 6.64 1.15
C THR A 18 9.65 7.46 1.57
N GLU A 19 9.96 8.52 0.82
CA GLU A 19 11.11 9.37 1.12
C GLU A 19 10.65 10.70 1.72
N ALA A 20 11.06 10.96 2.96
CA ALA A 20 10.68 12.20 3.63
C ALA A 20 11.75 12.67 4.62
N VAL A 21 11.81 13.98 4.83
CA VAL A 21 12.79 14.58 5.73
C VAL A 21 12.78 13.91 7.10
N ASP A 22 11.65 13.33 7.48
CA ASP A 22 11.54 12.65 8.76
C ASP A 22 10.45 11.58 8.73
N ALA A 23 10.35 10.81 9.82
CA ALA A 23 9.36 9.75 9.91
C ALA A 23 7.95 10.31 9.78
N ALA A 24 7.70 11.44 10.42
CA ALA A 24 6.39 12.07 10.36
C ALA A 24 6.09 12.47 8.93
N THR A 25 6.97 13.27 8.33
CA THR A 25 6.80 13.68 6.95
C THR A 25 6.54 12.46 6.09
N ALA A 26 7.34 11.41 6.33
CA ALA A 26 7.17 10.17 5.60
C ALA A 26 5.77 9.62 5.86
N GLU A 27 5.43 9.49 7.15
CA GLU A 27 4.13 8.99 7.54
C GLU A 27 3.01 9.78 6.85
N LYS A 28 3.14 11.10 6.88
CA LYS A 28 2.15 11.97 6.25
C LYS A 28 2.13 11.72 4.74
N VAL A 29 3.31 11.61 4.16
CA VAL A 29 3.42 11.36 2.73
C VAL A 29 2.76 10.04 2.37
N VAL A 30 2.94 9.06 3.25
CA VAL A 30 2.32 7.76 3.04
C VAL A 30 0.82 7.89 3.16
N LYS A 31 0.36 8.54 4.24
CA LYS A 31 -1.07 8.77 4.44
C LYS A 31 -1.70 9.30 3.16
N GLN A 32 -1.03 10.28 2.58
CA GLN A 32 -1.51 10.87 1.34
C GLN A 32 -1.57 9.82 0.25
N PHE A 33 -0.61 8.89 0.29
CA PHE A 33 -0.55 7.80 -0.67
C PHE A 33 -1.86 7.02 -0.68
N PHE A 34 -2.19 6.44 0.48
CA PHE A 34 -3.42 5.66 0.62
C PHE A 34 -4.64 6.59 0.56
N ASN A 35 -4.53 7.74 1.21
CA ASN A 35 -5.60 8.72 1.20
C ASN A 35 -6.06 8.97 -0.23
N ASP A 36 -5.10 8.96 -1.14
CA ASP A 36 -5.35 9.18 -2.56
C ASP A 36 -5.52 7.86 -3.33
N ASN A 37 -4.97 6.77 -2.82
CA ASN A 37 -5.11 5.48 -3.50
C ASN A 37 -6.45 4.85 -3.16
N GLY A 38 -6.78 4.88 -1.87
CA GLY A 38 -8.02 4.34 -1.35
C GLY A 38 -9.04 3.87 -2.38
N VAL A 39 -10.17 4.57 -2.41
CA VAL A 39 -11.28 4.19 -3.28
C VAL A 39 -11.16 4.68 -4.73
N ASP A 40 -11.01 5.97 -4.94
CA ASP A 40 -10.96 6.51 -6.31
C ASP A 40 -9.55 6.57 -6.89
N GLY A 41 -8.66 5.71 -6.44
CA GLY A 41 -7.31 5.71 -6.96
C GLY A 41 -7.26 5.17 -8.39
N GLU A 42 -6.17 5.43 -9.10
CA GLU A 42 -6.02 4.97 -10.48
C GLU A 42 -5.32 3.62 -10.50
N TRP A 43 -6.10 2.54 -10.58
CA TRP A 43 -5.55 1.19 -10.57
C TRP A 43 -5.41 0.61 -11.97
N THR A 44 -4.17 0.30 -12.34
CA THR A 44 -3.88 -0.31 -13.64
C THR A 44 -3.51 -1.77 -13.45
N TYR A 45 -4.04 -2.64 -14.30
CA TYR A 45 -3.76 -4.07 -14.19
C TYR A 45 -2.87 -4.55 -15.34
N ASP A 46 -1.95 -5.46 -15.01
CA ASP A 46 -1.03 -6.01 -16.00
C ASP A 46 -1.13 -7.53 -16.06
N ASP A 47 -2.10 -8.02 -16.83
CA ASP A 47 -2.32 -9.46 -16.98
C ASP A 47 -1.01 -10.20 -17.25
N ALA A 48 -0.14 -9.56 -18.03
CA ALA A 48 1.15 -10.15 -18.39
C ALA A 48 1.90 -10.67 -17.16
N THR A 49 1.77 -9.97 -16.04
CA THR A 49 2.45 -10.38 -14.81
C THR A 49 1.47 -10.46 -13.63
N LYS A 50 0.17 -10.43 -13.93
CA LYS A 50 -0.85 -10.50 -12.88
C LYS A 50 -0.53 -9.54 -11.75
N THR A 51 -0.04 -8.35 -12.11
CA THR A 51 0.32 -7.33 -11.13
C THR A 51 -0.60 -6.13 -11.24
N PHE A 52 -0.86 -5.47 -10.11
CA PHE A 52 -1.72 -4.30 -10.08
C PHE A 52 -0.97 -3.04 -9.64
N THR A 53 -0.53 -2.28 -10.64
CA THR A 53 0.19 -1.04 -10.40
C THR A 53 -0.76 0.09 -10.01
N VAL A 54 -0.52 0.65 -8.83
CA VAL A 54 -1.34 1.74 -8.32
C VAL A 54 -0.54 3.04 -8.32
N THR A 55 -0.92 3.95 -9.23
CA THR A 55 -0.23 5.23 -9.34
C THR A 55 -1.03 6.34 -8.66
N GLU A 56 -0.44 6.96 -7.64
CA GLU A 56 -1.13 8.03 -6.91
C GLU A 56 -1.77 9.03 -7.86
N MET B 1 -6.05 -17.70 -5.12
CA MET B 1 -4.91 -17.35 -6.01
C MET B 1 -4.09 -16.21 -5.42
N GLN B 2 -2.81 -16.17 -5.77
CA GLN B 2 -1.91 -15.13 -5.27
C GLN B 2 -1.63 -14.09 -6.34
N TYR B 3 -1.80 -12.82 -6.01
CA TYR B 3 -1.56 -11.73 -6.95
C TYR B 3 -0.54 -10.75 -6.38
N LYS B 4 0.24 -10.14 -7.25
CA LYS B 4 1.25 -9.18 -6.82
C LYS B 4 0.82 -7.75 -7.15
N VAL B 5 0.40 -7.01 -6.13
CA VAL B 5 -0.04 -5.64 -6.32
C VAL B 5 1.10 -4.68 -6.05
N ILE B 6 1.34 -3.77 -6.98
CA ILE B 6 2.39 -2.78 -6.84
C ILE B 6 1.81 -1.39 -6.62
N LEU B 7 2.34 -0.70 -5.62
CA LEU B 7 1.87 0.65 -5.29
C LEU B 7 2.92 1.68 -5.68
N ASN B 8 2.80 2.22 -6.89
CA ASN B 8 3.75 3.20 -7.39
C ASN B 8 3.26 4.64 -7.19
N GLY B 9 3.87 5.34 -6.25
CA GLY B 9 3.48 6.71 -5.99
C GLY B 9 4.57 7.69 -6.38
N LYS B 10 4.34 8.96 -6.09
CA LYS B 10 5.31 9.99 -6.40
C LYS B 10 6.43 9.98 -5.37
N THR B 11 6.03 10.08 -4.11
CA THR B 11 6.97 10.08 -3.00
C THR B 11 6.98 8.73 -2.29
N LEU B 12 6.19 7.78 -2.79
CA LEU B 12 6.12 6.46 -2.18
C LEU B 12 6.13 5.37 -3.24
N LYS B 13 6.86 4.30 -2.95
CA LYS B 13 6.96 3.16 -3.87
C LYS B 13 7.05 1.85 -3.09
N GLY B 14 6.41 0.81 -3.59
CA GLY B 14 6.45 -0.47 -2.90
C GLY B 14 5.76 -1.59 -3.65
N GLU B 15 5.66 -2.75 -3.01
CA GLU B 15 5.01 -3.91 -3.59
C GLU B 15 4.18 -4.64 -2.53
N THR B 16 3.12 -5.29 -2.96
CA THR B 16 2.23 -6.01 -2.06
C THR B 16 1.56 -7.20 -2.75
N THR B 17 0.95 -8.08 -1.96
CA THR B 17 0.30 -9.27 -2.53
C THR B 17 -0.99 -9.66 -1.79
N THR B 18 -2.09 -9.69 -2.53
CA THR B 18 -3.40 -10.06 -1.99
C THR B 18 -3.82 -11.42 -2.54
N GLU B 19 -4.51 -12.21 -1.73
CA GLU B 19 -4.95 -13.54 -2.16
C GLU B 19 -6.45 -13.54 -2.42
N ALA B 20 -6.83 -13.83 -3.67
CA ALA B 20 -8.24 -13.86 -4.03
C ALA B 20 -8.52 -14.86 -5.16
N VAL B 21 -9.74 -15.39 -5.17
CA VAL B 21 -10.15 -16.37 -6.17
C VAL B 21 -9.85 -15.90 -7.60
N ASP B 22 -9.79 -14.59 -7.79
CA ASP B 22 -9.50 -14.03 -9.11
C ASP B 22 -8.89 -12.64 -9.00
N ALA B 23 -8.47 -12.09 -10.13
CA ALA B 23 -7.87 -10.76 -10.16
C ALA B 23 -8.83 -9.71 -9.63
N ALA B 24 -10.09 -9.82 -10.03
CA ALA B 24 -11.11 -8.87 -9.58
C ALA B 24 -11.26 -8.96 -8.06
N THR B 25 -11.55 -10.17 -7.57
CA THR B 25 -11.67 -10.38 -6.14
C THR B 25 -10.45 -9.81 -5.44
N ALA B 26 -9.28 -10.10 -6.00
CA ALA B 26 -8.04 -9.58 -5.45
C ALA B 26 -8.07 -8.05 -5.47
N GLU B 27 -8.36 -7.50 -6.65
CA GLU B 27 -8.45 -6.06 -6.81
C GLU B 27 -9.40 -5.46 -5.79
N LYS B 28 -10.57 -6.07 -5.65
CA LYS B 28 -11.56 -5.60 -4.68
C LYS B 28 -11.00 -5.71 -3.27
N VAL B 29 -10.37 -6.84 -2.98
CA VAL B 29 -9.77 -7.06 -1.67
C VAL B 29 -8.72 -6.01 -1.38
N VAL B 30 -7.96 -5.65 -2.41
CA VAL B 30 -6.93 -4.63 -2.27
C VAL B 30 -7.62 -3.29 -2.03
N LYS B 31 -8.60 -2.96 -2.87
CA LYS B 31 -9.35 -1.71 -2.71
C LYS B 31 -9.76 -1.53 -1.26
N GLN B 32 -10.29 -2.60 -0.69
CA GLN B 32 -10.74 -2.60 0.70
C GLN B 32 -9.54 -2.29 1.60
N PHE B 33 -8.38 -2.80 1.21
CA PHE B 33 -7.14 -2.59 1.95
C PHE B 33 -6.89 -1.09 2.13
N PHE B 34 -6.73 -0.40 1.01
CA PHE B 34 -6.49 1.04 1.03
C PHE B 34 -7.73 1.79 1.49
N ASN B 35 -8.88 1.34 1.03
CA ASN B 35 -10.15 1.94 1.43
C ASN B 35 -10.21 2.05 2.94
N ASP B 36 -9.67 1.03 3.61
CA ASP B 36 -9.63 0.96 5.06
C ASP B 36 -8.33 1.51 5.64
N ASN B 37 -7.26 1.51 4.87
CA ASN B 37 -5.97 2.02 5.35
C ASN B 37 -5.94 3.53 5.23
N GLY B 38 -6.38 4.02 4.06
CA GLY B 38 -6.42 5.44 3.75
C GLY B 38 -6.12 6.39 4.90
N VAL B 39 -7.13 7.14 5.29
CA VAL B 39 -6.97 8.16 6.33
C VAL B 39 -7.06 7.66 7.76
N ASP B 40 -8.14 6.98 8.13
CA ASP B 40 -8.31 6.53 9.51
C ASP B 40 -7.75 5.13 9.77
N GLY B 41 -6.75 4.72 9.00
CA GLY B 41 -6.17 3.41 9.21
C GLY B 41 -5.34 3.36 10.49
N GLU B 42 -5.06 2.16 10.97
CA GLU B 42 -4.26 1.99 12.19
C GLU B 42 -2.78 1.86 11.85
N TRP B 43 -2.06 2.98 11.93
CA TRP B 43 -0.63 3.00 11.60
C TRP B 43 0.26 2.88 12.83
N THR B 44 1.05 1.81 12.87
CA THR B 44 1.99 1.59 13.95
C THR B 44 3.42 1.84 13.46
N TYR B 45 4.21 2.52 14.27
CA TYR B 45 5.60 2.83 13.89
C TYR B 45 6.59 2.02 14.72
N ASP B 46 7.66 1.59 14.06
CA ASP B 46 8.70 0.81 14.72
C ASP B 46 10.07 1.48 14.58
N ASP B 47 10.36 2.44 15.45
CA ASP B 47 11.62 3.17 15.43
C ASP B 47 12.80 2.21 15.29
N ALA B 48 12.70 1.05 15.93
CA ALA B 48 13.77 0.05 15.90
C ALA B 48 14.23 -0.25 14.48
N THR B 49 13.30 -0.22 13.53
CA THR B 49 13.62 -0.50 12.13
C THR B 49 13.10 0.61 11.21
N LYS B 50 12.69 1.73 11.79
CA LYS B 50 12.16 2.84 11.01
C LYS B 50 11.13 2.36 9.98
N THR B 51 10.31 1.40 10.41
CA THR B 51 9.29 0.84 9.54
C THR B 51 7.89 1.20 10.03
N PHE B 52 6.95 1.35 9.09
CA PHE B 52 5.58 1.68 9.44
C PHE B 52 4.60 0.59 9.04
N THR B 53 4.29 -0.25 10.01
CA THR B 53 3.34 -1.35 9.81
C THR B 53 1.90 -0.86 9.82
N VAL B 54 1.21 -1.11 8.71
CA VAL B 54 -0.18 -0.71 8.57
C VAL B 54 -1.10 -1.93 8.59
N THR B 55 -1.85 -2.08 9.68
CA THR B 55 -2.76 -3.21 9.83
C THR B 55 -4.19 -2.80 9.52
N GLU B 56 -4.79 -3.42 8.52
CA GLU B 56 -6.15 -3.10 8.12
C GLU B 56 -7.08 -3.04 9.33
N MET A 1 16.43 11.12 2.82
CA MET A 1 16.19 10.00 3.77
C MET A 1 15.05 9.12 3.28
N GLN A 2 15.28 7.81 3.27
CA GLN A 2 14.26 6.86 2.82
C GLN A 2 13.73 6.02 3.98
N TYR A 3 12.45 5.67 3.90
CA TYR A 3 11.82 4.86 4.93
C TYR A 3 11.03 3.72 4.30
N LYS A 4 10.88 2.62 5.02
CA LYS A 4 10.15 1.47 4.51
C LYS A 4 8.83 1.27 5.24
N VAL A 5 7.74 1.53 4.53
CA VAL A 5 6.41 1.37 5.11
C VAL A 5 5.84 -0.01 4.77
N ILE A 6 5.25 -0.65 5.75
CA ILE A 6 4.69 -1.98 5.56
C ILE A 6 3.17 -1.95 5.74
N LEU A 7 2.48 -2.63 4.83
CA LEU A 7 1.02 -2.69 4.88
C LEU A 7 0.53 -4.10 5.19
N ASN A 8 0.07 -4.31 6.41
CA ASN A 8 -0.42 -5.63 6.83
C ASN A 8 -1.93 -5.63 7.01
N GLY A 9 -2.62 -6.29 6.10
CA GLY A 9 -4.08 -6.37 6.20
C GLY A 9 -4.57 -7.78 6.43
N LYS A 10 -5.86 -7.99 6.25
CA LYS A 10 -6.45 -9.30 6.44
C LYS A 10 -6.12 -10.22 5.28
N THR A 11 -6.45 -9.78 4.07
CA THR A 11 -6.22 -10.55 2.86
C THR A 11 -5.13 -9.93 2.00
N LEU A 12 -4.45 -8.92 2.53
CA LEU A 12 -3.40 -8.26 1.77
C LEU A 12 -2.19 -7.92 2.65
N LYS A 13 -1.00 -8.14 2.10
CA LYS A 13 0.24 -7.85 2.81
C LYS A 13 1.30 -7.37 1.82
N GLY A 14 2.19 -6.50 2.27
CA GLY A 14 3.24 -6.01 1.37
C GLY A 14 4.23 -5.09 2.04
N GLU A 15 5.11 -4.51 1.23
CA GLU A 15 6.14 -3.59 1.71
C GLU A 15 6.30 -2.43 0.74
N THR A 16 6.44 -1.23 1.29
CA THR A 16 6.59 -0.03 0.48
C THR A 16 7.63 0.91 1.09
N THR A 17 8.03 1.94 0.34
CA THR A 17 9.05 2.88 0.83
C THR A 17 8.79 4.31 0.39
N THR A 18 8.62 5.20 1.37
CA THR A 18 8.40 6.62 1.11
C THR A 18 9.64 7.41 1.49
N GLU A 19 9.97 8.44 0.72
CA GLU A 19 11.14 9.27 1.00
C GLU A 19 10.73 10.61 1.59
N ALA A 20 11.13 10.86 2.84
CA ALA A 20 10.76 12.11 3.50
C ALA A 20 11.84 12.54 4.50
N VAL A 21 11.88 13.85 4.75
CA VAL A 21 12.86 14.45 5.66
C VAL A 21 12.90 13.73 7.01
N ASP A 22 11.81 13.07 7.38
CA ASP A 22 11.75 12.35 8.65
C ASP A 22 10.68 11.27 8.63
N ALA A 23 10.69 10.43 9.66
CA ALA A 23 9.71 9.35 9.77
C ALA A 23 8.30 9.91 9.78
N ALA A 24 8.12 11.01 10.49
CA ALA A 24 6.82 11.65 10.58
C ALA A 24 6.41 12.16 9.21
N THR A 25 7.26 13.00 8.61
CA THR A 25 6.97 13.52 7.29
C THR A 25 6.69 12.35 6.35
N ALA A 26 7.49 11.30 6.47
CA ALA A 26 7.30 10.10 5.67
C ALA A 26 5.94 9.49 5.98
N GLU A 27 5.65 9.33 7.27
CA GLU A 27 4.38 8.77 7.70
C GLU A 27 3.21 9.59 7.15
N LYS A 28 3.34 10.91 7.26
CA LYS A 28 2.31 11.82 6.77
C LYS A 28 2.19 11.71 5.26
N VAL A 29 3.33 11.66 4.58
CA VAL A 29 3.34 11.53 3.14
C VAL A 29 2.65 10.24 2.72
N VAL A 30 2.91 9.17 3.47
CA VAL A 30 2.28 7.90 3.21
C VAL A 30 0.77 8.04 3.31
N LYS A 31 0.30 8.75 4.35
CA LYS A 31 -1.12 8.97 4.54
C LYS A 31 -1.76 9.40 3.23
N GLN A 32 -1.17 10.43 2.62
CA GLN A 32 -1.66 10.97 1.36
C GLN A 32 -1.71 9.85 0.32
N PHE A 33 -0.72 8.97 0.38
CA PHE A 33 -0.62 7.84 -0.55
C PHE A 33 -1.94 7.06 -0.55
N PHE A 34 -2.24 6.44 0.58
CA PHE A 34 -3.47 5.66 0.75
C PHE A 34 -4.69 6.57 0.71
N ASN A 35 -4.57 7.74 1.32
CA ASN A 35 -5.65 8.70 1.33
C ASN A 35 -6.13 8.96 -0.10
N ASP A 36 -5.16 8.98 -1.02
CA ASP A 36 -5.41 9.22 -2.43
C ASP A 36 -5.58 7.92 -3.23
N ASN A 37 -4.97 6.83 -2.77
CA ASN A 37 -5.08 5.55 -3.46
C ASN A 37 -6.42 4.90 -3.15
N GLY A 38 -6.79 4.99 -1.87
CA GLY A 38 -8.04 4.44 -1.36
C GLY A 38 -9.00 3.88 -2.41
N VAL A 39 -10.15 4.51 -2.53
CA VAL A 39 -11.20 4.05 -3.43
C VAL A 39 -11.09 4.50 -4.88
N ASP A 40 -11.00 5.80 -5.14
CA ASP A 40 -10.97 6.30 -6.52
C ASP A 40 -9.56 6.42 -7.10
N GLY A 41 -8.62 5.63 -6.61
CA GLY A 41 -7.27 5.69 -7.15
C GLY A 41 -7.21 5.15 -8.57
N GLU A 42 -6.15 5.49 -9.31
CA GLU A 42 -5.99 5.01 -10.68
C GLU A 42 -5.27 3.65 -10.69
N TRP A 43 -6.05 2.57 -10.74
CA TRP A 43 -5.47 1.23 -10.72
C TRP A 43 -5.36 0.61 -12.11
N THR A 44 -4.14 0.30 -12.53
CA THR A 44 -3.90 -0.34 -13.81
C THR A 44 -3.41 -1.77 -13.56
N TYR A 45 -3.90 -2.71 -14.35
CA TYR A 45 -3.51 -4.11 -14.17
C TYR A 45 -2.63 -4.61 -15.31
N ASP A 46 -1.68 -5.47 -14.97
CA ASP A 46 -0.76 -6.04 -15.97
C ASP A 46 -0.83 -7.56 -15.95
N ASP A 47 -1.83 -8.12 -16.63
CA ASP A 47 -2.01 -9.57 -16.69
C ASP A 47 -0.71 -10.29 -16.96
N ALA A 48 0.15 -9.66 -17.76
CA ALA A 48 1.44 -10.24 -18.13
C ALA A 48 2.23 -10.72 -16.91
N THR A 49 2.07 -10.03 -15.78
CA THR A 49 2.78 -10.41 -14.56
C THR A 49 1.84 -10.58 -13.38
N LYS A 50 0.54 -10.67 -13.63
CA LYS A 50 -0.44 -10.85 -12.56
C LYS A 50 -0.22 -9.81 -11.47
N THR A 51 0.15 -8.60 -11.88
CA THR A 51 0.41 -7.52 -10.93
C THR A 51 -0.35 -6.24 -11.29
N PHE A 52 -0.82 -5.53 -10.26
CA PHE A 52 -1.54 -4.29 -10.44
C PHE A 52 -0.70 -3.11 -9.97
N THR A 53 -0.89 -1.94 -10.57
CA THR A 53 -0.14 -0.76 -10.18
C THR A 53 -1.08 0.37 -9.77
N VAL A 54 -0.84 0.92 -8.58
CA VAL A 54 -1.65 2.02 -8.06
C VAL A 54 -0.88 3.33 -8.14
N THR A 55 -1.27 4.19 -9.08
CA THR A 55 -0.61 5.47 -9.28
C THR A 55 -1.39 6.59 -8.62
N GLU A 56 -0.78 7.23 -7.62
CA GLU A 56 -1.42 8.32 -6.90
C GLU A 56 -1.53 9.55 -7.80
N MET B 1 -5.08 -18.80 -4.72
CA MET B 1 -4.36 -18.01 -5.74
C MET B 1 -3.83 -16.71 -5.15
N GLN B 2 -2.56 -16.42 -5.39
CA GLN B 2 -1.95 -15.19 -4.86
C GLN B 2 -1.63 -14.22 -5.99
N TYR B 3 -1.73 -12.92 -5.69
CA TYR B 3 -1.44 -11.87 -6.66
C TYR B 3 -0.53 -10.82 -6.04
N LYS B 4 0.26 -10.16 -6.88
CA LYS B 4 1.17 -9.12 -6.39
C LYS B 4 0.72 -7.74 -6.83
N VAL B 5 0.26 -6.95 -5.86
CA VAL B 5 -0.18 -5.59 -6.15
C VAL B 5 0.96 -4.60 -5.89
N ILE B 6 1.12 -3.66 -6.82
CA ILE B 6 2.18 -2.66 -6.71
C ILE B 6 1.59 -1.27 -6.54
N LEU B 7 2.17 -0.51 -5.60
CA LEU B 7 1.70 0.84 -5.32
C LEU B 7 2.76 1.87 -5.73
N ASN B 8 2.52 2.56 -6.84
CA ASN B 8 3.45 3.57 -7.34
C ASN B 8 2.89 4.98 -7.17
N GLY B 9 3.46 5.73 -6.24
CA GLY B 9 3.00 7.09 -6.02
C GLY B 9 4.06 8.12 -6.35
N LYS B 10 3.85 9.35 -5.91
CA LYS B 10 4.79 10.41 -6.17
C LYS B 10 6.01 10.29 -5.25
N THR B 11 5.77 10.24 -3.95
CA THR B 11 6.82 10.14 -2.97
C THR B 11 6.82 8.78 -2.28
N LEU B 12 6.03 7.85 -2.79
CA LEU B 12 5.95 6.53 -2.19
C LEU B 12 5.87 5.44 -3.26
N LYS B 13 6.60 4.35 -3.04
CA LYS B 13 6.60 3.22 -3.94
C LYS B 13 6.76 1.91 -3.16
N GLY B 14 6.17 0.84 -3.66
CA GLY B 14 6.29 -0.44 -2.96
C GLY B 14 5.64 -1.60 -3.68
N GLU B 15 5.60 -2.74 -3.01
CA GLU B 15 5.01 -3.95 -3.56
C GLU B 15 4.22 -4.70 -2.49
N THR B 16 3.05 -5.20 -2.87
CA THR B 16 2.20 -5.92 -1.94
C THR B 16 1.57 -7.13 -2.62
N THR B 17 0.94 -8.01 -1.84
CA THR B 17 0.33 -9.22 -2.39
C THR B 17 -0.98 -9.60 -1.69
N THR B 18 -2.06 -9.64 -2.47
CA THR B 18 -3.38 -10.03 -1.95
C THR B 18 -3.75 -11.41 -2.47
N GLU B 19 -4.41 -12.21 -1.65
CA GLU B 19 -4.81 -13.55 -2.05
C GLU B 19 -6.31 -13.59 -2.33
N ALA B 20 -6.68 -13.86 -3.58
CA ALA B 20 -8.09 -13.92 -3.96
C ALA B 20 -8.34 -14.90 -5.09
N VAL B 21 -9.58 -15.41 -5.14
CA VAL B 21 -9.99 -16.39 -6.14
C VAL B 21 -9.62 -15.96 -7.56
N ASP B 22 -9.49 -14.65 -7.77
CA ASP B 22 -9.13 -14.14 -9.09
C ASP B 22 -8.51 -12.75 -8.99
N ALA B 23 -7.97 -12.27 -10.11
CA ALA B 23 -7.35 -10.95 -10.16
C ALA B 23 -8.35 -9.88 -9.77
N ALA B 24 -9.58 -10.02 -10.26
CA ALA B 24 -10.62 -9.07 -9.95
C ALA B 24 -10.93 -9.10 -8.46
N THR B 25 -11.27 -10.29 -7.93
CA THR B 25 -11.53 -10.42 -6.52
C THR B 25 -10.36 -9.86 -5.74
N ALA B 26 -9.15 -10.17 -6.20
CA ALA B 26 -7.95 -9.67 -5.57
C ALA B 26 -7.93 -8.15 -5.65
N GLU B 27 -8.17 -7.62 -6.85
CA GLU B 27 -8.20 -6.18 -7.06
C GLU B 27 -9.22 -5.53 -6.15
N LYS B 28 -10.41 -6.13 -6.09
CA LYS B 28 -11.49 -5.61 -5.24
C LYS B 28 -11.09 -5.67 -3.78
N VAL B 29 -10.50 -6.81 -3.39
CA VAL B 29 -10.05 -6.98 -2.01
C VAL B 29 -9.02 -5.92 -1.66
N VAL B 30 -8.14 -5.64 -2.60
CA VAL B 30 -7.12 -4.62 -2.39
C VAL B 30 -7.80 -3.28 -2.14
N LYS B 31 -8.84 -2.97 -2.92
CA LYS B 31 -9.58 -1.73 -2.76
C LYS B 31 -9.91 -1.51 -1.29
N GLN B 32 -10.49 -2.54 -0.68
CA GLN B 32 -10.86 -2.49 0.73
C GLN B 32 -9.64 -2.18 1.57
N PHE B 33 -8.50 -2.73 1.16
CA PHE B 33 -7.24 -2.51 1.86
C PHE B 33 -6.98 -1.02 2.04
N PHE B 34 -6.77 -0.33 0.92
CA PHE B 34 -6.52 1.10 0.92
C PHE B 34 -7.76 1.86 1.37
N ASN B 35 -8.92 1.39 0.93
CA ASN B 35 -10.18 2.02 1.32
C ASN B 35 -10.25 2.14 2.83
N ASP B 36 -9.74 1.10 3.50
CA ASP B 36 -9.73 1.03 4.96
C ASP B 36 -8.42 1.56 5.56
N ASN B 37 -7.33 1.48 4.81
CA ASN B 37 -6.04 1.97 5.32
C ASN B 37 -5.98 3.49 5.21
N GLY B 38 -6.48 3.99 4.08
CA GLY B 38 -6.52 5.41 3.78
C GLY B 38 -6.11 6.34 4.92
N VAL B 39 -7.06 7.13 5.40
CA VAL B 39 -6.79 8.14 6.42
C VAL B 39 -6.84 7.63 7.87
N ASP B 40 -7.94 7.02 8.29
CA ASP B 40 -8.07 6.59 9.68
C ASP B 40 -7.56 5.17 9.95
N GLY B 41 -6.63 4.69 9.15
CA GLY B 41 -6.10 3.36 9.38
C GLY B 41 -5.26 3.30 10.64
N GLU B 42 -5.04 2.09 11.16
CA GLU B 42 -4.24 1.92 12.38
C GLU B 42 -2.75 1.78 12.03
N TRP B 43 -2.03 2.89 12.09
CA TRP B 43 -0.62 2.89 11.74
C TRP B 43 0.30 2.82 12.96
N THR B 44 1.10 1.76 13.02
CA THR B 44 2.06 1.58 14.11
C THR B 44 3.47 1.73 13.55
N TYR B 45 4.35 2.41 14.27
CA TYR B 45 5.71 2.63 13.81
C TYR B 45 6.72 1.84 14.63
N ASP B 46 7.77 1.36 13.97
CA ASP B 46 8.82 0.59 14.62
C ASP B 46 10.17 1.23 14.39
N ASP B 47 10.49 2.25 15.18
CA ASP B 47 11.76 2.97 15.06
C ASP B 47 12.93 2.00 14.93
N ALA B 48 12.84 0.86 15.60
CA ALA B 48 13.89 -0.14 15.58
C ALA B 48 14.33 -0.48 14.16
N THR B 49 13.39 -0.43 13.21
CA THR B 49 13.71 -0.75 11.82
C THR B 49 13.28 0.35 10.86
N LYS B 50 12.97 1.53 11.39
CA LYS B 50 12.54 2.65 10.55
C LYS B 50 11.42 2.22 9.61
N THR B 51 10.54 1.35 10.10
CA THR B 51 9.44 0.86 9.29
C THR B 51 8.10 0.99 10.00
N PHE B 52 7.07 1.31 9.22
CA PHE B 52 5.71 1.47 9.75
C PHE B 52 4.83 0.32 9.28
N THR B 53 3.83 -0.04 10.09
CA THR B 53 2.92 -1.13 9.72
C THR B 53 1.47 -0.64 9.69
N VAL B 54 0.79 -0.89 8.59
CA VAL B 54 -0.60 -0.49 8.43
C VAL B 54 -1.51 -1.71 8.54
N THR B 55 -2.21 -1.82 9.67
CA THR B 55 -3.11 -2.95 9.90
C THR B 55 -4.56 -2.57 9.62
N GLU B 56 -5.15 -3.22 8.60
CA GLU B 56 -6.52 -2.95 8.22
C GLU B 56 -7.49 -3.45 9.29
N MET A 1 16.10 10.87 3.63
CA MET A 1 15.94 9.58 4.35
C MET A 1 14.80 8.74 3.77
N GLN A 2 15.03 7.44 3.68
CA GLN A 2 14.02 6.52 3.16
C GLN A 2 13.42 5.71 4.30
N TYR A 3 12.13 5.43 4.22
CA TYR A 3 11.45 4.67 5.26
C TYR A 3 10.80 3.41 4.69
N LYS A 4 10.79 2.35 5.50
CA LYS A 4 10.18 1.09 5.10
C LYS A 4 8.76 0.99 5.62
N VAL A 5 7.78 1.19 4.74
CA VAL A 5 6.38 1.12 5.14
C VAL A 5 5.81 -0.28 4.87
N ILE A 6 5.46 -0.96 5.94
CA ILE A 6 4.90 -2.31 5.84
C ILE A 6 3.37 -2.25 5.86
N LEU A 7 2.75 -2.73 4.79
CA LEU A 7 1.30 -2.75 4.69
C LEU A 7 0.78 -4.15 5.02
N ASN A 8 0.60 -4.39 6.32
CA ASN A 8 0.14 -5.70 6.78
C ASN A 8 -1.37 -5.76 6.96
N GLY A 9 -2.03 -6.50 6.08
CA GLY A 9 -3.47 -6.63 6.16
C GLY A 9 -3.92 -8.06 6.42
N LYS A 10 -5.20 -8.29 6.29
CA LYS A 10 -5.78 -9.60 6.49
C LYS A 10 -5.63 -10.45 5.23
N THR A 11 -6.20 -9.94 4.13
CA THR A 11 -6.14 -10.61 2.86
C THR A 11 -5.06 -10.00 1.97
N LEU A 12 -4.37 -8.98 2.49
CA LEU A 12 -3.33 -8.31 1.75
C LEU A 12 -2.12 -8.06 2.63
N LYS A 13 -0.94 -8.32 2.07
CA LYS A 13 0.31 -8.12 2.80
C LYS A 13 1.40 -7.66 1.83
N GLY A 14 2.29 -6.79 2.31
CA GLY A 14 3.37 -6.31 1.46
C GLY A 14 4.27 -5.30 2.13
N GLU A 15 5.05 -4.60 1.33
CA GLU A 15 5.97 -3.60 1.84
C GLU A 15 6.18 -2.48 0.81
N THR A 16 6.28 -1.26 1.31
CA THR A 16 6.49 -0.09 0.47
C THR A 16 7.50 0.87 1.10
N THR A 17 7.96 1.87 0.35
CA THR A 17 8.95 2.81 0.86
C THR A 17 8.69 4.25 0.39
N THR A 18 8.57 5.14 1.36
CA THR A 18 8.35 6.57 1.10
C THR A 18 9.59 7.36 1.52
N GLU A 19 9.90 8.41 0.78
CA GLU A 19 11.07 9.24 1.08
C GLU A 19 10.63 10.58 1.68
N ALA A 20 11.04 10.84 2.92
CA ALA A 20 10.65 12.08 3.59
C ALA A 20 11.73 12.57 4.57
N VAL A 21 11.77 13.88 4.76
CA VAL A 21 12.74 14.50 5.66
C VAL A 21 12.76 13.84 7.04
N ASP A 22 11.63 13.27 7.43
CA ASP A 22 11.53 12.60 8.73
C ASP A 22 10.45 11.53 8.72
N ALA A 23 10.40 10.74 9.80
CA ALA A 23 9.41 9.67 9.91
C ALA A 23 7.99 10.22 9.82
N ALA A 24 7.75 11.34 10.48
CA ALA A 24 6.44 11.97 10.45
C ALA A 24 6.09 12.39 9.03
N THR A 25 6.96 13.20 8.43
CA THR A 25 6.76 13.63 7.06
C THR A 25 6.50 12.42 6.18
N ALA A 26 7.32 11.38 6.38
CA ALA A 26 7.15 10.14 5.63
C ALA A 26 5.78 9.55 5.92
N GLU A 27 5.46 9.43 7.20
CA GLU A 27 4.16 8.91 7.62
C GLU A 27 3.04 9.70 6.97
N LYS A 28 3.18 11.03 7.00
CA LYS A 28 2.18 11.92 6.40
C LYS A 28 2.12 11.72 4.90
N VAL A 29 3.28 11.68 4.26
CA VAL A 29 3.35 11.48 2.82
C VAL A 29 2.65 10.19 2.44
N VAL A 30 2.83 9.17 3.25
CA VAL A 30 2.19 7.89 3.02
C VAL A 30 0.68 8.05 3.06
N LYS A 31 0.18 8.80 4.04
CA LYS A 31 -1.25 9.04 4.18
C LYS A 31 -1.83 9.49 2.85
N GLN A 32 -1.17 10.47 2.24
CA GLN A 32 -1.60 10.98 0.95
C GLN A 32 -1.64 9.83 -0.07
N PHE A 33 -0.69 8.91 0.05
CA PHE A 33 -0.61 7.76 -0.84
C PHE A 33 -1.94 7.01 -0.83
N PHE A 34 -2.27 6.44 0.33
CA PHE A 34 -3.51 5.69 0.51
C PHE A 34 -4.71 6.61 0.39
N ASN A 35 -4.58 7.81 0.94
CA ASN A 35 -5.65 8.80 0.87
C ASN A 35 -6.10 8.97 -0.58
N ASP A 36 -5.13 8.92 -1.48
CA ASP A 36 -5.39 9.06 -2.91
C ASP A 36 -5.57 7.70 -3.60
N ASN A 37 -5.04 6.64 -3.00
CA ASN A 37 -5.17 5.31 -3.60
C ASN A 37 -6.51 4.68 -3.24
N GLY A 38 -6.83 4.76 -1.94
CA GLY A 38 -8.06 4.22 -1.39
C GLY A 38 -9.10 3.78 -2.41
N VAL A 39 -10.21 4.51 -2.45
CA VAL A 39 -11.32 4.16 -3.32
C VAL A 39 -11.50 5.11 -4.51
N ASP A 40 -10.61 6.09 -4.68
CA ASP A 40 -10.75 7.01 -5.81
C ASP A 40 -9.47 7.08 -6.65
N GLY A 41 -8.54 6.15 -6.41
CA GLY A 41 -7.29 6.15 -7.15
C GLY A 41 -7.41 5.49 -8.52
N GLU A 42 -6.35 5.59 -9.32
CA GLU A 42 -6.32 5.00 -10.65
C GLU A 42 -5.48 3.72 -10.65
N TRP A 43 -6.15 2.58 -10.80
CA TRP A 43 -5.47 1.29 -10.78
C TRP A 43 -5.35 0.68 -12.18
N THR A 44 -4.12 0.37 -12.58
CA THR A 44 -3.88 -0.26 -13.86
C THR A 44 -3.45 -1.71 -13.64
N TYR A 45 -3.95 -2.62 -14.47
CA TYR A 45 -3.63 -4.04 -14.32
C TYR A 45 -2.75 -4.55 -15.45
N ASP A 46 -1.84 -5.47 -15.10
CA ASP A 46 -0.94 -6.07 -16.07
C ASP A 46 -1.08 -7.58 -16.07
N ASP A 47 -2.09 -8.08 -16.78
CA ASP A 47 -2.36 -9.52 -16.85
C ASP A 47 -1.09 -10.31 -17.17
N ALA A 48 -0.23 -9.75 -18.00
CA ALA A 48 1.01 -10.42 -18.39
C ALA A 48 1.78 -10.95 -17.17
N THR A 49 1.68 -10.25 -16.05
CA THR A 49 2.37 -10.66 -14.83
C THR A 49 1.41 -10.73 -13.64
N LYS A 50 0.11 -10.72 -13.92
CA LYS A 50 -0.90 -10.78 -12.86
C LYS A 50 -0.58 -9.77 -11.77
N THR A 51 -0.03 -8.62 -12.18
CA THR A 51 0.34 -7.57 -11.24
C THR A 51 -0.44 -6.29 -11.50
N PHE A 52 -0.84 -5.63 -10.41
CA PHE A 52 -1.59 -4.38 -10.50
C PHE A 52 -0.71 -3.22 -10.08
N THR A 53 -0.83 -2.08 -10.76
CA THR A 53 -0.04 -0.91 -10.42
C THR A 53 -0.94 0.26 -10.00
N VAL A 54 -0.71 0.75 -8.80
CA VAL A 54 -1.47 1.88 -8.27
C VAL A 54 -0.64 3.15 -8.36
N THR A 55 -1.01 4.03 -9.28
CA THR A 55 -0.28 5.28 -9.47
C THR A 55 -1.02 6.45 -8.86
N GLU A 56 -0.41 7.10 -7.86
CA GLU A 56 -1.04 8.23 -7.20
C GLU A 56 -0.91 9.49 -8.07
N MET B 1 -5.14 -18.29 -5.45
CA MET B 1 -4.18 -17.54 -6.31
C MET B 1 -3.69 -16.27 -5.63
N GLN B 2 -2.39 -15.98 -5.78
CA GLN B 2 -1.80 -14.79 -5.19
C GLN B 2 -1.52 -13.76 -6.28
N TYR B 3 -1.70 -12.50 -5.95
CA TYR B 3 -1.47 -11.42 -6.92
C TYR B 3 -0.43 -10.44 -6.42
N LYS B 4 0.35 -9.90 -7.35
CA LYS B 4 1.39 -8.92 -7.02
C LYS B 4 0.87 -7.51 -7.22
N VAL B 5 0.55 -6.83 -6.13
CA VAL B 5 0.04 -5.47 -6.21
C VAL B 5 1.17 -4.45 -6.03
N ILE B 6 1.44 -3.70 -7.09
CA ILE B 6 2.48 -2.69 -7.07
C ILE B 6 1.91 -1.32 -6.74
N LEU B 7 2.37 -0.74 -5.64
CA LEU B 7 1.91 0.58 -5.21
C LEU B 7 2.92 1.64 -5.64
N ASN B 8 2.79 2.10 -6.88
CA ASN B 8 3.72 3.08 -7.44
C ASN B 8 3.21 4.51 -7.27
N GLY B 9 3.86 5.27 -6.39
CA GLY B 9 3.47 6.64 -6.17
C GLY B 9 4.55 7.62 -6.52
N LYS B 10 4.34 8.87 -6.14
CA LYS B 10 5.30 9.93 -6.42
C LYS B 10 6.40 9.93 -5.36
N THR B 11 5.99 10.08 -4.10
CA THR B 11 6.91 10.09 -2.98
C THR B 11 6.92 8.75 -2.28
N LEU B 12 6.11 7.82 -2.78
CA LEU B 12 6.03 6.49 -2.20
C LEU B 12 6.02 5.42 -3.28
N LYS B 13 6.80 4.36 -3.05
CA LYS B 13 6.89 3.25 -3.99
C LYS B 13 7.04 1.94 -3.24
N GLY B 14 6.47 0.87 -3.78
CA GLY B 14 6.59 -0.42 -3.12
C GLY B 14 5.82 -1.53 -3.82
N GLU B 15 5.65 -2.64 -3.12
CA GLU B 15 4.93 -3.78 -3.66
C GLU B 15 4.22 -4.56 -2.56
N THR B 16 3.02 -5.05 -2.86
CA THR B 16 2.23 -5.81 -1.92
C THR B 16 1.55 -7.00 -2.62
N THR B 17 0.98 -7.92 -1.83
CA THR B 17 0.34 -9.10 -2.41
C THR B 17 -0.95 -9.49 -1.69
N THR B 18 -2.03 -9.58 -2.46
CA THR B 18 -3.34 -9.97 -1.94
C THR B 18 -3.73 -11.34 -2.50
N GLU B 19 -4.41 -12.14 -1.68
CA GLU B 19 -4.83 -13.47 -2.12
C GLU B 19 -6.34 -13.48 -2.39
N ALA B 20 -6.72 -13.76 -3.64
CA ALA B 20 -8.13 -13.80 -4.01
C ALA B 20 -8.42 -14.80 -5.12
N VAL B 21 -9.64 -15.32 -5.12
CA VAL B 21 -10.07 -16.31 -6.10
C VAL B 21 -9.77 -15.86 -7.54
N ASP B 22 -9.74 -14.55 -7.75
CA ASP B 22 -9.45 -14.01 -9.08
C ASP B 22 -8.85 -12.62 -8.99
N ALA B 23 -8.38 -12.10 -10.12
CA ALA B 23 -7.77 -10.78 -10.18
C ALA B 23 -8.75 -9.71 -9.69
N ALA B 24 -10.00 -9.83 -10.11
CA ALA B 24 -11.02 -8.87 -9.69
C ALA B 24 -11.20 -8.94 -8.18
N THR B 25 -11.51 -10.13 -7.67
CA THR B 25 -11.66 -10.31 -6.24
C THR B 25 -10.44 -9.75 -5.52
N ALA B 26 -9.26 -10.07 -6.05
CA ALA B 26 -8.03 -9.54 -5.49
C ALA B 26 -8.04 -8.03 -5.55
N GLU B 27 -8.31 -7.49 -6.73
CA GLU B 27 -8.38 -6.04 -6.92
C GLU B 27 -9.35 -5.43 -5.92
N LYS B 28 -10.52 -6.06 -5.78
CA LYS B 28 -11.54 -5.58 -4.85
C LYS B 28 -11.04 -5.68 -3.41
N VAL B 29 -10.46 -6.82 -3.07
CA VAL B 29 -9.93 -7.03 -1.73
C VAL B 29 -8.91 -5.95 -1.39
N VAL B 30 -8.10 -5.60 -2.38
CA VAL B 30 -7.10 -4.56 -2.20
C VAL B 30 -7.78 -3.24 -1.87
N LYS B 31 -8.87 -2.93 -2.60
CA LYS B 31 -9.60 -1.69 -2.37
C LYS B 31 -9.92 -1.54 -0.89
N GLN B 32 -10.44 -2.60 -0.30
CA GLN B 32 -10.76 -2.61 1.12
C GLN B 32 -9.51 -2.28 1.93
N PHE B 33 -8.37 -2.78 1.46
CA PHE B 33 -7.09 -2.55 2.12
C PHE B 33 -6.86 -1.04 2.29
N PHE B 34 -6.73 -0.35 1.16
CA PHE B 34 -6.51 1.09 1.17
C PHE B 34 -7.74 1.81 1.69
N ASN B 35 -8.91 1.32 1.31
CA ASN B 35 -10.17 1.89 1.77
C ASN B 35 -10.15 2.04 3.28
N ASP B 36 -9.58 1.03 3.93
CA ASP B 36 -9.47 1.00 5.39
C ASP B 36 -8.14 1.57 5.88
N ASN B 37 -7.11 1.59 5.03
CA ASN B 37 -5.82 2.13 5.44
C ASN B 37 -5.80 3.64 5.28
N GLY B 38 -6.27 4.10 4.12
CA GLY B 38 -6.33 5.51 3.78
C GLY B 38 -6.06 6.47 4.93
N VAL B 39 -7.10 7.20 5.33
CA VAL B 39 -6.96 8.22 6.37
C VAL B 39 -7.63 7.84 7.70
N ASP B 40 -8.16 6.64 7.81
CA ASP B 40 -8.81 6.23 9.06
C ASP B 40 -8.23 4.91 9.60
N GLY B 41 -7.12 4.46 9.01
CA GLY B 41 -6.52 3.21 9.46
C GLY B 41 -5.65 3.36 10.70
N GLU B 42 -5.19 2.23 11.23
CA GLU B 42 -4.35 2.22 12.43
C GLU B 42 -2.90 1.96 12.05
N TRP B 43 -2.06 2.97 12.17
CA TRP B 43 -0.66 2.85 11.81
C TRP B 43 0.26 2.76 13.02
N THR B 44 1.06 1.70 13.08
CA THR B 44 2.00 1.53 14.18
C THR B 44 3.42 1.73 13.65
N TYR B 45 4.26 2.41 14.41
CA TYR B 45 5.63 2.69 13.98
C TYR B 45 6.66 1.90 14.80
N ASP B 46 7.73 1.48 14.12
CA ASP B 46 8.81 0.73 14.77
C ASP B 46 10.15 1.45 14.57
N ASP B 47 10.41 2.45 15.40
CA ASP B 47 11.63 3.24 15.31
C ASP B 47 12.86 2.34 15.20
N ALA B 48 12.85 1.21 15.90
CA ALA B 48 13.97 0.29 15.89
C ALA B 48 14.45 -0.03 14.47
N THR B 49 13.52 -0.03 13.53
CA THR B 49 13.86 -0.33 12.13
C THR B 49 13.33 0.76 11.20
N LYS B 50 12.94 1.91 11.75
CA LYS B 50 12.40 3.00 10.95
C LYS B 50 11.34 2.48 9.98
N THR B 51 10.58 1.49 10.43
CA THR B 51 9.54 0.88 9.60
C THR B 51 8.15 1.07 10.21
N PHE B 52 7.17 1.34 9.36
CA PHE B 52 5.80 1.54 9.80
C PHE B 52 4.94 0.35 9.37
N THR B 53 4.02 -0.07 10.24
CA THR B 53 3.15 -1.19 9.91
C THR B 53 1.69 -0.76 9.88
N VAL B 54 1.04 -0.98 8.74
CA VAL B 54 -0.36 -0.64 8.58
C VAL B 54 -1.22 -1.89 8.67
N THR B 55 -1.95 -2.03 9.78
CA THR B 55 -2.78 -3.21 9.98
C THR B 55 -4.25 -2.88 9.73
N GLU B 56 -4.85 -3.54 8.74
CA GLU B 56 -6.25 -3.30 8.42
C GLU B 56 -7.15 -4.03 9.41
N MET A 1 15.67 11.31 4.31
CA MET A 1 15.97 9.89 4.56
C MET A 1 14.89 8.98 3.99
N GLN A 2 15.18 7.69 3.90
CA GLN A 2 14.22 6.73 3.36
C GLN A 2 13.66 5.86 4.47
N TYR A 3 12.39 5.49 4.36
CA TYR A 3 11.74 4.66 5.35
C TYR A 3 11.03 3.48 4.70
N LYS A 4 10.98 2.35 5.40
CA LYS A 4 10.32 1.16 4.88
C LYS A 4 8.96 0.96 5.54
N VAL A 5 7.90 1.19 4.78
CA VAL A 5 6.55 1.04 5.30
C VAL A 5 5.99 -0.35 5.00
N ILE A 6 5.45 -0.99 6.02
CA ILE A 6 4.87 -2.32 5.88
C ILE A 6 3.34 -2.24 5.92
N LEU A 7 2.72 -2.72 4.85
CA LEU A 7 1.27 -2.71 4.74
C LEU A 7 0.72 -4.10 5.09
N ASN A 8 0.39 -4.29 6.36
CA ASN A 8 -0.11 -5.58 6.83
C ASN A 8 -1.64 -5.60 6.98
N GLY A 9 -2.30 -6.31 6.09
CA GLY A 9 -3.76 -6.38 6.16
C GLY A 9 -4.25 -7.78 6.44
N LYS A 10 -5.55 -7.98 6.30
CA LYS A 10 -6.15 -9.28 6.55
C LYS A 10 -5.86 -10.26 5.40
N THR A 11 -6.21 -9.85 4.19
CA THR A 11 -6.00 -10.68 3.01
C THR A 11 -4.93 -10.09 2.10
N LEU A 12 -4.22 -9.09 2.61
CA LEU A 12 -3.17 -8.44 1.82
C LEU A 12 -1.95 -8.15 2.67
N LYS A 13 -0.78 -8.37 2.09
CA LYS A 13 0.49 -8.13 2.77
C LYS A 13 1.53 -7.63 1.77
N GLY A 14 2.39 -6.73 2.22
CA GLY A 14 3.42 -6.20 1.34
C GLY A 14 4.37 -5.25 2.04
N GLU A 15 5.24 -4.62 1.25
CA GLU A 15 6.21 -3.68 1.77
C GLU A 15 6.41 -2.52 0.80
N THR A 16 6.47 -1.31 1.34
CA THR A 16 6.64 -0.12 0.54
C THR A 16 7.70 0.81 1.16
N THR A 17 8.14 1.80 0.39
CA THR A 17 9.16 2.74 0.87
C THR A 17 8.93 4.17 0.38
N THR A 18 8.75 5.08 1.33
CA THR A 18 8.55 6.50 1.03
C THR A 18 9.81 7.28 1.43
N GLU A 19 10.13 8.32 0.67
CA GLU A 19 11.31 9.13 0.96
C GLU A 19 10.89 10.49 1.52
N ALA A 20 11.21 10.74 2.78
CA ALA A 20 10.85 12.00 3.41
C ALA A 20 11.91 12.48 4.40
N VAL A 21 11.98 13.80 4.57
CA VAL A 21 12.95 14.42 5.46
C VAL A 21 12.95 13.79 6.84
N ASP A 22 11.83 13.20 7.24
CA ASP A 22 11.72 12.56 8.54
C ASP A 22 10.60 11.53 8.58
N ALA A 23 10.52 10.79 9.67
CA ALA A 23 9.49 9.76 9.83
C ALA A 23 8.09 10.36 9.72
N ALA A 24 7.90 11.52 10.33
CA ALA A 24 6.61 12.20 10.28
C ALA A 24 6.27 12.58 8.85
N THR A 25 7.18 13.30 8.20
CA THR A 25 6.97 13.70 6.82
C THR A 25 6.70 12.45 5.99
N ALA A 26 7.49 11.40 6.24
CA ALA A 26 7.30 10.13 5.55
C ALA A 26 5.92 9.59 5.85
N GLU A 27 5.59 9.52 7.14
CA GLU A 27 4.28 9.03 7.57
C GLU A 27 3.17 9.76 6.83
N LYS A 28 3.28 11.08 6.78
CA LYS A 28 2.31 11.91 6.09
C LYS A 28 2.29 11.57 4.60
N VAL A 29 3.48 11.46 4.02
CA VAL A 29 3.61 11.13 2.61
C VAL A 29 2.84 9.85 2.31
N VAL A 30 2.98 8.87 3.20
CA VAL A 30 2.27 7.61 3.03
C VAL A 30 0.78 7.86 3.12
N LYS A 31 0.35 8.64 4.12
CA LYS A 31 -1.06 8.96 4.28
C LYS A 31 -1.64 9.48 2.96
N GLN A 32 -0.93 10.40 2.34
CA GLN A 32 -1.37 10.95 1.06
C GLN A 32 -1.45 9.84 0.02
N PHE A 33 -0.50 8.92 0.11
CA PHE A 33 -0.42 7.77 -0.78
C PHE A 33 -1.74 7.01 -0.77
N PHE A 34 -2.09 6.48 0.40
CA PHE A 34 -3.34 5.73 0.57
C PHE A 34 -4.53 6.65 0.46
N ASN A 35 -4.40 7.85 1.00
CA ASN A 35 -5.46 8.85 0.93
C ASN A 35 -5.94 8.99 -0.51
N ASP A 36 -4.98 8.93 -1.42
CA ASP A 36 -5.25 9.06 -2.86
C ASP A 36 -5.41 7.70 -3.53
N ASN A 37 -4.86 6.64 -2.95
CA ASN A 37 -4.99 5.31 -3.54
C ASN A 37 -6.32 4.69 -3.17
N GLY A 38 -6.64 4.78 -1.88
CA GLY A 38 -7.89 4.25 -1.33
C GLY A 38 -8.89 3.75 -2.34
N VAL A 39 -10.04 4.44 -2.42
CA VAL A 39 -11.12 4.03 -3.30
C VAL A 39 -11.36 4.98 -4.46
N ASP A 40 -10.53 6.00 -4.63
CA ASP A 40 -10.72 6.93 -5.74
C ASP A 40 -9.47 7.05 -6.61
N GLY A 41 -8.50 6.18 -6.39
CA GLY A 41 -7.26 6.22 -7.16
C GLY A 41 -7.40 5.59 -8.53
N GLU A 42 -6.36 5.71 -9.35
CA GLU A 42 -6.35 5.14 -10.70
C GLU A 42 -5.66 3.78 -10.69
N TRP A 43 -6.47 2.72 -10.71
CA TRP A 43 -5.93 1.36 -10.67
C TRP A 43 -5.80 0.74 -12.06
N THR A 44 -4.56 0.45 -12.45
CA THR A 44 -4.30 -0.19 -13.73
C THR A 44 -3.82 -1.61 -13.50
N TYR A 45 -4.31 -2.55 -14.30
CA TYR A 45 -3.94 -3.96 -14.16
C TYR A 45 -3.12 -4.45 -15.35
N ASP A 46 -2.13 -5.30 -15.06
CA ASP A 46 -1.27 -5.85 -16.09
C ASP A 46 -1.32 -7.38 -16.09
N ASP A 47 -2.32 -7.95 -16.75
CA ASP A 47 -2.48 -9.40 -16.82
C ASP A 47 -1.18 -10.08 -17.20
N ALA A 48 -0.41 -9.43 -18.07
CA ALA A 48 0.86 -9.98 -18.53
C ALA A 48 1.75 -10.43 -17.37
N THR A 49 1.69 -9.70 -16.26
CA THR A 49 2.51 -10.04 -15.10
C THR A 49 1.65 -10.28 -13.85
N LYS A 50 0.35 -10.43 -14.05
CA LYS A 50 -0.55 -10.66 -12.91
C LYS A 50 -0.30 -9.63 -11.81
N THR A 51 0.04 -8.41 -12.20
CA THR A 51 0.33 -7.36 -11.24
C THR A 51 -0.50 -6.11 -11.49
N PHE A 52 -0.89 -5.45 -10.40
CA PHE A 52 -1.68 -4.22 -10.47
C PHE A 52 -0.84 -3.02 -10.06
N THR A 53 -1.00 -1.91 -10.76
CA THR A 53 -0.24 -0.70 -10.44
C THR A 53 -1.17 0.43 -10.02
N VAL A 54 -0.93 0.95 -8.82
CA VAL A 54 -1.73 2.04 -8.28
C VAL A 54 -0.92 3.33 -8.30
N THR A 55 -1.33 4.28 -9.13
CA THR A 55 -0.63 5.54 -9.24
C THR A 55 -1.36 6.64 -8.48
N GLU A 56 -0.75 7.12 -7.40
CA GLU A 56 -1.36 8.16 -6.59
C GLU A 56 -1.04 9.54 -7.15
N MET B 1 -5.86 -17.96 -5.94
CA MET B 1 -4.50 -17.65 -6.47
C MET B 1 -3.93 -16.41 -5.81
N GLN B 2 -2.63 -16.19 -5.98
CA GLN B 2 -1.97 -15.02 -5.39
C GLN B 2 -1.60 -14.01 -6.48
N TYR B 3 -1.69 -12.73 -6.13
CA TYR B 3 -1.38 -11.67 -7.08
C TYR B 3 -0.40 -10.67 -6.47
N LYS B 4 0.45 -10.08 -7.30
CA LYS B 4 1.42 -9.11 -6.83
C LYS B 4 0.97 -7.69 -7.20
N VAL B 5 0.58 -6.92 -6.20
CA VAL B 5 0.13 -5.56 -6.41
C VAL B 5 1.27 -4.56 -6.21
N ILE B 6 1.44 -3.67 -7.17
CA ILE B 6 2.48 -2.65 -7.11
C ILE B 6 1.88 -1.29 -6.78
N LEU B 7 2.34 -0.70 -5.69
CA LEU B 7 1.85 0.60 -5.26
C LEU B 7 2.84 1.69 -5.68
N ASN B 8 2.62 2.26 -6.87
CA ASN B 8 3.51 3.28 -7.40
C ASN B 8 2.97 4.69 -7.20
N GLY B 9 3.58 5.44 -6.31
CA GLY B 9 3.13 6.80 -6.05
C GLY B 9 4.18 7.83 -6.43
N LYS B 10 3.94 9.08 -6.03
CA LYS B 10 4.86 10.16 -6.33
C LYS B 10 6.10 10.09 -5.44
N THR B 11 5.89 10.07 -4.13
CA THR B 11 6.98 10.02 -3.17
C THR B 11 7.02 8.68 -2.45
N LEU B 12 6.24 7.71 -2.94
CA LEU B 12 6.19 6.41 -2.32
C LEU B 12 6.15 5.30 -3.37
N LYS B 13 6.90 4.23 -3.10
CA LYS B 13 6.95 3.10 -4.01
C LYS B 13 7.08 1.81 -3.21
N GLY B 14 6.46 0.74 -3.70
CA GLY B 14 6.53 -0.53 -3.00
C GLY B 14 5.84 -1.66 -3.74
N GLU B 15 5.74 -2.81 -3.09
CA GLU B 15 5.10 -3.97 -3.66
C GLU B 15 4.33 -4.75 -2.60
N THR B 16 3.13 -5.19 -2.95
CA THR B 16 2.29 -5.93 -2.03
C THR B 16 1.67 -7.15 -2.72
N THR B 17 1.09 -8.05 -1.92
CA THR B 17 0.48 -9.26 -2.47
C THR B 17 -0.79 -9.67 -1.73
N THR B 18 -1.90 -9.72 -2.47
CA THR B 18 -3.20 -10.13 -1.93
C THR B 18 -3.56 -11.51 -2.47
N GLU B 19 -4.22 -12.33 -1.65
CA GLU B 19 -4.62 -13.65 -2.08
C GLU B 19 -6.13 -13.71 -2.31
N ALA B 20 -6.54 -13.91 -3.56
CA ALA B 20 -7.95 -13.97 -3.89
C ALA B 20 -8.24 -14.97 -5.01
N VAL B 21 -9.46 -15.50 -4.99
CA VAL B 21 -9.89 -16.50 -5.97
C VAL B 21 -9.62 -16.04 -7.40
N ASP B 22 -9.56 -14.73 -7.62
CA ASP B 22 -9.30 -14.20 -8.94
C ASP B 22 -8.76 -12.77 -8.88
N ALA B 23 -8.36 -12.25 -10.03
CA ALA B 23 -7.82 -10.90 -10.11
C ALA B 23 -8.82 -9.87 -9.59
N ALA B 24 -10.08 -10.05 -9.97
CA ALA B 24 -11.12 -9.14 -9.54
C ALA B 24 -11.28 -9.20 -8.02
N THR B 25 -11.47 -10.41 -7.49
CA THR B 25 -11.59 -10.57 -6.05
C THR B 25 -10.36 -9.97 -5.38
N ALA B 26 -9.20 -10.25 -5.96
CA ALA B 26 -7.96 -9.70 -5.44
C ALA B 26 -8.00 -8.18 -5.50
N GLU B 27 -8.34 -7.66 -6.68
CA GLU B 27 -8.44 -6.21 -6.87
C GLU B 27 -9.32 -5.59 -5.80
N LYS B 28 -10.48 -6.21 -5.57
CA LYS B 28 -11.41 -5.74 -4.57
C LYS B 28 -10.78 -5.83 -3.19
N VAL B 29 -10.14 -6.95 -2.92
CA VAL B 29 -9.47 -7.16 -1.64
C VAL B 29 -8.50 -6.02 -1.37
N VAL B 30 -7.77 -5.63 -2.40
CA VAL B 30 -6.83 -4.53 -2.27
C VAL B 30 -7.60 -3.24 -1.98
N LYS B 31 -8.68 -3.01 -2.73
CA LYS B 31 -9.49 -1.81 -2.52
C LYS B 31 -9.86 -1.69 -1.04
N GLN B 32 -10.32 -2.79 -0.46
CA GLN B 32 -10.69 -2.79 0.95
C GLN B 32 -9.47 -2.44 1.79
N PHE B 33 -8.33 -2.95 1.36
CA PHE B 33 -7.05 -2.73 2.03
C PHE B 33 -6.81 -1.21 2.19
N PHE B 34 -6.72 -0.52 1.06
CA PHE B 34 -6.51 0.93 1.06
C PHE B 34 -7.73 1.65 1.59
N ASN B 35 -8.90 1.15 1.21
CA ASN B 35 -10.16 1.73 1.67
C ASN B 35 -10.13 1.88 3.19
N ASP B 36 -9.54 0.89 3.84
CA ASP B 36 -9.43 0.88 5.30
C ASP B 36 -8.09 1.45 5.78
N ASN B 37 -7.06 1.43 4.93
CA ASN B 37 -5.76 1.97 5.33
C ASN B 37 -5.75 3.48 5.17
N GLY B 38 -6.23 3.94 4.02
CA GLY B 38 -6.31 5.35 3.69
C GLY B 38 -5.97 6.31 4.82
N VAL B 39 -6.97 7.07 5.24
CA VAL B 39 -6.77 8.09 6.28
C VAL B 39 -7.47 7.77 7.59
N ASP B 40 -8.07 6.60 7.73
CA ASP B 40 -8.74 6.24 8.97
C ASP B 40 -8.22 4.92 9.55
N GLY B 41 -7.13 4.41 8.99
CA GLY B 41 -6.58 3.15 9.47
C GLY B 41 -5.74 3.32 10.72
N GLU B 42 -5.31 2.19 11.29
CA GLU B 42 -4.48 2.19 12.50
C GLU B 42 -3.01 2.09 12.13
N TRP B 43 -2.31 3.23 12.17
CA TRP B 43 -0.90 3.26 11.81
C TRP B 43 0.03 3.17 13.02
N THR B 44 0.80 2.10 13.07
CA THR B 44 1.77 1.90 14.15
C THR B 44 3.17 2.06 13.60
N TYR B 45 4.04 2.73 14.36
CA TYR B 45 5.42 2.96 13.91
C TYR B 45 6.41 2.21 14.79
N ASP B 46 7.47 1.69 14.17
CA ASP B 46 8.50 0.96 14.89
C ASP B 46 9.87 1.59 14.66
N ASP B 47 10.19 2.62 15.44
CA ASP B 47 11.47 3.31 15.32
C ASP B 47 12.64 2.33 15.30
N ALA B 48 12.51 1.25 16.06
CA ALA B 48 13.55 0.22 16.13
C ALA B 48 14.00 -0.23 14.75
N THR B 49 13.07 -0.29 13.80
CA THR B 49 13.39 -0.73 12.44
C THR B 49 13.03 0.32 11.41
N LYS B 50 12.77 1.55 11.85
CA LYS B 50 12.41 2.63 10.93
C LYS B 50 11.32 2.17 9.97
N THR B 51 10.41 1.33 10.46
CA THR B 51 9.34 0.81 9.63
C THR B 51 7.96 1.06 10.25
N PHE B 52 6.98 1.32 9.38
CA PHE B 52 5.61 1.56 9.82
C PHE B 52 4.72 0.40 9.42
N THR B 53 3.81 0.00 10.30
CA THR B 53 2.90 -1.10 10.00
C THR B 53 1.45 -0.62 9.97
N VAL B 54 0.80 -0.86 8.84
CA VAL B 54 -0.60 -0.47 8.67
C VAL B 54 -1.49 -1.70 8.70
N THR B 55 -2.31 -1.81 9.74
CA THR B 55 -3.20 -2.96 9.88
C THR B 55 -4.62 -2.59 9.47
N GLU B 56 -5.09 -3.17 8.37
CA GLU B 56 -6.44 -2.88 7.88
C GLU B 56 -7.46 -3.79 8.56
N MET A 1 15.59 11.22 4.48
CA MET A 1 15.68 9.82 4.95
C MET A 1 14.61 8.95 4.31
N GLN A 2 14.92 7.67 4.14
CA GLN A 2 14.00 6.71 3.55
C GLN A 2 13.40 5.83 4.64
N TYR A 3 12.12 5.52 4.51
CA TYR A 3 11.44 4.68 5.49
C TYR A 3 10.75 3.50 4.82
N LYS A 4 10.73 2.36 5.51
CA LYS A 4 10.10 1.15 4.99
C LYS A 4 8.71 0.98 5.59
N VAL A 5 7.69 1.19 4.78
CA VAL A 5 6.32 1.05 5.24
C VAL A 5 5.79 -0.35 4.94
N ILE A 6 5.27 -1.01 5.97
CA ILE A 6 4.73 -2.35 5.83
C ILE A 6 3.21 -2.33 5.84
N LEU A 7 2.61 -2.81 4.75
CA LEU A 7 1.16 -2.85 4.64
C LEU A 7 0.68 -4.25 4.97
N ASN A 8 0.43 -4.50 6.26
CA ASN A 8 0.01 -5.82 6.73
C ASN A 8 -1.51 -5.96 6.83
N GLY A 9 -2.09 -6.64 5.85
CA GLY A 9 -3.53 -6.85 5.85
C GLY A 9 -3.87 -8.34 5.89
N LYS A 10 -5.02 -8.66 6.46
CA LYS A 10 -5.44 -10.06 6.55
C LYS A 10 -5.35 -10.78 5.20
N THR A 11 -5.96 -10.18 4.18
CA THR A 11 -5.97 -10.76 2.85
C THR A 11 -4.93 -10.12 1.95
N LEU A 12 -4.27 -9.09 2.45
CA LEU A 12 -3.25 -8.40 1.68
C LEU A 12 -2.01 -8.14 2.51
N LYS A 13 -0.85 -8.40 1.94
CA LYS A 13 0.42 -8.20 2.65
C LYS A 13 1.50 -7.70 1.69
N GLY A 14 2.36 -6.82 2.17
CA GLY A 14 3.42 -6.30 1.32
C GLY A 14 4.33 -5.32 2.04
N GLU A 15 5.17 -4.63 1.27
CA GLU A 15 6.10 -3.65 1.81
C GLU A 15 6.32 -2.52 0.83
N THR A 16 6.44 -1.31 1.35
CA THR A 16 6.65 -0.12 0.54
C THR A 16 7.65 0.83 1.19
N THR A 17 8.10 1.84 0.44
CA THR A 17 9.08 2.80 0.97
C THR A 17 8.85 4.23 0.46
N THR A 18 8.63 5.14 1.40
CA THR A 18 8.44 6.56 1.09
C THR A 18 9.69 7.35 1.47
N GLU A 19 10.01 8.36 0.68
CA GLU A 19 11.18 9.19 0.96
C GLU A 19 10.74 10.53 1.56
N ALA A 20 11.07 10.75 2.83
CA ALA A 20 10.68 11.99 3.50
C ALA A 20 11.77 12.47 4.46
N VAL A 21 11.84 13.79 4.62
CA VAL A 21 12.83 14.42 5.49
C VAL A 21 12.84 13.80 6.89
N ASP A 22 11.71 13.22 7.29
CA ASP A 22 11.61 12.59 8.61
C ASP A 22 10.52 11.54 8.64
N ALA A 23 10.36 10.87 9.77
CA ALA A 23 9.36 9.83 9.93
C ALA A 23 7.95 10.38 9.74
N ALA A 24 7.69 11.55 10.33
CA ALA A 24 6.38 12.17 10.20
C ALA A 24 6.09 12.49 8.74
N THR A 25 7.00 13.22 8.10
CA THR A 25 6.86 13.56 6.70
C THR A 25 6.55 12.29 5.92
N ALA A 26 7.31 11.24 6.22
CA ALA A 26 7.12 9.94 5.59
C ALA A 26 5.70 9.45 5.87
N GLU A 27 5.33 9.43 7.15
CA GLU A 27 4.00 8.99 7.54
C GLU A 27 2.94 9.78 6.82
N LYS A 28 3.10 11.10 6.79
CA LYS A 28 2.15 11.98 6.11
C LYS A 28 2.09 11.63 4.64
N VAL A 29 3.26 11.45 4.03
CA VAL A 29 3.33 11.10 2.63
C VAL A 29 2.59 9.80 2.38
N VAL A 30 2.73 8.87 3.31
CA VAL A 30 2.03 7.61 3.21
C VAL A 30 0.54 7.87 3.35
N LYS A 31 0.16 8.63 4.37
CA LYS A 31 -1.25 8.98 4.59
C LYS A 31 -1.86 9.44 3.27
N GLN A 32 -1.20 10.40 2.63
CA GLN A 32 -1.67 10.93 1.35
C GLN A 32 -1.71 9.82 0.31
N PHE A 33 -0.71 8.94 0.38
CA PHE A 33 -0.63 7.81 -0.54
C PHE A 33 -1.93 7.02 -0.54
N PHE A 34 -2.25 6.44 0.60
CA PHE A 34 -3.47 5.65 0.78
C PHE A 34 -4.70 6.54 0.72
N ASN A 35 -4.59 7.72 1.32
CA ASN A 35 -5.68 8.69 1.32
C ASN A 35 -6.15 8.92 -0.12
N ASP A 36 -5.18 8.94 -1.03
CA ASP A 36 -5.44 9.15 -2.45
C ASP A 36 -5.58 7.84 -3.23
N ASN A 37 -4.98 6.76 -2.74
CA ASN A 37 -5.08 5.46 -3.42
C ASN A 37 -6.43 4.84 -3.12
N GLY A 38 -6.84 4.98 -1.86
CA GLY A 38 -8.10 4.44 -1.36
C GLY A 38 -9.04 3.87 -2.41
N VAL A 39 -10.22 4.48 -2.52
CA VAL A 39 -11.26 4.00 -3.41
C VAL A 39 -11.11 4.40 -4.88
N ASP A 40 -11.01 5.70 -5.15
CA ASP A 40 -10.93 6.17 -6.54
C ASP A 40 -9.49 6.25 -7.08
N GLY A 41 -8.59 5.45 -6.52
CA GLY A 41 -7.22 5.49 -6.99
C GLY A 41 -7.09 5.01 -8.43
N GLU A 42 -6.16 5.62 -9.18
CA GLU A 42 -5.93 5.24 -10.58
C GLU A 42 -5.08 3.97 -10.64
N TRP A 43 -5.74 2.82 -10.75
CA TRP A 43 -5.04 1.54 -10.79
C TRP A 43 -5.07 0.91 -12.18
N THR A 44 -3.90 0.46 -12.64
CA THR A 44 -3.79 -0.21 -13.93
C THR A 44 -3.43 -1.67 -13.68
N TYR A 45 -3.99 -2.58 -14.46
CA TYR A 45 -3.73 -4.01 -14.27
C TYR A 45 -2.93 -4.61 -15.41
N ASP A 46 -2.07 -5.58 -15.06
CA ASP A 46 -1.23 -6.28 -16.04
C ASP A 46 -1.49 -7.78 -15.96
N ASP A 47 -2.56 -8.23 -16.60
CA ASP A 47 -2.92 -9.65 -16.58
C ASP A 47 -1.72 -10.55 -16.87
N ALA A 48 -0.84 -10.10 -17.76
CA ALA A 48 0.34 -10.88 -18.12
C ALA A 48 1.11 -11.37 -16.90
N THR A 49 1.12 -10.57 -15.84
CA THR A 49 1.83 -10.93 -14.62
C THR A 49 0.95 -10.82 -13.38
N LYS A 50 -0.36 -10.68 -13.58
CA LYS A 50 -1.28 -10.55 -12.45
C LYS A 50 -0.84 -9.42 -11.53
N THR A 51 -0.16 -8.44 -12.09
CA THR A 51 0.36 -7.32 -11.30
C THR A 51 -0.45 -6.04 -11.55
N PHE A 52 -0.78 -5.37 -10.46
CA PHE A 52 -1.53 -4.11 -10.52
C PHE A 52 -0.63 -2.95 -10.10
N THR A 53 -0.75 -1.81 -10.75
CA THR A 53 0.08 -0.66 -10.40
C THR A 53 -0.78 0.53 -9.95
N VAL A 54 -0.52 0.98 -8.73
CA VAL A 54 -1.25 2.11 -8.16
C VAL A 54 -0.40 3.38 -8.24
N THR A 55 -0.77 4.28 -9.13
CA THR A 55 -0.02 5.53 -9.30
C THR A 55 -0.77 6.70 -8.68
N GLU A 56 -0.13 7.35 -7.71
CA GLU A 56 -0.75 8.49 -7.02
C GLU A 56 -0.76 9.71 -7.92
N MET B 1 -5.84 -17.83 -6.10
CA MET B 1 -4.64 -17.30 -6.79
C MET B 1 -4.06 -16.08 -6.06
N GLN B 2 -2.75 -15.91 -6.16
CA GLN B 2 -2.07 -14.79 -5.54
C GLN B 2 -1.72 -13.74 -6.58
N TYR B 3 -1.84 -12.47 -6.22
CA TYR B 3 -1.54 -11.38 -7.14
C TYR B 3 -0.55 -10.40 -6.52
N LYS B 4 0.32 -9.85 -7.35
CA LYS B 4 1.33 -8.89 -6.90
C LYS B 4 0.87 -7.47 -7.19
N VAL B 5 0.51 -6.73 -6.14
CA VAL B 5 0.06 -5.36 -6.30
C VAL B 5 1.21 -4.38 -6.10
N ILE B 6 1.40 -3.51 -7.08
CA ILE B 6 2.48 -2.53 -7.03
C ILE B 6 1.93 -1.14 -6.69
N LEU B 7 2.39 -0.58 -5.59
CA LEU B 7 1.96 0.74 -5.16
C LEU B 7 3.00 1.78 -5.59
N ASN B 8 2.85 2.28 -6.80
CA ASN B 8 3.80 3.24 -7.36
C ASN B 8 3.38 4.70 -7.13
N GLY B 9 4.01 5.34 -6.17
CA GLY B 9 3.72 6.73 -5.88
C GLY B 9 4.93 7.61 -6.07
N LYS B 10 4.72 8.88 -6.40
CA LYS B 10 5.81 9.80 -6.61
C LYS B 10 6.80 9.79 -5.44
N THR B 11 6.28 9.97 -4.23
CA THR B 11 7.11 10.00 -3.03
C THR B 11 7.09 8.66 -2.30
N LEU B 12 6.25 7.74 -2.78
CA LEU B 12 6.15 6.43 -2.16
C LEU B 12 6.16 5.34 -3.21
N LYS B 13 6.93 4.28 -2.95
CA LYS B 13 7.02 3.16 -3.88
C LYS B 13 7.16 1.85 -3.13
N GLY B 14 6.54 0.79 -3.65
CA GLY B 14 6.63 -0.50 -3.00
C GLY B 14 5.89 -1.60 -3.74
N GLU B 15 5.73 -2.74 -3.08
CA GLU B 15 5.04 -3.88 -3.67
C GLU B 15 4.29 -4.67 -2.59
N THR B 16 3.11 -5.16 -2.95
CA THR B 16 2.29 -5.94 -2.03
C THR B 16 1.62 -7.11 -2.74
N THR B 17 1.03 -8.02 -1.96
CA THR B 17 0.38 -9.20 -2.54
C THR B 17 -0.89 -9.61 -1.78
N THR B 18 -2.01 -9.62 -2.50
CA THR B 18 -3.30 -10.02 -1.94
C THR B 18 -3.67 -11.42 -2.47
N GLU B 19 -4.31 -12.22 -1.63
CA GLU B 19 -4.73 -13.57 -2.03
C GLU B 19 -6.22 -13.58 -2.31
N ALA B 20 -6.60 -13.78 -3.57
CA ALA B 20 -8.01 -13.80 -3.94
C ALA B 20 -8.29 -14.82 -5.04
N VAL B 21 -9.50 -15.37 -5.00
CA VAL B 21 -9.93 -16.38 -5.96
C VAL B 21 -9.67 -15.94 -7.42
N ASP B 22 -9.63 -14.63 -7.64
CA ASP B 22 -9.39 -14.10 -8.98
C ASP B 22 -8.81 -12.69 -8.91
N ALA B 23 -8.51 -12.13 -10.08
CA ALA B 23 -7.95 -10.78 -10.17
C ALA B 23 -8.90 -9.74 -9.59
N ALA B 24 -10.18 -9.87 -9.90
CA ALA B 24 -11.17 -8.92 -9.40
C ALA B 24 -11.24 -9.01 -7.89
N THR B 25 -11.44 -10.22 -7.36
CA THR B 25 -11.49 -10.42 -5.93
C THR B 25 -10.25 -9.78 -5.30
N ALA B 26 -9.10 -10.03 -5.92
CA ALA B 26 -7.86 -9.44 -5.46
C ALA B 26 -7.95 -7.93 -5.50
N GLU B 27 -8.35 -7.39 -6.65
CA GLU B 27 -8.49 -5.94 -6.81
C GLU B 27 -9.43 -5.39 -5.74
N LYS B 28 -10.56 -6.05 -5.55
CA LYS B 28 -11.54 -5.62 -4.55
C LYS B 28 -10.90 -5.66 -3.16
N VAL B 29 -10.22 -6.75 -2.87
CA VAL B 29 -9.55 -6.90 -1.58
C VAL B 29 -8.56 -5.76 -1.38
N VAL B 30 -7.88 -5.38 -2.45
CA VAL B 30 -6.94 -4.27 -2.39
C VAL B 30 -7.73 -2.99 -2.15
N LYS B 31 -8.80 -2.78 -2.94
CA LYS B 31 -9.65 -1.60 -2.78
C LYS B 31 -9.97 -1.42 -1.29
N GLN B 32 -10.48 -2.49 -0.68
CA GLN B 32 -10.84 -2.47 0.73
C GLN B 32 -9.61 -2.16 1.57
N PHE B 33 -8.47 -2.72 1.15
CA PHE B 33 -7.21 -2.50 1.85
C PHE B 33 -6.95 -1.01 2.02
N PHE B 34 -6.78 -0.33 0.90
CA PHE B 34 -6.52 1.11 0.89
C PHE B 34 -7.75 1.88 1.35
N ASN B 35 -8.93 1.42 0.93
CA ASN B 35 -10.17 2.05 1.33
C ASN B 35 -10.23 2.17 2.85
N ASP B 36 -9.70 1.13 3.51
CA ASP B 36 -9.67 1.07 4.97
C ASP B 36 -8.35 1.60 5.55
N ASN B 37 -7.26 1.52 4.79
CA ASN B 37 -5.98 2.01 5.27
C ASN B 37 -5.93 3.53 5.18
N GLY B 38 -6.48 4.05 4.08
CA GLY B 38 -6.55 5.48 3.81
C GLY B 38 -6.11 6.39 4.93
N VAL B 39 -7.06 7.21 5.40
CA VAL B 39 -6.77 8.20 6.42
C VAL B 39 -6.77 7.69 7.86
N ASP B 40 -7.85 7.06 8.29
CA ASP B 40 -7.94 6.59 9.69
C ASP B 40 -7.40 5.18 9.88
N GLY B 41 -6.49 4.74 9.03
CA GLY B 41 -5.93 3.41 9.19
C GLY B 41 -5.12 3.25 10.47
N GLU B 42 -5.18 2.07 11.07
CA GLU B 42 -4.45 1.79 12.31
C GLU B 42 -2.99 1.49 11.99
N TRP B 43 -2.15 2.52 12.06
CA TRP B 43 -0.73 2.37 11.75
C TRP B 43 0.15 2.41 13.00
N THR B 44 1.06 1.45 13.11
CA THR B 44 2.01 1.42 14.22
C THR B 44 3.41 1.68 13.68
N TYR B 45 4.22 2.44 14.43
CA TYR B 45 5.56 2.78 13.97
C TYR B 45 6.64 2.09 14.79
N ASP B 46 7.74 1.74 14.12
CA ASP B 46 8.89 1.10 14.76
C ASP B 46 10.15 1.91 14.51
N ASP B 47 10.34 2.97 15.31
CA ASP B 47 11.51 3.84 15.16
C ASP B 47 12.80 3.05 15.02
N ALA B 48 12.90 1.94 15.75
CA ALA B 48 14.10 1.11 15.72
C ALA B 48 14.53 0.78 14.29
N THR B 49 13.57 0.63 13.40
CA THR B 49 13.87 0.30 12.00
C THR B 49 13.18 1.26 11.03
N LYS B 50 12.65 2.36 11.53
CA LYS B 50 11.95 3.32 10.68
C LYS B 50 10.88 2.62 9.85
N THR B 51 10.34 1.54 10.40
CA THR B 51 9.33 0.77 9.70
C THR B 51 7.94 0.97 10.30
N PHE B 52 6.97 1.18 9.43
CA PHE B 52 5.58 1.37 9.85
C PHE B 52 4.74 0.17 9.41
N THR B 53 3.80 -0.26 10.24
CA THR B 53 2.96 -1.39 9.90
C THR B 53 1.49 -1.00 9.83
N VAL B 54 0.88 -1.22 8.66
CA VAL B 54 -0.53 -0.91 8.46
C VAL B 54 -1.36 -2.19 8.52
N THR B 55 -2.11 -2.34 9.61
CA THR B 55 -2.96 -3.51 9.81
C THR B 55 -4.42 -3.19 9.54
N GLU B 56 -5.02 -3.87 8.56
CA GLU B 56 -6.41 -3.63 8.22
C GLU B 56 -7.34 -4.24 9.26
N MET A 1 15.80 11.07 3.79
CA MET A 1 15.73 9.78 4.51
C MET A 1 14.78 8.81 3.81
N GLN A 2 15.20 7.56 3.68
CA GLN A 2 14.39 6.53 3.06
C GLN A 2 13.71 5.70 4.14
N TYR A 3 12.39 5.52 4.02
CA TYR A 3 11.64 4.75 5.01
C TYR A 3 11.04 3.50 4.40
N LYS A 4 10.96 2.45 5.20
CA LYS A 4 10.39 1.19 4.75
C LYS A 4 9.04 0.95 5.42
N VAL A 5 7.96 1.23 4.68
CA VAL A 5 6.62 1.07 5.21
C VAL A 5 6.06 -0.32 4.85
N ILE A 6 5.49 -0.98 5.84
CA ILE A 6 4.92 -2.31 5.63
C ILE A 6 3.41 -2.26 5.78
N LEU A 7 2.71 -2.88 4.83
CA LEU A 7 1.25 -2.90 4.86
C LEU A 7 0.73 -4.31 5.13
N ASN A 8 0.48 -4.60 6.40
CA ASN A 8 -0.02 -5.91 6.81
C ASN A 8 -1.53 -5.91 7.00
N GLY A 9 -2.24 -6.59 6.10
CA GLY A 9 -3.69 -6.65 6.19
C GLY A 9 -4.20 -8.06 6.42
N LYS A 10 -5.50 -8.24 6.25
CA LYS A 10 -6.11 -9.55 6.42
C LYS A 10 -5.91 -10.41 5.17
N THR A 11 -6.34 -9.88 4.02
CA THR A 11 -6.23 -10.58 2.76
C THR A 11 -5.12 -9.98 1.91
N LEU A 12 -4.40 -9.00 2.46
CA LEU A 12 -3.33 -8.35 1.73
C LEU A 12 -2.12 -8.08 2.61
N LYS A 13 -0.94 -8.32 2.05
CA LYS A 13 0.32 -8.09 2.76
C LYS A 13 1.36 -7.58 1.77
N GLY A 14 2.24 -6.70 2.24
CA GLY A 14 3.26 -6.17 1.35
C GLY A 14 4.21 -5.21 2.03
N GLU A 15 5.07 -4.59 1.23
CA GLU A 15 6.04 -3.63 1.72
C GLU A 15 6.17 -2.45 0.76
N THR A 16 6.52 -1.29 1.29
CA THR A 16 6.66 -0.08 0.49
C THR A 16 7.69 0.87 1.12
N THR A 17 8.10 1.90 0.37
CA THR A 17 9.10 2.83 0.87
C THR A 17 8.83 4.28 0.43
N THR A 18 8.66 5.16 1.41
CA THR A 18 8.44 6.59 1.17
C THR A 18 9.66 7.40 1.65
N GLU A 19 9.96 8.50 0.97
CA GLU A 19 11.10 9.34 1.35
C GLU A 19 10.63 10.67 1.92
N ALA A 20 11.01 10.95 3.17
CA ALA A 20 10.61 12.20 3.81
C ALA A 20 11.67 12.69 4.81
N VAL A 21 11.67 14.00 5.03
CA VAL A 21 12.64 14.64 5.93
C VAL A 21 12.66 13.95 7.30
N ASP A 22 11.54 13.33 7.67
CA ASP A 22 11.45 12.63 8.95
C ASP A 22 10.37 11.56 8.93
N ALA A 23 10.29 10.80 10.01
CA ALA A 23 9.30 9.73 10.12
C ALA A 23 7.89 10.27 9.98
N ALA A 24 7.62 11.40 10.63
CA ALA A 24 6.30 12.01 10.56
C ALA A 24 5.99 12.40 9.12
N THR A 25 6.87 13.20 8.52
CA THR A 25 6.68 13.60 7.13
C THR A 25 6.44 12.36 6.28
N ALA A 26 7.24 11.33 6.53
CA ALA A 26 7.08 10.07 5.82
C ALA A 26 5.69 9.52 6.08
N GLU A 27 5.33 9.41 7.37
CA GLU A 27 4.03 8.92 7.76
C GLU A 27 2.91 9.66 7.04
N LYS A 28 2.97 10.99 7.06
CA LYS A 28 1.96 11.80 6.38
C LYS A 28 2.02 11.57 4.89
N VAL A 29 3.22 11.58 4.33
CA VAL A 29 3.40 11.35 2.90
C VAL A 29 2.77 10.02 2.53
N VAL A 30 2.96 9.03 3.40
CA VAL A 30 2.39 7.72 3.20
C VAL A 30 0.88 7.84 3.32
N LYS A 31 0.41 8.48 4.39
CA LYS A 31 -1.02 8.69 4.59
C LYS A 31 -1.67 9.19 3.32
N GLN A 32 -1.04 10.21 2.73
CA GLN A 32 -1.53 10.81 1.51
C GLN A 32 -1.60 9.76 0.42
N PHE A 33 -0.64 8.83 0.45
CA PHE A 33 -0.57 7.75 -0.52
C PHE A 33 -1.89 6.97 -0.53
N PHE A 34 -2.22 6.38 0.61
CA PHE A 34 -3.46 5.61 0.77
C PHE A 34 -4.67 6.52 0.72
N ASN A 35 -4.55 7.68 1.35
CA ASN A 35 -5.63 8.67 1.36
C ASN A 35 -6.11 8.90 -0.07
N ASP A 36 -5.16 8.93 -0.99
CA ASP A 36 -5.42 9.15 -2.41
C ASP A 36 -5.57 7.85 -3.20
N ASN A 37 -4.98 6.76 -2.71
CA ASN A 37 -5.10 5.47 -3.40
C ASN A 37 -6.47 4.88 -3.14
N GLY A 38 -6.89 4.99 -1.89
CA GLY A 38 -8.17 4.49 -1.42
C GLY A 38 -9.10 3.91 -2.49
N VAL A 39 -10.27 4.52 -2.62
CA VAL A 39 -11.29 4.03 -3.54
C VAL A 39 -11.16 4.51 -4.98
N ASP A 40 -11.11 5.81 -5.21
CA ASP A 40 -11.05 6.33 -6.59
C ASP A 40 -9.64 6.45 -7.15
N GLY A 41 -8.72 5.61 -6.66
CA GLY A 41 -7.36 5.66 -7.17
C GLY A 41 -7.27 5.13 -8.59
N GLU A 42 -6.20 5.50 -9.30
CA GLU A 42 -5.99 5.03 -10.67
C GLU A 42 -5.24 3.71 -10.67
N TRP A 43 -5.98 2.60 -10.76
CA TRP A 43 -5.36 1.27 -10.73
C TRP A 43 -5.22 0.65 -12.12
N THR A 44 -3.98 0.34 -12.48
CA THR A 44 -3.70 -0.31 -13.76
C THR A 44 -3.37 -1.78 -13.52
N TYR A 45 -3.94 -2.66 -14.33
CA TYR A 45 -3.72 -4.10 -14.16
C TYR A 45 -2.81 -4.67 -15.25
N ASP A 46 -1.95 -5.60 -14.85
CA ASP A 46 -1.04 -6.24 -15.79
C ASP A 46 -1.22 -7.77 -15.76
N ASP A 47 -2.23 -8.24 -16.47
CA ASP A 47 -2.54 -9.67 -16.52
C ASP A 47 -1.28 -10.51 -16.76
N ALA A 48 -0.36 -9.97 -17.56
CA ALA A 48 0.87 -10.67 -17.88
C ALA A 48 1.59 -11.18 -16.64
N THR A 49 1.50 -10.44 -15.55
CA THR A 49 2.16 -10.83 -14.30
C THR A 49 1.20 -10.84 -13.11
N LYS A 50 -0.10 -10.75 -13.38
CA LYS A 50 -1.10 -10.73 -12.32
C LYS A 50 -0.78 -9.63 -11.31
N THR A 51 -0.18 -8.55 -11.80
CA THR A 51 0.20 -7.43 -10.94
C THR A 51 -0.72 -6.25 -11.14
N PHE A 52 -0.91 -5.46 -10.07
CA PHE A 52 -1.77 -4.28 -10.13
C PHE A 52 -1.04 -3.02 -9.68
N THR A 53 -0.51 -2.30 -10.66
CA THR A 53 0.20 -1.06 -10.39
C THR A 53 -0.76 0.08 -10.05
N VAL A 54 -0.52 0.71 -8.91
CA VAL A 54 -1.33 1.84 -8.46
C VAL A 54 -0.53 3.13 -8.51
N THR A 55 -0.89 4.02 -9.41
CA THR A 55 -0.18 5.29 -9.56
C THR A 55 -0.92 6.43 -8.88
N GLU A 56 -0.29 7.02 -7.86
CA GLU A 56 -0.87 8.13 -7.12
C GLU A 56 -1.45 9.18 -8.06
N MET B 1 -5.48 -18.07 -5.51
CA MET B 1 -4.47 -17.39 -6.37
C MET B 1 -3.77 -16.25 -5.64
N GLN B 2 -2.45 -16.19 -5.81
CA GLN B 2 -1.65 -15.15 -5.18
C GLN B 2 -1.38 -14.04 -6.20
N TYR B 3 -1.63 -12.80 -5.81
CA TYR B 3 -1.42 -11.67 -6.70
C TYR B 3 -0.36 -10.73 -6.17
N LYS B 4 0.39 -10.13 -7.09
CA LYS B 4 1.44 -9.20 -6.73
C LYS B 4 1.04 -7.77 -7.09
N VAL B 5 0.59 -7.01 -6.10
CA VAL B 5 0.16 -5.65 -6.34
C VAL B 5 1.29 -4.66 -6.07
N ILE B 6 1.49 -3.74 -7.00
CA ILE B 6 2.55 -2.75 -6.87
C ILE B 6 1.95 -1.36 -6.67
N LEU B 7 2.47 -0.63 -5.70
CA LEU B 7 1.98 0.71 -5.39
C LEU B 7 3.02 1.76 -5.76
N ASN B 8 2.92 2.30 -6.97
CA ASN B 8 3.86 3.32 -7.45
C ASN B 8 3.29 4.72 -7.30
N GLY B 9 3.85 5.49 -6.36
CA GLY B 9 3.39 6.85 -6.15
C GLY B 9 4.45 7.89 -6.47
N LYS B 10 4.21 9.11 -6.03
CA LYS B 10 5.15 10.21 -6.26
C LYS B 10 6.27 10.16 -5.23
N THR B 11 5.90 10.17 -3.95
CA THR B 11 6.87 10.15 -2.86
C THR B 11 6.89 8.77 -2.20
N LEU B 12 6.12 7.84 -2.75
CA LEU B 12 6.07 6.50 -2.18
C LEU B 12 6.04 5.43 -3.26
N LYS B 13 6.79 4.36 -3.02
CA LYS B 13 6.86 3.24 -3.95
C LYS B 13 6.98 1.93 -3.16
N GLY B 14 6.37 0.86 -3.67
CA GLY B 14 6.44 -0.40 -2.97
C GLY B 14 5.75 -1.53 -3.70
N GLU B 15 5.65 -2.67 -3.01
CA GLU B 15 5.01 -3.85 -3.57
C GLU B 15 4.20 -4.56 -2.48
N THR B 16 3.14 -5.25 -2.90
CA THR B 16 2.27 -5.97 -1.98
C THR B 16 1.63 -7.17 -2.66
N THR B 17 0.99 -8.05 -1.88
CA THR B 17 0.36 -9.24 -2.44
C THR B 17 -0.94 -9.63 -1.74
N THR B 18 -2.03 -9.67 -2.52
CA THR B 18 -3.35 -10.05 -2.01
C THR B 18 -3.77 -11.39 -2.63
N GLU B 19 -4.51 -12.19 -1.88
CA GLU B 19 -4.97 -13.48 -2.37
C GLU B 19 -6.47 -13.48 -2.62
N ALA B 20 -6.88 -13.75 -3.85
CA ALA B 20 -8.30 -13.76 -4.20
C ALA B 20 -8.60 -14.76 -5.32
N VAL B 21 -9.84 -15.25 -5.33
CA VAL B 21 -10.29 -16.22 -6.32
C VAL B 21 -9.97 -15.77 -7.75
N ASP B 22 -9.86 -14.46 -7.95
CA ASP B 22 -9.55 -13.92 -9.27
C ASP B 22 -8.95 -12.52 -9.17
N ALA B 23 -8.52 -11.98 -10.31
CA ALA B 23 -7.92 -10.66 -10.35
C ALA B 23 -8.86 -9.60 -9.82
N ALA B 24 -10.13 -9.70 -10.21
CA ALA B 24 -11.13 -8.75 -9.76
C ALA B 24 -11.27 -8.83 -8.24
N THR B 25 -11.56 -10.02 -7.74
CA THR B 25 -11.68 -10.22 -6.31
C THR B 25 -10.44 -9.65 -5.62
N ALA B 26 -9.28 -9.95 -6.19
CA ALA B 26 -8.03 -9.43 -5.66
C ALA B 26 -8.06 -7.90 -5.68
N GLU B 27 -8.39 -7.35 -6.85
CA GLU B 27 -8.47 -5.91 -7.03
C GLU B 27 -9.37 -5.29 -5.96
N LYS B 28 -10.57 -5.84 -5.79
CA LYS B 28 -11.51 -5.34 -4.80
C LYS B 28 -10.94 -5.54 -3.40
N VAL B 29 -10.41 -6.72 -3.13
CA VAL B 29 -9.82 -7.00 -1.83
C VAL B 29 -8.74 -5.97 -1.53
N VAL B 30 -7.97 -5.65 -2.57
CA VAL B 30 -6.92 -4.64 -2.44
C VAL B 30 -7.58 -3.30 -2.20
N LYS B 31 -8.57 -2.96 -3.04
CA LYS B 31 -9.30 -1.70 -2.88
C LYS B 31 -9.70 -1.50 -1.42
N GLN B 32 -10.27 -2.55 -0.86
CA GLN B 32 -10.72 -2.52 0.53
C GLN B 32 -9.53 -2.21 1.44
N PHE B 33 -8.37 -2.73 1.05
CA PHE B 33 -7.13 -2.52 1.80
C PHE B 33 -6.88 -1.03 1.99
N PHE B 34 -6.71 -0.33 0.87
CA PHE B 34 -6.48 1.12 0.89
C PHE B 34 -7.72 1.87 1.35
N ASN B 35 -8.88 1.41 0.88
CA ASN B 35 -10.14 2.02 1.27
C ASN B 35 -10.21 2.15 2.79
N ASP B 36 -9.69 1.13 3.46
CA ASP B 36 -9.67 1.06 4.92
C ASP B 36 -8.36 1.59 5.52
N ASN B 37 -7.27 1.53 4.76
CA ASN B 37 -5.99 2.03 5.25
C ASN B 37 -5.97 3.55 5.22
N GLY B 38 -6.51 4.08 4.11
CA GLY B 38 -6.61 5.51 3.88
C GLY B 38 -6.15 6.40 5.02
N VAL B 39 -7.08 7.23 5.51
CA VAL B 39 -6.78 8.21 6.55
C VAL B 39 -6.85 7.69 7.98
N ASP B 40 -7.97 7.11 8.40
CA ASP B 40 -8.12 6.65 9.78
C ASP B 40 -7.60 5.23 10.01
N GLY B 41 -6.64 4.78 9.22
CA GLY B 41 -6.10 3.45 9.41
C GLY B 41 -5.26 3.35 10.67
N GLU B 42 -5.07 2.13 11.18
CA GLU B 42 -4.26 1.91 12.38
C GLU B 42 -2.79 1.73 12.00
N TRP B 43 -2.02 2.82 12.09
CA TRP B 43 -0.61 2.77 11.73
C TRP B 43 0.31 2.66 12.93
N THR B 44 1.11 1.60 12.96
CA THR B 44 2.08 1.40 14.03
C THR B 44 3.49 1.70 13.50
N TYR B 45 4.28 2.44 14.28
CA TYR B 45 5.63 2.81 13.85
C TYR B 45 6.70 2.04 14.60
N ASP B 46 7.76 1.66 13.88
CA ASP B 46 8.88 0.94 14.48
C ASP B 46 10.18 1.70 14.26
N ASP B 47 10.44 2.69 15.10
CA ASP B 47 11.64 3.51 15.01
C ASP B 47 12.88 2.65 14.82
N ALA B 48 12.90 1.49 15.47
CA ALA B 48 14.03 0.58 15.40
C ALA B 48 14.48 0.31 13.96
N THR B 49 13.52 0.28 13.04
CA THR B 49 13.83 0.01 11.64
C THR B 49 13.23 1.07 10.71
N LYS B 50 12.76 2.19 11.28
CA LYS B 50 12.16 3.24 10.47
C LYS B 50 11.04 2.69 9.60
N THR B 51 10.38 1.64 10.10
CA THR B 51 9.30 1.00 9.36
C THR B 51 7.93 1.36 9.94
N PHE B 52 6.92 1.39 9.07
CA PHE B 52 5.56 1.71 9.49
C PHE B 52 4.56 0.64 9.09
N THR B 53 4.31 -0.27 10.02
CA THR B 53 3.36 -1.35 9.79
C THR B 53 1.92 -0.86 9.86
N VAL B 54 1.17 -1.16 8.81
CA VAL B 54 -0.23 -0.77 8.72
C VAL B 54 -1.13 -2.01 8.78
N THR B 55 -1.86 -2.16 9.87
CA THR B 55 -2.73 -3.31 10.04
C THR B 55 -4.19 -2.97 9.74
N GLU B 56 -4.73 -3.61 8.70
CA GLU B 56 -6.11 -3.39 8.28
C GLU B 56 -7.06 -3.41 9.48
N MET A 1 15.82 10.91 4.73
CA MET A 1 16.12 9.46 4.61
C MET A 1 14.96 8.71 3.97
N GLN A 2 15.16 7.41 3.78
CA GLN A 2 14.14 6.54 3.20
C GLN A 2 13.55 5.65 4.28
N TYR A 3 12.28 5.32 4.16
CA TYR A 3 11.60 4.48 5.13
C TYR A 3 10.88 3.33 4.45
N LYS A 4 10.79 2.20 5.13
CA LYS A 4 10.12 1.03 4.59
C LYS A 4 8.80 0.80 5.31
N VAL A 5 7.70 1.08 4.63
CA VAL A 5 6.38 0.91 5.23
C VAL A 5 5.78 -0.45 4.90
N ILE A 6 5.43 -1.17 5.96
CA ILE A 6 4.83 -2.49 5.83
C ILE A 6 3.30 -2.38 5.88
N LEU A 7 2.66 -2.84 4.81
CA LEU A 7 1.21 -2.80 4.73
C LEU A 7 0.65 -4.18 5.10
N ASN A 8 0.41 -4.39 6.38
CA ASN A 8 -0.09 -5.68 6.87
C ASN A 8 -1.60 -5.67 7.06
N GLY A 9 -2.32 -6.36 6.18
CA GLY A 9 -3.77 -6.44 6.29
C GLY A 9 -4.26 -7.84 6.52
N LYS A 10 -5.57 -8.05 6.35
CA LYS A 10 -6.16 -9.35 6.54
C LYS A 10 -5.89 -10.27 5.35
N THR A 11 -6.26 -9.81 4.16
CA THR A 11 -6.08 -10.58 2.94
C THR A 11 -4.98 -9.98 2.07
N LEU A 12 -4.28 -8.98 2.61
CA LEU A 12 -3.22 -8.33 1.86
C LEU A 12 -2.01 -8.05 2.74
N LYS A 13 -0.83 -8.30 2.18
CA LYS A 13 0.42 -8.06 2.88
C LYS A 13 1.48 -7.60 1.89
N GLY A 14 2.37 -6.74 2.35
CA GLY A 14 3.42 -6.25 1.45
C GLY A 14 4.38 -5.30 2.11
N GLU A 15 5.20 -4.65 1.30
CA GLU A 15 6.19 -3.69 1.79
C GLU A 15 6.38 -2.56 0.78
N THR A 16 6.41 -1.35 1.29
CA THR A 16 6.59 -0.17 0.46
C THR A 16 7.65 0.76 1.04
N THR A 17 8.08 1.76 0.27
CA THR A 17 9.11 2.68 0.75
C THR A 17 8.89 4.12 0.28
N THR A 18 8.67 5.02 1.24
CA THR A 18 8.48 6.43 0.96
C THR A 18 9.75 7.20 1.32
N GLU A 19 10.11 8.18 0.50
CA GLU A 19 11.30 8.99 0.74
C GLU A 19 10.90 10.32 1.36
N ALA A 20 11.19 10.51 2.65
CA ALA A 20 10.82 11.74 3.33
C ALA A 20 11.88 12.17 4.35
N VAL A 21 11.97 13.49 4.55
CA VAL A 21 12.95 14.07 5.46
C VAL A 21 12.91 13.42 6.85
N ASP A 22 11.73 13.06 7.31
CA ASP A 22 11.59 12.43 8.61
C ASP A 22 10.46 11.40 8.62
N ALA A 23 10.36 10.65 9.71
CA ALA A 23 9.32 9.62 9.84
C ALA A 23 7.92 10.20 9.68
N ALA A 24 7.69 11.35 10.29
CA ALA A 24 6.39 12.00 10.20
C ALA A 24 6.09 12.38 8.76
N THR A 25 7.02 13.09 8.13
CA THR A 25 6.86 13.48 6.75
C THR A 25 6.58 12.23 5.91
N ALA A 26 7.35 11.19 6.17
CA ALA A 26 7.17 9.93 5.48
C ALA A 26 5.77 9.41 5.76
N GLU A 27 5.42 9.32 7.05
CA GLU A 27 4.11 8.86 7.46
C GLU A 27 3.02 9.62 6.73
N LYS A 28 3.13 10.95 6.72
CA LYS A 28 2.17 11.79 6.04
C LYS A 28 2.13 11.46 4.56
N VAL A 29 3.32 11.28 3.99
CA VAL A 29 3.43 10.93 2.58
C VAL A 29 2.66 9.65 2.29
N VAL A 30 2.77 8.69 3.20
CA VAL A 30 2.05 7.44 3.05
C VAL A 30 0.56 7.71 3.17
N LYS A 31 0.16 8.46 4.19
CA LYS A 31 -1.24 8.80 4.39
C LYS A 31 -1.82 9.34 3.09
N GLN A 32 -1.11 10.30 2.50
CA GLN A 32 -1.54 10.91 1.25
C GLN A 32 -1.62 9.82 0.18
N PHE A 33 -0.67 8.89 0.24
CA PHE A 33 -0.61 7.77 -0.68
C PHE A 33 -1.94 7.01 -0.70
N PHE A 34 -2.31 6.49 0.48
CA PHE A 34 -3.56 5.74 0.63
C PHE A 34 -4.75 6.68 0.53
N ASN A 35 -4.61 7.87 1.11
CA ASN A 35 -5.67 8.87 1.07
C ASN A 35 -6.14 9.06 -0.37
N ASP A 36 -5.18 9.02 -1.28
CA ASP A 36 -5.45 9.19 -2.71
C ASP A 36 -5.61 7.85 -3.44
N ASN A 37 -5.06 6.77 -2.88
CA ASN A 37 -5.19 5.45 -3.51
C ASN A 37 -6.55 4.86 -3.20
N GLY A 38 -6.92 4.95 -1.93
CA GLY A 38 -8.20 4.46 -1.43
C GLY A 38 -9.15 3.93 -2.50
N VAL A 39 -10.30 4.58 -2.60
CA VAL A 39 -11.35 4.15 -3.53
C VAL A 39 -11.54 5.06 -4.73
N ASP A 40 -10.73 6.10 -4.88
CA ASP A 40 -10.89 7.01 -6.01
C ASP A 40 -9.60 7.13 -6.83
N GLY A 41 -8.64 6.25 -6.60
CA GLY A 41 -7.38 6.30 -7.33
C GLY A 41 -7.46 5.64 -8.69
N GLU A 42 -6.37 5.75 -9.45
CA GLU A 42 -6.30 5.16 -10.79
C GLU A 42 -5.63 3.79 -10.74
N TRP A 43 -6.44 2.74 -10.73
CA TRP A 43 -5.93 1.38 -10.65
C TRP A 43 -5.68 0.75 -12.02
N THR A 44 -4.41 0.52 -12.34
CA THR A 44 -4.04 -0.12 -13.59
C THR A 44 -3.54 -1.54 -13.32
N TYR A 45 -4.00 -2.50 -14.12
CA TYR A 45 -3.60 -3.89 -13.93
C TYR A 45 -2.71 -4.39 -15.06
N ASP A 46 -1.78 -5.28 -14.72
CA ASP A 46 -0.87 -5.85 -15.70
C ASP A 46 -0.96 -7.38 -15.71
N ASP A 47 -1.97 -7.89 -16.42
CA ASP A 47 -2.19 -9.33 -16.51
C ASP A 47 -0.90 -10.08 -16.83
N ALA A 48 -0.04 -9.47 -17.63
CA ALA A 48 1.23 -10.09 -18.04
C ALA A 48 1.99 -10.63 -16.84
N THR A 49 1.89 -9.96 -15.70
CA THR A 49 2.59 -10.38 -14.50
C THR A 49 1.64 -10.48 -13.31
N LYS A 50 0.33 -10.54 -13.58
CA LYS A 50 -0.67 -10.62 -12.52
C LYS A 50 -0.39 -9.58 -11.44
N THR A 51 0.09 -8.41 -11.87
CA THR A 51 0.42 -7.35 -10.94
C THR A 51 -0.45 -6.11 -11.17
N PHE A 52 -0.85 -5.48 -10.07
CA PHE A 52 -1.68 -4.29 -10.13
C PHE A 52 -0.85 -3.05 -9.77
N THR A 53 -0.94 -2.02 -10.61
CA THR A 53 -0.21 -0.79 -10.37
C THR A 53 -1.14 0.37 -10.03
N VAL A 54 -0.90 0.96 -8.86
CA VAL A 54 -1.68 2.10 -8.41
C VAL A 54 -0.86 3.36 -8.52
N THR A 55 -1.18 4.19 -9.51
CA THR A 55 -0.43 5.42 -9.73
C THR A 55 -1.04 6.61 -9.02
N GLU A 56 -0.36 7.07 -7.98
CA GLU A 56 -0.82 8.22 -7.20
C GLU A 56 -1.21 9.39 -8.09
N MET B 1 -5.53 -17.87 -6.44
CA MET B 1 -4.08 -17.60 -6.62
C MET B 1 -3.64 -16.36 -5.86
N GLN B 2 -2.35 -16.08 -5.91
CA GLN B 2 -1.79 -14.90 -5.26
C GLN B 2 -1.42 -13.86 -6.30
N TYR B 3 -1.53 -12.60 -5.94
CA TYR B 3 -1.21 -11.51 -6.86
C TYR B 3 -0.27 -10.50 -6.21
N LYS B 4 0.58 -9.90 -7.03
CA LYS B 4 1.54 -8.91 -6.53
C LYS B 4 1.12 -7.52 -6.97
N VAL B 5 0.64 -6.72 -6.02
CA VAL B 5 0.19 -5.37 -6.32
C VAL B 5 1.31 -4.36 -6.09
N ILE B 6 1.61 -3.59 -7.13
CA ILE B 6 2.63 -2.56 -7.07
C ILE B 6 2.00 -1.20 -6.76
N LEU B 7 2.42 -0.61 -5.66
CA LEU B 7 1.91 0.69 -5.26
C LEU B 7 2.89 1.78 -5.68
N ASN B 8 2.71 2.29 -6.90
CA ASN B 8 3.61 3.30 -7.46
C ASN B 8 3.04 4.71 -7.31
N GLY B 9 3.61 5.49 -6.39
CA GLY B 9 3.15 6.85 -6.19
C GLY B 9 4.21 7.88 -6.51
N LYS B 10 3.99 9.11 -6.09
CA LYS B 10 4.93 10.20 -6.33
C LYS B 10 6.12 10.11 -5.39
N THR B 11 5.84 10.10 -4.09
CA THR B 11 6.88 10.04 -3.08
C THR B 11 6.90 8.67 -2.39
N LEU B 12 6.12 7.74 -2.91
CA LEU B 12 6.06 6.41 -2.34
C LEU B 12 6.03 5.34 -3.41
N LYS B 13 6.78 4.27 -3.17
CA LYS B 13 6.85 3.15 -4.09
C LYS B 13 7.01 1.86 -3.31
N GLY B 14 6.43 0.77 -3.81
CA GLY B 14 6.55 -0.50 -3.11
C GLY B 14 5.87 -1.64 -3.82
N GLU B 15 5.74 -2.76 -3.12
CA GLU B 15 5.11 -3.95 -3.67
C GLU B 15 4.37 -4.70 -2.58
N THR B 16 3.16 -5.13 -2.88
CA THR B 16 2.34 -5.88 -1.94
C THR B 16 1.71 -7.10 -2.60
N THR B 17 1.13 -7.99 -1.81
CA THR B 17 0.53 -9.21 -2.35
C THR B 17 -0.74 -9.64 -1.64
N THR B 18 -1.84 -9.64 -2.37
CA THR B 18 -3.15 -10.05 -1.85
C THR B 18 -3.48 -11.44 -2.36
N GLU B 19 -4.07 -12.27 -1.50
CA GLU B 19 -4.45 -13.63 -1.88
C GLU B 19 -5.94 -13.68 -2.19
N ALA B 20 -6.30 -13.82 -3.47
CA ALA B 20 -7.69 -13.86 -3.86
C ALA B 20 -7.95 -14.83 -5.00
N VAL B 21 -9.16 -15.39 -5.02
CA VAL B 21 -9.57 -16.37 -6.03
C VAL B 21 -9.29 -15.88 -7.45
N ASP B 22 -9.48 -14.58 -7.69
CA ASP B 22 -9.24 -14.01 -9.00
C ASP B 22 -8.70 -12.58 -8.91
N ALA B 23 -8.30 -12.04 -10.05
CA ALA B 23 -7.75 -10.69 -10.10
C ALA B 23 -8.72 -9.66 -9.55
N ALA B 24 -9.99 -9.79 -9.91
CA ALA B 24 -11.01 -8.87 -9.43
C ALA B 24 -11.13 -8.96 -7.92
N THR B 25 -11.33 -10.18 -7.41
CA THR B 25 -11.42 -10.39 -5.99
C THR B 25 -10.20 -9.79 -5.30
N ALA B 26 -9.03 -10.06 -5.88
CA ALA B 26 -7.79 -9.51 -5.37
C ALA B 26 -7.87 -7.99 -5.41
N GLU B 27 -8.20 -7.44 -6.59
CA GLU B 27 -8.32 -6.01 -6.76
C GLU B 27 -9.23 -5.42 -5.69
N LYS B 28 -10.40 -6.03 -5.51
CA LYS B 28 -11.35 -5.57 -4.51
C LYS B 28 -10.72 -5.64 -3.13
N VAL B 29 -10.02 -6.74 -2.87
CA VAL B 29 -9.35 -6.92 -1.59
C VAL B 29 -8.38 -5.78 -1.34
N VAL B 30 -7.68 -5.37 -2.38
CA VAL B 30 -6.75 -4.26 -2.26
C VAL B 30 -7.54 -2.98 -1.99
N LYS B 31 -8.59 -2.76 -2.80
CA LYS B 31 -9.43 -1.58 -2.61
C LYS B 31 -9.84 -1.45 -1.15
N GLN B 32 -10.33 -2.55 -0.59
CA GLN B 32 -10.75 -2.58 0.79
C GLN B 32 -9.55 -2.26 1.68
N PHE B 33 -8.39 -2.75 1.27
CA PHE B 33 -7.14 -2.52 1.98
C PHE B 33 -6.90 -1.03 2.16
N PHE B 34 -6.81 -0.31 1.04
CA PHE B 34 -6.61 1.14 1.05
C PHE B 34 -7.84 1.85 1.57
N ASN B 35 -9.01 1.36 1.16
CA ASN B 35 -10.28 1.92 1.59
C ASN B 35 -10.29 2.07 3.11
N ASP B 36 -9.73 1.07 3.77
CA ASP B 36 -9.65 1.03 5.22
C ASP B 36 -8.32 1.58 5.76
N ASN B 37 -7.27 1.57 4.93
CA ASN B 37 -5.97 2.10 5.37
C ASN B 37 -5.98 3.62 5.29
N GLY B 38 -6.48 4.12 4.15
CA GLY B 38 -6.57 5.54 3.88
C GLY B 38 -6.19 6.45 5.05
N VAL B 39 -7.16 7.23 5.51
CA VAL B 39 -6.91 8.21 6.57
C VAL B 39 -7.55 7.86 7.90
N ASP B 40 -8.17 6.70 8.03
CA ASP B 40 -8.80 6.32 9.29
C ASP B 40 -8.29 4.97 9.81
N GLY B 41 -7.20 4.48 9.23
CA GLY B 41 -6.66 3.20 9.67
C GLY B 41 -5.77 3.31 10.89
N GLU B 42 -5.33 2.17 11.40
CA GLU B 42 -4.46 2.13 12.58
C GLU B 42 -3.00 2.05 12.17
N TRP B 43 -2.31 3.19 12.18
CA TRP B 43 -0.91 3.26 11.79
C TRP B 43 0.05 3.08 12.95
N THR B 44 0.77 1.96 12.95
CA THR B 44 1.76 1.67 13.98
C THR B 44 3.16 1.79 13.39
N TYR B 45 4.06 2.46 14.11
CA TYR B 45 5.42 2.66 13.62
C TYR B 45 6.44 1.86 14.44
N ASP B 46 7.49 1.41 13.77
CA ASP B 46 8.55 0.64 14.42
C ASP B 46 9.90 1.32 14.22
N ASP B 47 10.18 2.33 15.05
CA ASP B 47 11.45 3.07 14.97
C ASP B 47 12.65 2.13 14.87
N ALA B 48 12.56 0.99 15.56
CA ALA B 48 13.65 0.02 15.56
C ALA B 48 14.15 -0.30 14.16
N THR B 49 13.24 -0.29 13.18
CA THR B 49 13.60 -0.58 11.80
C THR B 49 13.10 0.51 10.85
N LYS B 50 12.76 1.67 11.40
CA LYS B 50 12.25 2.77 10.59
C LYS B 50 11.16 2.28 9.65
N THR B 51 10.37 1.34 10.13
CA THR B 51 9.29 0.77 9.32
C THR B 51 7.92 1.06 9.92
N PHE B 52 6.96 1.35 9.05
CA PHE B 52 5.59 1.63 9.48
C PHE B 52 4.67 0.47 9.14
N THR B 53 3.89 0.02 10.12
CA THR B 53 2.98 -1.09 9.91
C THR B 53 1.53 -0.62 9.96
N VAL B 54 0.80 -0.89 8.88
CA VAL B 54 -0.60 -0.54 8.79
C VAL B 54 -1.45 -1.80 8.91
N THR B 55 -2.09 -1.97 10.05
CA THR B 55 -2.90 -3.17 10.29
C THR B 55 -4.36 -2.95 9.91
N GLU B 56 -4.78 -3.60 8.84
CA GLU B 56 -6.16 -3.50 8.36
C GLU B 56 -7.15 -3.73 9.49
N MET A 1 15.21 11.74 4.54
CA MET A 1 15.52 10.34 4.93
C MET A 1 14.56 9.38 4.25
N GLN A 2 15.00 8.15 4.01
CA GLN A 2 14.18 7.14 3.37
C GLN A 2 13.51 6.25 4.42
N TYR A 3 12.22 6.00 4.24
CA TYR A 3 11.47 5.16 5.17
C TYR A 3 10.80 4.00 4.45
N LYS A 4 10.81 2.84 5.09
CA LYS A 4 10.18 1.65 4.52
C LYS A 4 8.89 1.35 5.24
N VAL A 5 7.77 1.54 4.55
CA VAL A 5 6.47 1.29 5.13
C VAL A 5 5.98 -0.11 4.78
N ILE A 6 5.45 -0.79 5.78
CA ILE A 6 4.95 -2.15 5.62
C ILE A 6 3.43 -2.17 5.74
N LEU A 7 2.77 -2.79 4.78
CA LEU A 7 1.32 -2.87 4.77
C LEU A 7 0.87 -4.30 5.07
N ASN A 8 0.42 -4.53 6.30
CA ASN A 8 -0.02 -5.86 6.73
C ASN A 8 -1.53 -5.95 6.83
N GLY A 9 -2.14 -6.58 5.84
CA GLY A 9 -3.59 -6.74 5.83
C GLY A 9 -3.99 -8.20 5.81
N LYS A 10 -5.17 -8.48 6.38
CA LYS A 10 -5.68 -9.84 6.44
C LYS A 10 -5.56 -10.56 5.09
N THR A 11 -6.12 -9.95 4.05
CA THR A 11 -6.12 -10.53 2.71
C THR A 11 -5.01 -9.92 1.85
N LEU A 12 -4.33 -8.92 2.37
CA LEU A 12 -3.26 -8.27 1.61
C LEU A 12 -2.04 -8.02 2.48
N LYS A 13 -0.86 -8.28 1.92
CA LYS A 13 0.40 -8.07 2.64
C LYS A 13 1.49 -7.62 1.69
N GLY A 14 2.38 -6.75 2.17
CA GLY A 14 3.46 -6.27 1.33
C GLY A 14 4.38 -5.29 2.02
N GLU A 15 5.28 -4.69 1.23
CA GLU A 15 6.23 -3.71 1.74
C GLU A 15 6.35 -2.52 0.79
N THR A 16 6.68 -1.35 1.33
CA THR A 16 6.80 -0.15 0.52
C THR A 16 7.81 0.82 1.15
N THR A 17 8.19 1.87 0.41
CA THR A 17 9.16 2.84 0.91
C THR A 17 8.85 4.27 0.45
N THR A 18 8.69 5.17 1.42
CA THR A 18 8.41 6.58 1.15
C THR A 18 9.62 7.44 1.54
N GLU A 19 9.88 8.48 0.78
CA GLU A 19 11.00 9.38 1.06
C GLU A 19 10.49 10.68 1.67
N ALA A 20 10.83 10.94 2.93
CA ALA A 20 10.37 12.14 3.61
C ALA A 20 11.41 12.66 4.61
N VAL A 21 11.39 13.98 4.80
CA VAL A 21 12.33 14.65 5.71
C VAL A 21 12.37 13.98 7.09
N ASP A 22 11.26 13.35 7.47
CA ASP A 22 11.20 12.67 8.76
C ASP A 22 10.11 11.60 8.79
N ALA A 23 10.04 10.86 9.89
CA ALA A 23 9.06 9.80 10.05
C ALA A 23 7.64 10.35 9.94
N ALA A 24 7.40 11.50 10.57
CA ALA A 24 6.09 12.13 10.51
C ALA A 24 5.75 12.49 9.08
N THR A 25 6.61 13.29 8.44
CA THR A 25 6.40 13.65 7.06
C THR A 25 6.16 12.40 6.23
N ALA A 26 6.99 11.38 6.49
CA ALA A 26 6.85 10.11 5.81
C ALA A 26 5.47 9.53 6.08
N GLU A 27 5.09 9.50 7.36
CA GLU A 27 3.78 8.97 7.75
C GLU A 27 2.68 9.66 6.96
N LYS A 28 2.73 10.98 6.89
CA LYS A 28 1.75 11.76 6.16
C LYS A 28 1.84 11.47 4.67
N VAL A 29 3.06 11.53 4.12
CA VAL A 29 3.24 11.23 2.71
C VAL A 29 2.54 9.92 2.39
N VAL A 30 2.68 8.96 3.30
CA VAL A 30 2.03 7.68 3.15
C VAL A 30 0.51 7.89 3.20
N LYS A 31 0.07 8.69 4.18
CA LYS A 31 -1.36 8.99 4.31
C LYS A 31 -1.93 9.39 2.95
N GLN A 32 -1.28 10.37 2.32
CA GLN A 32 -1.69 10.85 1.02
C GLN A 32 -1.71 9.71 0.01
N PHE A 33 -0.71 8.84 0.11
CA PHE A 33 -0.60 7.68 -0.78
C PHE A 33 -1.92 6.90 -0.78
N PHE A 34 -2.23 6.30 0.36
CA PHE A 34 -3.44 5.52 0.51
C PHE A 34 -4.66 6.43 0.38
N ASN A 35 -4.54 7.65 0.89
CA ASN A 35 -5.61 8.62 0.80
C ASN A 35 -6.05 8.80 -0.66
N ASP A 36 -5.06 8.76 -1.55
CA ASP A 36 -5.31 8.92 -2.98
C ASP A 36 -5.49 7.57 -3.68
N ASN A 37 -4.94 6.50 -3.08
CA ASN A 37 -5.07 5.17 -3.67
C ASN A 37 -6.41 4.54 -3.30
N GLY A 38 -6.74 4.66 -2.01
CA GLY A 38 -7.97 4.12 -1.46
C GLY A 38 -9.04 3.72 -2.46
N VAL A 39 -10.14 4.48 -2.46
CA VAL A 39 -11.28 4.18 -3.33
C VAL A 39 -11.48 5.20 -4.45
N ASP A 40 -10.57 6.15 -4.60
CA ASP A 40 -10.71 7.15 -5.66
C ASP A 40 -9.45 7.21 -6.54
N GLY A 41 -8.52 6.29 -6.32
CA GLY A 41 -7.29 6.28 -7.10
C GLY A 41 -7.43 5.54 -8.41
N GLU A 42 -6.36 5.56 -9.21
CA GLU A 42 -6.35 4.89 -10.51
C GLU A 42 -5.29 3.80 -10.52
N TRP A 43 -5.71 2.56 -10.76
CA TRP A 43 -4.79 1.43 -10.79
C TRP A 43 -4.81 0.75 -12.16
N THR A 44 -3.65 0.27 -12.59
CA THR A 44 -3.54 -0.45 -13.87
C THR A 44 -3.18 -1.90 -13.59
N TYR A 45 -3.74 -2.82 -14.39
CA TYR A 45 -3.48 -4.25 -14.20
C TYR A 45 -2.61 -4.81 -15.32
N ASP A 46 -1.72 -5.73 -14.96
CA ASP A 46 -0.84 -6.37 -15.92
C ASP A 46 -0.99 -7.89 -15.87
N ASP A 47 -2.02 -8.40 -16.53
CA ASP A 47 -2.30 -9.83 -16.54
C ASP A 47 -1.05 -10.65 -16.86
N ALA A 48 -0.20 -10.11 -17.74
CA ALA A 48 1.02 -10.80 -18.13
C ALA A 48 1.83 -11.26 -16.94
N THR A 49 1.75 -10.54 -15.83
CA THR A 49 2.48 -10.89 -14.62
C THR A 49 1.56 -10.95 -13.40
N LYS A 50 0.25 -10.96 -13.62
CA LYS A 50 -0.71 -11.02 -12.52
C LYS A 50 -0.39 -9.94 -11.48
N THR A 51 0.12 -8.80 -11.95
CA THR A 51 0.48 -7.72 -11.05
C THR A 51 -0.26 -6.42 -11.39
N PHE A 52 -0.65 -5.70 -10.34
CA PHE A 52 -1.38 -4.45 -10.49
C PHE A 52 -0.49 -3.28 -10.05
N THR A 53 -0.65 -2.12 -10.69
CA THR A 53 0.13 -0.95 -10.33
C THR A 53 -0.78 0.22 -9.94
N VAL A 54 -0.50 0.80 -8.79
CA VAL A 54 -1.27 1.95 -8.29
C VAL A 54 -0.43 3.21 -8.37
N THR A 55 -0.83 4.14 -9.25
CA THR A 55 -0.08 5.38 -9.43
C THR A 55 -0.80 6.56 -8.80
N GLU A 56 -0.14 7.21 -7.84
CA GLU A 56 -0.71 8.36 -7.15
C GLU A 56 -0.84 9.55 -8.10
N MET B 1 -6.46 -17.67 -5.99
CA MET B 1 -5.17 -17.35 -6.65
C MET B 1 -4.46 -16.21 -5.92
N GLN B 2 -3.14 -16.18 -5.99
CA GLN B 2 -2.35 -15.14 -5.35
C GLN B 2 -2.01 -14.03 -6.33
N TYR B 3 -2.18 -12.79 -5.91
CA TYR B 3 -1.89 -11.64 -6.77
C TYR B 3 -0.90 -10.70 -6.11
N LYS B 4 0.02 -10.16 -6.90
CA LYS B 4 1.01 -9.23 -6.39
C LYS B 4 0.67 -7.82 -6.83
N VAL B 5 0.26 -6.98 -5.89
CA VAL B 5 -0.09 -5.61 -6.19
C VAL B 5 1.10 -4.68 -5.96
N ILE B 6 1.31 -3.79 -6.91
CA ILE B 6 2.41 -2.83 -6.84
C ILE B 6 1.87 -1.43 -6.62
N LEU B 7 2.43 -0.74 -5.64
CA LEU B 7 2.01 0.62 -5.32
C LEU B 7 3.08 1.62 -5.73
N ASN B 8 2.87 2.31 -6.85
CA ASN B 8 3.83 3.28 -7.36
C ASN B 8 3.37 4.72 -7.14
N GLY B 9 3.95 5.36 -6.13
CA GLY B 9 3.60 6.73 -5.83
C GLY B 9 4.78 7.66 -5.94
N LYS B 10 4.51 8.92 -6.27
CA LYS B 10 5.56 9.93 -6.42
C LYS B 10 6.56 9.89 -5.25
N THR B 11 6.04 10.01 -4.04
CA THR B 11 6.86 10.01 -2.84
C THR B 11 6.89 8.65 -2.15
N LEU B 12 6.10 7.71 -2.66
CA LEU B 12 6.05 6.39 -2.08
C LEU B 12 6.04 5.31 -3.15
N LYS B 13 6.82 4.25 -2.91
CA LYS B 13 6.89 3.14 -3.86
C LYS B 13 7.07 1.82 -3.12
N GLY B 14 6.49 0.75 -3.65
CA GLY B 14 6.62 -0.55 -3.00
C GLY B 14 5.89 -1.66 -3.73
N GLU B 15 5.81 -2.83 -3.08
CA GLU B 15 5.15 -3.99 -3.64
C GLU B 15 4.32 -4.70 -2.57
N THR B 16 3.24 -5.35 -2.98
CA THR B 16 2.37 -6.07 -2.05
C THR B 16 1.69 -7.25 -2.73
N THR B 17 1.05 -8.11 -1.94
CA THR B 17 0.38 -9.29 -2.49
C THR B 17 -0.93 -9.63 -1.76
N THR B 18 -2.02 -9.68 -2.53
CA THR B 18 -3.34 -10.02 -1.99
C THR B 18 -3.78 -11.38 -2.52
N GLU B 19 -4.48 -12.13 -1.68
CA GLU B 19 -4.98 -13.46 -2.07
C GLU B 19 -6.48 -13.39 -2.34
N ALA B 20 -6.87 -13.61 -3.60
CA ALA B 20 -8.28 -13.55 -3.96
C ALA B 20 -8.63 -14.56 -5.07
N VAL B 21 -9.87 -15.01 -5.06
CA VAL B 21 -10.36 -15.98 -6.04
C VAL B 21 -10.05 -15.55 -7.47
N ASP B 22 -9.94 -14.24 -7.69
CA ASP B 22 -9.63 -13.72 -9.03
C ASP B 22 -9.05 -12.32 -8.98
N ALA B 23 -8.63 -11.81 -10.13
CA ALA B 23 -8.05 -10.48 -10.22
C ALA B 23 -9.01 -9.42 -9.71
N ALA B 24 -10.28 -9.55 -10.08
CA ALA B 24 -11.30 -8.61 -9.64
C ALA B 24 -11.41 -8.65 -8.13
N THR B 25 -11.71 -9.83 -7.59
CA THR B 25 -11.80 -10.00 -6.15
C THR B 25 -10.56 -9.43 -5.50
N ALA B 26 -9.41 -9.74 -6.09
CA ALA B 26 -8.14 -9.24 -5.59
C ALA B 26 -8.15 -7.71 -5.64
N GLU B 27 -8.54 -7.16 -6.78
CA GLU B 27 -8.60 -5.72 -6.95
C GLU B 27 -9.43 -5.08 -5.84
N LYS B 28 -10.61 -5.65 -5.59
CA LYS B 28 -11.49 -5.16 -4.54
C LYS B 28 -10.86 -5.37 -3.17
N VAL B 29 -10.36 -6.57 -2.90
CA VAL B 29 -9.72 -6.85 -1.64
C VAL B 29 -8.69 -5.75 -1.36
N VAL B 30 -7.97 -5.38 -2.42
CA VAL B 30 -7.00 -4.32 -2.33
C VAL B 30 -7.73 -3.01 -2.00
N LYS B 31 -8.83 -2.76 -2.72
CA LYS B 31 -9.64 -1.56 -2.47
C LYS B 31 -9.88 -1.40 -0.98
N GLN B 32 -10.41 -2.46 -0.38
CA GLN B 32 -10.70 -2.46 1.05
C GLN B 32 -9.44 -2.16 1.84
N PHE B 33 -8.32 -2.72 1.40
CA PHE B 33 -7.03 -2.51 2.05
C PHE B 33 -6.77 -1.02 2.23
N PHE B 34 -6.58 -0.33 1.11
CA PHE B 34 -6.34 1.11 1.12
C PHE B 34 -7.55 1.84 1.66
N ASN B 35 -8.73 1.35 1.32
CA ASN B 35 -9.98 1.93 1.81
C ASN B 35 -9.95 2.05 3.32
N ASP B 36 -9.40 1.02 3.96
CA ASP B 36 -9.30 0.96 5.41
C ASP B 36 -7.97 1.54 5.91
N ASN B 37 -6.95 1.54 5.07
CA ASN B 37 -5.64 2.08 5.45
C ASN B 37 -5.62 3.60 5.30
N GLY B 38 -6.13 4.05 4.15
CA GLY B 38 -6.18 5.47 3.81
C GLY B 38 -5.97 6.44 4.96
N VAL B 39 -7.03 7.14 5.33
CA VAL B 39 -6.97 8.16 6.37
C VAL B 39 -7.70 7.79 7.65
N ASP B 40 -8.23 6.58 7.74
CA ASP B 40 -8.95 6.16 8.94
C ASP B 40 -8.37 4.86 9.51
N GLY B 41 -7.27 4.39 8.95
CA GLY B 41 -6.66 3.16 9.42
C GLY B 41 -5.73 3.37 10.60
N GLU B 42 -5.21 2.26 11.14
CA GLU B 42 -4.30 2.32 12.28
C GLU B 42 -2.94 1.76 11.89
N TRP B 43 -1.91 2.59 12.03
CA TRP B 43 -0.54 2.18 11.69
C TRP B 43 0.38 2.26 12.89
N THR B 44 1.32 1.32 12.98
CA THR B 44 2.29 1.30 14.08
C THR B 44 3.69 1.56 13.51
N TYR B 45 4.50 2.30 14.26
CA TYR B 45 5.85 2.63 13.80
C TYR B 45 6.91 1.91 14.61
N ASP B 46 7.98 1.49 13.91
CA ASP B 46 9.09 0.78 14.55
C ASP B 46 10.41 1.52 14.30
N ASP B 47 10.66 2.55 15.09
CA ASP B 47 11.87 3.35 14.95
C ASP B 47 13.12 2.47 14.84
N ALA B 48 13.11 1.37 15.59
CA ALA B 48 14.25 0.45 15.59
C ALA B 48 14.70 0.08 14.18
N THR B 49 13.75 0.05 13.25
CA THR B 49 14.06 -0.31 11.86
C THR B 49 13.53 0.73 10.88
N LYS B 50 13.13 1.91 11.39
CA LYS B 50 12.60 2.96 10.54
C LYS B 50 11.50 2.42 9.64
N THR B 51 10.74 1.45 10.14
CA THR B 51 9.67 0.84 9.37
C THR B 51 8.32 0.97 10.05
N PHE B 52 7.28 1.22 9.24
CA PHE B 52 5.92 1.36 9.74
C PHE B 52 5.07 0.18 9.29
N THR B 53 4.10 -0.21 10.11
CA THR B 53 3.22 -1.33 9.77
C THR B 53 1.76 -0.89 9.78
N VAL B 54 1.06 -1.19 8.69
CA VAL B 54 -0.35 -0.84 8.56
C VAL B 54 -1.20 -2.12 8.65
N THR B 55 -1.98 -2.23 9.71
CA THR B 55 -2.81 -3.41 9.92
C THR B 55 -4.29 -3.12 9.64
N GLU B 56 -4.86 -3.83 8.67
CA GLU B 56 -6.26 -3.63 8.31
C GLU B 56 -7.18 -4.12 9.44
N MET A 1 15.93 11.45 4.32
CA MET A 1 16.20 9.99 4.40
C MET A 1 15.05 9.19 3.80
N GLN A 2 15.28 7.89 3.59
CA GLN A 2 14.26 7.02 3.04
C GLN A 2 13.63 6.17 4.14
N TYR A 3 12.34 5.92 4.01
CA TYR A 3 11.63 5.12 5.02
C TYR A 3 10.82 4.03 4.34
N LYS A 4 10.67 2.91 5.04
CA LYS A 4 9.90 1.79 4.53
C LYS A 4 8.58 1.67 5.29
N VAL A 5 7.57 1.16 4.61
CA VAL A 5 6.24 1.00 5.21
C VAL A 5 5.68 -0.38 4.92
N ILE A 6 5.36 -1.12 5.97
CA ILE A 6 4.79 -2.44 5.83
C ILE A 6 3.28 -2.37 5.90
N LEU A 7 2.62 -2.90 4.87
CA LEU A 7 1.16 -2.88 4.82
C LEU A 7 0.59 -4.27 5.10
N ASN A 8 0.41 -4.57 6.38
CA ASN A 8 -0.11 -5.88 6.81
C ASN A 8 -1.62 -5.84 6.99
N GLY A 9 -2.35 -6.51 6.11
CA GLY A 9 -3.80 -6.54 6.22
C GLY A 9 -4.33 -7.93 6.45
N LYS A 10 -5.64 -8.08 6.27
CA LYS A 10 -6.29 -9.36 6.46
C LYS A 10 -6.02 -10.29 5.29
N THR A 11 -6.39 -9.84 4.10
CA THR A 11 -6.20 -10.60 2.88
C THR A 11 -5.11 -10.00 2.01
N LEU A 12 -4.40 -9.02 2.55
CA LEU A 12 -3.34 -8.37 1.79
C LEU A 12 -2.12 -8.08 2.67
N LYS A 13 -0.94 -8.29 2.10
CA LYS A 13 0.31 -8.06 2.80
C LYS A 13 1.37 -7.55 1.83
N GLY A 14 2.27 -6.68 2.30
CA GLY A 14 3.30 -6.16 1.42
C GLY A 14 4.23 -5.18 2.10
N GLU A 15 5.00 -4.46 1.28
CA GLU A 15 5.95 -3.48 1.78
C GLU A 15 6.11 -2.34 0.77
N THR A 16 6.47 -1.16 1.27
CA THR A 16 6.66 0.02 0.44
C THR A 16 7.69 0.96 1.07
N THR A 17 8.13 1.97 0.31
CA THR A 17 9.14 2.91 0.82
C THR A 17 8.89 4.36 0.38
N THR A 18 8.69 5.24 1.36
CA THR A 18 8.47 6.65 1.11
C THR A 18 9.70 7.48 1.49
N GLU A 19 10.00 8.50 0.70
CA GLU A 19 11.14 9.37 0.96
C GLU A 19 10.66 10.65 1.66
N ALA A 20 11.00 10.82 2.93
CA ALA A 20 10.58 12.00 3.67
C ALA A 20 11.62 12.43 4.71
N VAL A 21 11.69 13.73 4.93
CA VAL A 21 12.65 14.31 5.88
C VAL A 21 12.61 13.65 7.25
N ASP A 22 11.42 13.23 7.68
CA ASP A 22 11.27 12.58 8.97
C ASP A 22 10.13 11.56 8.96
N ALA A 23 10.01 10.81 10.05
CA ALA A 23 8.97 9.79 10.15
C ALA A 23 7.59 10.40 10.01
N ALA A 24 7.36 11.54 10.64
CA ALA A 24 6.07 12.21 10.56
C ALA A 24 5.79 12.61 9.12
N THR A 25 6.72 13.34 8.52
CA THR A 25 6.59 13.76 7.13
C THR A 25 6.34 12.53 6.28
N ALA A 26 7.13 11.49 6.51
CA ALA A 26 6.96 10.24 5.80
C ALA A 26 5.56 9.71 6.04
N GLU A 27 5.20 9.58 7.32
CA GLU A 27 3.88 9.11 7.70
C GLU A 27 2.81 9.86 6.92
N LYS A 28 2.92 11.18 6.92
CA LYS A 28 1.97 12.02 6.19
C LYS A 28 2.01 11.68 4.71
N VAL A 29 3.23 11.56 4.19
CA VAL A 29 3.42 11.22 2.78
C VAL A 29 2.74 9.90 2.47
N VAL A 30 2.85 8.95 3.40
CA VAL A 30 2.22 7.65 3.24
C VAL A 30 0.71 7.82 3.31
N LYS A 31 0.24 8.49 4.37
CA LYS A 31 -1.19 8.73 4.53
C LYS A 31 -1.76 9.33 3.25
N GLN A 32 -1.02 10.26 2.66
CA GLN A 32 -1.45 10.88 1.42
C GLN A 32 -1.50 9.82 0.33
N PHE A 33 -0.54 8.90 0.38
CA PHE A 33 -0.45 7.81 -0.58
C PHE A 33 -1.78 7.03 -0.60
N PHE A 34 -2.14 6.48 0.54
CA PHE A 34 -3.38 5.71 0.68
C PHE A 34 -4.59 6.63 0.57
N ASN A 35 -4.49 7.80 1.18
CA ASN A 35 -5.57 8.78 1.13
C ASN A 35 -6.01 8.99 -0.31
N ASP A 36 -5.02 8.99 -1.20
CA ASP A 36 -5.25 9.19 -2.63
C ASP A 36 -5.39 7.87 -3.39
N ASN A 37 -4.84 6.78 -2.85
CA ASN A 37 -4.95 5.48 -3.51
C ASN A 37 -6.30 4.86 -3.20
N GLY A 38 -6.67 4.91 -1.93
CA GLY A 38 -7.93 4.36 -1.44
C GLY A 38 -8.90 3.88 -2.51
N VAL A 39 -10.04 4.55 -2.60
CA VAL A 39 -11.10 4.13 -3.53
C VAL A 39 -11.21 4.99 -4.80
N ASP A 40 -10.39 6.02 -4.95
CA ASP A 40 -10.48 6.86 -6.14
C ASP A 40 -9.14 6.96 -6.89
N GLY A 41 -8.23 6.05 -6.59
CA GLY A 41 -6.93 6.07 -7.24
C GLY A 41 -6.96 5.48 -8.64
N GLU A 42 -5.87 5.70 -9.39
CA GLU A 42 -5.75 5.19 -10.75
C GLU A 42 -5.00 3.86 -10.74
N TRP A 43 -5.75 2.76 -10.80
CA TRP A 43 -5.16 1.44 -10.75
C TRP A 43 -5.01 0.79 -12.12
N THR A 44 -3.78 0.41 -12.47
CA THR A 44 -3.50 -0.26 -13.73
C THR A 44 -3.12 -1.71 -13.46
N TYR A 45 -3.68 -2.63 -14.25
CA TYR A 45 -3.41 -4.06 -14.06
C TYR A 45 -2.45 -4.60 -15.11
N ASP A 46 -1.61 -5.54 -14.69
CA ASP A 46 -0.64 -6.16 -15.60
C ASP A 46 -0.81 -7.68 -15.61
N ASP A 47 -1.80 -8.14 -16.39
CA ASP A 47 -2.08 -9.57 -16.49
C ASP A 47 -0.82 -10.40 -16.69
N ALA A 48 0.13 -9.86 -17.45
CA ALA A 48 1.38 -10.55 -17.73
C ALA A 48 2.04 -11.11 -16.47
N THR A 49 1.90 -10.40 -15.36
CA THR A 49 2.49 -10.83 -14.10
C THR A 49 1.48 -10.86 -12.96
N LYS A 50 0.19 -10.83 -13.30
CA LYS A 50 -0.86 -10.84 -12.29
C LYS A 50 -0.61 -9.75 -11.25
N THR A 51 -0.02 -8.65 -11.69
CA THR A 51 0.29 -7.54 -10.80
C THR A 51 -0.67 -6.37 -11.03
N PHE A 52 -0.89 -5.59 -9.98
CA PHE A 52 -1.78 -4.42 -10.07
C PHE A 52 -1.08 -3.14 -9.64
N THR A 53 -0.56 -2.42 -10.61
CA THR A 53 0.13 -1.17 -10.35
C THR A 53 -0.84 -0.05 -10.02
N VAL A 54 -0.62 0.58 -8.86
CA VAL A 54 -1.44 1.69 -8.41
C VAL A 54 -0.63 2.97 -8.50
N THR A 55 -0.86 3.72 -9.57
CA THR A 55 -0.12 4.96 -9.79
C THR A 55 -0.88 6.16 -9.20
N GLU A 56 -0.25 6.80 -8.22
CA GLU A 56 -0.84 7.97 -7.56
C GLU A 56 -1.28 9.01 -8.60
N MET B 1 -5.89 -18.25 -6.00
CA MET B 1 -4.48 -17.93 -6.35
C MET B 1 -4.01 -16.66 -5.63
N GLN B 2 -2.71 -16.41 -5.69
CA GLN B 2 -2.14 -15.23 -5.05
C GLN B 2 -1.84 -14.16 -6.10
N TYR B 3 -2.03 -12.89 -5.74
CA TYR B 3 -1.77 -11.80 -6.65
C TYR B 3 -0.90 -10.74 -6.00
N LYS B 4 -0.10 -10.07 -6.81
CA LYS B 4 0.78 -9.02 -6.31
C LYS B 4 0.25 -7.66 -6.75
N VAL B 5 0.53 -6.63 -5.96
CA VAL B 5 0.08 -5.28 -6.26
C VAL B 5 1.20 -4.27 -6.06
N ILE B 6 1.53 -3.55 -7.12
CA ILE B 6 2.57 -2.54 -7.06
C ILE B 6 1.97 -1.18 -6.77
N LEU B 7 2.46 -0.53 -5.72
CA LEU B 7 1.95 0.77 -5.34
C LEU B 7 2.95 1.87 -5.69
N ASN B 8 2.88 2.35 -6.93
CA ASN B 8 3.78 3.39 -7.42
C ASN B 8 3.19 4.78 -7.26
N GLY B 9 3.75 5.56 -6.34
CA GLY B 9 3.24 6.91 -6.12
C GLY B 9 4.28 7.97 -6.44
N LYS B 10 4.00 9.19 -6.00
CA LYS B 10 4.90 10.31 -6.23
C LYS B 10 6.10 10.23 -5.30
N THR B 11 5.83 10.22 -4.00
CA THR B 11 6.86 10.16 -2.99
C THR B 11 6.89 8.80 -2.30
N LEU B 12 6.13 7.85 -2.83
CA LEU B 12 6.07 6.52 -2.25
C LEU B 12 6.03 5.44 -3.31
N LYS B 13 6.76 4.36 -3.07
CA LYS B 13 6.82 3.23 -3.99
C LYS B 13 6.93 1.93 -3.21
N GLY B 14 6.35 0.85 -3.74
CA GLY B 14 6.44 -0.42 -3.04
C GLY B 14 5.71 -1.55 -3.75
N GLU B 15 5.52 -2.65 -3.03
CA GLU B 15 4.83 -3.82 -3.57
C GLU B 15 4.08 -4.56 -2.47
N THR B 16 3.01 -5.26 -2.85
CA THR B 16 2.19 -6.01 -1.92
C THR B 16 1.55 -7.21 -2.60
N THR B 17 0.94 -8.12 -1.82
CA THR B 17 0.32 -9.31 -2.39
C THR B 17 -0.98 -9.71 -1.69
N THR B 18 -2.07 -9.73 -2.46
CA THR B 18 -3.38 -10.10 -1.95
C THR B 18 -3.80 -11.48 -2.48
N GLU B 19 -4.44 -12.26 -1.63
CA GLU B 19 -4.90 -13.60 -2.00
C GLU B 19 -6.38 -13.55 -2.36
N ALA B 20 -6.70 -13.72 -3.66
CA ALA B 20 -8.10 -13.67 -4.09
C ALA B 20 -8.36 -14.64 -5.25
N VAL B 21 -9.57 -15.17 -5.29
CA VAL B 21 -9.99 -16.12 -6.32
C VAL B 21 -9.69 -15.61 -7.73
N ASP B 22 -9.83 -14.31 -7.95
CA ASP B 22 -9.57 -13.73 -9.26
C ASP B 22 -9.05 -12.30 -9.14
N ALA B 23 -8.63 -11.74 -10.28
CA ALA B 23 -8.10 -10.38 -10.30
C ALA B 23 -9.10 -9.37 -9.75
N ALA B 24 -10.36 -9.51 -10.15
CA ALA B 24 -11.39 -8.60 -9.67
C ALA B 24 -11.53 -8.73 -8.17
N THR B 25 -11.74 -9.95 -7.69
CA THR B 25 -11.86 -10.19 -6.26
C THR B 25 -10.63 -9.63 -5.56
N ALA B 26 -9.47 -9.91 -6.13
CA ALA B 26 -8.22 -9.39 -5.59
C ALA B 26 -8.28 -7.88 -5.59
N GLU B 27 -8.56 -7.30 -6.76
CA GLU B 27 -8.67 -5.86 -6.91
C GLU B 27 -9.56 -5.28 -5.80
N LYS B 28 -10.73 -5.90 -5.62
CA LYS B 28 -11.65 -5.46 -4.58
C LYS B 28 -11.00 -5.60 -3.22
N VAL B 29 -10.36 -6.73 -3.00
CA VAL B 29 -9.66 -6.99 -1.74
C VAL B 29 -8.62 -5.92 -1.49
N VAL B 30 -7.93 -5.52 -2.56
CA VAL B 30 -6.93 -4.47 -2.46
C VAL B 30 -7.63 -3.14 -2.16
N LYS B 31 -8.63 -2.80 -2.97
CA LYS B 31 -9.39 -1.57 -2.76
C LYS B 31 -9.85 -1.48 -1.32
N GLN B 32 -10.29 -2.60 -0.78
CA GLN B 32 -10.73 -2.64 0.61
C GLN B 32 -9.54 -2.35 1.51
N PHE B 33 -8.38 -2.86 1.10
CA PHE B 33 -7.14 -2.66 1.84
C PHE B 33 -6.88 -1.17 2.05
N PHE B 34 -6.76 -0.45 0.94
CA PHE B 34 -6.52 1.00 0.97
C PHE B 34 -7.75 1.73 1.48
N ASN B 35 -8.92 1.28 1.05
CA ASN B 35 -10.17 1.88 1.49
C ASN B 35 -10.20 1.98 3.01
N ASP B 36 -9.66 0.94 3.65
CA ASP B 36 -9.60 0.86 5.10
C ASP B 36 -8.28 1.38 5.66
N ASN B 37 -7.22 1.38 4.85
CA ASN B 37 -5.92 1.88 5.32
C ASN B 37 -5.89 3.39 5.24
N GLY B 38 -6.35 3.91 4.09
CA GLY B 38 -6.40 5.34 3.83
C GLY B 38 -6.05 6.24 5.00
N VAL B 39 -7.03 7.02 5.45
CA VAL B 39 -6.82 7.99 6.51
C VAL B 39 -7.36 7.58 7.89
N ASP B 40 -7.97 6.40 8.01
CA ASP B 40 -8.50 5.99 9.31
C ASP B 40 -7.96 4.62 9.73
N GLY B 41 -6.88 4.18 9.10
CA GLY B 41 -6.30 2.88 9.45
C GLY B 41 -5.46 2.92 10.71
N GLU B 42 -5.12 1.73 11.22
CA GLU B 42 -4.30 1.62 12.43
C GLU B 42 -2.84 1.45 12.04
N TRP B 43 -2.09 2.54 12.11
CA TRP B 43 -0.68 2.52 11.72
C TRP B 43 0.26 2.42 12.91
N THR B 44 1.11 1.39 12.91
CA THR B 44 2.10 1.20 13.96
C THR B 44 3.49 1.47 13.40
N TYR B 45 4.32 2.20 14.15
CA TYR B 45 5.67 2.52 13.68
C TYR B 45 6.73 1.71 14.40
N ASP B 46 7.79 1.36 13.66
CA ASP B 46 8.89 0.57 14.22
C ASP B 46 10.21 1.32 14.04
N ASP B 47 10.48 2.26 14.95
CA ASP B 47 11.70 3.07 14.90
C ASP B 47 12.94 2.20 14.68
N ALA B 48 12.94 1.02 15.27
CA ALA B 48 14.07 0.09 15.16
C ALA B 48 14.52 -0.10 13.71
N THR B 49 13.57 -0.08 12.79
CA THR B 49 13.90 -0.26 11.37
C THR B 49 13.31 0.85 10.50
N LYS B 50 12.91 1.96 11.12
CA LYS B 50 12.33 3.07 10.38
C LYS B 50 11.20 2.59 9.49
N THR B 51 10.50 1.56 9.95
CA THR B 51 9.39 0.99 9.20
C THR B 51 8.05 1.37 9.80
N PHE B 52 7.01 1.45 8.96
CA PHE B 52 5.68 1.79 9.43
C PHE B 52 4.65 0.72 9.05
N THR B 53 4.39 -0.17 9.98
CA THR B 53 3.43 -1.24 9.76
C THR B 53 1.99 -0.74 9.82
N VAL B 54 1.25 -1.00 8.76
CA VAL B 54 -0.16 -0.61 8.67
C VAL B 54 -1.03 -1.85 8.77
N THR B 55 -1.55 -2.10 9.97
CA THR B 55 -2.37 -3.27 10.20
C THR B 55 -3.86 -2.97 10.00
N GLU B 56 -4.44 -3.62 9.00
CA GLU B 56 -5.86 -3.43 8.68
C GLU B 56 -6.72 -3.59 9.93
N MET A 1 16.18 10.85 3.53
CA MET A 1 16.04 9.61 4.33
C MET A 1 14.93 8.73 3.76
N GLN A 2 15.20 7.43 3.64
CA GLN A 2 14.23 6.48 3.10
C GLN A 2 13.62 5.65 4.22
N TYR A 3 12.31 5.43 4.14
CA TYR A 3 11.60 4.65 5.14
C TYR A 3 10.91 3.46 4.49
N LYS A 4 10.79 2.37 5.25
CA LYS A 4 10.14 1.16 4.75
C LYS A 4 8.78 0.98 5.43
N VAL A 5 7.72 1.27 4.70
CA VAL A 5 6.38 1.15 5.25
C VAL A 5 5.77 -0.21 4.90
N ILE A 6 5.43 -0.94 5.95
CA ILE A 6 4.83 -2.26 5.81
C ILE A 6 3.30 -2.18 5.91
N LEU A 7 2.63 -2.71 4.89
CA LEU A 7 1.17 -2.71 4.86
C LEU A 7 0.65 -4.11 5.18
N ASN A 8 0.36 -4.35 6.45
CA ASN A 8 -0.10 -5.67 6.90
C ASN A 8 -1.61 -5.73 7.07
N GLY A 9 -2.29 -6.46 6.19
CA GLY A 9 -3.73 -6.58 6.29
C GLY A 9 -4.17 -8.02 6.49
N LYS A 10 -5.47 -8.26 6.30
CA LYS A 10 -6.03 -9.60 6.47
C LYS A 10 -5.78 -10.44 5.23
N THR A 11 -6.24 -9.96 4.08
CA THR A 11 -6.09 -10.66 2.81
C THR A 11 -5.01 -10.03 1.96
N LEU A 12 -4.33 -9.03 2.51
CA LEU A 12 -3.28 -8.35 1.77
C LEU A 12 -2.06 -8.08 2.64
N LYS A 13 -0.89 -8.29 2.07
CA LYS A 13 0.38 -8.07 2.76
C LYS A 13 1.42 -7.56 1.78
N GLY A 14 2.29 -6.66 2.24
CA GLY A 14 3.31 -6.13 1.36
C GLY A 14 4.27 -5.19 2.05
N GLU A 15 5.16 -4.60 1.25
CA GLU A 15 6.15 -3.67 1.77
C GLU A 15 6.34 -2.50 0.80
N THR A 16 6.39 -1.30 1.34
CA THR A 16 6.56 -0.11 0.53
C THR A 16 7.60 0.84 1.15
N THR A 17 8.04 1.84 0.39
CA THR A 17 9.06 2.77 0.88
C THR A 17 8.83 4.21 0.41
N THR A 18 8.63 5.12 1.36
CA THR A 18 8.44 6.53 1.07
C THR A 18 9.68 7.33 1.48
N GLU A 19 10.01 8.36 0.71
CA GLU A 19 11.17 9.20 1.01
C GLU A 19 10.72 10.52 1.64
N ALA A 20 11.07 10.73 2.91
CA ALA A 20 10.67 11.95 3.60
C ALA A 20 11.70 12.41 4.63
N VAL A 21 11.72 13.72 4.88
CA VAL A 21 12.66 14.33 5.81
C VAL A 21 12.66 13.63 7.18
N ASP A 22 11.49 13.17 7.61
CA ASP A 22 11.36 12.49 8.90
C ASP A 22 10.27 11.43 8.87
N ALA A 23 10.19 10.65 9.94
CA ALA A 23 9.19 9.59 10.04
C ALA A 23 7.78 10.14 9.92
N ALA A 24 7.53 11.26 10.58
CA ALA A 24 6.21 11.89 10.53
C ALA A 24 5.90 12.30 9.11
N THR A 25 6.78 13.09 8.51
CA THR A 25 6.61 13.53 7.14
C THR A 25 6.36 12.32 6.26
N ALA A 26 7.15 11.27 6.48
CA ALA A 26 7.00 10.04 5.74
C ALA A 26 5.61 9.47 6.00
N GLU A 27 5.26 9.35 7.28
CA GLU A 27 3.95 8.84 7.67
C GLU A 27 2.84 9.58 6.94
N LYS A 28 2.89 10.91 6.98
CA LYS A 28 1.89 11.73 6.31
C LYS A 28 1.95 11.52 4.80
N VAL A 29 3.16 11.52 4.25
CA VAL A 29 3.32 11.29 2.82
C VAL A 29 2.65 9.99 2.44
N VAL A 30 2.82 8.98 3.29
CA VAL A 30 2.20 7.68 3.05
C VAL A 30 0.68 7.84 3.15
N LYS A 31 0.21 8.53 4.19
CA LYS A 31 -1.21 8.77 4.35
C LYS A 31 -1.81 9.26 3.05
N GLN A 32 -1.15 10.27 2.48
CA GLN A 32 -1.58 10.85 1.23
C GLN A 32 -1.61 9.78 0.15
N PHE A 33 -0.65 8.87 0.21
CA PHE A 33 -0.55 7.76 -0.72
C PHE A 33 -1.86 6.99 -0.76
N PHE A 34 -2.20 6.37 0.37
CA PHE A 34 -3.43 5.61 0.51
C PHE A 34 -4.64 6.52 0.40
N ASN A 35 -4.52 7.71 0.99
CA ASN A 35 -5.59 8.70 0.93
C ASN A 35 -6.03 8.89 -0.51
N ASP A 36 -5.05 8.88 -1.41
CA ASP A 36 -5.30 9.05 -2.84
C ASP A 36 -5.44 7.71 -3.57
N ASN A 37 -4.91 6.64 -2.99
CA ASN A 37 -5.01 5.32 -3.63
C ASN A 37 -6.34 4.67 -3.30
N GLY A 38 -6.69 4.71 -2.01
CA GLY A 38 -7.93 4.14 -1.51
C GLY A 38 -8.93 3.69 -2.57
N VAL A 39 -10.05 4.39 -2.63
CA VAL A 39 -11.14 4.03 -3.54
C VAL A 39 -11.35 5.03 -4.67
N ASP A 40 -10.50 6.04 -4.80
CA ASP A 40 -10.66 7.03 -5.87
C ASP A 40 -9.42 7.12 -6.76
N GLY A 41 -8.49 6.18 -6.60
CA GLY A 41 -7.29 6.19 -7.40
C GLY A 41 -7.46 5.51 -8.75
N GLU A 42 -6.40 5.49 -9.54
CA GLU A 42 -6.42 4.86 -10.85
C GLU A 42 -5.69 3.52 -10.81
N TRP A 43 -6.46 2.44 -10.80
CA TRP A 43 -5.89 1.10 -10.72
C TRP A 43 -5.72 0.46 -12.09
N THR A 44 -4.46 0.15 -12.45
CA THR A 44 -4.15 -0.50 -13.72
C THR A 44 -3.66 -1.92 -13.46
N TYR A 45 -4.12 -2.86 -14.27
CA TYR A 45 -3.73 -4.26 -14.10
C TYR A 45 -2.82 -4.74 -15.22
N ASP A 46 -1.89 -5.63 -14.89
CA ASP A 46 -0.95 -6.18 -15.86
C ASP A 46 -1.04 -7.70 -15.89
N ASP A 47 -2.02 -8.22 -16.62
CA ASP A 47 -2.24 -9.66 -16.73
C ASP A 47 -0.93 -10.41 -17.00
N ALA A 48 -0.05 -9.79 -17.77
CA ALA A 48 1.23 -10.40 -18.12
C ALA A 48 1.96 -10.94 -16.90
N THR A 49 1.85 -10.24 -15.78
CA THR A 49 2.52 -10.67 -14.55
C THR A 49 1.55 -10.74 -13.37
N LYS A 50 0.25 -10.73 -13.66
CA LYS A 50 -0.76 -10.79 -12.60
C LYS A 50 -0.48 -9.70 -11.56
N THR A 51 0.06 -8.58 -12.03
CA THR A 51 0.40 -7.47 -11.14
C THR A 51 -0.49 -6.26 -11.39
N PHE A 52 -0.72 -5.49 -10.33
CA PHE A 52 -1.55 -4.29 -10.41
C PHE A 52 -0.72 -3.07 -10.03
N THR A 53 -0.82 -2.00 -10.81
CA THR A 53 -0.08 -0.78 -10.52
C THR A 53 -1.00 0.35 -10.08
N VAL A 54 -1.17 0.46 -8.77
CA VAL A 54 -2.01 1.51 -8.21
C VAL A 54 -1.19 2.80 -8.11
N THR A 55 -1.63 3.84 -8.80
CA THR A 55 -0.90 5.09 -8.80
C THR A 55 -1.29 5.97 -7.61
N GLU A 56 -0.41 6.92 -7.31
CA GLU A 56 -0.63 7.85 -6.20
C GLU A 56 -1.84 8.74 -6.46
N MET B 1 -5.08 -18.36 -5.37
CA MET B 1 -4.17 -17.63 -6.30
C MET B 1 -3.63 -16.37 -5.64
N GLN B 2 -2.32 -16.15 -5.78
CA GLN B 2 -1.67 -14.99 -5.19
C GLN B 2 -1.38 -13.93 -6.26
N TYR B 3 -1.62 -12.67 -5.92
CA TYR B 3 -1.37 -11.58 -6.84
C TYR B 3 -0.39 -10.58 -6.25
N LYS B 4 0.40 -9.95 -7.11
CA LYS B 4 1.38 -8.97 -6.67
C LYS B 4 0.93 -7.56 -7.04
N VAL B 5 0.46 -6.81 -6.06
CA VAL B 5 -0.01 -5.46 -6.31
C VAL B 5 1.08 -4.43 -6.05
N ILE B 6 1.40 -3.68 -7.09
CA ILE B 6 2.43 -2.65 -7.02
C ILE B 6 1.80 -1.28 -6.76
N LEU B 7 2.28 -0.61 -5.72
CA LEU B 7 1.78 0.70 -5.35
C LEU B 7 2.81 1.76 -5.75
N ASN B 8 2.64 2.33 -6.96
CA ASN B 8 3.59 3.31 -7.48
C ASN B 8 3.07 4.74 -7.32
N GLY B 9 3.70 5.50 -6.42
CA GLY B 9 3.29 6.88 -6.21
C GLY B 9 4.41 7.87 -6.53
N LYS B 10 4.23 9.10 -6.10
CA LYS B 10 5.21 10.15 -6.33
C LYS B 10 6.35 10.06 -5.32
N THR B 11 6.00 10.13 -4.04
CA THR B 11 6.96 10.06 -2.96
C THR B 11 6.96 8.70 -2.29
N LEU B 12 6.16 7.78 -2.81
CA LEU B 12 6.08 6.45 -2.23
C LEU B 12 6.06 5.37 -3.32
N LYS B 13 6.79 4.30 -3.05
CA LYS B 13 6.86 3.17 -3.96
C LYS B 13 6.98 1.87 -3.19
N GLY B 14 6.36 0.81 -3.68
CA GLY B 14 6.43 -0.46 -2.97
C GLY B 14 5.76 -1.59 -3.72
N GLU B 15 5.70 -2.75 -3.06
CA GLU B 15 5.07 -3.94 -3.64
C GLU B 15 4.30 -4.70 -2.57
N THR B 16 3.10 -5.13 -2.92
CA THR B 16 2.25 -5.86 -1.99
C THR B 16 1.61 -7.08 -2.68
N THR B 17 1.02 -7.98 -1.89
CA THR B 17 0.41 -9.17 -2.45
C THR B 17 -0.87 -9.61 -1.72
N THR B 18 -1.97 -9.62 -2.47
CA THR B 18 -3.28 -10.03 -1.93
C THR B 18 -3.66 -11.41 -2.48
N GLU B 19 -4.32 -12.22 -1.66
CA GLU B 19 -4.75 -13.55 -2.08
C GLU B 19 -6.24 -13.55 -2.39
N ALA B 20 -6.60 -13.76 -3.66
CA ALA B 20 -8.01 -13.75 -4.04
C ALA B 20 -8.30 -14.71 -5.20
N VAL B 21 -9.53 -15.20 -5.24
CA VAL B 21 -9.97 -16.14 -6.26
C VAL B 21 -9.65 -15.66 -7.68
N ASP B 22 -9.73 -14.36 -7.90
CA ASP B 22 -9.45 -13.80 -9.21
C ASP B 22 -8.86 -12.39 -9.10
N ALA B 23 -8.40 -11.85 -10.24
CA ALA B 23 -7.81 -10.53 -10.27
C ALA B 23 -8.77 -9.47 -9.75
N ALA B 24 -10.03 -9.57 -10.17
CA ALA B 24 -11.04 -8.62 -9.73
C ALA B 24 -11.21 -8.71 -8.22
N THR B 25 -11.49 -9.90 -7.73
CA THR B 25 -11.64 -10.12 -6.30
C THR B 25 -10.43 -9.57 -5.59
N ALA B 26 -9.25 -9.86 -6.13
CA ALA B 26 -8.01 -9.35 -5.57
C ALA B 26 -8.03 -7.83 -5.60
N GLU B 27 -8.33 -7.28 -6.76
CA GLU B 27 -8.41 -5.83 -6.93
C GLU B 27 -9.30 -5.21 -5.86
N LYS B 28 -10.51 -5.76 -5.71
CA LYS B 28 -11.45 -5.26 -4.71
C LYS B 28 -10.90 -5.46 -3.31
N VAL B 29 -10.36 -6.65 -3.05
CA VAL B 29 -9.78 -6.92 -1.75
C VAL B 29 -8.72 -5.87 -1.43
N VAL B 30 -7.95 -5.51 -2.44
CA VAL B 30 -6.93 -4.49 -2.27
C VAL B 30 -7.61 -3.16 -1.99
N LYS B 31 -8.64 -2.83 -2.79
CA LYS B 31 -9.39 -1.60 -2.59
C LYS B 31 -9.75 -1.44 -1.13
N GLN B 32 -10.31 -2.51 -0.57
CA GLN B 32 -10.72 -2.53 0.83
C GLN B 32 -9.50 -2.25 1.70
N PHE B 33 -8.36 -2.78 1.28
CA PHE B 33 -7.10 -2.59 2.00
C PHE B 33 -6.84 -1.10 2.20
N PHE B 34 -6.64 -0.39 1.10
CA PHE B 34 -6.41 1.05 1.12
C PHE B 34 -7.64 1.78 1.64
N ASN B 35 -8.80 1.32 1.23
CA ASN B 35 -10.06 1.90 1.67
C ASN B 35 -10.08 2.01 3.19
N ASP B 36 -9.52 1.00 3.84
CA ASP B 36 -9.45 0.93 5.30
C ASP B 36 -8.11 1.47 5.82
N ASN B 37 -7.08 1.47 4.99
CA ASN B 37 -5.77 1.97 5.42
C ASN B 37 -5.70 3.49 5.30
N GLY B 38 -6.15 3.98 4.15
CA GLY B 38 -6.18 5.41 3.86
C GLY B 38 -5.88 6.34 5.03
N VAL B 39 -6.89 7.08 5.45
CA VAL B 39 -6.74 8.06 6.52
C VAL B 39 -7.47 7.70 7.81
N ASP B 40 -8.06 6.52 7.88
CA ASP B 40 -8.78 6.13 9.11
C ASP B 40 -8.22 4.83 9.70
N GLY B 41 -7.09 4.37 9.19
CA GLY B 41 -6.50 3.14 9.69
C GLY B 41 -5.63 3.36 10.93
N GLU B 42 -5.08 2.27 11.45
CA GLU B 42 -4.22 2.34 12.63
C GLU B 42 -2.76 2.21 12.22
N TRP B 43 -2.04 3.31 12.21
CA TRP B 43 -0.64 3.32 11.81
C TRP B 43 0.32 3.19 13.00
N THR B 44 1.10 2.12 13.01
CA THR B 44 2.09 1.90 14.06
C THR B 44 3.49 2.03 13.48
N TYR B 45 4.38 2.68 14.22
CA TYR B 45 5.75 2.90 13.76
C TYR B 45 6.76 2.08 14.57
N ASP B 46 7.81 1.61 13.90
CA ASP B 46 8.85 0.84 14.54
C ASP B 46 10.22 1.49 14.37
N ASP B 47 10.51 2.48 15.21
CA ASP B 47 11.78 3.21 15.15
C ASP B 47 12.97 2.26 14.99
N ALA B 48 12.88 1.10 15.64
CA ALA B 48 13.97 0.12 15.60
C ALA B 48 14.44 -0.16 14.17
N THR B 49 13.52 -0.15 13.22
CA THR B 49 13.85 -0.41 11.82
C THR B 49 13.32 0.68 10.89
N LYS B 50 12.92 1.81 11.46
CA LYS B 50 12.39 2.92 10.66
C LYS B 50 11.26 2.41 9.77
N THR B 51 10.53 1.40 10.26
CA THR B 51 9.45 0.80 9.51
C THR B 51 8.08 1.12 10.12
N PHE B 52 7.07 1.19 9.27
CA PHE B 52 5.71 1.48 9.71
C PHE B 52 4.79 0.31 9.35
N THR B 53 3.96 -0.12 10.29
CA THR B 53 3.04 -1.22 10.02
C THR B 53 1.60 -0.76 9.99
N VAL B 54 1.14 -0.44 8.78
CA VAL B 54 -0.24 0.00 8.58
C VAL B 54 -1.15 -1.21 8.50
N THR B 55 -2.09 -1.32 9.42
CA THR B 55 -2.98 -2.46 9.45
C THR B 55 -4.18 -2.27 8.53
N GLU B 56 -4.81 -3.39 8.18
CA GLU B 56 -5.98 -3.38 7.31
C GLU B 56 -7.15 -2.65 7.96
N MET A 1 15.23 11.58 4.16
CA MET A 1 15.27 10.26 4.85
C MET A 1 14.36 9.25 4.17
N GLN A 2 14.83 8.02 4.05
CA GLN A 2 14.06 6.95 3.44
C GLN A 2 13.42 6.07 4.51
N TYR A 3 12.13 5.80 4.35
CA TYR A 3 11.41 4.98 5.31
C TYR A 3 10.70 3.82 4.62
N LYS A 4 10.66 2.67 5.28
CA LYS A 4 10.02 1.49 4.72
C LYS A 4 8.67 1.23 5.40
N VAL A 5 7.59 1.45 4.66
CA VAL A 5 6.26 1.23 5.19
C VAL A 5 5.75 -0.16 4.83
N ILE A 6 5.33 -0.88 5.86
CA ILE A 6 4.81 -2.24 5.69
C ILE A 6 3.28 -2.24 5.75
N LEU A 7 2.67 -2.83 4.74
CA LEU A 7 1.21 -2.89 4.67
C LEU A 7 0.72 -4.30 4.97
N ASN A 8 0.56 -4.60 6.26
CA ASN A 8 0.11 -5.93 6.69
C ASN A 8 -1.40 -6.01 6.81
N GLY A 9 -2.03 -6.63 5.82
CA GLY A 9 -3.47 -6.79 5.83
C GLY A 9 -3.89 -8.25 5.80
N LYS A 10 -5.06 -8.52 6.37
CA LYS A 10 -5.60 -9.89 6.42
C LYS A 10 -5.47 -10.59 5.06
N THR A 11 -6.07 -9.99 4.04
CA THR A 11 -6.06 -10.55 2.70
C THR A 11 -4.98 -9.92 1.82
N LEU A 12 -4.32 -8.90 2.35
CA LEU A 12 -3.27 -8.22 1.58
C LEU A 12 -2.03 -8.00 2.44
N LYS A 13 -0.86 -8.27 1.88
CA LYS A 13 0.40 -8.10 2.60
C LYS A 13 1.49 -7.64 1.65
N GLY A 14 2.40 -6.79 2.14
CA GLY A 14 3.48 -6.31 1.30
C GLY A 14 4.41 -5.35 2.01
N GLU A 15 5.27 -4.70 1.24
CA GLU A 15 6.23 -3.74 1.77
C GLU A 15 6.43 -2.58 0.81
N THR A 16 6.56 -1.38 1.36
CA THR A 16 6.74 -0.18 0.55
C THR A 16 7.71 0.80 1.22
N THR A 17 8.13 1.82 0.47
CA THR A 17 9.08 2.81 1.00
C THR A 17 8.80 4.23 0.52
N THR A 18 8.58 5.13 1.48
CA THR A 18 8.31 6.54 1.17
C THR A 18 9.54 7.38 1.53
N GLU A 19 9.83 8.39 0.72
CA GLU A 19 10.98 9.27 0.96
C GLU A 19 10.51 10.59 1.56
N ALA A 20 10.90 10.85 2.80
CA ALA A 20 10.50 12.08 3.47
C ALA A 20 11.56 12.57 4.47
N VAL A 21 11.59 13.88 4.66
CA VAL A 21 12.55 14.52 5.56
C VAL A 21 12.56 13.88 6.95
N ASP A 22 11.39 13.47 7.42
CA ASP A 22 11.28 12.84 8.74
C ASP A 22 10.19 11.77 8.75
N ALA A 23 10.14 11.01 9.84
CA ALA A 23 9.16 9.94 9.98
C ALA A 23 7.73 10.46 9.82
N ALA A 24 7.45 11.61 10.44
CA ALA A 24 6.13 12.20 10.35
C ALA A 24 5.81 12.55 8.91
N THR A 25 6.69 13.33 8.28
CA THR A 25 6.52 13.71 6.90
C THR A 25 6.31 12.47 6.06
N ALA A 26 7.14 11.46 6.31
CA ALA A 26 7.01 10.19 5.61
C ALA A 26 5.65 9.60 5.89
N GLU A 27 5.32 9.48 7.18
CA GLU A 27 4.03 8.94 7.61
C GLU A 27 2.90 9.66 6.88
N LYS A 28 2.95 11.00 6.88
CA LYS A 28 1.93 11.80 6.21
C LYS A 28 1.86 11.46 4.73
N VAL A 29 3.02 11.27 4.12
CA VAL A 29 3.09 10.92 2.71
C VAL A 29 2.28 9.66 2.44
N VAL A 30 2.38 8.70 3.35
CA VAL A 30 1.65 7.45 3.21
C VAL A 30 0.14 7.74 3.24
N LYS A 31 -0.28 8.55 4.21
CA LYS A 31 -1.69 8.92 4.34
C LYS A 31 -2.22 9.43 3.00
N GLN A 32 -1.47 10.32 2.38
CA GLN A 32 -1.87 10.87 1.09
C GLN A 32 -1.86 9.76 0.05
N PHE A 33 -0.86 8.89 0.15
CA PHE A 33 -0.71 7.76 -0.76
C PHE A 33 -2.00 6.93 -0.79
N PHE A 34 -2.38 6.43 0.39
CA PHE A 34 -3.60 5.64 0.52
C PHE A 34 -4.84 6.49 0.33
N ASN A 35 -4.79 7.71 0.85
CA ASN A 35 -5.90 8.65 0.71
C ASN A 35 -6.31 8.76 -0.76
N ASP A 36 -5.31 8.75 -1.63
CA ASP A 36 -5.53 8.87 -3.07
C ASP A 36 -5.61 7.50 -3.75
N ASN A 37 -5.01 6.47 -3.16
CA ASN A 37 -5.07 5.14 -3.75
C ASN A 37 -6.41 4.50 -3.43
N GLY A 38 -6.79 4.61 -2.16
CA GLY A 38 -8.04 4.08 -1.64
C GLY A 38 -8.99 3.51 -2.68
N VAL A 39 -10.18 4.10 -2.75
CA VAL A 39 -11.22 3.63 -3.65
C VAL A 39 -11.52 4.60 -4.79
N ASP A 40 -10.77 5.68 -4.91
CA ASP A 40 -11.00 6.64 -5.98
C ASP A 40 -9.73 6.88 -6.81
N GLY A 41 -8.70 6.07 -6.58
CA GLY A 41 -7.46 6.23 -7.31
C GLY A 41 -7.48 5.53 -8.65
N GLU A 42 -6.37 5.65 -9.39
CA GLU A 42 -6.26 5.01 -10.71
C GLU A 42 -5.18 3.93 -10.69
N TRP A 43 -5.59 2.70 -10.94
CA TRP A 43 -4.65 1.57 -10.96
C TRP A 43 -4.67 0.87 -12.31
N THR A 44 -3.52 0.36 -12.73
CA THR A 44 -3.42 -0.37 -13.99
C THR A 44 -3.05 -1.82 -13.72
N TYR A 45 -3.61 -2.75 -14.49
CA TYR A 45 -3.35 -4.17 -14.30
C TYR A 45 -2.50 -4.75 -15.43
N ASP A 46 -1.63 -5.69 -15.08
CA ASP A 46 -0.76 -6.33 -16.05
C ASP A 46 -0.95 -7.84 -16.03
N ASP A 47 -1.98 -8.32 -16.73
CA ASP A 47 -2.28 -9.75 -16.79
C ASP A 47 -1.02 -10.58 -17.03
N ALA A 48 -0.12 -10.07 -17.86
CA ALA A 48 1.12 -10.77 -18.19
C ALA A 48 1.85 -11.26 -16.94
N THR A 49 1.73 -10.50 -15.86
CA THR A 49 2.39 -10.87 -14.60
C THR A 49 1.41 -10.88 -13.43
N LYS A 50 0.12 -10.84 -13.73
CA LYS A 50 -0.90 -10.85 -12.69
C LYS A 50 -0.58 -9.83 -11.60
N THR A 51 -0.04 -8.68 -12.01
CA THR A 51 0.32 -7.62 -11.07
C THR A 51 -0.41 -6.33 -11.38
N PHE A 52 -0.82 -5.63 -10.33
CA PHE A 52 -1.53 -4.37 -10.47
C PHE A 52 -0.62 -3.22 -10.03
N THR A 53 -0.75 -2.07 -10.68
CA THR A 53 0.07 -0.91 -10.32
C THR A 53 -0.80 0.28 -9.95
N VAL A 54 -0.49 0.87 -8.80
CA VAL A 54 -1.22 2.02 -8.31
C VAL A 54 -0.36 3.28 -8.42
N THR A 55 -0.74 4.18 -9.33
CA THR A 55 0.02 5.41 -9.53
C THR A 55 -0.67 6.60 -8.88
N GLU A 56 0.00 7.17 -7.87
CA GLU A 56 -0.53 8.33 -7.16
C GLU A 56 -0.98 9.41 -8.14
N MET B 1 -6.22 -17.68 -5.66
CA MET B 1 -5.16 -17.12 -6.53
C MET B 1 -4.40 -15.99 -5.83
N GLN B 2 -3.08 -15.98 -6.01
CA GLN B 2 -2.24 -14.95 -5.41
C GLN B 2 -1.91 -13.86 -6.42
N TYR B 3 -2.06 -12.60 -6.03
CA TYR B 3 -1.78 -11.49 -6.92
C TYR B 3 -0.81 -10.51 -6.27
N LYS B 4 0.07 -9.93 -7.07
CA LYS B 4 1.05 -8.99 -6.57
C LYS B 4 0.66 -7.56 -6.96
N VAL B 5 0.27 -6.76 -5.96
CA VAL B 5 -0.12 -5.39 -6.21
C VAL B 5 1.06 -4.45 -5.97
N ILE B 6 1.34 -3.63 -6.97
CA ILE B 6 2.42 -2.66 -6.90
C ILE B 6 1.89 -1.26 -6.62
N LEU B 7 2.43 -0.63 -5.59
CA LEU B 7 2.00 0.71 -5.21
C LEU B 7 3.05 1.74 -5.59
N ASN B 8 2.99 2.20 -6.85
CA ASN B 8 3.94 3.18 -7.37
C ASN B 8 3.46 4.61 -7.16
N GLY B 9 4.03 5.28 -6.16
CA GLY B 9 3.68 6.64 -5.86
C GLY B 9 4.86 7.59 -5.97
N LYS B 10 4.59 8.85 -6.29
CA LYS B 10 5.63 9.87 -6.43
C LYS B 10 6.62 9.81 -5.25
N THR B 11 6.09 9.97 -4.05
CA THR B 11 6.91 9.98 -2.84
C THR B 11 6.90 8.62 -2.15
N LEU B 12 6.09 7.69 -2.64
CA LEU B 12 6.01 6.37 -2.05
C LEU B 12 6.03 5.29 -3.11
N LYS B 13 6.82 4.24 -2.87
CA LYS B 13 6.92 3.14 -3.82
C LYS B 13 7.11 1.81 -3.09
N GLY B 14 6.54 0.74 -3.63
CA GLY B 14 6.66 -0.56 -3.00
C GLY B 14 5.95 -1.67 -3.74
N GLU B 15 5.83 -2.82 -3.09
CA GLU B 15 5.16 -3.97 -3.67
C GLU B 15 4.39 -4.74 -2.61
N THR B 16 3.22 -5.24 -2.98
CA THR B 16 2.36 -5.99 -2.06
C THR B 16 1.67 -7.15 -2.78
N THR B 17 1.04 -8.04 -2.00
CA THR B 17 0.36 -9.19 -2.58
C THR B 17 -0.93 -9.56 -1.83
N THR B 18 -2.04 -9.55 -2.56
CA THR B 18 -3.35 -9.90 -2.00
C THR B 18 -3.76 -11.30 -2.49
N GLU B 19 -4.40 -12.07 -1.62
CA GLU B 19 -4.86 -13.41 -1.97
C GLU B 19 -6.36 -13.40 -2.25
N ALA B 20 -6.75 -13.66 -3.49
CA ALA B 20 -8.16 -13.67 -3.86
C ALA B 20 -8.46 -14.67 -4.98
N VAL B 21 -9.69 -15.18 -4.98
CA VAL B 21 -10.14 -16.16 -5.97
C VAL B 21 -9.85 -15.71 -7.40
N ASP B 22 -10.00 -14.42 -7.65
CA ASP B 22 -9.76 -13.87 -8.99
C ASP B 22 -9.15 -12.47 -8.92
N ALA B 23 -8.73 -11.96 -10.08
CA ALA B 23 -8.13 -10.64 -10.15
C ALA B 23 -9.06 -9.56 -9.60
N ALA B 24 -10.34 -9.65 -9.96
CA ALA B 24 -11.31 -8.69 -9.48
C ALA B 24 -11.42 -8.76 -7.97
N THR B 25 -11.69 -9.95 -7.46
CA THR B 25 -11.79 -10.14 -6.03
C THR B 25 -10.53 -9.60 -5.36
N ALA B 26 -9.39 -9.94 -5.93
CA ALA B 26 -8.11 -9.45 -5.43
C ALA B 26 -8.11 -7.93 -5.48
N GLU B 27 -8.41 -7.39 -6.67
CA GLU B 27 -8.46 -5.95 -6.87
C GLU B 27 -9.34 -5.30 -5.81
N LYS B 28 -10.54 -5.86 -5.61
CA LYS B 28 -11.47 -5.34 -4.62
C LYS B 28 -10.86 -5.36 -3.23
N VAL B 29 -10.13 -6.45 -2.94
CA VAL B 29 -9.49 -6.58 -1.64
C VAL B 29 -8.55 -5.42 -1.38
N VAL B 30 -7.85 -5.00 -2.44
CA VAL B 30 -6.94 -3.87 -2.32
C VAL B 30 -7.73 -2.61 -1.97
N LYS B 31 -8.84 -2.39 -2.69
CA LYS B 31 -9.68 -1.22 -2.44
C LYS B 31 -10.04 -1.13 -0.97
N GLN B 32 -10.45 -2.25 -0.40
CA GLN B 32 -10.80 -2.30 1.02
C GLN B 32 -9.54 -2.04 1.85
N PHE B 33 -8.42 -2.61 1.39
CA PHE B 33 -7.14 -2.43 2.07
C PHE B 33 -6.83 -0.95 2.25
N PHE B 34 -6.78 -0.24 1.14
CA PHE B 34 -6.50 1.20 1.16
C PHE B 34 -7.66 1.97 1.75
N ASN B 35 -8.88 1.53 1.43
CA ASN B 35 -10.08 2.17 1.95
C ASN B 35 -9.99 2.28 3.48
N ASP B 36 -9.45 1.24 4.08
CA ASP B 36 -9.30 1.17 5.54
C ASP B 36 -7.94 1.67 6.01
N ASN B 37 -6.93 1.61 5.15
CA ASN B 37 -5.59 2.08 5.52
C ASN B 37 -5.55 3.60 5.42
N GLY B 38 -6.07 4.10 4.30
CA GLY B 38 -6.13 5.52 4.00
C GLY B 38 -5.70 6.44 5.12
N VAL B 39 -6.64 7.29 5.55
CA VAL B 39 -6.37 8.28 6.58
C VAL B 39 -7.10 8.01 7.90
N ASP B 40 -7.79 6.89 8.00
CA ASP B 40 -8.52 6.57 9.23
C ASP B 40 -8.11 5.20 9.79
N GLY B 41 -7.07 4.61 9.20
CA GLY B 41 -6.62 3.30 9.65
C GLY B 41 -5.68 3.38 10.84
N GLU B 42 -5.24 2.22 11.32
CA GLU B 42 -4.33 2.15 12.47
C GLU B 42 -2.97 1.59 12.05
N TRP B 43 -1.93 2.40 12.19
CA TRP B 43 -0.59 1.97 11.84
C TRP B 43 0.35 2.06 13.04
N THR B 44 1.31 1.14 13.10
CA THR B 44 2.29 1.13 14.18
C THR B 44 3.68 1.40 13.61
N TYR B 45 4.50 2.15 14.35
CA TYR B 45 5.84 2.48 13.87
C TYR B 45 6.91 1.76 14.69
N ASP B 46 8.00 1.37 14.01
CA ASP B 46 9.10 0.68 14.66
C ASP B 46 10.41 1.44 14.45
N ASP B 47 10.65 2.44 15.29
CA ASP B 47 11.86 3.26 15.20
C ASP B 47 13.10 2.41 15.02
N ALA B 48 13.14 1.26 15.70
CA ALA B 48 14.28 0.35 15.63
C ALA B 48 14.69 0.06 14.19
N THR B 49 13.72 0.04 13.28
CA THR B 49 14.00 -0.23 11.87
C THR B 49 13.42 0.84 10.96
N LYS B 50 12.99 1.96 11.55
CA LYS B 50 12.41 3.06 10.78
C LYS B 50 11.35 2.53 9.81
N THR B 51 10.59 1.55 10.26
CA THR B 51 9.55 0.95 9.44
C THR B 51 8.18 1.07 10.10
N PHE B 52 7.17 1.35 9.27
CA PHE B 52 5.80 1.48 9.75
C PHE B 52 4.96 0.28 9.31
N THR B 53 4.03 -0.15 10.13
CA THR B 53 3.17 -1.29 9.78
C THR B 53 1.70 -0.89 9.79
N VAL B 54 1.01 -1.22 8.71
CA VAL B 54 -0.41 -0.93 8.57
C VAL B 54 -1.23 -2.20 8.70
N THR B 55 -1.97 -2.35 9.79
CA THR B 55 -2.78 -3.53 9.99
C THR B 55 -4.25 -3.27 9.69
N GLU B 56 -4.77 -3.94 8.68
CA GLU B 56 -6.17 -3.79 8.27
C GLU B 56 -7.09 -3.95 9.48
#